data_6VVV
#
_entry.id   6VVV
#
_cell.length_a   129.748
_cell.length_b   162.344
_cell.length_c   137.155
_cell.angle_alpha   90.000
_cell.angle_beta   111.270
_cell.angle_gamma   90.000
#
_symmetry.space_group_name_H-M   'P 1 21 1'
#
loop_
_entity.id
_entity.type
_entity.pdbx_description
1 polymer 'RNA polymerase-binding protein RbpA'
2 polymer 'DNA-directed RNA polymerase subunit alpha'
3 polymer 'DNA-directed RNA polymerase subunit beta'
4 polymer "DNA-directed RNA polymerase subunit beta'"
5 polymer 'DNA-directed RNA polymerase subunit omega'
6 polymer 'RNA polymerase sigma factor SigA'
7 polymer 'DNA (31-MER)'
8 polymer 'DNA (26-MER)'
9 non-polymer 'SULFATE ION'
10 non-polymer 'ZINC ION'
11 water water
#
loop_
_entity_poly.entity_id
_entity_poly.type
_entity_poly.pdbx_seq_one_letter_code
_entity_poly.pdbx_strand_id
1 'polypeptide(L)'
;MADRVLRGSRLGAVSYETDRNHDLAPRQVARYRTDNGEEFDVPFADDAEIPGTWLCRNGLEGTLIEGDVPEPKKVKPPRT
HWDMLLERRSVEELEELLKERLDLIKAKRRGTGS
;
J
2 'polypeptide(L)'
;MLISQRPTLSEETVAENRSRFVIEPLEPGFGYTLGNSLRRTLLSSIPGAAVTSIRIDGVLHEFTTVPGVKEDVTDIILNL
KGLVVSSDDDEPVTMYLRKQGPGVVTAGDIVPPAGVTVHNPDMHIATLNDKGKLEVELVVERGRGYVPAVQNKASGAEIG
RIPVDSIYSPVLKVTYKVEATRVEQRTDFDKLIIDVETKNSISPRDALASAGGTLVELFGLARELNADSEHIEIGPSPAE
ADHIASFALPIDDLDLTVRSYNCLKREGVHTVGELVARTESDLLDIRNFGQKSIDEVKIKLHQLGLSLKDSPATFDPSEV
AGYDAATGTWTSDAGYDLDDNQDYAETEQL
;
A,B,T
3 'polypeptide(L)'
;MLEGCILAVSSQSKSNAITNNSVPGAPNRVSFAKLREPLEVPGLLDVQTDSFEWLVGSDRWRQAAIDRGEENPVGGLEEV
LAELSPIEDFSGSMSLSFSDPRFDEVKASVDECKDKDMTYAAPLFVTAEFINNNTGEIKSQTVFMGDFPMMTEKGTFIIN
GTERVVVSQLVRSPGVYFDETIDKSTEKTLHSVKVIPGRGAWLEFDVDKRDTVGVRIDRKRRQPVTVLLKALGWTNEQIV
ERFGFSEIMMGTLEKDTTSGTDEALLDIYRKLRPGEPPTKESAQTLLENLFFKEKRYDLARVGRYKVNKKLGLNAGKPIT
SSTLTEEDVVATIEYLVRLHEGQTSMTVPGGVEVPVEVDDIDHFGNRRLRTVGELIQNQIRVGLSRMERVVRERMTTQDV
EAITPQTLINIRPVVAAIKEFFGTSQLSQFMDQNNPLSGLTHKRRLLALGPGGLSRERAGLEVRDVHPSHYGRMCPIETP
EGPNIGLIGSLSVYARVNPFGFIETPYRKVENGVVTDQIDYLTADEEDRHVVAQANSPTDENGRFTEDRVMVRKKGGEVE
FVSADQVDYMDVSPRQMVSVATAMIPFLEHDDANRALMGANMQRQAVPLVRSEAPLVGTGMELRAAIDAGDVVVADKTGV
IEEVSADYITVMADDGTRQSYRLRKFARSNHGTCANQRPIVDAGQRVEAGQVIADGPCTQNGEMALGKNLLVAIMPWEGH
NYEDAIILSNRLVEEDVLTSIHIEEHEIDARDTKLGAEEITRDIPNVSDEVLADLDERGIVRIGAEVRDGDILVGKVTPK
GETELTPEERLLRAIFGEKAREVRDTSLKVPHGESGKVIGIRVFSREDDDELPAGVNELVRVYVAQKRKISDGDKLAGRH
GNKGVIGKILPVEDMPFLPDGTPVDIILNTHGVPRRMNIGQILETHLGWVAKAGWNIDVAAGVPDWASKLPEELYSAPAD
STVATPVFDGAQEGELAGLLGSTLPNRDGEVMVDADGKSTLFDGRSGEPFPYPVTVGYMYILKLHHLVDDKIHARSTGPY
SMITQQPLGGKAQFGGQRFGEMECWAMQAYGAAYTLQELLTIKSDDTVGRVKVYEAIVKGENIPEPGIPESFKVLLKELQ
SLCLNVEVLSSDGAAIEMRDGDDEDLERAAANLGINLSRNESASVEDLA
;
C
4 'polypeptide(L)'
;MLDVNFFDELRIGLATADDIRNWSYGEVKKPETINYRTLKPEKDGLFCEKIFGPTRDWECYCGKYKRVRFKGIICERCGV
EVTRAKVRRERMGHIELAAPVTHIWYFKGVPSRLGYLLDLAPKDLEKIIYFAAYVITSVDDEMRHNELSTLEAEMAVEKK
AVEDQRDADLEARAQKLEADLAELEAEGAKSDVRRKVRDSGEREMRQLRDRAQRELDRLDEIWNTFTKLAPKQLIVDEVL
YRELQDRYGEYFTGAMGAESIKKLIENFDIDAEAESLREVIRSGKGQKKLRALKRLKVVAAFQQSGNSPMGMVLDAVPVI
PPELRPMVQLDGGRFATSDLNDLYRRVINRNNRLKRLIDLGAPEIIVNNEKRMLQESVDALFDNGRRGRPVTGPGNRPLK
SLSDLLKGKQGRFRQNLLGKRVDYSGRSVIVVGPQLKLHQCGLPKLMALELFKPFVMKRLVDLNHAQNIKSAKRMVERQR
PQVWDVLEEVIAEHPVLLNRAPTLHRLGIQAFEPQLVEGKAIQLHPLVCEAFNADFDGDQMAVHLPLSAEAQAEARILML
SSNNILSPASGKPLAMPRLDMVTGLYYLTTLVEGATGEYQAATKDAPEQGVYSSPAEAIMAMDRGALSVRAKIKVRLTEL
RPPTDLEAQLFENGWKPGDAWTAETTLGRVMFNELLPKSYPFVNEQMHKKVQARIINDLAERFPMIVVAQTVDKLKDAGF
YWATRSGVTVSMADVLVPPQKQEILERHEAEADAIERKYQRGALNHTERNESLVKIWQDATEEVGKALEEFYPADNPIIT
IVKSGATGNLTQTRTLAGMKGLVTNPKGEFIPRPIKSSFREGLTVLEYFINTHGARKGLADTALRTADSGYLTRRLVDVS
QDVIVREHDCETERGINVTLAERGPDGTLIRDAHVETSAFARTLATDAVDANGNVIIERGHDLGDPAIDALLAAGITTVK
VRSVLTCTSATGVCAMCYGRSMATGKLVDIGEAVGIVAAQSIGEPGTQLTMRTFHQGGVTGGADIVGGLPRVQELFEARV
PRNKAPIADVAGRVRLEESDKFFKITIVPDDGGEEVVYDKLSKRQRLRVITHEDGTEGVLSDGDHVEVGDQLMEGAADPH
EVLRVQGPREVQIHLVKEVQEVYRAQGVSIHDKHIEVIVRQMLRRVTIIDSGSTEFLPGSLTERAEFEAENRRVVAEGGE
PAAGRPVLMGITKASLATDSWLSAASFQETTRVLTDAAINCRSDKLNGLKENVIIGKLIPAGTGISRYRNIQVQPTEEAR
AAAYTIPSYEDQYYSPDFGQATGAAVPLDDYGYSDYR
;
D
5 'polypeptide(L)'
;MSTPHADAQLNAADDLGIDSSAASAYDTPLGITNPPIDELLSRASSKYALVIYAAKRARQINDYYNQLGDGILEYVGPLV
EPGLQEKPLSIALREIHGDLLEHTEGE
;
E
6 'polypeptide(L)'
;MAATKASPATEEPVKRTATKTPAKKAPAKRAAKSAAAKAGGKAPAKKAPAKRAAKGTAAKPEDGVTDDLEVTDDLEAEPG
EDLDVEDTDLELDDLDSDDDTAVEDEEEEADAATPAVATAKAADDDIDEPSEKDKASGDFVWDEEESEALRQARKDAELT
ASADSVRAYLKQIGKVALLNAEEEVELAKRIEAGLYATQKLAELAEKGEKLPVQQRRDMQWICRDGDRAKNHLLEANLRL
VVSLAKRYTGRGMAFLDLIQEGNLGLIRAVEKFDYTKGYKFSTYATWWIRQAITRAMADQARTIRIPVHMVEVINKLGRI
QRELLQDLGREPTPEELAKEMDITPEKVLEIQQYAREPISLDQTIGDEGDSQLGDFIEDSEAVVAVDAVSFTLLQDQLQS
VLETLSEREAGVVRLRFGLTDGQPRTLDEIGQVYGVTRERIRQIESKTMSKLRHPSRSQVLRDYLD
;
F
7 'polydeoxyribonucleotide'
;(DG)(DC)(DT)(DT)(DG)(DA)(DC)(DA)(DA)(DA)(DA)(DG)(DT)(DG)(DT)(DT)(DA)(DA)(DA)(DT)
(DT)(DG)(DT)(DG)(DC)(DT)(DA)(DT)(DA)(DC)(DT)
;
O
8 'polydeoxyribonucleotide'
;(DA)(DG)(DC)(DA)(DC)(DA)(DA)(DT)(DT)(DT)(DA)(DA)(DC)(DA)(DC)(DT)(DT)(DT)(DT)(DG)
(DT)(DC)(DA)(DA)(DG)(DC)
;
P
#
loop_
_chem_comp.id
_chem_comp.type
_chem_comp.name
_chem_comp.formula
DA DNA linking 2'-DEOXYADENOSINE-5'-MONOPHOSPHATE 'C10 H14 N5 O6 P'
DC DNA linking 2'-DEOXYCYTIDINE-5'-MONOPHOSPHATE 'C9 H14 N3 O7 P'
DG DNA linking 2'-DEOXYGUANOSINE-5'-MONOPHOSPHATE 'C10 H14 N5 O7 P'
DT DNA linking THYMIDINE-5'-MONOPHOSPHATE 'C10 H15 N2 O8 P'
SO4 non-polymer 'SULFATE ION' 'O4 S -2'
ZN non-polymer 'ZINC ION' 'Zn 2'
#
# COMPACT_ATOMS: atom_id res chain seq x y z
N PRO A 26 24.81 -42.76 -16.53
CA PRO A 26 26.09 -43.31 -16.95
C PRO A 26 27.26 -42.64 -16.23
N ARG A 27 27.65 -43.15 -15.08
CA ARG A 27 28.66 -42.49 -14.26
C ARG A 27 29.46 -43.52 -13.48
N GLN A 28 30.73 -43.22 -13.27
CA GLN A 28 31.62 -44.02 -12.44
C GLN A 28 31.96 -43.26 -11.17
N VAL A 29 32.01 -43.97 -10.04
CA VAL A 29 32.22 -43.37 -8.74
C VAL A 29 33.66 -43.59 -8.31
N ALA A 30 34.31 -42.53 -7.84
CA ALA A 30 35.66 -42.59 -7.30
C ALA A 30 35.65 -42.13 -5.85
N ARG A 31 36.50 -42.76 -5.04
CA ARG A 31 36.64 -42.39 -3.64
C ARG A 31 37.96 -41.68 -3.42
N TYR A 32 37.95 -40.70 -2.52
CA TYR A 32 39.15 -39.95 -2.16
C TYR A 32 39.31 -39.97 -0.65
N ARG A 33 40.56 -40.07 -0.19
CA ARG A 33 40.88 -40.11 1.22
C ARG A 33 41.60 -38.82 1.61
N THR A 34 41.05 -38.09 2.57
CA THR A 34 41.71 -36.92 3.10
C THR A 34 42.76 -37.32 4.11
N ASP A 35 43.56 -36.34 4.55
CA ASP A 35 44.62 -36.62 5.52
C ASP A 35 44.04 -37.10 6.84
N ASN A 36 42.89 -36.55 7.25
CA ASN A 36 42.30 -36.91 8.53
C ASN A 36 41.68 -38.30 8.54
N GLY A 37 41.50 -38.92 7.37
CA GLY A 37 40.94 -40.25 7.29
C GLY A 37 39.53 -40.31 6.76
N GLU A 38 38.85 -39.18 6.57
CA GLU A 38 37.51 -39.19 6.03
C GLU A 38 37.55 -39.46 4.53
N GLU A 39 36.60 -40.26 4.05
CA GLU A 39 36.52 -40.65 2.66
C GLU A 39 35.30 -40.01 2.00
N PHE A 40 35.43 -39.65 0.73
CA PHE A 40 34.39 -38.97 -0.01
C PHE A 40 34.15 -39.63 -1.35
N ASP A 41 32.87 -39.81 -1.70
CA ASP A 41 32.46 -40.38 -2.97
C ASP A 41 32.14 -39.24 -3.94
N VAL A 42 32.83 -39.21 -5.07
CA VAL A 42 32.63 -38.15 -6.07
C VAL A 42 32.20 -38.78 -7.38
N PRO A 43 30.93 -38.67 -7.76
CA PRO A 43 30.46 -39.30 -9.01
C PRO A 43 30.94 -38.51 -10.22
N PHE A 44 31.66 -39.19 -11.11
CA PHE A 44 32.10 -38.63 -12.37
C PHE A 44 31.43 -39.34 -13.53
N ALA A 45 31.51 -38.73 -14.71
CA ALA A 45 31.05 -39.40 -15.92
C ALA A 45 32.02 -40.51 -16.30
N ASP A 46 31.50 -41.50 -17.03
CA ASP A 46 32.29 -42.70 -17.31
C ASP A 46 33.36 -42.45 -18.38
N ASP A 47 33.07 -41.61 -19.36
CA ASP A 47 33.94 -41.43 -20.53
C ASP A 47 35.04 -40.40 -20.31
N ALA A 48 35.30 -40.00 -19.08
CA ALA A 48 36.33 -39.02 -18.78
C ALA A 48 37.37 -39.62 -17.85
N GLU A 49 38.50 -38.93 -17.74
CA GLU A 49 39.63 -39.41 -16.93
C GLU A 49 39.53 -38.84 -15.52
N ILE A 50 39.53 -39.74 -14.54
CA ILE A 50 39.37 -39.32 -13.13
C ILE A 50 40.65 -38.66 -12.66
N PRO A 51 40.57 -37.63 -11.82
CA PRO A 51 41.79 -37.05 -11.24
C PRO A 51 42.32 -37.92 -10.11
N GLY A 52 43.57 -37.61 -9.71
CA GLY A 52 44.21 -38.33 -8.63
C GLY A 52 44.03 -37.64 -7.29
N THR A 53 43.75 -36.34 -7.32
CA THR A 53 43.46 -35.56 -6.13
C THR A 53 42.24 -34.70 -6.38
N TRP A 54 41.44 -34.50 -5.34
CA TRP A 54 40.17 -33.79 -5.48
C TRP A 54 39.95 -32.88 -4.29
N LEU A 55 39.63 -31.62 -4.56
CA LEU A 55 39.21 -30.69 -3.52
C LEU A 55 37.86 -31.15 -2.99
N CYS A 56 37.82 -31.62 -1.75
CA CYS A 56 36.68 -32.34 -1.22
C CYS A 56 35.79 -31.42 -0.39
N ARG A 57 34.66 -31.98 0.06
CA ARG A 57 33.74 -31.26 0.93
C ARG A 57 34.42 -30.81 2.22
N ASN A 58 35.45 -31.55 2.65
CA ASN A 58 36.14 -31.23 3.89
C ASN A 58 36.95 -29.94 3.79
N GLY A 59 37.31 -29.53 2.58
CA GLY A 59 38.26 -28.45 2.40
C GLY A 59 39.70 -28.89 2.34
N LEU A 60 39.96 -30.20 2.34
CA LEU A 60 41.30 -30.76 2.33
C LEU A 60 41.46 -31.63 1.09
N GLU A 61 42.66 -31.60 0.51
CA GLU A 61 42.94 -32.41 -0.66
C GLU A 61 42.84 -33.89 -0.31
N GLY A 62 42.35 -34.68 -1.25
CA GLY A 62 42.23 -36.12 -1.07
C GLY A 62 42.85 -36.87 -2.22
N THR A 63 43.42 -38.03 -1.90
CA THR A 63 44.08 -38.87 -2.87
C THR A 63 43.19 -40.05 -3.25
N LEU A 64 43.08 -40.32 -4.55
CA LEU A 64 42.30 -41.44 -5.02
C LEU A 64 42.92 -42.75 -4.53
N ILE A 65 42.08 -43.76 -4.35
CA ILE A 65 42.54 -45.06 -3.85
C ILE A 65 42.75 -45.99 -5.03
N GLU A 66 42.78 -45.43 -6.22
CA GLU A 66 43.02 -46.20 -7.43
C GLU A 66 44.53 -46.26 -7.69
N GLY A 67 44.92 -46.81 -8.84
CA GLY A 67 46.32 -47.07 -9.09
C GLY A 67 47.16 -45.81 -9.30
N ASP A 68 46.54 -44.74 -9.79
CA ASP A 68 47.28 -43.53 -10.14
C ASP A 68 46.31 -42.36 -10.15
N VAL A 69 46.54 -41.34 -9.30
CA VAL A 69 47.69 -41.10 -8.42
C VAL A 69 49.08 -41.04 -9.08
N PRO A 70 49.19 -40.32 -10.19
CA PRO A 70 50.50 -40.20 -10.87
C PRO A 70 51.56 -39.33 -10.19
N GLU A 71 51.27 -38.07 -9.90
CA GLU A 71 52.33 -37.10 -9.68
C GLU A 71 51.97 -36.10 -8.60
N PRO A 72 52.99 -35.42 -8.03
CA PRO A 72 52.73 -34.33 -7.08
C PRO A 72 52.71 -32.93 -7.68
N LYS A 73 53.05 -32.78 -8.97
CA LYS A 73 52.90 -31.52 -9.69
C LYS A 73 53.92 -30.47 -9.26
N LYS A 74 55.17 -30.88 -9.07
CA LYS A 74 56.30 -29.96 -8.87
C LYS A 74 55.98 -28.85 -7.87
N VAL A 75 55.69 -29.26 -6.63
CA VAL A 75 55.48 -28.28 -5.57
C VAL A 75 56.80 -27.58 -5.27
N LYS A 76 56.75 -26.25 -5.14
CA LYS A 76 57.98 -25.49 -4.91
C LYS A 76 58.05 -25.01 -3.47
N PRO A 77 59.26 -24.89 -2.92
CA PRO A 77 59.41 -24.52 -1.52
C PRO A 77 59.20 -23.03 -1.32
N PRO A 78 58.41 -22.64 -0.32
CA PRO A 78 58.25 -21.22 -0.03
C PRO A 78 59.54 -20.64 0.54
N ARG A 79 59.69 -19.33 0.35
CA ARG A 79 60.90 -18.65 0.82
C ARG A 79 60.88 -18.52 2.34
N THR A 80 62.02 -18.78 2.96
CA THR A 80 62.15 -18.80 4.41
C THR A 80 63.11 -17.71 4.88
N HIS A 81 63.10 -17.47 6.19
CA HIS A 81 63.98 -16.46 6.77
C HIS A 81 65.44 -16.78 6.49
N TRP A 82 65.80 -18.07 6.43
CA TRP A 82 67.17 -18.44 6.12
C TRP A 82 67.56 -17.99 4.73
N ASP A 83 66.63 -18.10 3.76
CA ASP A 83 66.93 -17.68 2.40
C ASP A 83 67.25 -16.19 2.34
N MET A 84 66.52 -15.37 3.08
CA MET A 84 66.76 -13.93 3.07
C MET A 84 68.08 -13.59 3.73
N LEU A 85 68.37 -14.19 4.88
CA LEU A 85 69.65 -13.94 5.55
C LEU A 85 70.81 -14.37 4.67
N LEU A 86 70.73 -15.56 4.10
CA LEU A 86 71.87 -16.11 3.35
C LEU A 86 72.28 -15.19 2.21
N GLU A 87 71.31 -14.59 1.52
CA GLU A 87 71.60 -13.81 0.33
C GLU A 87 72.16 -12.41 0.64
N ARG A 88 72.35 -12.06 1.90
CA ARG A 88 73.05 -10.84 2.26
C ARG A 88 74.36 -11.10 2.99
N ARG A 89 74.38 -12.07 3.91
CA ARG A 89 75.60 -12.47 4.59
C ARG A 89 76.18 -13.70 3.90
N SER A 90 77.48 -13.66 3.59
CA SER A 90 78.17 -14.86 3.18
C SER A 90 78.39 -15.77 4.38
N VAL A 91 78.46 -17.07 4.12
CA VAL A 91 78.54 -18.04 5.21
C VAL A 91 79.74 -17.78 6.11
N GLU A 92 80.79 -17.12 5.60
CA GLU A 92 81.95 -16.81 6.42
C GLU A 92 81.62 -15.72 7.43
N GLU A 93 80.92 -14.68 7.01
CA GLU A 93 80.50 -13.64 7.94
C GLU A 93 79.66 -14.21 9.07
N LEU A 94 78.79 -15.17 8.76
CA LEU A 94 77.99 -15.81 9.79
C LEU A 94 78.85 -16.61 10.76
N GLU A 95 79.79 -17.38 10.22
CA GLU A 95 80.67 -18.19 11.07
C GLU A 95 81.40 -17.32 12.08
N GLU A 96 81.88 -16.15 11.65
CA GLU A 96 82.58 -15.25 12.56
C GLU A 96 81.62 -14.68 13.61
N LEU A 97 80.41 -14.28 13.19
CA LEU A 97 79.44 -13.78 14.15
C LEU A 97 79.11 -14.84 15.20
N LEU A 98 79.01 -16.11 14.78
CA LEU A 98 78.79 -17.19 15.73
C LEU A 98 80.00 -17.34 16.66
N LYS A 99 81.21 -17.22 16.10
CA LYS A 99 82.40 -17.24 16.95
C LYS A 99 82.38 -16.11 17.96
N GLU A 100 81.99 -14.91 17.55
CA GLU A 100 81.77 -13.82 18.49
C GLU A 100 80.80 -14.25 19.58
N ARG A 101 79.65 -14.79 19.18
CA ARG A 101 78.64 -15.20 20.16
C ARG A 101 79.13 -16.35 21.03
N LEU A 102 79.78 -17.35 20.42
CA LEU A 102 80.26 -18.49 21.20
C LEU A 102 81.34 -18.05 22.19
N ASP A 103 82.30 -17.26 21.74
CA ASP A 103 83.29 -16.73 22.66
C ASP A 103 82.65 -15.88 23.75
N LEU A 104 81.55 -15.21 23.43
CA LEU A 104 80.81 -14.48 24.46
C LEU A 104 80.20 -15.46 25.46
N ILE A 105 79.57 -16.53 24.97
CA ILE A 105 79.01 -17.55 25.84
C ILE A 105 80.10 -18.16 26.72
N LYS A 106 81.19 -18.58 26.08
CA LYS A 106 82.30 -19.21 26.79
C LYS A 106 82.91 -18.28 27.84
N ALA A 107 82.57 -17.00 27.84
CA ALA A 107 83.07 -16.11 28.87
C ALA A 107 82.40 -16.37 30.21
N LYS A 108 81.12 -16.78 30.19
CA LYS A 108 80.40 -17.00 31.45
C LYS A 108 80.62 -18.40 32.01
N ARG A 109 80.63 -19.42 31.16
CA ARG A 109 81.28 -20.68 31.50
C ARG A 109 82.71 -20.34 31.92
N ARG A 110 83.24 -21.11 32.88
CA ARG A 110 83.73 -20.50 34.12
C ARG A 110 84.37 -19.16 33.79
N GLY A 111 85.37 -19.14 32.90
CA GLY A 111 85.90 -17.90 32.36
C GLY A 111 85.93 -16.74 33.33
N THR A 112 85.30 -15.65 32.92
CA THR A 112 85.17 -14.46 33.75
C THR A 112 84.00 -14.59 34.72
N GLY A 113 84.12 -13.90 35.85
CA GLY A 113 83.08 -13.93 36.86
C GLY A 113 82.62 -12.57 37.31
N MET B 1 -67.24 11.54 -18.62
CA MET B 1 -66.84 12.94 -18.75
C MET B 1 -65.76 13.08 -19.83
N LEU B 2 -65.88 12.30 -20.90
CA LEU B 2 -64.94 12.37 -22.01
C LEU B 2 -65.00 13.74 -22.67
N ILE B 3 -63.93 14.52 -22.56
CA ILE B 3 -63.79 15.79 -23.27
C ILE B 3 -62.86 15.51 -24.44
N SER B 4 -63.46 15.17 -25.58
CA SER B 4 -62.72 14.67 -26.74
C SER B 4 -62.56 15.79 -27.76
N GLN B 5 -61.32 16.27 -27.92
CA GLN B 5 -60.96 17.17 -29.01
C GLN B 5 -59.47 16.95 -29.28
N ARG B 6 -59.17 16.17 -30.31
CA ARG B 6 -57.82 15.69 -30.61
C ARG B 6 -56.79 16.80 -30.45
N PRO B 7 -55.59 16.48 -29.94
CA PRO B 7 -54.59 17.53 -29.70
C PRO B 7 -54.22 18.25 -30.99
N THR B 8 -53.99 19.55 -30.85
CA THR B 8 -53.65 20.41 -31.99
C THR B 8 -52.24 20.95 -31.78
N LEU B 9 -51.37 20.74 -32.76
CA LEU B 9 -49.99 21.18 -32.74
C LEU B 9 -49.84 22.39 -33.66
N SER B 10 -49.27 23.48 -33.12
CA SER B 10 -49.21 24.75 -33.83
C SER B 10 -47.77 25.22 -33.91
N GLU B 11 -47.34 25.59 -35.12
CA GLU B 11 -46.02 26.18 -35.30
C GLU B 11 -46.02 27.63 -34.81
N GLU B 12 -44.81 28.18 -34.69
CA GLU B 12 -44.63 29.56 -34.25
C GLU B 12 -43.20 29.97 -34.55
N THR B 13 -42.87 31.21 -34.22
CA THR B 13 -41.54 31.76 -34.45
C THR B 13 -41.23 32.81 -33.41
N VAL B 14 -40.01 32.74 -32.86
CA VAL B 14 -39.47 33.78 -32.00
C VAL B 14 -38.20 34.38 -32.59
N ALA B 15 -37.31 33.53 -33.09
CA ALA B 15 -36.18 33.95 -33.91
C ALA B 15 -36.10 33.05 -35.13
N GLU B 16 -35.05 33.18 -35.94
CA GLU B 16 -34.92 32.30 -37.09
C GLU B 16 -34.44 30.91 -36.69
N ASN B 17 -33.50 30.82 -35.74
CA ASN B 17 -32.96 29.53 -35.34
C ASN B 17 -33.90 28.78 -34.40
N ARG B 18 -34.66 29.49 -33.58
CA ARG B 18 -35.59 28.85 -32.65
C ARG B 18 -37.01 29.36 -32.88
N SER B 19 -37.97 28.58 -32.38
CA SER B 19 -39.38 28.89 -32.54
C SER B 19 -40.18 28.01 -31.59
N ARG B 20 -41.25 28.57 -31.04
CA ARG B 20 -42.08 27.84 -30.10
C ARG B 20 -43.03 26.89 -30.82
N PHE B 21 -43.57 25.94 -30.05
CA PHE B 21 -44.62 25.03 -30.49
C PHE B 21 -45.60 24.84 -29.35
N VAL B 22 -46.89 24.88 -29.66
CA VAL B 22 -47.95 24.82 -28.66
C VAL B 22 -48.90 23.69 -29.02
N ILE B 23 -49.13 22.77 -28.09
CA ILE B 23 -50.01 21.63 -28.28
C ILE B 23 -51.11 21.69 -27.23
N GLU B 24 -52.36 21.61 -27.69
CA GLU B 24 -53.54 21.58 -26.83
C GLU B 24 -54.63 20.81 -27.56
N PRO B 25 -55.56 20.18 -26.83
CA PRO B 25 -55.68 20.08 -25.38
C PRO B 25 -55.08 18.78 -24.84
N LEU B 26 -54.81 18.72 -23.54
CA LEU B 26 -54.20 17.54 -22.96
C LEU B 26 -54.72 17.30 -21.55
N GLU B 27 -54.64 16.04 -21.11
CA GLU B 27 -55.15 15.62 -19.82
C GLU B 27 -54.26 16.12 -18.69
N PRO B 28 -54.70 15.99 -17.45
CA PRO B 28 -53.92 16.55 -16.33
C PRO B 28 -52.62 15.78 -16.13
N GLY B 29 -51.58 16.52 -15.74
CA GLY B 29 -50.28 15.92 -15.51
C GLY B 29 -49.71 15.24 -16.74
N PHE B 30 -49.94 15.84 -17.91
CA PHE B 30 -49.41 15.31 -19.17
C PHE B 30 -48.37 16.22 -19.82
N GLY B 31 -48.35 17.50 -19.48
CA GLY B 31 -47.41 18.41 -20.12
C GLY B 31 -45.98 18.13 -19.72
N TYR B 32 -45.72 18.04 -18.41
CA TYR B 32 -44.36 17.83 -17.93
C TYR B 32 -43.77 16.53 -18.47
N THR B 33 -44.58 15.47 -18.51
CA THR B 33 -44.07 14.16 -18.93
C THR B 33 -43.80 14.13 -20.42
N LEU B 34 -44.71 14.70 -21.22
CA LEU B 34 -44.51 14.70 -22.67
C LEU B 34 -43.42 15.68 -23.08
N GLY B 35 -43.37 16.85 -22.45
CA GLY B 35 -42.35 17.82 -22.80
C GLY B 35 -40.95 17.27 -22.67
N ASN B 36 -40.62 16.74 -21.49
CA ASN B 36 -39.29 16.14 -21.30
C ASN B 36 -39.10 14.91 -22.17
N SER B 37 -40.18 14.24 -22.58
CA SER B 37 -40.06 13.10 -23.47
C SER B 37 -39.54 13.51 -24.84
N LEU B 38 -39.85 14.74 -25.27
CA LEU B 38 -39.30 15.27 -26.52
C LEU B 38 -37.95 15.94 -26.30
N ARG B 39 -37.78 16.65 -25.18
CA ARG B 39 -36.51 17.31 -24.91
C ARG B 39 -35.37 16.31 -24.85
N ARG B 40 -35.55 15.22 -24.10
CA ARG B 40 -34.52 14.19 -24.04
C ARG B 40 -34.18 13.65 -25.42
N THR B 41 -35.16 13.61 -26.33
CA THR B 41 -34.91 13.09 -27.67
C THR B 41 -34.29 14.15 -28.57
N LEU B 42 -34.73 15.40 -28.46
CA LEU B 42 -34.13 16.48 -29.24
C LEU B 42 -32.63 16.60 -28.95
N LEU B 43 -32.29 16.78 -27.67
CA LEU B 43 -30.92 17.05 -27.28
C LEU B 43 -29.95 15.93 -27.67
N SER B 44 -30.44 14.76 -28.06
CA SER B 44 -29.57 13.61 -28.30
C SER B 44 -29.56 13.13 -29.74
N SER B 45 -30.71 12.75 -30.30
CA SER B 45 -30.75 11.91 -31.49
C SER B 45 -31.07 12.66 -32.77
N ILE B 46 -30.85 13.97 -32.82
CA ILE B 46 -31.03 14.72 -34.06
C ILE B 46 -29.74 14.59 -34.89
N PRO B 47 -29.81 14.11 -36.12
CA PRO B 47 -28.60 13.74 -36.86
C PRO B 47 -27.78 14.93 -37.35
N GLY B 48 -26.46 14.71 -37.41
CA GLY B 48 -25.55 15.65 -38.03
C GLY B 48 -24.73 14.96 -39.11
N ALA B 49 -24.02 15.73 -39.93
CA ALA B 49 -23.60 17.13 -39.73
C ALA B 49 -22.53 17.33 -38.66
N ALA B 50 -21.39 16.64 -38.78
CA ALA B 50 -20.23 16.91 -37.94
C ALA B 50 -18.95 16.51 -38.68
N VAL B 51 -17.82 16.97 -38.15
CA VAL B 51 -16.50 16.74 -38.76
C VAL B 51 -15.76 15.68 -37.96
N THR B 52 -15.30 14.62 -38.65
CA THR B 52 -14.63 13.52 -37.97
C THR B 52 -13.16 13.80 -37.73
N SER B 53 -12.39 13.95 -38.80
CA SER B 53 -10.95 14.11 -38.71
C SER B 53 -10.50 15.28 -39.58
N ILE B 54 -9.26 15.72 -39.34
CA ILE B 54 -8.63 16.77 -40.12
C ILE B 54 -7.18 16.36 -40.40
N ARG B 55 -6.53 17.10 -41.30
CA ARG B 55 -5.16 16.80 -41.68
C ARG B 55 -4.50 18.07 -42.18
N ILE B 56 -3.47 18.51 -41.49
CA ILE B 56 -2.67 19.67 -41.88
C ILE B 56 -1.36 19.16 -42.48
N ASP B 57 -0.99 19.69 -43.65
CA ASP B 57 0.19 19.18 -44.34
C ASP B 57 1.44 19.34 -43.49
N GLY B 58 1.61 20.48 -42.82
CA GLY B 58 2.82 20.75 -42.09
C GLY B 58 2.98 19.96 -40.80
N VAL B 59 1.88 19.44 -40.26
CA VAL B 59 1.89 18.81 -38.94
C VAL B 59 1.63 17.32 -39.09
N LEU B 60 2.18 16.55 -38.13
CA LEU B 60 1.92 15.13 -38.03
C LEU B 60 1.05 14.75 -36.84
N HIS B 61 0.89 15.64 -35.86
CA HIS B 61 0.07 15.36 -34.69
C HIS B 61 -0.45 16.69 -34.14
N GLU B 62 -1.23 16.60 -33.06
CA GLU B 62 -1.97 17.75 -32.55
C GLU B 62 -1.15 18.67 -31.67
N PHE B 63 0.05 18.27 -31.24
CA PHE B 63 0.77 18.98 -30.20
C PHE B 63 1.95 19.80 -30.74
N THR B 64 1.84 20.33 -31.95
CA THR B 64 2.89 21.15 -32.53
C THR B 64 2.34 22.52 -32.90
N THR B 65 3.21 23.34 -33.48
CA THR B 65 2.85 24.67 -33.96
C THR B 65 3.11 24.75 -35.46
N VAL B 66 2.51 25.75 -36.08
CA VAL B 66 2.67 26.03 -37.50
C VAL B 66 3.45 27.33 -37.64
N PRO B 67 4.50 27.37 -38.46
CA PRO B 67 5.28 28.61 -38.59
C PRO B 67 4.41 29.77 -39.05
N GLY B 68 4.36 30.81 -38.22
CA GLY B 68 3.65 32.02 -38.57
C GLY B 68 2.31 32.20 -37.87
N VAL B 69 1.54 31.13 -37.70
CA VAL B 69 0.22 31.25 -37.12
C VAL B 69 0.34 31.64 -35.64
N LYS B 70 -0.77 32.13 -35.09
CA LYS B 70 -0.82 32.58 -33.70
C LYS B 70 -1.28 31.48 -32.76
N GLU B 71 -2.24 30.66 -33.17
CA GLU B 71 -2.75 29.57 -32.36
C GLU B 71 -1.99 28.29 -32.66
N ASP B 72 -1.75 27.49 -31.61
CA ASP B 72 -1.18 26.18 -31.81
C ASP B 72 -2.22 25.23 -32.41
N VAL B 73 -1.78 24.03 -32.77
CA VAL B 73 -2.69 23.07 -33.40
C VAL B 73 -3.76 22.63 -32.42
N THR B 74 -3.43 22.54 -31.13
CA THR B 74 -4.43 22.14 -30.14
C THR B 74 -5.46 23.22 -29.91
N ASP B 75 -5.07 24.49 -30.04
CA ASP B 75 -6.02 25.59 -29.92
C ASP B 75 -6.79 25.82 -31.21
N ILE B 76 -6.27 25.35 -32.34
CA ILE B 76 -7.03 25.39 -33.59
C ILE B 76 -8.08 24.29 -33.63
N ILE B 77 -7.72 23.09 -33.13
CA ILE B 77 -8.70 22.02 -33.05
C ILE B 77 -9.87 22.43 -32.16
N LEU B 78 -9.56 23.06 -31.02
CA LEU B 78 -10.63 23.55 -30.15
C LEU B 78 -11.52 24.55 -30.87
N ASN B 79 -10.92 25.41 -31.70
CA ASN B 79 -11.71 26.33 -32.52
C ASN B 79 -12.55 25.57 -33.54
N LEU B 80 -11.92 24.65 -34.27
CA LEU B 80 -12.64 23.89 -35.29
C LEU B 80 -13.83 23.13 -34.72
N LYS B 81 -13.82 22.80 -33.43
CA LYS B 81 -14.92 22.05 -32.85
C LYS B 81 -16.22 22.84 -32.84
N GLY B 82 -16.13 24.17 -32.72
CA GLY B 82 -17.32 25.00 -32.63
C GLY B 82 -18.08 25.19 -33.92
N LEU B 83 -17.51 24.76 -35.04
CA LEU B 83 -18.17 24.97 -36.33
C LEU B 83 -19.37 24.05 -36.49
N VAL B 84 -20.43 24.58 -37.11
CA VAL B 84 -21.66 23.85 -37.35
C VAL B 84 -21.81 23.65 -38.85
N VAL B 85 -21.81 22.39 -39.28
CA VAL B 85 -21.88 22.04 -40.70
C VAL B 85 -23.18 21.28 -40.96
N SER B 86 -23.43 20.95 -42.22
CA SER B 86 -24.59 20.15 -42.60
C SER B 86 -24.28 19.43 -43.90
N SER B 87 -24.48 18.12 -43.90
CA SER B 87 -24.23 17.29 -45.07
C SER B 87 -25.43 16.38 -45.33
N ASP B 88 -25.94 16.41 -46.55
CA ASP B 88 -27.01 15.52 -46.98
C ASP B 88 -26.48 14.36 -47.80
N ASP B 89 -25.17 14.13 -47.79
CA ASP B 89 -24.54 13.03 -48.50
C ASP B 89 -23.98 12.05 -47.47
N ASP B 90 -24.41 10.79 -47.56
CA ASP B 90 -23.84 9.70 -46.74
C ASP B 90 -22.39 9.49 -47.15
N GLU B 91 -21.70 8.49 -46.58
CA GLU B 91 -20.40 8.23 -47.20
C GLU B 91 -19.38 9.36 -47.08
N PRO B 92 -18.58 9.39 -45.99
CA PRO B 92 -17.73 10.56 -45.68
C PRO B 92 -17.18 11.31 -46.88
N VAL B 93 -17.09 12.63 -46.75
CA VAL B 93 -16.55 13.52 -47.79
C VAL B 93 -15.60 14.51 -47.13
N THR B 94 -14.64 15.00 -47.92
CA THR B 94 -13.57 15.85 -47.41
C THR B 94 -13.74 17.28 -47.92
N MET B 95 -13.56 18.25 -47.02
CA MET B 95 -13.51 19.66 -47.37
C MET B 95 -12.04 20.09 -47.47
N TYR B 96 -11.83 21.35 -47.84
CA TYR B 96 -10.49 21.89 -47.98
C TYR B 96 -10.46 23.33 -47.48
N LEU B 97 -9.27 23.76 -47.07
CA LEU B 97 -9.07 25.12 -46.57
C LEU B 97 -7.60 25.47 -46.75
N ARG B 98 -7.32 26.41 -47.63
CA ARG B 98 -5.96 26.88 -47.89
C ARG B 98 -5.96 28.41 -47.82
N LYS B 99 -5.13 28.96 -46.94
CA LYS B 99 -5.02 30.40 -46.77
C LYS B 99 -3.55 30.77 -46.63
N GLN B 100 -3.19 31.93 -47.18
CA GLN B 100 -1.80 32.37 -47.20
C GLN B 100 -1.74 33.87 -46.95
N GLY B 101 -0.61 34.33 -46.43
CA GLY B 101 -0.38 35.73 -46.18
C GLY B 101 -1.05 36.19 -44.89
N PRO B 102 -0.83 37.46 -44.53
CA PRO B 102 -1.48 37.99 -43.33
C PRO B 102 -2.99 38.09 -43.52
N GLY B 103 -3.70 38.04 -42.41
CA GLY B 103 -5.14 38.05 -42.39
C GLY B 103 -5.65 37.16 -41.28
N VAL B 104 -6.93 36.79 -41.37
CA VAL B 104 -7.57 35.94 -40.37
C VAL B 104 -8.32 34.84 -41.11
N VAL B 105 -7.97 33.59 -40.81
CA VAL B 105 -8.68 32.44 -41.38
C VAL B 105 -9.98 32.24 -40.62
N THR B 106 -11.07 32.06 -41.35
CA THR B 106 -12.38 31.86 -40.76
C THR B 106 -13.03 30.64 -41.42
N ALA B 107 -14.25 30.34 -40.98
CA ALA B 107 -14.98 29.21 -41.56
C ALA B 107 -15.31 29.46 -43.02
N GLY B 108 -15.52 30.72 -43.42
CA GLY B 108 -15.82 31.01 -44.80
C GLY B 108 -14.69 30.60 -45.74
N ASP B 109 -13.45 30.74 -45.29
CA ASP B 109 -12.31 30.33 -46.10
C ASP B 109 -12.32 28.85 -46.43
N ILE B 110 -13.16 28.06 -45.76
CA ILE B 110 -13.26 26.63 -46.03
C ILE B 110 -14.10 26.42 -47.28
N VAL B 111 -13.58 25.64 -48.22
CA VAL B 111 -14.28 25.32 -49.46
C VAL B 111 -15.04 24.01 -49.26
N PRO B 112 -16.36 24.04 -49.16
CA PRO B 112 -17.11 22.80 -49.00
C PRO B 112 -17.31 22.11 -50.34
N PRO B 113 -17.19 20.78 -50.38
CA PRO B 113 -17.50 20.06 -51.62
C PRO B 113 -18.97 20.15 -51.98
N ALA B 114 -19.36 19.57 -53.11
CA ALA B 114 -20.76 19.58 -53.50
C ALA B 114 -21.57 18.67 -52.59
N GLY B 115 -22.63 19.20 -52.01
CA GLY B 115 -23.49 18.46 -51.11
C GLY B 115 -23.35 18.80 -49.65
N VAL B 116 -22.41 19.68 -49.27
CA VAL B 116 -22.24 20.12 -47.90
C VAL B 116 -22.19 21.64 -47.89
N THR B 117 -22.40 22.21 -46.70
CA THR B 117 -22.43 23.66 -46.56
C THR B 117 -22.04 24.04 -45.14
N VAL B 118 -21.35 25.18 -45.03
CA VAL B 118 -20.93 25.74 -43.75
C VAL B 118 -21.89 26.84 -43.37
N HIS B 119 -22.47 26.76 -42.18
CA HIS B 119 -23.57 27.61 -41.77
C HIS B 119 -23.16 28.77 -40.87
N ASN B 120 -21.89 28.87 -40.50
CA ASN B 120 -21.40 29.99 -39.70
C ASN B 120 -20.03 30.41 -40.23
N PRO B 121 -19.98 30.93 -41.45
CA PRO B 121 -18.69 31.37 -42.01
C PRO B 121 -17.99 32.44 -41.18
N ASP B 122 -18.73 33.20 -40.38
CA ASP B 122 -18.16 34.30 -39.62
C ASP B 122 -17.20 33.84 -38.51
N MET B 123 -17.12 32.54 -38.25
CA MET B 123 -16.36 32.07 -37.10
C MET B 123 -14.86 32.26 -37.30
N HIS B 124 -14.18 32.62 -36.23
CA HIS B 124 -12.72 32.78 -36.24
C HIS B 124 -12.06 31.42 -36.02
N ILE B 125 -11.13 31.07 -36.90
CA ILE B 125 -10.38 29.82 -36.78
C ILE B 125 -8.97 30.11 -36.29
N ALA B 126 -8.20 30.86 -37.10
CA ALA B 126 -6.81 31.14 -36.77
C ALA B 126 -6.40 32.44 -37.43
N THR B 127 -5.45 33.12 -36.79
CA THR B 127 -4.91 34.39 -37.29
C THR B 127 -3.51 34.14 -37.84
N LEU B 128 -3.33 34.41 -39.13
CA LEU B 128 -2.05 34.21 -39.81
C LEU B 128 -1.33 35.53 -40.01
N ASN B 129 -0.02 35.45 -40.17
CA ASN B 129 0.84 36.59 -40.43
C ASN B 129 1.57 36.39 -41.76
N ASP B 130 2.54 37.27 -42.03
CA ASP B 130 3.21 37.26 -43.33
C ASP B 130 3.76 35.88 -43.68
N LYS B 131 4.38 35.19 -42.72
CA LYS B 131 5.01 33.91 -42.98
C LYS B 131 4.06 32.72 -42.82
N GLY B 132 2.81 32.96 -42.42
CA GLY B 132 1.91 31.86 -42.12
C GLY B 132 1.16 31.31 -43.32
N LYS B 133 1.32 30.00 -43.56
CA LYS B 133 0.57 29.28 -44.58
C LYS B 133 -0.17 28.13 -43.92
N LEU B 134 -1.49 28.14 -44.00
CA LEU B 134 -2.32 27.12 -43.38
C LEU B 134 -3.03 26.32 -44.47
N GLU B 135 -2.59 25.08 -44.66
CA GLU B 135 -3.19 24.15 -45.62
C GLU B 135 -3.77 23.00 -44.83
N VAL B 136 -5.10 22.91 -44.78
CA VAL B 136 -5.78 21.94 -43.93
C VAL B 136 -7.00 21.40 -44.65
N GLU B 137 -7.20 20.09 -44.54
CA GLU B 137 -8.40 19.41 -45.02
C GLU B 137 -9.20 18.89 -43.84
N LEU B 138 -10.51 18.73 -44.05
CA LEU B 138 -11.41 18.31 -42.99
C LEU B 138 -12.40 17.29 -43.54
N VAL B 139 -12.56 16.19 -42.81
CA VAL B 139 -13.44 15.10 -43.21
C VAL B 139 -14.78 15.29 -42.51
N VAL B 140 -15.85 15.37 -43.30
CA VAL B 140 -17.21 15.53 -42.78
C VAL B 140 -17.94 14.21 -42.93
N GLU B 141 -18.55 13.76 -41.84
CA GLU B 141 -19.36 12.55 -41.81
C GLU B 141 -20.73 12.87 -41.22
N ARG B 142 -21.64 11.91 -41.33
CA ARG B 142 -23.01 12.10 -40.85
C ARG B 142 -23.32 11.09 -39.75
N GLY B 143 -23.79 11.60 -38.62
CA GLY B 143 -24.17 10.76 -37.51
C GLY B 143 -25.09 11.51 -36.57
N ARG B 144 -25.17 11.01 -35.34
CA ARG B 144 -26.01 11.63 -34.32
C ARG B 144 -25.30 11.58 -32.97
N GLY B 145 -25.68 12.50 -32.10
CA GLY B 145 -25.14 12.52 -30.76
C GLY B 145 -23.68 12.98 -30.73
N TYR B 146 -22.97 12.52 -29.70
CA TYR B 146 -21.57 12.88 -29.48
C TYR B 146 -20.73 11.60 -29.52
N VAL B 147 -19.74 11.57 -30.40
CA VAL B 147 -18.86 10.43 -30.56
C VAL B 147 -17.44 10.89 -30.26
N PRO B 148 -16.69 10.19 -29.41
CA PRO B 148 -15.29 10.58 -29.17
C PRO B 148 -14.45 10.35 -30.41
N ALA B 149 -13.31 11.05 -30.45
CA ALA B 149 -12.42 10.96 -31.60
C ALA B 149 -12.05 9.51 -31.89
N VAL B 150 -12.46 9.00 -33.05
CA VAL B 150 -12.14 7.63 -33.42
C VAL B 150 -10.64 7.55 -33.72
N GLN B 151 -9.89 6.94 -32.82
CA GLN B 151 -8.44 6.89 -32.98
C GLN B 151 -8.07 6.11 -34.23
N ASN B 152 -6.98 6.52 -34.88
CA ASN B 152 -6.52 5.91 -36.12
C ASN B 152 -5.77 4.61 -35.89
N LYS B 153 -5.79 4.06 -34.68
CA LYS B 153 -5.36 2.69 -34.44
C LYS B 153 -6.52 1.71 -34.46
N ALA B 154 -7.73 2.18 -34.12
CA ALA B 154 -8.92 1.35 -34.30
C ALA B 154 -9.30 1.26 -35.77
N SER B 155 -9.11 2.33 -36.53
CA SER B 155 -9.27 2.35 -37.97
C SER B 155 -7.93 2.69 -38.60
N GLY B 156 -7.55 1.95 -39.62
CA GLY B 156 -6.22 2.16 -40.17
C GLY B 156 -6.14 3.44 -40.99
N ALA B 157 -6.33 4.61 -40.36
CA ALA B 157 -6.21 5.83 -41.14
C ALA B 157 -4.77 6.02 -41.59
N GLU B 158 -3.92 6.51 -40.69
CA GLU B 158 -2.48 6.33 -40.74
C GLU B 158 -1.87 7.35 -39.80
N ILE B 159 -0.54 7.42 -39.75
CA ILE B 159 0.14 8.46 -38.98
C ILE B 159 -0.47 9.84 -39.24
N GLY B 160 -0.70 10.18 -40.51
CA GLY B 160 -0.92 11.57 -40.86
C GLY B 160 -2.17 12.18 -40.25
N ARG B 161 -3.29 11.47 -40.35
CA ARG B 161 -4.58 12.05 -39.99
C ARG B 161 -4.68 12.31 -38.49
N ILE B 162 -5.50 13.29 -38.13
CA ILE B 162 -5.74 13.67 -36.75
C ILE B 162 -7.22 13.47 -36.43
N PRO B 163 -7.59 12.53 -35.57
CA PRO B 163 -8.99 12.40 -35.18
C PRO B 163 -9.40 13.51 -34.21
N VAL B 164 -10.66 13.94 -34.34
CA VAL B 164 -11.21 15.02 -33.53
C VAL B 164 -12.57 14.58 -33.00
N ASP B 165 -12.89 15.05 -31.80
CA ASP B 165 -14.21 14.80 -31.21
C ASP B 165 -15.30 15.40 -32.10
N SER B 166 -16.33 14.60 -32.36
CA SER B 166 -17.43 15.01 -33.22
C SER B 166 -18.71 15.17 -32.41
N ILE B 167 -19.52 16.16 -32.77
CA ILE B 167 -20.76 16.47 -32.08
C ILE B 167 -21.85 16.67 -33.14
N TYR B 168 -22.69 15.66 -33.33
CA TYR B 168 -23.85 15.75 -34.23
C TYR B 168 -25.06 16.05 -33.37
N SER B 169 -25.36 17.33 -33.18
CA SER B 169 -26.52 17.76 -32.41
C SER B 169 -26.98 19.11 -32.92
N PRO B 170 -27.86 19.13 -33.92
CA PRO B 170 -28.35 20.41 -34.45
C PRO B 170 -29.09 21.24 -33.43
N VAL B 171 -29.54 20.65 -32.32
CA VAL B 171 -30.34 21.35 -31.33
C VAL B 171 -29.43 22.07 -30.35
N LEU B 172 -29.75 23.32 -30.04
CA LEU B 172 -28.93 24.16 -29.18
C LEU B 172 -29.41 24.17 -27.72
N LYS B 173 -30.63 24.63 -27.48
CA LYS B 173 -31.16 24.72 -26.13
C LYS B 173 -32.67 24.54 -26.18
N VAL B 174 -33.19 23.68 -25.31
CA VAL B 174 -34.60 23.32 -25.30
C VAL B 174 -35.16 23.47 -23.89
N THR B 175 -36.39 23.96 -23.80
CA THR B 175 -37.10 24.09 -22.54
C THR B 175 -38.59 23.99 -22.82
N TYR B 176 -39.40 24.02 -21.75
CA TYR B 176 -40.83 23.97 -21.92
C TYR B 176 -41.51 24.53 -20.67
N LYS B 177 -42.82 24.68 -20.76
CA LYS B 177 -43.65 25.16 -19.65
C LYS B 177 -45.10 24.80 -19.94
N VAL B 178 -45.86 24.55 -18.88
CA VAL B 178 -47.25 24.13 -19.00
C VAL B 178 -48.13 25.13 -18.28
N GLU B 179 -49.34 25.31 -18.79
CA GLU B 179 -50.33 26.24 -18.26
C GLU B 179 -51.65 25.51 -18.00
N ALA B 180 -51.56 24.36 -17.36
CA ALA B 180 -52.74 23.61 -16.96
C ALA B 180 -53.67 24.50 -16.15
N THR B 181 -54.95 24.52 -16.54
CA THR B 181 -55.96 25.31 -15.85
C THR B 181 -56.92 24.36 -15.15
N ARG B 182 -56.88 24.36 -13.81
CA ARG B 182 -57.83 23.62 -13.01
C ARG B 182 -59.11 24.45 -12.91
N VAL B 183 -60.17 23.98 -13.57
CA VAL B 183 -61.46 24.67 -13.58
C VAL B 183 -62.39 24.01 -12.59
N GLU B 184 -62.84 24.76 -11.59
CA GLU B 184 -63.69 24.20 -10.55
C GLU B 184 -65.06 23.83 -11.10
N GLN B 185 -65.64 24.67 -11.96
CA GLN B 185 -66.98 24.41 -12.47
C GLN B 185 -66.99 23.21 -13.41
N ARG B 186 -66.06 23.17 -14.35
CA ARG B 186 -66.02 22.07 -15.31
C ARG B 186 -64.74 22.13 -16.13
N THR B 187 -64.43 21.03 -16.81
CA THR B 187 -63.37 20.97 -17.83
C THR B 187 -61.94 21.24 -17.30
N ASP B 188 -61.41 20.29 -16.54
CA ASP B 188 -59.98 20.28 -16.23
C ASP B 188 -59.18 19.84 -17.44
N PHE B 189 -58.15 20.61 -17.80
CA PHE B 189 -57.27 20.26 -18.91
C PHE B 189 -55.90 20.89 -18.72
N ASP B 190 -54.93 20.45 -19.54
CA ASP B 190 -53.57 20.97 -19.52
C ASP B 190 -53.17 21.43 -20.91
N LYS B 191 -52.21 22.36 -20.96
CA LYS B 191 -51.67 22.88 -22.21
C LYS B 191 -50.22 23.26 -22.01
N LEU B 192 -49.36 22.88 -22.96
CA LEU B 192 -47.94 23.17 -22.86
C LEU B 192 -47.44 23.88 -24.11
N ILE B 193 -46.29 24.54 -23.95
CA ILE B 193 -45.54 25.12 -25.06
C ILE B 193 -44.08 24.72 -24.88
N ILE B 194 -43.42 24.39 -25.99
CA ILE B 194 -42.01 24.04 -25.97
C ILE B 194 -41.24 25.11 -26.74
N ASP B 195 -39.96 25.27 -26.39
CA ASP B 195 -39.09 26.28 -26.98
C ASP B 195 -37.89 25.57 -27.57
N VAL B 196 -37.96 25.26 -28.86
CA VAL B 196 -36.90 24.54 -29.56
C VAL B 196 -35.98 25.55 -30.24
N GLU B 197 -34.67 25.42 -29.98
CA GLU B 197 -33.66 26.25 -30.61
C GLU B 197 -32.63 25.35 -31.28
N THR B 198 -32.21 25.72 -32.48
CA THR B 198 -31.30 24.93 -33.29
C THR B 198 -30.01 25.69 -33.55
N LYS B 199 -29.05 24.99 -34.15
CA LYS B 199 -27.73 25.52 -34.45
C LYS B 199 -27.63 26.12 -35.84
N ASN B 200 -28.74 26.37 -36.51
CA ASN B 200 -28.78 26.89 -37.87
C ASN B 200 -28.53 25.81 -38.92
N SER B 201 -28.19 24.58 -38.51
CA SER B 201 -28.03 23.49 -39.47
C SER B 201 -29.36 22.91 -39.91
N ILE B 202 -30.39 23.02 -39.06
CA ILE B 202 -31.77 22.67 -39.42
C ILE B 202 -32.69 23.60 -38.64
N SER B 203 -33.96 23.60 -39.00
CA SER B 203 -34.92 24.51 -38.38
C SER B 203 -35.65 23.82 -37.24
N PRO B 204 -36.22 24.60 -36.31
CA PRO B 204 -36.96 24.00 -35.20
C PRO B 204 -38.02 23.00 -35.64
N ARG B 205 -38.80 23.35 -36.66
CA ARG B 205 -39.80 22.41 -37.19
C ARG B 205 -39.12 21.14 -37.70
N ASP B 206 -38.02 21.29 -38.43
CA ASP B 206 -37.29 20.12 -38.91
C ASP B 206 -36.86 19.23 -37.76
N ALA B 207 -36.34 19.83 -36.69
CA ALA B 207 -35.89 19.03 -35.54
C ALA B 207 -37.06 18.36 -34.84
N LEU B 208 -38.08 19.15 -34.46
CA LEU B 208 -39.22 18.58 -33.76
C LEU B 208 -39.87 17.48 -34.58
N ALA B 209 -39.96 17.66 -35.89
CA ALA B 209 -40.49 16.60 -36.75
C ALA B 209 -39.58 15.38 -36.77
N SER B 210 -38.27 15.59 -36.66
CA SER B 210 -37.35 14.45 -36.56
C SER B 210 -37.48 13.75 -35.23
N ALA B 211 -37.57 14.52 -34.13
CA ALA B 211 -37.79 13.92 -32.83
C ALA B 211 -39.13 13.21 -32.76
N GLY B 212 -40.16 13.80 -33.38
CA GLY B 212 -41.46 13.17 -33.40
C GLY B 212 -41.44 11.82 -34.12
N GLY B 213 -40.78 11.78 -35.28
CA GLY B 213 -40.68 10.52 -36.00
C GLY B 213 -39.98 9.44 -35.18
N THR B 214 -38.94 9.82 -34.43
CA THR B 214 -38.22 8.85 -33.61
C THR B 214 -39.15 8.22 -32.57
N LEU B 215 -39.76 9.06 -31.73
CA LEU B 215 -40.64 8.55 -30.69
C LEU B 215 -41.78 7.73 -31.28
N VAL B 216 -42.40 8.24 -32.35
CA VAL B 216 -43.53 7.54 -32.98
C VAL B 216 -43.11 6.12 -33.34
N GLU B 217 -42.09 5.99 -34.18
CA GLU B 217 -41.61 4.66 -34.57
C GLU B 217 -41.13 3.87 -33.36
N LEU B 218 -40.70 4.54 -32.29
CA LEU B 218 -40.13 3.85 -31.14
C LEU B 218 -41.20 3.26 -30.24
N PHE B 219 -42.39 3.85 -30.20
CA PHE B 219 -43.45 3.34 -29.34
C PHE B 219 -44.16 2.16 -29.99
N GLY B 220 -43.40 1.13 -30.37
CA GLY B 220 -43.96 -0.04 -31.02
C GLY B 220 -44.39 -1.12 -30.05
N LEU B 221 -45.25 -0.76 -29.11
CA LEU B 221 -45.77 -1.73 -28.14
C LEU B 221 -46.85 -2.62 -28.72
N ALA B 222 -47.16 -2.49 -30.01
CA ALA B 222 -48.26 -3.24 -30.60
C ALA B 222 -47.95 -4.73 -30.65
N ARG B 223 -46.70 -5.09 -30.92
CA ARG B 223 -46.30 -6.48 -30.99
C ARG B 223 -46.58 -7.20 -29.67
N LEU C 2 -30.78 6.89 -39.45
CA LEU C 2 -30.41 6.15 -38.25
C LEU C 2 -31.06 4.77 -38.22
N ILE C 3 -30.34 3.78 -37.68
CA ILE C 3 -30.87 2.43 -37.53
C ILE C 3 -30.48 1.87 -36.17
N SER C 4 -31.42 1.86 -35.23
CA SER C 4 -31.14 1.30 -33.92
C SER C 4 -30.86 -0.19 -34.02
N GLN C 5 -29.94 -0.68 -33.19
CA GLN C 5 -29.48 -2.06 -33.29
C GLN C 5 -30.61 -3.05 -32.99
N ARG C 6 -31.16 -3.00 -31.78
CA ARG C 6 -32.16 -3.99 -31.41
C ARG C 6 -33.08 -3.53 -30.28
N PRO C 7 -34.37 -3.30 -30.57
CA PRO C 7 -35.38 -3.20 -29.50
C PRO C 7 -36.13 -4.52 -29.30
N THR C 8 -36.75 -4.70 -28.13
CA THR C 8 -37.66 -5.82 -27.93
C THR C 8 -38.57 -5.53 -26.75
N LEU C 9 -39.68 -6.25 -26.67
CA LEU C 9 -40.69 -6.10 -25.63
C LEU C 9 -41.21 -7.47 -25.23
N SER C 10 -41.15 -7.80 -23.94
CA SER C 10 -41.58 -9.08 -23.43
C SER C 10 -42.54 -8.87 -22.26
N GLU C 11 -43.36 -9.89 -22.00
CA GLU C 11 -44.40 -9.81 -20.98
C GLU C 11 -44.42 -11.08 -20.15
N GLU C 12 -44.44 -10.90 -18.83
CA GLU C 12 -44.64 -12.00 -17.88
C GLU C 12 -45.74 -11.61 -16.91
N THR C 13 -46.65 -12.55 -16.64
CA THR C 13 -47.85 -12.27 -15.86
C THR C 13 -47.62 -12.64 -14.40
N VAL C 14 -47.79 -11.66 -13.51
CA VAL C 14 -47.71 -11.91 -12.08
C VAL C 14 -48.96 -12.61 -11.58
N ALA C 15 -50.13 -12.06 -11.90
CA ALA C 15 -51.40 -12.64 -11.52
C ALA C 15 -52.40 -12.41 -12.65
N GLU C 16 -53.67 -12.71 -12.38
CA GLU C 16 -54.70 -12.55 -13.41
C GLU C 16 -54.82 -11.10 -13.86
N ASN C 17 -54.59 -10.15 -12.96
CA ASN C 17 -54.72 -8.72 -13.26
C ASN C 17 -53.42 -7.96 -13.03
N ARG C 18 -52.28 -8.64 -13.09
CA ARG C 18 -50.99 -8.03 -12.85
C ARG C 18 -49.95 -8.65 -13.76
N SER C 19 -49.06 -7.83 -14.31
CA SER C 19 -48.05 -8.32 -15.24
C SER C 19 -46.88 -7.34 -15.30
N ARG C 20 -45.69 -7.89 -15.53
CA ARG C 20 -44.49 -7.10 -15.73
C ARG C 20 -44.16 -7.03 -17.22
N PHE C 21 -43.76 -5.85 -17.69
CA PHE C 21 -43.34 -5.64 -19.06
C PHE C 21 -41.89 -5.16 -19.07
N VAL C 22 -41.10 -5.69 -20.01
CA VAL C 22 -39.68 -5.40 -20.10
C VAL C 22 -39.35 -5.05 -21.54
N ILE C 23 -38.62 -3.95 -21.73
CA ILE C 23 -38.14 -3.51 -23.03
C ILE C 23 -36.63 -3.62 -23.04
N GLU C 24 -36.08 -4.27 -24.06
CA GLU C 24 -34.65 -4.56 -24.05
C GLU C 24 -34.10 -4.75 -25.46
N PRO C 25 -33.02 -4.05 -25.83
CA PRO C 25 -32.46 -2.93 -25.07
C PRO C 25 -32.78 -1.58 -25.72
N LEU C 26 -32.69 -0.50 -24.94
CA LEU C 26 -32.89 0.84 -25.46
C LEU C 26 -31.54 1.50 -25.75
N GLU C 27 -31.58 2.78 -26.10
CA GLU C 27 -30.38 3.57 -26.26
C GLU C 27 -30.35 4.65 -25.18
N PRO C 28 -29.28 4.74 -24.40
CA PRO C 28 -29.26 5.70 -23.28
C PRO C 28 -29.45 7.13 -23.77
N GLY C 29 -30.16 7.92 -22.97
CA GLY C 29 -30.97 7.42 -21.87
C GLY C 29 -32.45 7.29 -22.19
N PHE C 30 -32.81 6.45 -23.16
CA PHE C 30 -34.21 6.42 -23.62
C PHE C 30 -35.16 5.83 -22.59
N GLY C 31 -34.66 5.08 -21.61
CA GLY C 31 -35.56 4.53 -20.60
C GLY C 31 -36.34 5.59 -19.86
N TYR C 32 -35.64 6.62 -19.36
CA TYR C 32 -36.31 7.66 -18.60
C TYR C 32 -37.17 8.55 -19.48
N THR C 33 -36.82 8.71 -20.76
CA THR C 33 -37.60 9.56 -21.64
C THR C 33 -39.02 9.06 -21.78
N LEU C 34 -39.18 7.87 -22.36
CA LEU C 34 -40.48 7.29 -22.60
C LEU C 34 -41.09 6.66 -21.35
N GLY C 35 -40.27 6.26 -20.40
CA GLY C 35 -40.74 5.61 -19.19
C GLY C 35 -41.83 6.38 -18.48
N ASN C 36 -41.53 7.60 -18.02
CA ASN C 36 -42.52 8.38 -17.30
C ASN C 36 -43.73 8.69 -18.16
N SER C 37 -43.55 8.75 -19.48
CA SER C 37 -44.66 9.04 -20.38
C SER C 37 -45.60 7.85 -20.54
N LEU C 38 -45.08 6.63 -20.38
CA LEU C 38 -45.93 5.45 -20.45
C LEU C 38 -46.84 5.35 -19.23
N ARG C 39 -46.24 5.35 -18.03
CA ARG C 39 -47.03 5.35 -16.81
C ARG C 39 -48.07 6.47 -16.82
N ARG C 40 -47.70 7.63 -17.39
CA ARG C 40 -48.64 8.74 -17.43
C ARG C 40 -49.79 8.46 -18.40
N THR C 41 -49.50 7.78 -19.51
CA THR C 41 -50.55 7.47 -20.47
C THR C 41 -51.48 6.39 -19.95
N LEU C 42 -50.93 5.28 -19.46
CA LEU C 42 -51.76 4.19 -18.96
C LEU C 42 -52.71 4.67 -17.88
N LEU C 43 -52.26 5.60 -17.03
CA LEU C 43 -53.02 5.96 -15.85
C LEU C 43 -54.15 6.94 -16.16
N SER C 44 -53.90 7.92 -17.02
CA SER C 44 -54.84 9.03 -17.21
C SER C 44 -55.35 9.17 -18.64
N SER C 45 -55.09 8.20 -19.53
CA SER C 45 -55.44 8.36 -20.92
C SER C 45 -56.30 7.24 -21.50
N ILE C 46 -56.66 6.24 -20.71
CA ILE C 46 -57.43 5.09 -21.19
C ILE C 46 -58.90 5.31 -20.88
N PRO C 47 -59.80 5.19 -21.85
CA PRO C 47 -61.22 5.44 -21.59
C PRO C 47 -61.84 4.32 -20.77
N GLY C 48 -62.72 4.70 -19.84
CA GLY C 48 -63.42 3.74 -19.02
C GLY C 48 -64.51 4.42 -18.21
N ALA C 49 -65.47 3.61 -17.78
CA ALA C 49 -66.62 4.10 -17.03
C ALA C 49 -66.47 3.77 -15.55
N ALA C 50 -67.00 4.65 -14.71
CA ALA C 50 -66.94 4.49 -13.26
C ALA C 50 -68.07 5.29 -12.63
N VAL C 51 -68.13 5.25 -11.30
CA VAL C 51 -69.18 5.91 -10.54
C VAL C 51 -68.78 7.36 -10.27
N THR C 52 -69.73 8.28 -10.50
CA THR C 52 -69.51 9.70 -10.24
C THR C 52 -70.14 10.13 -8.92
N SER C 53 -71.45 9.93 -8.77
CA SER C 53 -72.16 10.34 -7.57
C SER C 53 -73.30 9.38 -7.31
N ILE C 54 -73.62 9.18 -6.03
CA ILE C 54 -74.71 8.31 -5.62
C ILE C 54 -75.62 9.10 -4.67
N ARG C 55 -76.71 8.46 -4.28
CA ARG C 55 -77.60 9.01 -3.27
C ARG C 55 -78.37 7.85 -2.65
N ILE C 56 -78.53 7.90 -1.33
CA ILE C 56 -79.10 6.80 -0.57
C ILE C 56 -80.40 7.27 0.08
N ASP C 57 -81.40 6.39 0.11
CA ASP C 57 -82.64 6.69 0.78
C ASP C 57 -82.42 6.69 2.30
N GLY C 58 -82.83 7.78 2.95
CA GLY C 58 -82.68 7.93 4.38
C GLY C 58 -81.48 8.75 4.81
N VAL C 59 -80.51 8.95 3.92
CA VAL C 59 -79.31 9.72 4.22
C VAL C 59 -79.40 11.04 3.45
N LEU C 60 -79.91 12.07 4.11
CA LEU C 60 -80.05 13.40 3.53
C LEU C 60 -79.33 14.46 4.32
N HIS C 61 -79.51 14.49 5.65
CA HIS C 61 -78.68 15.34 6.49
C HIS C 61 -78.03 14.58 7.63
N GLU C 62 -78.23 13.27 7.72
CA GLU C 62 -77.47 12.45 8.64
C GLU C 62 -76.04 12.29 8.12
N PHE C 63 -75.06 12.53 9.00
CA PHE C 63 -73.68 12.65 8.56
C PHE C 63 -73.07 11.30 8.22
N THR C 64 -73.16 10.33 9.13
CA THR C 64 -72.31 9.14 9.01
C THR C 64 -72.98 7.80 9.28
N THR C 65 -74.27 7.75 9.60
CA THR C 65 -74.88 6.49 10.02
C THR C 65 -76.02 6.09 9.09
N VAL C 66 -76.22 4.79 8.96
CA VAL C 66 -77.32 4.20 8.20
C VAL C 66 -78.05 3.21 9.08
N PRO C 67 -79.38 3.16 9.05
CA PRO C 67 -80.11 2.23 9.91
C PRO C 67 -80.30 0.86 9.27
N GLY C 68 -80.10 -0.18 10.07
CA GLY C 68 -80.29 -1.53 9.60
C GLY C 68 -79.16 -2.09 8.75
N VAL C 69 -77.97 -1.52 8.85
CA VAL C 69 -76.80 -2.02 8.13
C VAL C 69 -75.56 -1.67 8.93
N LYS C 70 -74.69 -2.66 9.14
CA LYS C 70 -73.49 -2.46 9.94
C LYS C 70 -72.60 -1.38 9.33
N GLU C 71 -72.34 -1.47 8.04
CA GLU C 71 -71.46 -0.50 7.38
C GLU C 71 -72.06 0.89 7.46
N ASP C 72 -71.19 1.89 7.65
CA ASP C 72 -71.60 3.27 7.77
C ASP C 72 -71.50 3.98 6.42
N VAL C 73 -71.67 5.29 6.43
CA VAL C 73 -71.66 6.06 5.19
C VAL C 73 -70.32 5.89 4.47
N THR C 74 -69.23 6.25 5.15
CA THR C 74 -67.92 6.24 4.50
C THR C 74 -67.54 4.83 4.04
N ASP C 75 -67.70 3.84 4.92
CA ASP C 75 -67.27 2.49 4.60
C ASP C 75 -67.96 1.96 3.35
N ILE C 76 -69.16 2.43 3.05
CA ILE C 76 -69.87 1.99 1.86
C ILE C 76 -69.48 2.80 0.63
N ILE C 77 -69.14 4.08 0.80
CA ILE C 77 -68.70 4.90 -0.32
C ILE C 77 -67.47 4.29 -0.97
N LEU C 78 -66.44 4.02 -0.16
CA LEU C 78 -65.24 3.36 -0.68
C LEU C 78 -65.44 1.88 -0.95
N ASN C 79 -66.51 1.28 -0.41
CA ASN C 79 -66.91 -0.05 -0.86
C ASN C 79 -67.33 -0.03 -2.32
N LEU C 80 -68.06 1.01 -2.72
CA LEU C 80 -68.53 1.13 -4.10
C LEU C 80 -67.44 1.58 -5.05
N LYS C 81 -66.47 2.37 -4.56
CA LYS C 81 -65.39 2.83 -5.42
C LYS C 81 -64.68 1.69 -6.13
N GLY C 82 -64.81 0.46 -5.63
CA GLY C 82 -64.30 -0.71 -6.29
C GLY C 82 -65.20 -1.31 -7.34
N LEU C 83 -66.39 -0.73 -7.54
CA LEU C 83 -67.31 -1.23 -8.55
C LEU C 83 -66.76 -0.96 -9.95
N VAL C 84 -66.61 -2.01 -10.74
CA VAL C 84 -66.12 -1.90 -12.12
C VAL C 84 -67.26 -2.23 -13.06
N VAL C 85 -67.61 -1.28 -13.92
CA VAL C 85 -68.70 -1.47 -14.88
C VAL C 85 -68.40 -0.69 -16.15
N SER C 86 -68.35 -1.38 -17.28
CA SER C 86 -68.08 -0.76 -18.57
C SER C 86 -69.39 -0.41 -19.27
N SER C 87 -69.44 0.78 -19.85
CA SER C 87 -70.64 1.26 -20.52
C SER C 87 -70.26 2.00 -21.80
N ASP C 88 -71.18 1.97 -22.77
CA ASP C 88 -71.02 2.68 -24.03
C ASP C 88 -71.96 3.88 -24.15
N ASP C 89 -72.82 4.11 -23.15
CA ASP C 89 -73.73 5.25 -23.21
C ASP C 89 -72.96 6.56 -23.21
N ASP C 90 -71.90 6.65 -22.40
CA ASP C 90 -71.06 7.84 -22.36
C ASP C 90 -71.82 9.05 -21.82
N GLU C 91 -72.63 8.83 -20.80
CA GLU C 91 -73.38 9.91 -20.17
C GLU C 91 -73.83 9.43 -18.79
N PRO C 92 -74.27 10.35 -17.94
CA PRO C 92 -74.60 9.98 -16.56
C PRO C 92 -75.87 9.14 -16.44
N VAL C 93 -75.78 7.86 -16.81
CA VAL C 93 -76.88 6.95 -16.56
C VAL C 93 -77.01 6.68 -15.06
N THR C 94 -78.20 6.25 -14.66
CA THR C 94 -78.50 5.99 -13.25
C THR C 94 -78.96 4.55 -13.09
N MET C 95 -78.13 3.74 -12.46
CA MET C 95 -78.52 2.39 -12.07
C MET C 95 -79.18 2.42 -10.70
N TYR C 96 -79.77 1.30 -10.31
CA TYR C 96 -80.51 1.22 -9.05
C TYR C 96 -80.23 -0.11 -8.36
N LEU C 97 -80.18 -0.05 -7.03
CA LEU C 97 -79.91 -1.22 -6.19
C LEU C 97 -80.92 -1.23 -5.05
N ARG C 98 -81.78 -2.25 -5.02
CA ARG C 98 -82.71 -2.44 -3.91
C ARG C 98 -82.73 -3.90 -3.52
N LYS C 99 -82.49 -4.17 -2.24
CA LYS C 99 -82.60 -5.51 -1.69
C LYS C 99 -83.19 -5.40 -0.29
N GLN C 100 -84.17 -6.25 0.01
CA GLN C 100 -84.89 -6.19 1.26
C GLN C 100 -84.52 -7.37 2.15
N GLY C 101 -84.85 -7.23 3.45
CA GLY C 101 -84.61 -8.28 4.41
C GLY C 101 -83.14 -8.40 4.77
N PRO C 102 -82.84 -9.19 5.81
CA PRO C 102 -81.44 -9.41 6.18
C PRO C 102 -80.69 -10.12 5.07
N GLY C 103 -79.39 -9.86 5.00
CA GLY C 103 -78.56 -10.49 3.98
C GLY C 103 -77.44 -9.59 3.47
N VAL C 104 -76.47 -10.16 2.78
CA VAL C 104 -75.33 -9.42 2.26
C VAL C 104 -75.62 -9.08 0.80
N VAL C 105 -75.61 -7.78 0.50
CA VAL C 105 -75.81 -7.31 -0.87
C VAL C 105 -74.48 -7.34 -1.62
N THR C 106 -74.55 -7.66 -2.90
CA THR C 106 -73.37 -7.71 -3.75
C THR C 106 -73.62 -6.86 -4.99
N ALA C 107 -72.57 -6.71 -5.80
CA ALA C 107 -72.67 -5.96 -7.04
C ALA C 107 -73.59 -6.62 -8.05
N GLY C 108 -74.12 -7.80 -7.76
CA GLY C 108 -75.05 -8.46 -8.65
C GLY C 108 -76.49 -8.09 -8.36
N ASP C 109 -76.77 -7.63 -7.14
CA ASP C 109 -78.12 -7.21 -6.79
C ASP C 109 -78.52 -5.94 -7.52
N ILE C 110 -77.55 -5.09 -7.87
CA ILE C 110 -77.86 -3.85 -8.58
C ILE C 110 -78.27 -4.16 -10.01
N VAL C 111 -79.43 -3.65 -10.41
CA VAL C 111 -79.95 -3.87 -11.76
C VAL C 111 -79.26 -2.90 -12.72
N PRO C 112 -78.52 -3.40 -13.70
CA PRO C 112 -77.83 -2.50 -14.64
C PRO C 112 -78.73 -2.13 -15.80
N PRO C 113 -78.90 -0.84 -16.07
CA PRO C 113 -79.65 -0.44 -17.27
C PRO C 113 -78.94 -0.89 -18.54
N ALA C 114 -79.70 -0.93 -19.62
CA ALA C 114 -79.16 -1.38 -20.90
C ALA C 114 -77.98 -0.50 -21.30
N GLY C 115 -76.83 -1.13 -21.55
CA GLY C 115 -75.61 -0.44 -21.92
C GLY C 115 -74.53 -0.48 -20.86
N VAL C 116 -74.88 -0.80 -19.62
CA VAL C 116 -73.92 -0.88 -18.52
C VAL C 116 -73.80 -2.33 -18.10
N THR C 117 -72.56 -2.78 -17.88
CA THR C 117 -72.28 -4.17 -17.52
C THR C 117 -71.31 -4.19 -16.36
N VAL C 118 -71.77 -4.70 -15.22
CA VAL C 118 -70.91 -4.84 -14.04
C VAL C 118 -70.04 -6.08 -14.21
N HIS C 119 -68.74 -5.94 -13.93
CA HIS C 119 -67.78 -7.01 -14.14
C HIS C 119 -67.39 -7.74 -12.86
N ASN C 120 -67.76 -7.22 -11.69
CA ASN C 120 -67.42 -7.82 -10.40
C ASN C 120 -68.70 -8.09 -9.61
N PRO C 121 -69.47 -9.11 -10.02
CA PRO C 121 -70.73 -9.39 -9.31
C PRO C 121 -70.54 -9.77 -7.86
N ASP C 122 -69.53 -10.61 -7.55
CA ASP C 122 -69.31 -11.08 -6.19
C ASP C 122 -68.84 -9.98 -5.24
N MET C 123 -68.71 -8.74 -5.72
CA MET C 123 -68.18 -7.68 -4.87
C MET C 123 -69.11 -7.39 -3.70
N HIS C 124 -68.54 -7.37 -2.50
CA HIS C 124 -69.30 -7.04 -1.31
C HIS C 124 -69.58 -5.54 -1.26
N ILE C 125 -70.81 -5.17 -0.90
CA ILE C 125 -71.22 -3.78 -0.81
C ILE C 125 -71.67 -3.41 0.59
N ALA C 126 -72.45 -4.27 1.24
CA ALA C 126 -72.92 -3.98 2.59
C ALA C 126 -73.60 -5.21 3.17
N THR C 127 -73.64 -5.26 4.50
CA THR C 127 -74.37 -6.29 5.23
C THR C 127 -75.61 -5.66 5.86
N LEU C 128 -76.73 -6.38 5.81
CA LEU C 128 -78.01 -5.84 6.22
C LEU C 128 -78.39 -6.31 7.62
N ASN C 129 -79.15 -5.46 8.32
CA ASN C 129 -79.72 -5.82 9.59
C ASN C 129 -80.84 -6.84 9.42
N ASP C 130 -81.15 -7.55 10.50
CA ASP C 130 -82.33 -8.40 10.50
C ASP C 130 -83.56 -7.55 10.27
N LYS C 131 -84.36 -7.91 9.26
CA LYS C 131 -85.55 -7.15 8.90
C LYS C 131 -85.18 -5.73 8.46
N GLY C 132 -84.43 -5.66 7.35
CA GLY C 132 -84.03 -4.38 6.79
C GLY C 132 -84.18 -4.37 5.29
N LYS C 133 -84.17 -3.15 4.72
CA LYS C 133 -84.25 -2.95 3.29
C LYS C 133 -83.27 -1.85 2.89
N LEU C 134 -82.88 -1.85 1.62
CA LEU C 134 -81.90 -0.90 1.12
C LEU C 134 -82.30 -0.42 -0.28
N GLU C 135 -82.05 0.87 -0.54
CA GLU C 135 -82.32 1.47 -1.84
C GLU C 135 -81.35 2.62 -2.04
N VAL C 136 -80.45 2.46 -3.01
CA VAL C 136 -79.43 3.45 -3.30
C VAL C 136 -79.44 3.77 -4.79
N GLU C 137 -79.22 5.04 -5.12
CA GLU C 137 -79.16 5.50 -6.50
C GLU C 137 -77.71 5.70 -6.91
N LEU C 138 -77.40 5.38 -8.16
CA LEU C 138 -76.03 5.43 -8.67
C LEU C 138 -75.99 6.20 -9.98
N VAL C 139 -74.93 6.99 -10.14
CA VAL C 139 -74.69 7.77 -11.36
C VAL C 139 -73.37 7.31 -11.94
N VAL C 140 -73.41 6.78 -13.16
CA VAL C 140 -72.23 6.22 -13.82
C VAL C 140 -72.05 6.94 -15.16
N GLU C 141 -70.84 7.41 -15.42
CA GLU C 141 -70.51 8.08 -16.67
C GLU C 141 -69.09 7.69 -17.09
N ARG C 142 -68.85 7.68 -18.39
CA ARG C 142 -67.54 7.33 -18.89
C ARG C 142 -66.50 8.32 -18.38
N GLY C 143 -65.25 7.85 -18.27
CA GLY C 143 -64.22 8.65 -17.67
C GLY C 143 -62.84 8.39 -18.24
N ARG C 144 -61.89 9.20 -17.77
CA ARG C 144 -60.51 9.14 -18.23
C ARG C 144 -59.61 9.60 -17.10
N GLY C 145 -58.77 8.71 -16.59
CA GLY C 145 -57.88 9.04 -15.49
C GLY C 145 -58.54 8.88 -14.14
N TYR C 146 -58.38 9.89 -13.28
CA TYR C 146 -58.95 9.86 -11.93
C TYR C 146 -59.38 11.27 -11.58
N VAL C 147 -60.68 11.51 -11.58
CA VAL C 147 -61.25 12.82 -11.29
C VAL C 147 -61.72 12.83 -9.84
N PRO C 148 -61.22 13.71 -8.99
CA PRO C 148 -61.69 13.77 -7.60
C PRO C 148 -63.18 14.09 -7.54
N ALA C 149 -63.74 13.91 -6.34
CA ALA C 149 -65.17 14.15 -6.12
C ALA C 149 -65.47 15.63 -6.30
N VAL C 150 -66.29 15.95 -7.32
CA VAL C 150 -66.66 17.33 -7.57
C VAL C 150 -67.56 17.84 -6.45
N GLN C 151 -67.50 19.14 -6.20
CA GLN C 151 -68.46 19.79 -5.32
C GLN C 151 -69.86 19.61 -5.89
N ASN C 152 -70.78 19.11 -5.07
CA ASN C 152 -72.07 18.63 -5.57
C ASN C 152 -72.73 19.64 -6.51
N LYS C 153 -73.14 20.80 -5.99
CA LYS C 153 -73.66 21.81 -6.92
C LYS C 153 -73.07 23.19 -6.74
N ALA C 154 -72.84 23.64 -5.51
CA ALA C 154 -72.50 25.03 -5.19
C ALA C 154 -73.53 26.01 -5.75
N SER C 155 -74.67 25.49 -6.20
CA SER C 155 -75.83 26.17 -6.77
C SER C 155 -77.05 25.86 -5.94
N GLY C 156 -78.26 26.10 -6.45
CA GLY C 156 -79.42 25.95 -5.59
C GLY C 156 -79.32 24.66 -4.79
N ALA C 157 -79.63 23.49 -5.34
CA ALA C 157 -78.96 22.24 -4.97
C ALA C 157 -79.70 21.01 -5.48
N GLU C 158 -79.12 19.84 -5.30
CA GLU C 158 -79.91 18.62 -5.11
C GLU C 158 -79.66 18.18 -3.68
N ILE C 159 -80.68 18.31 -2.84
CA ILE C 159 -80.52 17.98 -1.43
C ILE C 159 -80.25 16.49 -1.27
N GLY C 160 -79.29 16.16 -0.42
CA GLY C 160 -78.94 14.77 -0.18
C GLY C 160 -78.22 14.10 -1.32
N ARG C 161 -77.26 14.78 -1.93
CA ARG C 161 -76.48 14.24 -3.03
C ARG C 161 -75.02 14.15 -2.60
N ILE C 162 -74.42 12.98 -2.75
CA ILE C 162 -73.08 12.71 -2.29
C ILE C 162 -72.18 12.48 -3.51
N PRO C 163 -71.26 13.39 -3.82
CA PRO C 163 -70.25 13.08 -4.83
C PRO C 163 -69.18 12.17 -4.26
N VAL C 164 -68.59 11.36 -5.14
CA VAL C 164 -67.59 10.38 -4.74
C VAL C 164 -66.42 10.43 -5.72
N ASP C 165 -65.25 10.06 -5.22
CA ASP C 165 -64.05 10.02 -6.05
C ASP C 165 -64.23 8.98 -7.15
N SER C 166 -63.90 9.35 -8.37
CA SER C 166 -64.14 8.53 -9.56
C SER C 166 -62.82 7.95 -10.05
N ILE C 167 -62.69 6.62 -9.97
CA ILE C 167 -61.53 5.93 -10.52
C ILE C 167 -61.90 5.55 -11.96
N TYR C 168 -61.62 6.47 -12.88
CA TYR C 168 -62.09 6.32 -14.26
C TYR C 168 -61.31 5.24 -15.00
N SER C 169 -59.98 5.28 -14.91
CA SER C 169 -59.15 4.39 -15.70
C SER C 169 -59.21 2.97 -15.14
N PRO C 170 -59.09 1.95 -16.01
CA PRO C 170 -59.07 0.56 -15.52
C PRO C 170 -57.77 0.19 -14.83
N VAL C 171 -56.67 0.89 -15.12
CA VAL C 171 -55.39 0.55 -14.52
C VAL C 171 -55.39 1.03 -13.06
N LEU C 172 -55.11 0.10 -12.14
CA LEU C 172 -55.13 0.44 -10.72
C LEU C 172 -53.91 1.29 -10.34
N LYS C 173 -52.72 0.84 -10.71
CA LYS C 173 -51.50 1.59 -10.44
C LYS C 173 -50.40 1.07 -11.34
N VAL C 174 -49.39 1.92 -11.56
CA VAL C 174 -48.27 1.57 -12.42
C VAL C 174 -47.00 2.21 -11.85
N THR C 175 -45.88 1.49 -11.97
CA THR C 175 -44.58 1.98 -11.56
C THR C 175 -43.54 1.40 -12.51
N TYR C 176 -42.45 2.14 -12.70
CA TYR C 176 -41.43 1.76 -13.67
C TYR C 176 -40.04 1.82 -13.04
N LYS C 177 -39.16 0.97 -13.55
CA LYS C 177 -37.76 0.91 -13.14
C LYS C 177 -36.89 0.83 -14.39
N VAL C 178 -35.59 1.05 -14.21
CA VAL C 178 -34.64 1.08 -15.31
C VAL C 178 -33.36 0.39 -14.89
N GLU C 179 -32.84 -0.49 -15.75
CA GLU C 179 -31.61 -1.20 -15.49
C GLU C 179 -30.74 -1.19 -16.75
N ALA C 180 -29.46 -1.44 -16.55
CA ALA C 180 -28.48 -1.43 -17.64
C ALA C 180 -28.02 -2.86 -17.93
N THR C 181 -27.90 -3.19 -19.22
CA THR C 181 -27.45 -4.49 -19.66
C THR C 181 -26.38 -4.33 -20.73
N ARG C 182 -25.52 -5.33 -20.85
CA ARG C 182 -24.40 -5.25 -21.77
C ARG C 182 -24.90 -5.37 -23.20
N VAL C 183 -24.43 -4.47 -24.05
CA VAL C 183 -24.67 -4.54 -25.49
C VAL C 183 -23.49 -5.17 -26.21
N GLU C 184 -22.60 -5.85 -25.48
CA GLU C 184 -21.45 -6.50 -26.10
C GLU C 184 -20.36 -5.48 -26.37
N GLN C 185 -20.69 -4.19 -26.28
CA GLN C 185 -19.70 -3.13 -26.41
C GLN C 185 -19.62 -2.27 -25.16
N ARG C 186 -20.76 -1.79 -24.66
CA ARG C 186 -20.81 -0.90 -23.51
C ARG C 186 -21.82 -1.43 -22.50
N THR C 187 -21.52 -1.20 -21.22
CA THR C 187 -22.38 -1.68 -20.16
C THR C 187 -23.71 -0.93 -20.11
N ASP C 188 -23.69 0.36 -20.44
CA ASP C 188 -24.81 1.26 -20.19
C ASP C 188 -25.81 1.19 -21.34
N PHE C 189 -26.74 0.24 -21.24
CA PHE C 189 -27.87 0.15 -22.16
C PHE C 189 -29.15 0.01 -21.36
N ASP C 190 -30.14 0.84 -21.68
CA ASP C 190 -31.33 0.92 -20.85
C ASP C 190 -32.17 -0.33 -20.94
N LYS C 191 -32.72 -0.75 -19.79
CA LYS C 191 -33.73 -1.80 -19.73
C LYS C 191 -34.91 -1.25 -18.95
N LEU C 192 -36.08 -1.25 -19.56
CA LEU C 192 -37.27 -0.62 -19.00
C LEU C 192 -38.17 -1.70 -18.40
N ILE C 193 -38.44 -1.58 -17.10
CA ILE C 193 -39.36 -2.46 -16.38
C ILE C 193 -40.57 -1.63 -15.99
N ILE C 194 -41.76 -2.07 -16.39
CA ILE C 194 -43.00 -1.38 -16.06
C ILE C 194 -43.92 -2.38 -15.35
N ASP C 195 -44.60 -1.91 -14.30
CA ASP C 195 -45.42 -2.75 -13.44
C ASP C 195 -46.83 -2.18 -13.41
N VAL C 196 -47.78 -2.90 -14.00
CA VAL C 196 -49.15 -2.44 -14.13
C VAL C 196 -50.09 -3.43 -13.45
N GLU C 197 -50.94 -2.93 -12.57
CA GLU C 197 -52.02 -3.70 -11.95
C GLU C 197 -53.34 -3.17 -12.47
N THR C 198 -54.20 -4.06 -12.96
CA THR C 198 -55.34 -3.65 -13.77
C THR C 198 -56.66 -4.14 -13.19
N LYS C 199 -57.71 -3.38 -13.48
CA LYS C 199 -59.07 -3.83 -13.27
C LYS C 199 -59.38 -4.96 -14.26
N ASN C 200 -60.38 -5.79 -13.91
CA ASN C 200 -60.71 -6.89 -14.79
C ASN C 200 -61.47 -6.45 -16.04
N SER C 201 -61.66 -5.15 -16.24
CA SER C 201 -62.29 -4.67 -17.47
C SER C 201 -61.46 -5.04 -18.69
N ILE C 202 -60.16 -4.78 -18.63
CA ILE C 202 -59.24 -5.06 -19.73
C ILE C 202 -57.98 -5.69 -19.17
N SER C 203 -57.33 -6.51 -19.98
CA SER C 203 -56.11 -7.19 -19.58
C SER C 203 -54.91 -6.25 -19.69
N PRO C 204 -53.78 -6.62 -19.09
CA PRO C 204 -52.59 -5.74 -19.21
C PRO C 204 -52.09 -5.61 -20.64
N ARG C 205 -51.98 -6.73 -21.36
CA ARG C 205 -51.52 -6.68 -22.75
C ARG C 205 -52.32 -5.67 -23.56
N ASP C 206 -53.65 -5.78 -23.52
CA ASP C 206 -54.48 -4.83 -24.25
C ASP C 206 -54.40 -3.43 -23.66
N ALA C 207 -54.19 -3.33 -22.34
CA ALA C 207 -54.08 -2.01 -21.72
C ALA C 207 -52.83 -1.28 -22.19
N LEU C 208 -51.73 -2.00 -22.39
CA LEU C 208 -50.51 -1.38 -22.89
C LEU C 208 -50.69 -0.88 -24.32
N ALA C 209 -51.25 -1.72 -25.19
CA ALA C 209 -51.47 -1.31 -26.57
C ALA C 209 -52.34 -0.06 -26.63
N SER C 210 -53.36 0.02 -25.77
CA SER C 210 -54.15 1.23 -25.68
C SER C 210 -53.28 2.45 -25.42
N ALA C 211 -52.34 2.33 -24.48
CA ALA C 211 -51.42 3.43 -24.22
C ALA C 211 -50.44 3.63 -25.37
N GLY C 212 -50.10 2.56 -26.09
CA GLY C 212 -49.22 2.71 -27.24
C GLY C 212 -49.88 3.43 -28.39
N GLY C 213 -51.16 3.15 -28.64
CA GLY C 213 -51.86 3.83 -29.71
C GLY C 213 -52.10 5.29 -29.42
N THR C 214 -52.67 5.60 -28.26
CA THR C 214 -52.93 6.98 -27.89
C THR C 214 -51.65 7.81 -27.81
N LEU C 215 -50.50 7.17 -27.63
CA LEU C 215 -49.23 7.88 -27.57
C LEU C 215 -48.60 8.06 -28.95
N VAL C 216 -48.62 7.02 -29.79
CA VAL C 216 -48.02 7.13 -31.11
C VAL C 216 -48.81 8.11 -31.96
N GLU C 217 -50.14 8.08 -31.88
CA GLU C 217 -50.95 9.07 -32.58
C GLU C 217 -50.77 10.45 -31.99
N LEU C 218 -50.43 10.53 -30.70
CA LEU C 218 -50.17 11.82 -30.07
C LEU C 218 -48.93 12.47 -30.66
N PHE C 219 -47.86 11.70 -30.84
CA PHE C 219 -46.63 12.20 -31.43
C PHE C 219 -46.71 12.30 -32.95
N GLY C 220 -47.75 11.75 -33.57
CA GLY C 220 -47.89 11.90 -35.01
C GLY C 220 -48.01 13.34 -35.45
N LEU C 221 -48.53 14.20 -34.58
CA LEU C 221 -48.61 15.63 -34.90
C LEU C 221 -47.23 16.18 -35.21
N ALA C 222 -46.29 16.03 -34.27
CA ALA C 222 -44.93 16.54 -34.48
C ALA C 222 -44.31 15.95 -35.74
N ARG C 223 -44.51 14.65 -35.97
CA ARG C 223 -44.01 14.04 -37.19
C ARG C 223 -44.64 14.63 -38.43
N GLU C 224 -45.90 15.06 -38.33
CA GLU C 224 -46.60 15.57 -39.51
C GLU C 224 -45.98 16.88 -40.01
N LEU C 225 -45.32 17.63 -39.13
CA LEU C 225 -44.78 18.93 -39.53
C LEU C 225 -43.84 18.79 -40.72
N ASN C 226 -42.89 17.87 -40.64
CA ASN C 226 -41.96 17.60 -41.75
C ASN C 226 -42.09 16.19 -42.29
N ALA C 227 -42.00 15.17 -41.44
CA ALA C 227 -42.18 13.77 -41.81
C ALA C 227 -41.05 13.22 -42.68
N ASP C 228 -39.94 13.96 -42.84
CA ASP C 228 -38.82 13.43 -43.62
C ASP C 228 -37.47 13.77 -42.99
N SER C 229 -37.41 14.04 -41.69
CA SER C 229 -36.17 14.43 -41.06
C SER C 229 -35.28 13.24 -40.70
N GLU C 230 -35.68 12.00 -41.02
CA GLU C 230 -34.79 10.84 -40.93
C GLU C 230 -34.51 10.41 -39.50
N HIS C 231 -35.50 10.55 -38.61
CA HIS C 231 -35.34 10.44 -37.16
C HIS C 231 -34.49 9.25 -36.68
N ILE C 232 -35.06 8.04 -36.76
CA ILE C 232 -34.41 6.79 -36.38
C ILE C 232 -35.26 5.69 -36.99
N GLU C 233 -34.60 4.66 -37.53
CA GLU C 233 -35.34 3.60 -38.22
C GLU C 233 -35.99 2.65 -37.23
N ILE C 234 -35.24 2.14 -36.26
CA ILE C 234 -35.69 1.12 -35.33
C ILE C 234 -35.92 -0.23 -36.00
N GLY C 235 -35.33 -0.41 -37.19
CA GLY C 235 -35.43 -1.66 -37.91
C GLY C 235 -36.86 -2.12 -38.10
N PRO C 236 -37.02 -3.41 -38.46
CA PRO C 236 -38.33 -4.05 -38.60
C PRO C 236 -38.64 -5.03 -37.48
N ASN D 21 -4.25 45.51 -10.05
CA ASN D 21 -4.26 46.94 -9.73
C ASN D 21 -2.91 47.58 -9.99
N SER D 22 -2.92 48.74 -10.65
CA SER D 22 -1.70 49.48 -10.96
C SER D 22 -0.75 48.68 -11.84
N VAL D 23 -1.30 47.77 -12.65
CA VAL D 23 -0.50 47.00 -13.61
C VAL D 23 -1.08 47.22 -15.00
N PRO D 24 -0.25 47.43 -16.02
CA PRO D 24 -0.79 47.73 -17.35
C PRO D 24 -1.64 46.60 -17.93
N GLY D 25 -1.13 45.37 -17.89
CA GLY D 25 -1.87 44.24 -18.45
C GLY D 25 -3.02 43.75 -17.59
N ALA D 26 -3.18 44.31 -16.40
CA ALA D 26 -4.19 43.81 -15.48
C ALA D 26 -5.59 43.94 -16.10
N PRO D 27 -6.41 42.89 -16.06
CA PRO D 27 -7.81 43.03 -16.49
C PRO D 27 -8.64 43.78 -15.46
N ASN D 28 -9.96 43.85 -15.68
CA ASN D 28 -10.85 44.66 -14.85
C ASN D 28 -11.62 43.72 -13.92
N ARG D 29 -11.20 43.67 -12.65
CA ARG D 29 -11.88 42.88 -11.62
C ARG D 29 -12.17 43.79 -10.44
N VAL D 30 -13.44 43.94 -10.11
CA VAL D 30 -13.88 44.88 -9.08
C VAL D 30 -13.60 44.30 -7.70
N SER D 31 -13.19 45.17 -6.78
CA SER D 31 -12.81 44.76 -5.43
C SER D 31 -13.73 45.42 -4.41
N PHE D 32 -14.18 44.63 -3.44
CA PHE D 32 -15.04 45.12 -2.37
C PHE D 32 -14.26 45.72 -1.22
N ALA D 33 -13.00 45.32 -1.03
CA ALA D 33 -12.24 45.62 0.18
C ALA D 33 -12.41 47.06 0.60
N LYS D 34 -12.82 47.27 1.84
CA LYS D 34 -13.13 48.60 2.34
C LYS D 34 -11.88 49.39 2.71
N LEU D 35 -10.70 48.83 2.56
CA LEU D 35 -9.45 49.50 2.90
C LEU D 35 -8.58 49.66 1.65
N ARG D 36 -7.54 50.47 1.77
CA ARG D 36 -6.76 50.91 0.62
C ARG D 36 -5.73 49.86 0.23
N GLU D 37 -4.81 50.22 -0.65
CA GLU D 37 -3.81 49.30 -1.14
C GLU D 37 -3.04 48.69 0.03
N PRO D 38 -2.73 47.40 0.00
CA PRO D 38 -2.12 46.77 1.18
C PRO D 38 -0.73 47.28 1.48
N LEU D 39 0.18 47.14 0.53
CA LEU D 39 1.58 47.49 0.74
C LEU D 39 2.31 47.33 -0.59
N GLU D 40 3.64 47.46 -0.53
CA GLU D 40 4.48 47.12 -1.68
C GLU D 40 4.10 45.78 -2.27
N VAL D 41 3.60 44.85 -1.47
CA VAL D 41 3.35 43.49 -1.92
C VAL D 41 4.66 42.95 -2.46
N PRO D 42 5.65 42.72 -1.61
CA PRO D 42 7.02 42.50 -2.11
C PRO D 42 7.10 41.29 -3.03
N GLY D 43 8.07 41.35 -3.95
CA GLY D 43 8.32 40.24 -4.84
C GLY D 43 8.41 38.93 -4.09
N LEU D 44 7.46 38.03 -4.36
CA LEU D 44 7.35 36.81 -3.56
C LEU D 44 8.60 35.94 -3.69
N LEU D 45 9.23 35.93 -4.87
CA LEU D 45 10.42 35.12 -5.10
C LEU D 45 11.70 35.72 -4.53
N ASP D 46 11.64 36.95 -4.00
CA ASP D 46 12.87 37.64 -3.60
C ASP D 46 13.61 36.86 -2.52
N VAL D 47 12.89 36.20 -1.62
CA VAL D 47 13.55 35.51 -0.50
C VAL D 47 14.62 34.56 -1.01
N GLN D 48 14.32 33.81 -2.07
CA GLN D 48 15.30 32.89 -2.63
C GLN D 48 16.41 33.62 -3.38
N THR D 49 16.10 34.77 -3.97
CA THR D 49 17.09 35.51 -4.75
C THR D 49 18.04 36.30 -3.86
N ASP D 50 17.50 37.04 -2.89
CA ASP D 50 18.34 37.90 -2.06
C ASP D 50 19.41 37.10 -1.33
N SER D 51 19.07 35.91 -0.84
CA SER D 51 20.06 35.07 -0.18
C SER D 51 21.16 34.66 -1.15
N PHE D 52 20.80 34.42 -2.41
CA PHE D 52 21.80 34.01 -3.40
C PHE D 52 22.66 35.20 -3.83
N GLU D 53 22.06 36.37 -3.99
CA GLU D 53 22.83 37.56 -4.32
C GLU D 53 23.91 37.82 -3.27
N TRP D 54 23.55 37.68 -1.99
CA TRP D 54 24.54 37.84 -0.93
C TRP D 54 25.60 36.74 -1.00
N LEU D 55 25.18 35.48 -1.04
CA LEU D 55 26.13 34.38 -1.04
C LEU D 55 27.11 34.49 -2.20
N VAL D 56 26.61 34.87 -3.38
CA VAL D 56 27.49 35.03 -4.54
C VAL D 56 28.16 36.40 -4.57
N GLY D 57 27.76 37.32 -3.70
CA GLY D 57 28.32 38.66 -3.73
C GLY D 57 28.03 39.40 -5.02
N SER D 58 26.80 39.28 -5.52
CA SER D 58 26.44 39.94 -6.77
C SER D 58 26.58 41.46 -6.63
N ASP D 59 26.90 42.11 -7.75
CA ASP D 59 27.04 43.56 -7.73
C ASP D 59 25.77 44.23 -7.22
N ARG D 60 24.61 43.75 -7.65
CA ARG D 60 23.35 44.33 -7.19
C ARG D 60 23.22 44.27 -5.67
N TRP D 61 23.54 43.10 -5.10
CA TRP D 61 23.54 42.96 -3.65
C TRP D 61 24.50 43.96 -3.01
N PRO D 73 30.19 46.40 3.32
CA PRO D 73 29.41 45.20 3.02
C PRO D 73 30.25 44.06 2.47
N VAL D 74 30.49 43.04 3.28
CA VAL D 74 31.32 41.89 2.89
C VAL D 74 30.43 40.76 2.39
N GLY D 75 30.71 40.26 1.20
CA GLY D 75 29.92 39.19 0.65
C GLY D 75 30.10 37.89 1.41
N GLY D 76 29.05 37.07 1.39
CA GLY D 76 29.12 35.78 2.06
C GLY D 76 30.18 34.87 1.47
N LEU D 77 30.33 34.89 0.14
CA LEU D 77 31.37 34.09 -0.49
C LEU D 77 32.76 34.57 -0.07
N GLU D 78 32.94 35.88 0.07
CA GLU D 78 34.21 36.43 0.50
C GLU D 78 34.47 36.18 1.98
N GLU D 79 33.40 36.03 2.77
CA GLU D 79 33.57 35.89 4.21
C GLU D 79 34.16 34.55 4.59
N VAL D 80 33.71 33.48 3.92
CA VAL D 80 34.16 32.14 4.30
C VAL D 80 35.67 32.00 4.21
N LEU D 81 36.27 32.53 3.14
CA LEU D 81 37.71 32.42 2.98
C LEU D 81 38.47 33.25 4.00
N ALA D 82 37.91 34.40 4.40
CA ALA D 82 38.59 35.25 5.37
C ALA D 82 38.84 34.50 6.68
N GLU D 83 37.89 33.69 7.12
CA GLU D 83 38.05 32.96 8.37
C GLU D 83 39.32 32.11 8.35
N LEU D 84 39.48 31.29 7.31
CA LEU D 84 40.64 30.40 7.27
C LEU D 84 41.87 31.06 6.67
N SER D 85 41.71 32.18 5.99
CA SER D 85 42.85 32.88 5.44
C SER D 85 43.63 33.58 6.55
N PRO D 86 44.96 33.40 6.64
CA PRO D 86 45.73 32.32 6.00
C PRO D 86 46.20 31.28 7.01
N ILE D 87 46.26 30.01 6.61
CA ILE D 87 46.88 28.97 7.44
C ILE D 87 48.12 28.44 6.73
N PRO D 101 39.16 34.80 -6.89
CA PRO D 101 37.82 34.99 -6.32
C PRO D 101 36.81 35.48 -7.36
N ARG D 102 36.57 34.66 -8.38
CA ARG D 102 35.66 35.03 -9.45
C ARG D 102 35.09 33.78 -10.10
N PHE D 103 33.97 33.95 -10.79
CA PHE D 103 33.29 32.87 -11.50
C PHE D 103 33.08 33.28 -12.95
N ASP D 104 33.41 32.38 -13.87
CA ASP D 104 33.25 32.65 -15.29
C ASP D 104 31.80 32.46 -15.71
N GLU D 105 31.43 33.10 -16.82
CA GLU D 105 30.06 33.03 -17.32
C GLU D 105 29.57 31.58 -17.37
N VAL D 106 28.28 31.41 -17.17
CA VAL D 106 27.69 30.07 -17.07
C VAL D 106 28.06 29.26 -18.31
N LYS D 107 28.30 27.96 -18.09
CA LYS D 107 28.69 27.08 -19.19
C LYS D 107 27.58 27.02 -20.25
N ALA D 108 26.41 26.52 -19.87
CA ALA D 108 25.29 26.35 -20.78
C ALA D 108 24.05 27.03 -20.23
N SER D 109 23.08 27.23 -21.11
CA SER D 109 21.84 27.89 -20.73
C SER D 109 20.93 26.92 -19.97
N VAL D 110 19.94 27.49 -19.29
CA VAL D 110 19.00 26.68 -18.52
C VAL D 110 18.30 25.67 -19.42
N ASP D 111 17.77 26.14 -20.55
CA ASP D 111 17.16 25.25 -21.52
C ASP D 111 18.15 24.18 -21.97
N GLU D 112 19.41 24.57 -22.16
CA GLU D 112 20.42 23.62 -22.64
C GLU D 112 20.76 22.58 -21.59
N CYS D 113 20.75 22.96 -20.31
CA CYS D 113 21.09 22.01 -19.25
C CYS D 113 19.97 21.01 -19.04
N LYS D 114 18.72 21.46 -19.00
CA LYS D 114 17.60 20.53 -18.83
C LYS D 114 17.51 19.55 -19.98
N ASP D 115 18.00 19.93 -21.16
CA ASP D 115 17.97 19.02 -22.30
C ASP D 115 19.14 18.05 -22.27
N LYS D 116 20.34 18.55 -22.01
CA LYS D 116 21.55 17.72 -22.02
C LYS D 116 21.80 16.99 -20.71
N ASP D 117 20.94 17.17 -19.72
CA ASP D 117 21.06 16.47 -18.43
C ASP D 117 22.33 16.85 -17.68
N MET D 118 22.75 18.10 -17.78
CA MET D 118 23.89 18.61 -17.04
C MET D 118 23.42 19.61 -15.99
N THR D 119 24.35 20.15 -15.23
CA THR D 119 24.06 21.02 -14.10
C THR D 119 24.39 22.47 -14.45
N TYR D 120 23.40 23.36 -14.26
CA TYR D 120 23.60 24.79 -14.43
C TYR D 120 24.62 25.28 -13.40
N ALA D 121 25.82 25.65 -13.85
CA ALA D 121 26.89 25.99 -12.94
C ALA D 121 27.87 26.96 -13.60
N ALA D 122 28.58 27.70 -12.76
CA ALA D 122 29.63 28.61 -13.20
C ALA D 122 30.93 28.24 -12.49
N PRO D 123 31.99 27.88 -13.21
CA PRO D 123 33.24 27.49 -12.55
C PRO D 123 33.73 28.57 -11.61
N LEU D 124 34.37 28.14 -10.52
CA LEU D 124 34.80 29.07 -9.49
C LEU D 124 36.32 29.16 -9.37
N PHE D 125 37.02 28.05 -9.17
CA PHE D 125 38.46 28.04 -8.80
C PHE D 125 38.93 29.35 -8.16
N ASP D 147 33.16 23.84 -10.85
CA ASP D 147 31.87 24.29 -11.35
C ASP D 147 30.89 24.54 -10.19
N PHE D 148 30.51 25.80 -10.01
CA PHE D 148 29.66 26.18 -8.89
C PHE D 148 28.23 26.38 -9.37
N PRO D 149 27.27 25.58 -8.89
CA PRO D 149 25.90 25.71 -9.38
C PRO D 149 25.33 27.11 -9.13
N MET D 150 24.53 27.58 -10.07
CA MET D 150 23.94 28.92 -10.05
C MET D 150 22.43 28.82 -9.90
N MET D 151 21.82 29.97 -9.63
CA MET D 151 20.37 30.10 -9.47
C MET D 151 19.79 30.89 -10.64
N THR D 152 18.61 30.47 -11.09
CA THR D 152 17.98 31.05 -12.26
C THR D 152 17.06 32.20 -11.85
N GLU D 153 16.25 32.68 -12.80
CA GLU D 153 15.30 33.76 -12.51
C GLU D 153 14.13 33.29 -11.68
N LYS D 154 13.80 32.00 -11.71
CA LYS D 154 12.76 31.43 -10.88
C LYS D 154 13.30 30.97 -9.52
N GLY D 155 14.51 31.36 -9.16
CA GLY D 155 15.09 30.95 -7.90
C GLY D 155 15.29 29.45 -7.77
N THR D 156 15.60 28.77 -8.88
CA THR D 156 15.76 27.33 -8.89
C THR D 156 17.16 26.96 -9.39
N PHE D 157 17.55 25.73 -9.11
CA PHE D 157 18.81 25.17 -9.58
C PHE D 157 18.53 24.04 -10.56
N ILE D 158 19.48 23.85 -11.49
CA ILE D 158 19.46 22.70 -12.40
C ILE D 158 20.64 21.82 -12.00
N ILE D 159 20.33 20.62 -11.51
CA ILE D 159 21.35 19.66 -11.07
C ILE D 159 21.14 18.39 -11.88
N ASN D 160 22.03 18.14 -12.84
CA ASN D 160 21.95 16.95 -13.70
C ASN D 160 20.69 16.96 -14.55
N GLY D 161 20.23 18.15 -14.95
CA GLY D 161 19.10 18.30 -15.84
C GLY D 161 17.76 18.47 -15.16
N THR D 162 17.68 18.29 -13.85
CA THR D 162 16.43 18.40 -13.12
C THR D 162 16.36 19.72 -12.37
N GLU D 163 15.21 20.38 -12.45
CA GLU D 163 15.01 21.68 -11.80
C GLU D 163 14.74 21.45 -10.32
N ARG D 164 15.55 22.05 -9.46
CA ARG D 164 15.51 21.80 -8.03
C ARG D 164 15.38 23.11 -7.27
N VAL D 165 14.91 22.99 -6.01
CA VAL D 165 14.73 24.12 -5.11
C VAL D 165 15.30 23.75 -3.76
N VAL D 166 15.95 24.71 -3.11
CA VAL D 166 16.55 24.51 -1.80
C VAL D 166 15.66 25.22 -0.78
N VAL D 167 15.02 24.44 0.10
CA VAL D 167 14.14 25.02 1.10
C VAL D 167 14.97 25.75 2.16
N SER D 168 14.35 26.73 2.80
CA SER D 168 15.02 27.55 3.81
C SER D 168 14.73 26.99 5.19
N GLN D 169 15.79 26.65 5.93
CA GLN D 169 15.66 26.06 7.25
C GLN D 169 15.44 27.13 8.31
N LEU D 170 14.61 26.80 9.30
CA LEU D 170 14.42 27.60 10.51
C LEU D 170 15.12 26.87 11.64
N VAL D 171 16.02 27.57 12.33
CA VAL D 171 17.03 26.98 13.20
C VAL D 171 17.21 27.82 14.46
N ARG D 172 16.13 27.93 15.25
CA ARG D 172 15.83 29.10 16.06
C ARG D 172 17.00 29.54 16.94
N SER D 173 16.79 30.68 17.59
CA SER D 173 17.67 31.21 18.62
C SER D 173 18.22 32.52 18.13
N ASN D 366 10.20 33.23 19.83
CA ASN D 366 10.86 33.81 18.67
C ASN D 366 11.87 32.85 18.07
N ARG D 367 11.94 32.80 16.74
CA ARG D 367 12.84 31.91 16.03
C ARG D 367 13.42 32.63 14.82
N ARG D 368 14.57 32.15 14.37
CA ARG D 368 15.26 32.69 13.21
C ARG D 368 15.44 31.59 12.17
N LEU D 369 15.28 31.95 10.90
CA LEU D 369 15.43 31.00 9.80
C LEU D 369 16.70 31.31 9.00
N ARG D 370 17.33 30.25 8.51
CA ARG D 370 18.53 30.35 7.69
C ARG D 370 18.12 30.28 6.22
N THR D 371 18.35 31.37 5.49
CA THR D 371 18.00 31.41 4.08
C THR D 371 19.00 30.57 3.26
N VAL D 372 18.68 30.39 1.99
CA VAL D 372 19.42 29.44 1.16
C VAL D 372 20.89 29.82 1.07
N GLY D 373 21.19 31.11 1.02
CA GLY D 373 22.57 31.55 0.94
C GLY D 373 23.41 31.06 2.09
N GLU D 374 22.98 31.37 3.32
CA GLU D 374 23.68 30.87 4.49
C GLU D 374 23.73 29.35 4.52
N LEU D 375 22.68 28.70 4.00
CA LEU D 375 22.67 27.24 3.94
C LEU D 375 23.81 26.72 3.07
N ILE D 376 23.96 27.28 1.88
CA ILE D 376 25.04 26.84 0.99
C ILE D 376 26.40 27.24 1.55
N GLN D 377 26.49 28.36 2.27
CA GLN D 377 27.75 28.78 2.87
C GLN D 377 28.22 27.76 3.90
N ASN D 378 27.34 27.37 4.82
CA ASN D 378 27.73 26.44 5.87
C ASN D 378 28.22 25.12 5.31
N GLN D 379 27.66 24.68 4.17
CA GLN D 379 28.16 23.47 3.53
C GLN D 379 29.56 23.68 2.95
N ILE D 380 29.89 24.92 2.58
CA ILE D 380 31.22 25.21 2.06
C ILE D 380 32.28 24.98 3.13
N ARG D 381 31.98 25.35 4.38
CA ARG D 381 32.98 25.31 5.43
C ARG D 381 33.47 23.88 5.68
N VAL D 382 32.56 22.91 5.64
CA VAL D 382 32.95 21.52 5.85
C VAL D 382 33.98 21.09 4.80
N GLY D 383 33.79 21.54 3.56
CA GLY D 383 34.75 21.21 2.51
C GLY D 383 36.09 21.90 2.68
N LEU D 384 36.07 23.13 3.22
CA LEU D 384 37.33 23.85 3.44
C LEU D 384 38.12 23.23 4.58
N SER D 385 37.47 22.96 5.71
CA SER D 385 38.15 22.33 6.84
C SER D 385 38.66 20.95 6.46
N ARG D 386 37.84 20.17 5.76
CA ARG D 386 38.27 18.84 5.34
C ARG D 386 39.38 18.92 4.30
N MET D 387 39.28 19.89 3.39
CA MET D 387 40.35 20.09 2.40
C MET D 387 41.62 20.62 3.05
N GLU D 388 41.47 21.50 4.03
CA GLU D 388 42.65 22.03 4.73
C GLU D 388 43.29 20.98 5.62
N ARG D 389 42.50 20.02 6.12
CA ARG D 389 43.06 18.95 6.92
C ARG D 389 44.07 18.14 6.11
N VAL D 390 43.79 17.91 4.84
CA VAL D 390 44.75 17.22 3.98
C VAL D 390 45.93 18.13 3.65
N VAL D 391 45.70 19.44 3.57
CA VAL D 391 46.80 20.38 3.29
C VAL D 391 47.89 20.24 4.34
N ARG D 392 47.50 20.24 5.62
CA ARG D 392 48.48 20.08 6.69
C ARG D 392 49.28 18.79 6.51
N GLU D 393 48.58 17.68 6.25
CA GLU D 393 49.27 16.41 6.01
C GLU D 393 50.13 16.50 4.74
N ARG D 394 49.67 17.22 3.74
CA ARG D 394 50.43 17.34 2.49
C ARG D 394 51.67 18.21 2.69
N MET D 395 51.51 19.37 3.33
CA MET D 395 52.63 20.27 3.52
C MET D 395 53.62 19.78 4.57
N THR D 396 53.20 18.85 5.44
CA THR D 396 54.11 18.26 6.41
C THR D 396 54.86 17.07 5.83
N THR D 397 54.21 16.28 4.99
CA THR D 397 54.83 15.09 4.40
C THR D 397 55.63 15.48 3.17
N GLN D 398 56.88 15.85 3.36
CA GLN D 398 57.82 15.94 2.25
C GLN D 398 59.15 16.50 2.71
N ASP D 399 60.09 16.60 1.79
CA ASP D 399 60.99 17.72 1.83
C ASP D 399 60.22 18.95 1.34
N VAL D 400 60.77 20.14 1.56
CA VAL D 400 60.04 21.38 1.26
C VAL D 400 60.61 22.06 0.04
N GLU D 401 59.92 23.09 -0.43
CA GLU D 401 60.37 23.89 -1.58
C GLU D 401 60.00 23.20 -2.87
N ALA D 402 59.47 21.98 -2.77
CA ALA D 402 58.73 21.37 -3.87
C ALA D 402 57.24 21.67 -3.79
N ILE D 403 56.78 22.15 -2.64
CA ILE D 403 55.35 22.39 -2.43
C ILE D 403 54.86 23.54 -3.30
N THR D 404 53.77 23.30 -4.01
CA THR D 404 53.02 24.31 -4.72
C THR D 404 51.57 24.28 -4.24
N PRO D 405 50.82 25.36 -4.44
CA PRO D 405 49.43 25.36 -3.95
C PRO D 405 48.59 24.25 -4.55
N GLN D 406 48.81 23.94 -5.83
CA GLN D 406 48.01 22.90 -6.48
C GLN D 406 48.32 21.52 -5.89
N THR D 407 49.59 21.15 -5.84
CA THR D 407 49.96 19.85 -5.27
C THR D 407 49.48 19.73 -3.83
N LEU D 408 49.50 20.84 -3.09
CA LEU D 408 49.08 20.83 -1.70
C LEU D 408 47.57 20.67 -1.54
N ILE D 409 46.79 21.03 -2.55
CA ILE D 409 45.34 21.08 -2.43
C ILE D 409 44.68 20.31 -3.58
N ASN D 410 44.05 19.20 -3.24
CA ASN D 410 43.08 18.55 -4.12
C ASN D 410 41.69 19.06 -3.74
N ILE D 411 40.98 19.66 -4.69
CA ILE D 411 39.74 20.37 -4.39
C ILE D 411 38.57 19.39 -4.35
N ARG D 412 38.88 18.09 -4.37
CA ARG D 412 37.84 17.07 -4.27
C ARG D 412 36.90 17.29 -3.09
N PRO D 413 37.38 17.56 -1.87
CA PRO D 413 36.43 17.75 -0.76
C PRO D 413 35.51 18.95 -0.94
N VAL D 414 35.97 20.01 -1.61
CA VAL D 414 35.11 21.17 -1.83
C VAL D 414 33.97 20.83 -2.77
N VAL D 415 34.29 20.34 -3.97
CA VAL D 415 33.25 20.00 -4.94
C VAL D 415 32.33 18.93 -4.40
N ALA D 416 32.90 17.90 -3.76
CA ALA D 416 32.09 16.81 -3.24
C ALA D 416 31.05 17.30 -2.25
N ALA D 417 31.44 18.17 -1.33
CA ALA D 417 30.50 18.66 -0.32
C ALA D 417 29.34 19.42 -0.97
N ILE D 418 29.62 20.18 -2.02
CA ILE D 418 28.56 20.95 -2.67
C ILE D 418 27.65 20.02 -3.46
N LYS D 419 28.24 19.13 -4.27
CA LYS D 419 27.44 18.15 -5.00
C LYS D 419 26.70 17.22 -4.05
N GLU D 420 27.32 16.89 -2.92
CA GLU D 420 26.69 16.05 -1.91
C GLU D 420 25.66 16.80 -1.09
N PHE D 421 25.63 18.13 -1.16
CA PHE D 421 24.61 18.88 -0.43
C PHE D 421 23.32 18.99 -1.23
N PHE D 422 23.41 19.47 -2.48
CA PHE D 422 22.20 19.58 -3.29
C PHE D 422 21.47 18.25 -3.39
N GLY D 423 22.22 17.16 -3.55
CA GLY D 423 21.63 15.84 -3.46
C GLY D 423 21.73 15.27 -2.05
N THR D 424 20.86 14.29 -1.78
CA THR D 424 20.87 13.57 -0.51
C THR D 424 20.84 14.52 0.68
N SER D 425 20.09 15.61 0.54
CA SER D 425 19.91 16.57 1.62
C SER D 425 18.43 16.87 1.79
N GLN D 426 18.01 17.05 3.04
CA GLN D 426 16.59 17.28 3.31
C GLN D 426 16.15 18.66 2.83
N LEU D 427 17.06 19.63 2.81
CA LEU D 427 16.69 20.99 2.40
C LEU D 427 16.50 21.08 0.89
N SER D 428 17.36 20.44 0.12
CA SER D 428 17.26 20.48 -1.33
C SER D 428 16.24 19.45 -1.81
N GLN D 429 15.23 19.93 -2.52
CA GLN D 429 14.12 19.08 -2.97
C GLN D 429 13.82 19.34 -4.44
N PHE D 430 13.34 18.30 -5.11
CA PHE D 430 12.85 18.46 -6.48
C PHE D 430 11.70 19.46 -6.51
N MET D 431 11.77 20.42 -7.42
CA MET D 431 10.73 21.45 -7.49
C MET D 431 9.39 20.82 -7.82
N ASP D 432 8.45 20.92 -6.88
CA ASP D 432 7.09 20.44 -7.09
C ASP D 432 6.40 21.37 -8.08
N GLN D 433 6.10 20.87 -9.27
CA GLN D 433 5.51 21.71 -10.32
C GLN D 433 4.49 20.89 -11.12
N ASN D 434 3.23 20.95 -10.69
CA ASN D 434 2.10 20.62 -11.54
C ASN D 434 1.25 21.85 -11.87
N ASN D 435 1.53 22.97 -11.22
CA ASN D 435 0.92 24.25 -11.56
C ASN D 435 1.82 25.35 -11.02
N PRO D 436 1.76 26.56 -11.58
CA PRO D 436 2.65 27.64 -11.10
C PRO D 436 2.55 27.90 -9.61
N LEU D 437 1.38 27.71 -9.02
CA LEU D 437 1.22 27.93 -7.58
C LEU D 437 2.05 26.93 -6.78
N SER D 438 1.97 25.65 -7.14
CA SER D 438 2.72 24.63 -6.42
C SER D 438 4.21 24.96 -6.40
N GLY D 439 4.78 25.30 -7.55
CA GLY D 439 6.18 25.66 -7.60
C GLY D 439 6.48 26.94 -6.82
N LEU D 440 5.54 27.88 -6.82
CA LEU D 440 5.75 29.13 -6.09
C LEU D 440 5.75 28.88 -4.58
N THR D 441 4.86 28.03 -4.10
CA THR D 441 4.79 27.74 -2.66
C THR D 441 5.84 26.73 -2.21
N HIS D 442 6.38 25.92 -3.12
CA HIS D 442 7.53 25.09 -2.76
C HIS D 442 8.70 25.97 -2.37
N LYS D 443 9.04 26.94 -3.23
CA LYS D 443 9.80 28.09 -2.77
C LYS D 443 8.99 28.83 -1.71
N ARG D 444 9.68 29.45 -0.77
CA ARG D 444 9.08 30.19 0.34
C ARG D 444 8.59 29.25 1.44
N ARG D 445 8.73 27.93 1.28
CA ARG D 445 8.37 27.01 2.33
C ARG D 445 9.50 26.93 3.35
N LEU D 446 9.14 26.84 4.62
CA LEU D 446 10.09 26.86 5.72
C LEU D 446 10.15 25.48 6.37
N LEU D 447 11.30 25.13 6.93
CA LEU D 447 11.52 23.80 7.47
C LEU D 447 12.25 23.86 8.79
N ALA D 448 11.98 22.84 9.62
CA ALA D 448 12.65 22.65 10.90
C ALA D 448 13.17 21.23 10.97
N LEU D 449 14.24 21.04 11.73
CA LEU D 449 14.87 19.74 11.88
C LEU D 449 13.86 18.68 12.34
N GLY D 486 3.98 21.25 12.59
CA GLY D 486 4.82 22.21 13.28
C GLY D 486 6.20 22.30 12.62
N LEU D 487 6.67 21.17 12.10
CA LEU D 487 8.00 21.14 11.48
C LEU D 487 8.00 21.88 10.14
N ILE D 488 6.91 21.78 9.38
CA ILE D 488 6.84 22.35 8.03
C ILE D 488 5.80 23.46 7.98
N GLY D 489 6.16 24.55 7.32
CA GLY D 489 5.26 25.67 7.14
C GLY D 489 5.76 26.59 6.05
N SER D 490 4.86 27.44 5.57
CA SER D 490 5.16 28.38 4.50
C SER D 490 5.15 29.80 5.03
N LEU D 491 5.72 30.71 4.24
CA LEU D 491 5.97 32.08 4.67
C LEU D 491 4.75 32.95 4.46
N SER D 492 4.71 34.07 5.20
CA SER D 492 3.63 35.02 5.09
C SER D 492 3.72 35.79 3.77
N VAL D 493 2.58 36.34 3.35
CA VAL D 493 2.52 37.05 2.08
C VAL D 493 3.43 38.27 2.10
N TYR D 494 3.17 39.20 3.01
CA TYR D 494 3.96 40.41 3.11
C TYR D 494 5.23 40.23 3.93
N ALA D 495 5.49 39.02 4.42
CA ALA D 495 6.71 38.77 5.17
C ALA D 495 7.94 39.09 4.32
N ARG D 496 8.91 39.78 4.92
CA ARG D 496 10.17 40.11 4.26
C ARG D 496 11.29 39.79 5.25
N VAL D 497 12.05 38.72 4.95
CA VAL D 497 13.13 38.32 5.85
C VAL D 497 14.16 39.45 5.94
N ASN D 498 14.83 39.53 7.09
CA ASN D 498 15.85 40.54 7.30
C ASN D 498 17.22 39.98 6.91
N PRO D 499 18.22 40.87 6.73
CA PRO D 499 19.54 40.42 6.27
C PRO D 499 20.03 39.11 6.87
N PHE D 500 19.96 38.96 8.19
CA PHE D 500 20.41 37.70 8.78
C PHE D 500 19.43 36.57 8.52
N GLY D 501 18.14 36.88 8.41
CA GLY D 501 17.13 35.85 8.43
C GLY D 501 16.16 35.97 9.58
N PHE D 502 15.85 37.21 9.98
CA PHE D 502 14.81 37.49 10.96
C PHE D 502 13.60 38.05 10.22
N ILE D 503 12.45 37.39 10.37
CA ILE D 503 11.25 37.81 9.65
C ILE D 503 10.84 39.22 10.06
N GLU D 504 10.66 40.08 9.06
CA GLU D 504 10.23 41.45 9.26
C GLU D 504 8.83 41.62 8.67
N THR D 505 7.92 42.17 9.46
CA THR D 505 6.55 42.36 9.03
C THR D 505 6.25 43.84 8.87
N PRO D 506 5.67 44.26 7.73
CA PRO D 506 5.38 45.67 7.46
C PRO D 506 4.41 46.28 8.48
N ASP D 520 6.47 50.95 8.07
CA ASP D 520 7.72 50.24 7.81
C ASP D 520 7.73 48.87 8.47
N TYR D 521 8.65 48.02 8.05
CA TYR D 521 8.75 46.67 8.61
C TYR D 521 9.14 46.74 10.09
N LEU D 522 8.68 45.75 10.84
CA LEU D 522 8.90 45.68 12.27
C LEU D 522 9.74 44.45 12.60
N THR D 523 10.79 44.64 13.39
CA THR D 523 11.63 43.53 13.81
C THR D 523 10.89 42.66 14.83
N ALA D 524 11.31 41.40 14.90
CA ALA D 524 10.70 40.48 15.86
C ALA D 524 10.85 40.99 17.29
N ASP D 525 12.09 41.36 17.67
CA ASP D 525 12.30 41.93 18.99
C ASP D 525 11.67 43.32 19.11
N GLU D 526 11.59 44.06 18.00
CA GLU D 526 10.97 45.38 18.03
C GLU D 526 9.49 45.33 18.38
N GLU D 527 8.88 44.15 18.33
CA GLU D 527 7.46 44.04 18.69
C GLU D 527 7.22 44.45 20.13
N ASP D 528 8.15 44.12 21.03
CA ASP D 528 7.96 44.45 22.44
C ASP D 528 8.15 45.93 22.70
N ARG D 529 9.07 46.57 21.97
CA ARG D 529 9.40 47.97 22.25
C ARG D 529 8.23 48.90 21.96
N HIS D 530 7.57 48.72 20.82
CA HIS D 530 6.52 49.63 20.38
C HIS D 530 5.26 48.85 20.04
N VAL D 531 4.11 49.49 20.29
CA VAL D 531 2.82 48.90 19.95
C VAL D 531 1.97 49.93 19.23
N ARG D 575 -4.14 40.46 7.41
CA ARG D 575 -3.78 39.99 6.08
C ARG D 575 -2.33 39.50 6.04
N GLN D 576 -1.51 40.00 6.96
CA GLN D 576 -0.11 39.57 7.03
C GLN D 576 0.03 38.12 7.44
N MET D 577 -0.95 37.56 8.15
CA MET D 577 -0.91 36.17 8.58
C MET D 577 -1.20 35.20 7.45
N VAL D 578 -1.66 35.67 6.30
CA VAL D 578 -2.08 34.81 5.20
C VAL D 578 -0.89 34.46 4.32
N SER D 579 -0.88 33.23 3.81
CA SER D 579 0.11 32.81 2.84
C SER D 579 -0.39 33.13 1.43
N VAL D 580 0.40 32.74 0.42
CA VAL D 580 0.00 32.99 -0.95
C VAL D 580 -1.15 32.06 -1.36
N ALA D 581 -0.99 30.75 -1.08
CA ALA D 581 -2.05 29.82 -1.40
C ALA D 581 -3.30 30.09 -0.57
N THR D 582 -3.12 30.50 0.69
CA THR D 582 -4.28 30.75 1.56
C THR D 582 -4.98 32.05 1.18
N ALA D 583 -4.24 33.05 0.70
CA ALA D 583 -4.81 34.35 0.37
C ALA D 583 -5.66 34.31 -0.90
N MET D 584 -5.76 33.18 -1.57
CA MET D 584 -6.55 33.06 -2.79
C MET D 584 -7.90 32.41 -2.56
N ILE D 585 -8.19 31.98 -1.33
CA ILE D 585 -9.48 31.37 -1.00
C ILE D 585 -10.49 32.48 -0.71
N PRO D 586 -11.44 32.74 -1.61
CA PRO D 586 -12.46 33.75 -1.31
C PRO D 586 -13.32 33.33 -0.13
N PHE D 587 -13.72 34.30 0.67
CA PHE D 587 -14.51 34.03 1.87
C PHE D 587 -13.73 33.16 2.85
N LEU D 588 -12.44 33.47 3.01
CA LEU D 588 -11.59 32.71 3.91
C LEU D 588 -12.00 32.89 5.36
N GLU D 589 -12.50 34.07 5.72
CA GLU D 589 -12.83 34.35 7.12
C GLU D 589 -13.93 33.43 7.62
N HIS D 590 -14.89 33.07 6.77
CA HIS D 590 -16.03 32.27 7.21
C HIS D 590 -15.73 30.79 7.29
N ASP D 591 -14.72 30.30 6.57
CA ASP D 591 -14.33 28.90 6.67
C ASP D 591 -13.39 28.69 7.86
N ASP D 592 -13.42 27.48 8.40
CA ASP D 592 -12.58 27.16 9.53
C ASP D 592 -11.11 27.18 9.12
N ALA D 593 -10.24 27.50 10.09
CA ALA D 593 -8.81 27.55 9.81
C ALA D 593 -8.30 26.24 9.26
N ASN D 594 -8.70 25.12 9.86
CA ASN D 594 -8.26 23.81 9.38
C ASN D 594 -8.71 23.57 7.94
N ARG D 595 -9.94 23.97 7.60
CA ARG D 595 -10.41 23.82 6.23
C ARG D 595 -9.62 24.68 5.26
N ALA D 596 -9.18 25.86 5.71
CA ALA D 596 -8.39 26.73 4.83
C ALA D 596 -7.10 26.06 4.39
N LEU D 597 -6.27 25.64 5.36
CA LEU D 597 -5.04 24.95 5.02
C LEU D 597 -5.30 23.77 4.10
N MET D 598 -6.33 22.97 4.41
CA MET D 598 -6.68 21.86 3.56
C MET D 598 -7.03 22.34 2.15
N GLY D 599 -7.70 23.49 2.05
CA GLY D 599 -8.02 24.04 0.75
C GLY D 599 -6.81 24.56 0.00
N ALA D 600 -5.84 25.11 0.72
CA ALA D 600 -4.62 25.58 0.07
C ALA D 600 -3.84 24.42 -0.53
N ASN D 601 -3.67 23.35 0.24
CA ASN D 601 -2.96 22.16 -0.26
C ASN D 601 -3.57 21.67 -1.57
N MET D 602 -4.90 21.75 -1.69
CA MET D 602 -5.58 21.27 -2.88
C MET D 602 -5.46 22.23 -4.05
N GLN D 603 -5.11 23.50 -3.79
CA GLN D 603 -4.85 24.42 -4.89
C GLN D 603 -3.52 24.12 -5.57
N ARG D 604 -2.50 23.79 -4.77
CA ARG D 604 -1.23 23.35 -5.32
C ARG D 604 -1.26 21.90 -5.78
N GLN D 605 -2.45 21.29 -5.79
CA GLN D 605 -2.64 19.93 -6.26
C GLN D 605 -3.34 19.86 -7.61
N ALA D 606 -3.81 20.99 -8.13
CA ALA D 606 -4.56 21.02 -9.38
C ALA D 606 -3.64 20.71 -10.56
N VAL D 607 -4.26 20.51 -11.72
CA VAL D 607 -3.54 20.21 -12.95
C VAL D 607 -3.91 21.26 -13.99
N PRO D 608 -3.03 21.57 -14.96
CA PRO D 608 -3.34 22.60 -15.95
C PRO D 608 -4.32 22.08 -16.99
N LEU D 609 -5.40 22.83 -17.18
CA LEU D 609 -6.38 22.50 -18.20
C LEU D 609 -6.02 23.16 -19.53
N VAL D 610 -6.50 22.56 -20.62
CA VAL D 610 -6.19 23.06 -21.94
C VAL D 610 -6.67 24.50 -22.12
N ARG D 611 -7.82 24.84 -21.53
CA ARG D 611 -8.40 26.15 -21.75
C ARG D 611 -8.04 27.16 -20.67
N SER D 612 -7.87 26.73 -19.43
CA SER D 612 -7.37 27.57 -18.35
C SER D 612 -8.19 28.85 -18.23
N GLU D 613 -9.46 28.68 -17.88
CA GLU D 613 -10.34 29.80 -17.62
C GLU D 613 -10.09 30.36 -16.22
N ALA D 614 -10.19 31.69 -16.10
CA ALA D 614 -9.87 32.34 -14.84
C ALA D 614 -11.06 32.29 -13.90
N PRO D 615 -10.81 32.35 -12.59
CA PRO D 615 -11.91 32.23 -11.63
C PRO D 615 -12.88 33.41 -11.73
N LEU D 616 -14.16 33.11 -11.54
CA LEU D 616 -15.19 34.13 -11.69
C LEU D 616 -15.39 34.93 -10.42
N VAL D 617 -15.16 34.32 -9.26
CA VAL D 617 -15.19 35.00 -7.96
C VAL D 617 -13.89 34.64 -7.25
N GLY D 618 -12.95 35.58 -7.22
CA GLY D 618 -11.66 35.36 -6.60
C GLY D 618 -11.31 36.46 -5.61
N THR D 619 -10.01 36.71 -5.50
CA THR D 619 -9.48 37.74 -4.63
C THR D 619 -8.36 38.47 -5.37
N GLY D 620 -7.82 39.52 -4.75
CA GLY D 620 -6.84 40.35 -5.42
C GLY D 620 -5.53 39.66 -5.75
N MET D 621 -5.26 38.50 -5.14
CA MET D 621 -3.94 37.89 -5.23
C MET D 621 -3.64 37.26 -6.58
N GLU D 622 -4.67 36.85 -7.34
CA GLU D 622 -4.43 36.04 -8.52
C GLU D 622 -3.45 36.67 -9.49
N LEU D 623 -3.55 37.99 -9.70
CA LEU D 623 -2.70 38.65 -10.69
C LEU D 623 -1.25 38.62 -10.25
N ARG D 624 -0.95 39.19 -9.07
CA ARG D 624 0.43 39.24 -8.60
C ARG D 624 1.00 37.84 -8.42
N ALA D 625 0.17 36.89 -7.98
CA ALA D 625 0.66 35.53 -7.76
C ALA D 625 1.10 34.88 -9.07
N ALA D 626 0.35 35.10 -10.14
CA ALA D 626 0.65 34.44 -11.41
C ALA D 626 1.99 34.91 -11.97
N ILE D 627 2.16 36.22 -12.13
CA ILE D 627 3.37 36.72 -12.77
C ILE D 627 4.61 36.43 -11.94
N ASP D 628 4.49 36.43 -10.61
CA ASP D 628 5.64 36.18 -9.76
C ASP D 628 6.11 34.73 -9.88
N ALA D 629 5.19 33.79 -10.08
CA ALA D 629 5.58 32.39 -10.20
C ALA D 629 6.68 32.20 -11.25
N GLY D 630 6.62 32.98 -12.34
CA GLY D 630 7.62 32.94 -13.37
C GLY D 630 7.23 32.18 -14.62
N ASP D 631 6.15 31.41 -14.57
CA ASP D 631 5.70 30.64 -15.73
C ASP D 631 4.93 31.47 -16.73
N VAL D 632 4.90 32.79 -16.56
CA VAL D 632 4.23 33.70 -17.50
C VAL D 632 5.26 34.66 -18.06
N VAL D 633 4.99 35.14 -19.28
CA VAL D 633 5.93 36.00 -20.01
C VAL D 633 5.56 37.46 -19.75
N VAL D 634 6.52 38.23 -19.26
CA VAL D 634 6.31 39.63 -18.90
C VAL D 634 7.25 40.48 -19.76
N ALA D 635 6.71 41.54 -20.34
CA ALA D 635 7.52 42.46 -21.13
C ALA D 635 8.53 43.17 -20.25
N ASP D 636 9.80 43.15 -20.67
CA ASP D 636 10.87 43.76 -19.87
C ASP D 636 10.83 45.27 -19.94
N LYS D 637 10.67 45.83 -21.14
CA LYS D 637 10.68 47.27 -21.35
C LYS D 637 9.47 47.68 -22.18
N THR D 638 8.91 48.85 -21.85
CA THR D 638 7.76 49.35 -22.58
C THR D 638 8.06 49.43 -24.07
N GLY D 639 7.04 49.19 -24.88
CA GLY D 639 7.21 49.25 -26.33
C GLY D 639 5.99 48.75 -27.06
N VAL D 640 6.24 48.13 -28.21
CA VAL D 640 5.19 47.58 -29.06
C VAL D 640 5.71 46.32 -29.70
N ILE D 641 4.80 45.40 -30.02
CA ILE D 641 5.16 44.12 -30.62
C ILE D 641 5.48 44.34 -32.10
N GLU D 642 6.30 43.44 -32.65
CA GLU D 642 6.66 43.47 -34.07
C GLU D 642 6.04 42.33 -34.84
N GLU D 643 6.15 41.10 -34.33
CA GLU D 643 5.53 39.94 -34.95
C GLU D 643 5.22 38.93 -33.85
N VAL D 644 4.11 38.23 -33.99
CA VAL D 644 3.66 37.27 -32.99
C VAL D 644 3.36 35.95 -33.68
N SER D 645 4.09 34.90 -33.28
CA SER D 645 3.84 33.56 -33.74
C SER D 645 3.85 32.62 -32.54
N ALA D 646 3.14 31.50 -32.67
CA ALA D 646 3.06 30.54 -31.57
C ALA D 646 4.44 30.20 -31.01
N ASP D 647 5.49 30.34 -31.83
CA ASP D 647 6.84 30.00 -31.40
C ASP D 647 7.46 31.12 -30.58
N TYR D 648 7.36 32.38 -31.02
CA TYR D 648 8.03 33.46 -30.32
C TYR D 648 7.25 34.76 -30.51
N ILE D 649 7.48 35.70 -29.59
CA ILE D 649 6.93 37.04 -29.63
C ILE D 649 8.07 38.04 -29.54
N THR D 650 8.05 39.05 -30.40
CA THR D 650 9.08 40.09 -30.40
C THR D 650 8.40 41.46 -30.36
N VAL D 651 8.95 42.35 -29.53
CA VAL D 651 8.40 43.68 -29.34
C VAL D 651 9.46 44.71 -29.72
N MET D 652 9.05 45.71 -30.50
CA MET D 652 9.94 46.80 -30.90
C MET D 652 9.79 47.93 -29.89
N ALA D 653 10.76 48.06 -29.00
CA ALA D 653 10.69 49.05 -27.95
C ALA D 653 10.87 50.46 -28.51
N ASP D 654 10.24 51.44 -27.85
CA ASP D 654 10.45 52.83 -28.21
C ASP D 654 11.92 53.21 -28.10
N ASP D 655 12.62 52.65 -27.10
CA ASP D 655 14.03 52.94 -26.90
C ASP D 655 14.87 52.59 -28.13
N GLY D 656 14.37 51.72 -29.00
CA GLY D 656 15.10 51.27 -30.17
C GLY D 656 15.72 49.89 -30.03
N THR D 657 15.82 49.37 -28.82
CA THR D 657 16.31 48.02 -28.61
C THR D 657 15.27 47.01 -29.11
N ARG D 658 15.62 45.73 -29.03
CA ARG D 658 14.80 44.66 -29.57
C ARG D 658 14.92 43.43 -28.69
N GLN D 659 13.79 42.96 -28.17
CA GLN D 659 13.76 41.79 -27.31
C GLN D 659 12.78 40.77 -27.86
N SER D 660 13.07 39.49 -27.62
CA SER D 660 12.24 38.40 -28.08
C SER D 660 12.01 37.42 -26.94
N TYR D 661 11.00 36.56 -27.10
CA TYR D 661 10.62 35.60 -26.07
C TYR D 661 10.18 34.31 -26.75
N ARG D 662 10.94 33.24 -26.53
CA ARG D 662 10.56 31.92 -27.02
C ARG D 662 9.56 31.30 -26.04
N LEU D 663 8.46 30.78 -26.57
CA LEU D 663 7.36 30.29 -25.76
C LEU D 663 7.49 28.78 -25.56
N ARG D 664 7.56 28.34 -24.30
CA ARG D 664 7.49 26.92 -24.00
C ARG D 664 6.20 26.35 -24.56
N LYS D 665 6.30 25.32 -25.40
CA LYS D 665 5.16 24.71 -26.04
C LYS D 665 5.15 23.21 -25.75
N PHE D 666 4.16 22.78 -24.97
CA PHE D 666 3.97 21.35 -24.67
C PHE D 666 5.20 20.76 -24.00
N ALA D 667 5.81 21.51 -23.09
CA ALA D 667 6.93 21.00 -22.31
C ALA D 667 6.41 20.21 -21.12
N ARG D 668 7.02 19.05 -20.89
CA ARG D 668 6.61 18.18 -19.80
C ARG D 668 7.13 18.71 -18.47
N SER D 669 6.26 18.76 -17.47
CA SER D 669 6.64 19.18 -16.13
C SER D 669 7.25 18.01 -15.36
N ASN D 670 7.59 18.26 -14.10
CA ASN D 670 8.20 17.22 -13.27
C ASN D 670 7.26 16.04 -13.08
N HIS D 671 5.98 16.31 -12.86
CA HIS D 671 4.99 15.26 -12.58
C HIS D 671 4.17 14.90 -13.82
N GLY D 672 4.62 15.30 -15.00
CA GLY D 672 3.95 14.93 -16.24
C GLY D 672 2.91 15.92 -16.71
N THR D 673 2.77 17.07 -16.07
CA THR D 673 1.81 18.07 -16.50
C THR D 673 2.37 18.89 -17.67
N CYS D 674 1.47 19.40 -18.49
CA CYS D 674 1.85 20.15 -19.68
C CYS D 674 2.14 21.61 -19.31
N ALA D 675 3.13 22.20 -19.97
CA ALA D 675 3.58 23.55 -19.66
C ALA D 675 3.44 24.46 -20.88
N ASN D 676 2.29 24.40 -21.54
CA ASN D 676 2.07 25.17 -22.76
C ASN D 676 1.81 26.63 -22.44
N GLN D 677 2.45 27.53 -23.20
CA GLN D 677 2.23 28.95 -23.11
C GLN D 677 1.42 29.44 -24.31
N ARG D 678 0.65 30.50 -24.10
CA ARG D 678 -0.18 31.05 -25.15
C ARG D 678 0.06 32.56 -25.28
N PRO D 679 0.08 33.08 -26.51
CA PRO D 679 0.24 34.53 -26.69
C PRO D 679 -1.08 35.27 -26.58
N ILE D 680 -1.14 36.29 -25.72
CA ILE D 680 -2.37 37.04 -25.52
C ILE D 680 -2.39 38.35 -26.28
N VAL D 681 -1.28 38.79 -26.83
CA VAL D 681 -1.18 40.09 -27.48
C VAL D 681 -1.26 39.92 -28.99
N ASP D 682 -1.46 41.03 -29.69
CA ASP D 682 -1.61 41.04 -31.15
C ASP D 682 -0.59 41.99 -31.76
N ALA D 683 -0.58 42.02 -33.09
CA ALA D 683 0.30 42.94 -33.81
C ALA D 683 -0.23 44.37 -33.70
N GLY D 684 0.70 45.32 -33.73
CA GLY D 684 0.34 46.72 -33.56
C GLY D 684 -0.28 47.04 -32.23
N GLN D 685 0.16 46.37 -31.16
CA GLN D 685 -0.36 46.58 -29.81
C GLN D 685 0.72 47.21 -28.94
N ARG D 686 0.37 48.32 -28.29
CA ARG D 686 1.28 48.93 -27.33
C ARG D 686 1.35 48.09 -26.06
N VAL D 687 2.53 48.06 -25.45
CA VAL D 687 2.76 47.31 -24.23
C VAL D 687 3.58 48.16 -23.27
N GLU D 688 3.58 47.75 -22.00
CA GLU D 688 4.25 48.49 -20.94
C GLU D 688 5.15 47.54 -20.15
N ALA D 689 6.09 48.14 -19.42
CA ALA D 689 7.00 47.36 -18.59
C ALA D 689 6.22 46.59 -17.53
N GLY D 690 6.58 45.33 -17.35
CA GLY D 690 5.89 44.48 -16.40
C GLY D 690 4.51 44.04 -16.82
N GLN D 691 4.16 44.18 -18.09
CA GLN D 691 2.87 43.77 -18.60
C GLN D 691 2.95 42.35 -19.16
N VAL D 692 1.85 41.61 -19.03
CA VAL D 692 1.82 40.21 -19.42
C VAL D 692 1.69 40.12 -20.94
N ILE D 693 2.52 39.27 -21.56
CA ILE D 693 2.52 39.08 -23.00
C ILE D 693 1.88 37.76 -23.40
N ALA D 694 2.19 36.69 -22.67
CA ALA D 694 1.69 35.36 -22.98
C ALA D 694 1.22 34.68 -21.70
N ASP D 695 0.18 33.85 -21.85
CA ASP D 695 -0.41 33.14 -20.71
C ASP D 695 0.34 31.85 -20.43
N GLY D 696 0.58 31.59 -19.15
CA GLY D 696 1.23 30.37 -18.72
C GLY D 696 0.29 29.18 -18.77
N PRO D 697 0.65 28.10 -18.08
CA PRO D 697 -0.20 26.90 -18.08
C PRO D 697 -1.55 27.13 -17.40
N CYS D 698 -1.52 27.60 -16.16
CA CYS D 698 -2.71 27.75 -15.34
C CYS D 698 -3.07 29.21 -15.11
N THR D 699 -2.93 30.04 -16.15
CA THR D 699 -3.23 31.45 -16.06
C THR D 699 -4.05 31.89 -17.26
N GLN D 700 -4.86 32.93 -17.07
CA GLN D 700 -5.61 33.55 -18.15
C GLN D 700 -5.51 35.06 -17.99
N ASN D 701 -4.92 35.73 -18.98
CA ASN D 701 -4.78 37.19 -18.98
C ASN D 701 -3.94 37.70 -17.81
N GLY D 702 -3.20 36.82 -17.14
CA GLY D 702 -2.26 37.22 -16.11
C GLY D 702 -2.59 36.77 -14.72
N GLU D 703 -3.75 36.18 -14.48
CA GLU D 703 -4.14 35.74 -13.14
C GLU D 703 -4.28 34.23 -13.11
N MET D 704 -3.99 33.64 -11.95
CA MET D 704 -4.01 32.19 -11.80
C MET D 704 -5.38 31.63 -12.14
N ALA D 705 -5.42 30.71 -13.11
CA ALA D 705 -6.63 30.00 -13.49
C ALA D 705 -6.37 28.52 -13.24
N LEU D 706 -6.61 28.08 -12.00
CA LEU D 706 -6.36 26.71 -11.59
C LEU D 706 -7.55 25.78 -11.86
N GLY D 707 -8.70 26.34 -12.23
CA GLY D 707 -9.86 25.53 -12.50
C GLY D 707 -10.83 26.17 -13.48
N LYS D 708 -12.09 25.77 -13.42
CA LYS D 708 -13.14 26.30 -14.28
C LYS D 708 -14.33 26.70 -13.41
N ASN D 709 -15.23 27.49 -14.00
CA ASN D 709 -16.46 27.92 -13.34
C ASN D 709 -17.62 27.08 -13.88
N LEU D 710 -18.34 26.43 -12.98
CA LEU D 710 -19.40 25.52 -13.37
C LEU D 710 -20.70 25.84 -12.63
N LEU D 711 -21.81 25.53 -13.29
CA LEU D 711 -23.13 25.66 -12.69
C LEU D 711 -23.37 24.52 -11.71
N VAL D 712 -23.78 24.85 -10.49
CA VAL D 712 -23.86 23.89 -9.40
C VAL D 712 -25.27 23.88 -8.84
N ALA D 713 -25.77 22.67 -8.57
CA ALA D 713 -27.00 22.45 -7.82
C ALA D 713 -26.65 21.67 -6.57
N ILE D 714 -27.23 22.06 -5.44
CA ILE D 714 -26.82 21.54 -4.14
C ILE D 714 -27.86 20.58 -3.60
N MET D 715 -28.57 19.91 -4.51
CA MET D 715 -29.54 18.89 -4.13
C MET D 715 -28.89 17.50 -4.13
N PRO D 716 -29.23 16.64 -3.17
CA PRO D 716 -28.81 15.24 -3.27
C PRO D 716 -29.56 14.52 -4.38
N TRP D 717 -28.85 14.11 -5.43
CA TRP D 717 -29.49 13.62 -6.65
C TRP D 717 -29.47 12.09 -6.64
N GLU D 718 -30.45 11.52 -5.95
CA GLU D 718 -30.75 10.09 -6.02
C GLU D 718 -29.53 9.23 -5.75
N GLY D 719 -28.83 9.54 -4.66
CA GLY D 719 -27.74 8.71 -4.18
C GLY D 719 -26.51 8.65 -5.07
N HIS D 720 -26.57 9.16 -6.29
CA HIS D 720 -25.38 9.15 -7.14
C HIS D 720 -24.32 10.13 -6.66
N ASN D 721 -24.71 11.14 -5.88
CA ASN D 721 -23.78 12.06 -5.24
C ASN D 721 -23.67 11.73 -3.75
N TYR D 722 -23.63 10.45 -3.42
CA TYR D 722 -23.76 10.01 -2.04
C TYR D 722 -22.48 10.25 -1.24
N GLU D 723 -22.59 11.18 -0.29
CA GLU D 723 -21.76 11.43 0.90
C GLU D 723 -20.41 12.10 0.63
N ASP D 724 -19.81 11.91 -0.54
CA ASP D 724 -18.69 12.75 -0.96
C ASP D 724 -18.57 12.82 -2.49
N ALA D 725 -19.21 11.87 -3.17
CA ALA D 725 -19.08 11.74 -4.62
C ALA D 725 -19.79 12.89 -5.32
N ILE D 726 -19.58 12.97 -6.64
CA ILE D 726 -20.10 14.07 -7.45
C ILE D 726 -20.56 13.53 -8.80
N ILE D 727 -21.54 14.21 -9.38
CA ILE D 727 -22.06 13.88 -10.70
C ILE D 727 -21.86 15.08 -11.61
N LEU D 728 -21.46 14.83 -12.84
CA LEU D 728 -21.19 15.89 -13.81
C LEU D 728 -22.05 15.70 -15.04
N SER D 729 -22.21 16.78 -15.80
CA SER D 729 -22.84 16.71 -17.10
C SER D 729 -21.86 16.16 -18.12
N ASN D 730 -22.38 15.40 -19.09
CA ASN D 730 -21.54 14.94 -20.18
C ASN D 730 -20.99 16.10 -20.99
N ARG D 731 -21.49 17.31 -20.78
CA ARG D 731 -20.98 18.48 -21.49
C ARG D 731 -19.50 18.70 -21.20
N LEU D 732 -19.08 18.50 -19.94
CA LEU D 732 -17.68 18.72 -19.58
C LEU D 732 -16.74 17.81 -20.35
N VAL D 733 -17.24 16.71 -20.91
CA VAL D 733 -16.44 15.85 -21.78
C VAL D 733 -16.50 16.32 -23.23
N GLU D 734 -17.71 16.62 -23.71
CA GLU D 734 -17.88 17.04 -25.10
C GLU D 734 -17.15 18.35 -25.36
N GLU D 735 -17.14 19.26 -24.39
CA GLU D 735 -16.58 20.59 -24.58
C GLU D 735 -15.15 20.73 -24.07
N ASP D 736 -14.53 19.64 -23.61
CA ASP D 736 -13.13 19.66 -23.22
C ASP D 736 -12.83 20.75 -22.19
N VAL D 737 -13.79 21.02 -21.30
CA VAL D 737 -13.59 22.06 -20.30
C VAL D 737 -12.65 21.58 -19.20
N LEU D 738 -12.81 20.32 -18.76
CA LEU D 738 -11.94 19.73 -17.74
C LEU D 738 -10.89 18.81 -18.34
N THR D 739 -10.61 18.94 -19.64
CA THR D 739 -9.61 18.11 -20.28
C THR D 739 -8.21 18.68 -20.05
N SER D 740 -7.27 17.81 -19.71
CA SER D 740 -5.90 18.20 -19.43
C SER D 740 -4.95 17.25 -20.14
N ILE D 741 -3.82 17.78 -20.57
CA ILE D 741 -2.79 17.02 -21.29
C ILE D 741 -1.75 16.54 -20.29
N HIS D 742 -1.30 15.30 -20.47
CA HIS D 742 -0.27 14.71 -19.62
C HIS D 742 0.79 14.09 -20.51
N ILE D 743 2.05 14.25 -20.10
CA ILE D 743 3.20 13.82 -20.91
C ILE D 743 4.05 12.88 -20.07
N GLU D 744 4.43 11.74 -20.66
CA GLU D 744 5.28 10.77 -20.00
C GLU D 744 6.57 10.62 -20.80
N GLU D 745 7.68 10.46 -20.10
CA GLU D 745 8.99 10.28 -20.72
C GLU D 745 9.45 8.84 -20.54
N HIS D 746 10.03 8.28 -21.60
CA HIS D 746 10.56 6.93 -21.59
C HIS D 746 12.00 6.96 -22.09
N GLU D 747 12.81 6.04 -21.57
CA GLU D 747 14.25 6.10 -21.78
C GLU D 747 14.80 4.69 -21.94
N ILE D 748 15.81 4.56 -22.80
CA ILE D 748 16.50 3.30 -23.01
C ILE D 748 17.83 3.60 -23.69
N ASP D 749 18.87 2.88 -23.29
CA ASP D 749 20.23 3.17 -23.71
C ASP D 749 20.94 1.90 -24.19
N ALA D 750 21.93 2.10 -25.06
CA ALA D 750 22.76 1.02 -25.58
C ALA D 750 24.19 1.24 -25.11
N ARG D 751 24.76 0.26 -24.42
CA ARG D 751 26.08 0.37 -23.85
C ARG D 751 26.86 -0.91 -24.13
N ASP D 752 28.13 -0.91 -23.73
CA ASP D 752 28.96 -2.11 -23.85
C ASP D 752 28.60 -3.10 -22.76
N THR D 753 28.58 -4.38 -23.12
CA THR D 753 28.18 -5.44 -22.20
C THR D 753 29.37 -6.35 -21.90
N LYS D 754 29.19 -7.17 -20.85
CA LYS D 754 30.20 -8.17 -20.51
C LYS D 754 30.43 -9.12 -21.66
N LEU D 755 29.36 -9.53 -22.34
CA LEU D 755 29.47 -10.48 -23.44
C LEU D 755 29.85 -9.80 -24.75
N GLY D 756 29.41 -8.57 -24.94
CA GLY D 756 29.49 -7.93 -26.25
C GLY D 756 29.07 -6.47 -26.20
N ALA D 757 28.31 -6.01 -27.18
CA ALA D 757 27.83 -4.63 -27.19
C ALA D 757 26.34 -4.65 -27.46
N GLU D 758 25.59 -3.89 -26.65
CA GLU D 758 24.17 -3.73 -26.90
C GLU D 758 23.96 -3.02 -28.23
N GLU D 759 22.98 -3.50 -29.00
CA GLU D 759 22.67 -2.91 -30.30
C GLU D 759 21.16 -2.78 -30.44
N ILE D 760 20.69 -1.57 -30.72
CA ILE D 760 19.27 -1.30 -30.92
C ILE D 760 19.04 -1.11 -32.41
N THR D 761 18.05 -1.83 -32.94
CA THR D 761 17.78 -1.81 -34.37
C THR D 761 16.35 -2.29 -34.62
N ARG D 762 15.88 -2.07 -35.85
CA ARG D 762 14.54 -2.52 -36.22
C ARG D 762 14.42 -4.03 -36.20
N ASP D 763 15.49 -4.75 -36.55
CA ASP D 763 15.44 -6.20 -36.59
C ASP D 763 15.24 -6.76 -35.19
N ILE D 764 14.20 -7.58 -35.03
CA ILE D 764 13.92 -8.22 -33.75
C ILE D 764 13.89 -9.73 -33.97
N PRO D 765 14.37 -10.54 -33.01
CA PRO D 765 14.45 -11.99 -33.23
C PRO D 765 13.15 -12.62 -33.71
N ASN D 766 12.07 -12.45 -32.95
CA ASN D 766 10.80 -13.10 -33.24
C ASN D 766 9.68 -12.06 -33.15
N VAL D 767 9.19 -11.61 -34.31
CA VAL D 767 8.14 -10.60 -34.37
C VAL D 767 7.46 -10.69 -35.72
N SER D 768 6.23 -10.21 -35.79
CA SER D 768 5.55 -9.98 -37.05
C SER D 768 5.86 -8.58 -37.55
N ASP D 769 5.74 -8.39 -38.86
CA ASP D 769 6.01 -7.07 -39.43
C ASP D 769 4.97 -6.02 -39.06
N GLU D 770 3.91 -6.40 -38.33
CA GLU D 770 2.90 -5.43 -37.95
C GLU D 770 3.32 -4.65 -36.71
N VAL D 771 3.96 -5.31 -35.74
CA VAL D 771 4.45 -4.60 -34.56
C VAL D 771 5.57 -3.64 -34.94
N LEU D 772 6.41 -4.03 -35.89
CA LEU D 772 7.42 -3.12 -36.43
C LEU D 772 6.83 -2.09 -37.38
N ALA D 773 5.55 -2.18 -37.71
CA ALA D 773 4.94 -1.28 -38.68
C ALA D 773 5.03 0.18 -38.26
N ASP D 774 5.32 0.46 -37.00
CA ASP D 774 5.40 1.82 -36.50
C ASP D 774 6.82 2.25 -36.15
N LEU D 775 7.82 1.50 -36.61
CA LEU D 775 9.22 1.80 -36.35
C LEU D 775 9.91 2.29 -37.62
N ASP D 776 10.89 3.17 -37.42
CA ASP D 776 11.69 3.71 -38.51
C ASP D 776 12.93 2.84 -38.71
N GLU D 777 13.90 3.32 -39.49
CA GLU D 777 15.11 2.55 -39.71
C GLU D 777 15.78 2.17 -38.39
N ARG D 778 16.11 3.18 -37.58
CA ARG D 778 16.85 2.93 -36.35
C ARG D 778 16.11 1.98 -35.41
N GLY D 779 14.82 1.79 -35.61
CA GLY D 779 14.03 0.96 -34.72
C GLY D 779 13.30 1.71 -33.62
N ILE D 780 13.30 3.04 -33.66
CA ILE D 780 12.57 3.85 -32.69
C ILE D 780 11.26 4.28 -33.32
N VAL D 781 10.22 4.38 -32.49
CA VAL D 781 8.90 4.72 -33.00
C VAL D 781 8.93 6.06 -33.71
N ARG D 782 8.17 6.18 -34.78
CA ARG D 782 8.14 7.40 -35.57
C ARG D 782 7.28 8.46 -34.89
N ILE D 783 7.63 9.72 -35.13
CA ILE D 783 6.92 10.83 -34.50
C ILE D 783 5.47 10.84 -34.94
N GLY D 784 4.58 11.17 -34.02
CA GLY D 784 3.16 11.23 -34.31
C GLY D 784 2.44 9.90 -34.32
N ALA D 785 3.10 8.83 -33.92
CA ALA D 785 2.48 7.51 -33.93
C ALA D 785 1.63 7.29 -32.68
N GLU D 786 0.66 6.39 -32.80
CA GLU D 786 -0.21 6.02 -31.71
C GLU D 786 0.29 4.71 -31.10
N VAL D 787 0.40 4.69 -29.77
CA VAL D 787 1.01 3.56 -29.06
C VAL D 787 0.03 3.07 -27.99
N ARG D 788 -0.29 1.78 -28.04
CA ARG D 788 -1.09 1.13 -27.02
C ARG D 788 -0.16 0.45 -26.01
N ASP D 789 -0.77 -0.19 -25.00
CA ASP D 789 0.00 -0.90 -24.00
C ASP D 789 0.70 -2.10 -24.64
N GLY D 790 2.01 -2.20 -24.38
CA GLY D 790 2.80 -3.30 -24.89
C GLY D 790 3.43 -3.07 -26.25
N ASP D 791 3.11 -1.97 -26.93
CA ASP D 791 3.74 -1.67 -28.20
C ASP D 791 5.21 -1.35 -28.02
N ILE D 792 5.94 -1.36 -29.12
CA ILE D 792 7.39 -1.15 -29.12
C ILE D 792 7.68 0.33 -29.33
N LEU D 793 8.48 0.91 -28.45
CA LEU D 793 8.94 2.29 -28.62
C LEU D 793 10.30 2.34 -29.31
N VAL D 794 11.28 1.65 -28.74
CA VAL D 794 12.63 1.58 -29.30
C VAL D 794 13.04 0.12 -29.39
N GLY D 795 13.59 -0.27 -30.54
CA GLY D 795 14.04 -1.63 -30.73
C GLY D 795 15.50 -1.82 -30.36
N LYS D 796 15.75 -2.56 -29.29
CA LYS D 796 17.11 -2.80 -28.80
C LYS D 796 17.34 -4.30 -28.68
N VAL D 797 18.61 -4.70 -28.78
CA VAL D 797 19.01 -6.10 -28.72
C VAL D 797 20.35 -6.18 -28.01
N THR D 798 20.54 -7.26 -27.23
CA THR D 798 21.77 -7.50 -26.51
C THR D 798 22.29 -8.90 -26.82
N PRO D 799 23.61 -9.10 -26.74
CA PRO D 799 24.17 -10.43 -27.00
C PRO D 799 23.58 -11.48 -26.07
N LYS D 800 23.72 -12.74 -26.47
CA LYS D 800 23.16 -13.85 -25.71
C LYS D 800 23.90 -15.12 -26.09
N GLY D 801 24.29 -15.90 -25.08
CA GLY D 801 25.01 -17.13 -25.29
C GLY D 801 25.79 -17.52 -24.07
N GLU D 802 26.07 -18.82 -23.98
CA GLU D 802 25.63 -19.80 -24.98
C GLU D 802 24.13 -20.05 -24.89
N THR D 803 23.50 -20.25 -26.04
CA THR D 803 22.05 -20.35 -26.08
C THR D 803 21.58 -21.70 -25.53
N GLU D 804 22.10 -22.80 -26.06
CA GLU D 804 21.68 -24.14 -25.65
C GLU D 804 20.17 -24.28 -25.70
N LEU D 805 19.64 -24.12 -26.91
CA LEU D 805 18.20 -24.11 -27.10
C LEU D 805 17.63 -25.52 -26.96
N THR D 806 16.37 -25.59 -26.52
CA THR D 806 15.74 -26.88 -26.30
C THR D 806 15.52 -27.60 -27.63
N PRO D 807 15.60 -28.94 -27.63
CA PRO D 807 15.42 -29.68 -28.90
C PRO D 807 14.11 -29.37 -29.58
N GLU D 808 13.00 -29.33 -28.84
CA GLU D 808 11.71 -29.02 -29.45
C GLU D 808 11.71 -27.63 -30.07
N GLU D 809 12.55 -26.72 -29.55
CA GLU D 809 12.66 -25.40 -30.13
C GLU D 809 13.40 -25.44 -31.47
N ARG D 810 14.48 -26.22 -31.55
CA ARG D 810 15.28 -26.25 -32.78
C ARG D 810 14.54 -26.99 -33.90
N LEU D 811 13.83 -28.08 -33.57
CA LEU D 811 13.12 -28.83 -34.59
C LEU D 811 12.19 -27.93 -35.39
N LEU D 812 11.48 -27.03 -34.71
CA LEU D 812 10.70 -26.02 -35.42
C LEU D 812 11.60 -25.07 -36.19
N ARG D 813 12.76 -24.73 -35.63
CA ARG D 813 13.72 -23.89 -36.32
C ARG D 813 14.08 -24.47 -37.68
N ALA D 814 14.30 -25.78 -37.75
CA ALA D 814 14.64 -26.41 -39.03
C ALA D 814 13.42 -26.54 -39.92
N ILE D 815 12.27 -26.90 -39.34
CA ILE D 815 11.05 -27.06 -40.13
C ILE D 815 10.71 -25.77 -40.85
N PHE D 816 10.64 -24.66 -40.11
CA PHE D 816 10.27 -23.38 -40.69
C PHE D 816 11.46 -22.58 -41.20
N GLY D 817 12.68 -22.99 -40.88
CA GLY D 817 13.86 -22.36 -41.46
C GLY D 817 14.19 -21.00 -40.91
N GLU D 818 13.79 -20.69 -39.68
CA GLU D 818 14.13 -19.43 -39.02
C GLU D 818 15.35 -19.66 -38.15
N LYS D 819 16.49 -19.11 -38.58
CA LYS D 819 17.74 -19.33 -37.85
C LYS D 819 17.64 -18.73 -36.45
N ALA D 820 17.97 -19.55 -35.45
CA ALA D 820 17.99 -19.07 -34.08
C ALA D 820 19.05 -17.99 -33.92
N ARG D 821 18.63 -16.75 -33.73
CA ARG D 821 19.58 -15.64 -33.66
C ARG D 821 20.44 -15.74 -32.39
N GLU D 822 21.60 -15.11 -32.45
CA GLU D 822 22.60 -15.17 -31.40
C GLU D 822 22.40 -14.10 -30.32
N VAL D 823 21.35 -13.29 -30.40
CA VAL D 823 21.14 -12.19 -29.48
C VAL D 823 19.72 -12.21 -28.96
N ARG D 824 19.53 -11.65 -27.76
CA ARG D 824 18.26 -11.67 -27.07
C ARG D 824 17.60 -10.30 -27.14
N ASP D 825 16.27 -10.29 -27.14
CA ASP D 825 15.51 -9.06 -27.32
C ASP D 825 15.42 -8.28 -26.02
N THR D 826 15.91 -7.05 -26.04
CA THR D 826 15.75 -6.09 -24.94
C THR D 826 15.23 -4.80 -25.56
N SER D 827 13.92 -4.72 -25.76
CA SER D 827 13.31 -3.60 -26.47
C SER D 827 12.31 -2.89 -25.58
N LEU D 828 12.26 -1.57 -25.70
CA LEU D 828 11.40 -0.75 -24.85
C LEU D 828 9.96 -0.85 -25.31
N LYS D 829 9.07 -1.24 -24.41
CA LYS D 829 7.64 -1.32 -24.68
C LYS D 829 6.89 -0.39 -23.73
N VAL D 830 5.79 0.15 -24.23
CA VAL D 830 5.01 1.09 -23.41
C VAL D 830 4.41 0.35 -22.22
N PRO D 831 4.45 0.93 -21.02
CA PRO D 831 3.98 0.21 -19.84
C PRO D 831 2.51 -0.20 -19.95
N HIS D 832 2.13 -1.13 -19.08
CA HIS D 832 0.77 -1.64 -19.07
C HIS D 832 -0.20 -0.57 -18.57
N GLY D 833 -1.22 -0.29 -19.37
CA GLY D 833 -2.23 0.69 -19.00
C GLY D 833 -1.93 2.11 -19.43
N GLU D 834 -1.04 2.31 -20.39
CA GLU D 834 -0.69 3.63 -20.89
C GLU D 834 -0.91 3.69 -22.39
N SER D 835 -1.26 4.87 -22.89
CA SER D 835 -1.53 5.04 -24.30
C SER D 835 -1.51 6.53 -24.64
N GLY D 836 -1.09 6.82 -25.88
CA GLY D 836 -1.04 8.19 -26.33
C GLY D 836 -0.25 8.29 -27.62
N LYS D 837 -0.02 9.53 -28.04
CA LYS D 837 0.76 9.84 -29.23
C LYS D 837 2.21 10.16 -28.85
N VAL D 838 3.11 10.02 -29.82
CA VAL D 838 4.52 10.26 -29.61
C VAL D 838 4.82 11.69 -30.02
N ILE D 839 5.19 12.53 -29.05
CA ILE D 839 5.46 13.94 -29.34
C ILE D 839 6.83 14.10 -29.98
N GLY D 840 7.88 13.73 -29.27
CA GLY D 840 9.23 13.93 -29.76
C GLY D 840 10.18 12.87 -29.28
N ILE D 841 11.34 12.81 -29.94
CA ILE D 841 12.39 11.86 -29.62
C ILE D 841 13.69 12.62 -29.44
N ARG D 842 14.48 12.20 -28.45
CA ARG D 842 15.80 12.78 -28.20
C ARG D 842 16.82 11.64 -28.28
N VAL D 843 17.63 11.65 -29.34
CA VAL D 843 18.62 10.60 -29.59
C VAL D 843 20.01 11.14 -29.28
N PHE D 844 20.76 10.40 -28.48
CA PHE D 844 22.15 10.71 -28.18
C PHE D 844 23.01 9.53 -28.57
N SER D 845 23.92 9.74 -29.51
CA SER D 845 24.74 8.67 -30.08
C SER D 845 26.20 8.93 -29.77
N ARG D 846 26.93 7.86 -29.42
CA ARG D 846 28.36 7.98 -29.19
C ARG D 846 29.13 8.21 -30.48
N GLU D 847 28.59 7.73 -31.60
CA GLU D 847 29.33 7.76 -32.86
C GLU D 847 29.92 9.15 -33.13
N ASP D 848 29.08 10.17 -33.11
CA ASP D 848 29.55 11.50 -33.49
C ASP D 848 30.16 12.33 -32.36
N ASP D 849 29.29 12.81 -31.48
CA ASP D 849 29.56 13.65 -30.31
C ASP D 849 28.89 13.02 -29.09
N ASP D 850 28.39 13.82 -28.14
CA ASP D 850 27.59 13.15 -27.10
C ASP D 850 28.40 12.48 -26.01
N GLU D 851 28.72 13.26 -24.97
CA GLU D 851 29.31 12.76 -23.75
C GLU D 851 28.27 11.95 -22.96
N LEU D 852 28.15 10.64 -23.29
CA LEU D 852 27.37 9.66 -22.53
C LEU D 852 28.28 8.80 -21.66
N PRO D 853 27.86 8.55 -20.41
CA PRO D 853 28.78 7.97 -19.42
C PRO D 853 29.48 6.70 -19.89
N ALA D 854 30.60 6.39 -19.24
CA ALA D 854 31.44 5.26 -19.63
C ALA D 854 30.63 3.99 -19.79
N GLY D 855 30.68 3.42 -20.99
CA GLY D 855 29.96 2.20 -21.28
C GLY D 855 28.80 2.43 -22.23
N VAL D 856 28.08 3.54 -22.04
CA VAL D 856 26.93 3.84 -22.87
C VAL D 856 27.42 4.25 -24.26
N ASN D 857 26.77 3.69 -25.29
CA ASN D 857 27.12 4.01 -26.68
C ASN D 857 26.03 4.78 -27.43
N GLU D 858 24.82 4.84 -26.89
CA GLU D 858 23.72 5.55 -27.54
C GLU D 858 22.55 5.64 -26.58
N LEU D 859 21.80 6.73 -26.68
CA LEU D 859 20.63 6.95 -25.84
C LEU D 859 19.52 7.57 -26.68
N VAL D 860 18.29 7.16 -26.39
CA VAL D 860 17.10 7.70 -27.06
C VAL D 860 15.98 7.81 -26.04
N ARG D 861 15.36 8.98 -25.96
CA ARG D 861 14.24 9.21 -25.07
C ARG D 861 12.98 9.49 -25.90
N VAL D 862 11.87 8.90 -25.49
CA VAL D 862 10.60 9.02 -26.18
C VAL D 862 9.64 9.80 -25.29
N TYR D 863 8.97 10.79 -25.87
CA TYR D 863 8.00 11.61 -25.15
C TYR D 863 6.60 11.27 -25.65
N VAL D 864 5.75 10.80 -24.75
CA VAL D 864 4.37 10.46 -25.06
C VAL D 864 3.44 11.36 -24.26
N ALA D 865 2.40 11.87 -24.90
CA ALA D 865 1.44 12.77 -24.28
C ALA D 865 0.03 12.32 -24.65
N GLN D 866 -0.94 12.70 -23.81
CA GLN D 866 -2.31 12.26 -24.00
C GLN D 866 -3.26 13.33 -23.49
N LYS D 867 -4.32 13.60 -24.28
CA LYS D 867 -5.44 14.36 -23.77
C LYS D 867 -6.25 13.48 -22.82
N ARG D 868 -6.49 13.98 -21.61
CA ARG D 868 -7.21 13.23 -20.57
C ARG D 868 -8.56 13.88 -20.35
N LYS D 869 -9.60 13.31 -20.97
CA LYS D 869 -10.96 13.75 -20.68
C LYS D 869 -11.30 13.47 -19.22
N ILE D 870 -12.04 14.40 -18.60
CA ILE D 870 -12.47 14.18 -17.22
C ILE D 870 -13.31 12.90 -17.19
N SER D 871 -12.93 11.98 -16.32
CA SER D 871 -13.52 10.65 -16.29
C SER D 871 -14.09 10.36 -14.90
N ASP D 872 -15.13 9.52 -14.88
CA ASP D 872 -15.68 9.08 -13.61
C ASP D 872 -14.61 8.35 -12.80
N GLY D 873 -14.39 8.81 -11.57
CA GLY D 873 -13.34 8.31 -10.71
C GLY D 873 -12.28 9.35 -10.38
N ASP D 874 -12.05 10.28 -11.30
CA ASP D 874 -11.12 11.37 -11.03
C ASP D 874 -11.57 12.16 -9.80
N LYS D 875 -10.65 12.98 -9.29
CA LYS D 875 -10.89 13.77 -8.09
C LYS D 875 -11.01 15.24 -8.47
N LEU D 876 -12.08 15.87 -8.01
CA LEU D 876 -12.27 17.31 -8.10
C LEU D 876 -12.31 17.90 -6.70
N ALA D 877 -12.17 19.22 -6.63
CA ALA D 877 -12.18 19.88 -5.33
C ALA D 877 -12.22 21.39 -5.52
N GLY D 878 -12.87 22.06 -4.58
CA GLY D 878 -12.88 23.51 -4.54
C GLY D 878 -11.78 24.07 -3.66
N ARG D 879 -11.75 25.40 -3.57
CA ARG D 879 -10.73 26.09 -2.79
C ARG D 879 -10.98 26.07 -1.29
N HIS D 880 -12.06 25.43 -0.83
CA HIS D 880 -12.44 25.44 0.57
C HIS D 880 -12.15 24.12 1.27
N GLY D 881 -11.51 23.17 0.60
CA GLY D 881 -11.20 21.88 1.18
C GLY D 881 -12.14 20.77 0.81
N ASN D 882 -13.29 21.09 0.20
CA ASN D 882 -14.21 20.07 -0.26
C ASN D 882 -13.64 19.32 -1.45
N LYS D 883 -13.56 17.99 -1.35
CA LYS D 883 -13.08 17.16 -2.44
C LYS D 883 -13.85 15.84 -2.44
N GLY D 884 -14.02 15.28 -3.64
CA GLY D 884 -14.71 14.02 -3.82
C GLY D 884 -14.43 13.47 -5.19
N VAL D 885 -14.73 12.18 -5.35
CA VAL D 885 -14.55 11.52 -6.64
C VAL D 885 -15.76 11.81 -7.52
N ILE D 886 -15.54 11.79 -8.84
CA ILE D 886 -16.63 11.95 -9.80
C ILE D 886 -17.40 10.63 -9.82
N GLY D 887 -18.51 10.58 -9.10
CA GLY D 887 -19.25 9.33 -8.98
C GLY D 887 -19.92 8.90 -10.27
N LYS D 888 -20.48 9.87 -11.01
CA LYS D 888 -21.16 9.55 -12.24
C LYS D 888 -21.15 10.77 -13.15
N ILE D 889 -21.39 10.53 -14.43
CA ILE D 889 -21.49 11.57 -15.44
C ILE D 889 -22.77 11.32 -16.22
N LEU D 890 -23.75 12.17 -16.02
CA LEU D 890 -25.05 11.97 -16.63
C LEU D 890 -25.13 12.71 -17.97
N PRO D 891 -25.78 12.12 -18.97
CA PRO D 891 -25.99 12.84 -20.23
C PRO D 891 -26.62 14.21 -19.96
N VAL D 892 -26.18 15.21 -20.72
CA VAL D 892 -26.69 16.56 -20.53
C VAL D 892 -28.21 16.59 -20.52
N GLU D 893 -28.84 15.67 -21.25
CA GLU D 893 -30.29 15.65 -21.34
C GLU D 893 -30.93 15.40 -19.97
N ASP D 894 -30.68 14.22 -19.40
CA ASP D 894 -31.31 13.82 -18.14
C ASP D 894 -30.59 14.46 -16.95
N MET D 895 -30.48 15.79 -17.00
CA MET D 895 -29.84 16.56 -15.96
C MET D 895 -30.80 17.61 -15.41
N PRO D 896 -30.81 17.84 -14.11
CA PRO D 896 -31.63 18.93 -13.56
C PRO D 896 -31.25 20.25 -14.21
N PHE D 897 -32.24 20.88 -14.86
CA PHE D 897 -32.00 22.06 -15.67
C PHE D 897 -32.95 23.17 -15.25
N LEU D 898 -32.45 24.41 -15.32
CA LEU D 898 -33.22 25.60 -14.98
C LEU D 898 -34.39 25.77 -15.94
N PRO D 899 -35.32 26.69 -15.65
CA PRO D 899 -36.43 26.93 -16.58
C PRO D 899 -35.98 27.35 -17.97
N ASP D 900 -34.73 27.79 -18.14
CA ASP D 900 -34.21 28.11 -19.46
C ASP D 900 -34.06 26.88 -20.35
N GLY D 901 -34.14 25.68 -19.79
CA GLY D 901 -33.57 24.54 -20.44
C GLY D 901 -32.07 24.48 -20.32
N THR D 902 -31.50 25.25 -19.39
CA THR D 902 -30.06 25.34 -19.17
C THR D 902 -29.62 24.27 -18.19
N PRO D 903 -29.06 23.15 -18.68
CA PRO D 903 -28.64 22.09 -17.76
C PRO D 903 -27.53 22.56 -16.82
N VAL D 904 -27.55 22.02 -15.61
CA VAL D 904 -26.49 22.30 -14.65
C VAL D 904 -25.34 21.34 -14.90
N ASP D 905 -24.12 21.81 -14.62
CA ASP D 905 -22.93 21.01 -14.89
C ASP D 905 -22.78 19.87 -13.89
N ILE D 906 -22.66 20.20 -12.59
CA ILE D 906 -22.42 19.22 -11.55
C ILE D 906 -23.48 19.37 -10.47
N ILE D 907 -23.66 18.31 -9.69
CA ILE D 907 -24.64 18.27 -8.61
C ILE D 907 -23.92 17.89 -7.32
N LEU D 908 -23.91 18.80 -6.36
CA LEU D 908 -23.21 18.61 -5.09
C LEU D 908 -24.20 18.31 -3.99
N ASN D 909 -23.86 17.35 -3.14
CA ASN D 909 -24.74 16.96 -2.05
C ASN D 909 -24.64 17.94 -0.88
N THR D 910 -25.73 18.04 -0.12
CA THR D 910 -25.83 18.97 1.00
C THR D 910 -25.30 18.40 2.30
N HIS D 911 -25.01 17.10 2.37
CA HIS D 911 -24.82 16.44 3.65
C HIS D 911 -23.51 16.83 4.32
N GLY D 912 -22.49 17.17 3.55
CA GLY D 912 -21.25 17.62 4.16
C GLY D 912 -21.43 18.87 5.02
N VAL D 913 -22.46 19.69 4.73
CA VAL D 913 -22.53 20.99 5.39
C VAL D 913 -22.85 20.89 6.88
N PRO D 914 -23.81 20.05 7.35
CA PRO D 914 -24.21 20.10 8.77
C PRO D 914 -23.05 20.02 9.76
N ARG D 915 -22.83 21.11 10.51
CA ARG D 915 -21.77 21.24 11.53
C ARG D 915 -20.42 20.69 11.06
N ARG D 916 -20.03 21.04 9.83
CA ARG D 916 -18.73 20.73 9.22
C ARG D 916 -18.23 21.96 8.49
N MET D 917 -18.07 23.05 9.24
CA MET D 917 -18.70 24.30 8.88
C MET D 917 -18.58 24.58 7.37
N ASN D 918 -17.37 24.70 6.79
CA ASN D 918 -17.25 24.98 5.36
C ASN D 918 -18.36 25.94 4.89
N ILE D 919 -18.52 27.10 5.52
CA ILE D 919 -19.64 27.96 5.12
C ILE D 919 -19.32 28.73 3.86
N GLY D 920 -18.05 29.13 3.67
CA GLY D 920 -17.70 29.94 2.52
C GLY D 920 -18.04 29.32 1.19
N GLN D 921 -17.97 27.98 1.10
CA GLN D 921 -18.27 27.33 -0.17
C GLN D 921 -19.64 27.71 -0.70
N ILE D 922 -20.60 28.00 0.20
CA ILE D 922 -21.93 28.37 -0.26
C ILE D 922 -21.96 29.83 -0.70
N LEU D 923 -21.06 30.66 -0.17
CA LEU D 923 -21.08 32.09 -0.50
C LEU D 923 -20.56 32.35 -1.90
N GLU D 924 -19.40 31.77 -2.25
CA GLU D 924 -18.90 31.92 -3.60
C GLU D 924 -19.83 31.29 -4.64
N THR D 925 -20.75 30.44 -4.19
CA THR D 925 -21.75 29.88 -5.10
C THR D 925 -22.78 30.95 -5.47
N HIS D 926 -23.27 31.70 -4.48
CA HIS D 926 -24.20 32.78 -4.77
C HIS D 926 -23.49 33.93 -5.49
N LEU D 927 -22.35 34.36 -4.96
CA LEU D 927 -21.56 35.39 -5.64
C LEU D 927 -21.20 34.94 -7.05
N GLY D 928 -21.03 33.63 -7.26
CA GLY D 928 -20.77 33.14 -8.61
C GLY D 928 -21.94 33.40 -9.54
N TRP D 929 -23.17 33.20 -9.05
CA TRP D 929 -24.33 33.47 -9.88
C TRP D 929 -24.52 34.96 -10.09
N VAL D 930 -24.19 35.77 -9.08
CA VAL D 930 -24.24 37.22 -9.23
C VAL D 930 -23.29 37.68 -10.32
N ALA D 931 -22.05 37.19 -10.27
CA ALA D 931 -21.04 37.61 -11.24
C ALA D 931 -21.39 37.15 -12.65
N LYS D 932 -22.07 36.01 -12.78
CA LYS D 932 -22.38 35.48 -14.10
C LYS D 932 -23.59 36.16 -14.74
N ALA D 933 -24.56 36.57 -13.93
CA ALA D 933 -25.80 37.12 -14.47
C ALA D 933 -25.80 38.64 -14.56
N GLY D 934 -24.98 39.32 -13.75
CA GLY D 934 -24.98 40.77 -13.71
C GLY D 934 -26.06 41.30 -12.77
N TRP D 935 -25.96 42.58 -12.45
CA TRP D 935 -26.89 43.16 -11.51
C TRP D 935 -26.96 44.67 -11.69
N ASN D 936 -28.04 45.26 -11.20
CA ASN D 936 -28.24 46.71 -11.20
C ASN D 936 -29.08 47.05 -9.96
N ILE D 937 -28.41 47.53 -8.91
CA ILE D 937 -29.10 47.84 -7.67
C ILE D 937 -30.22 48.85 -7.94
N ASP D 938 -31.20 48.87 -7.04
CA ASP D 938 -32.40 49.68 -7.22
C ASP D 938 -32.24 51.08 -6.65
N VAL D 939 -31.01 51.57 -6.56
CA VAL D 939 -30.73 52.86 -5.95
C VAL D 939 -31.12 54.00 -6.89
N ALA D 940 -32.36 54.47 -6.79
CA ALA D 940 -32.70 55.79 -7.31
C ALA D 940 -33.11 56.72 -6.18
N ALA D 941 -34.11 56.33 -5.39
CA ALA D 941 -34.51 57.03 -4.18
C ALA D 941 -34.17 56.25 -2.93
N GLY D 942 -34.17 54.91 -3.03
CA GLY D 942 -33.82 54.05 -1.92
C GLY D 942 -32.41 54.27 -1.43
N VAL D 943 -31.43 53.95 -2.27
CA VAL D 943 -30.04 53.90 -1.84
C VAL D 943 -30.01 52.99 -0.61
N PRO D 944 -30.35 51.72 -0.76
CA PRO D 944 -30.62 50.88 0.41
C PRO D 944 -29.52 50.95 1.46
N ASP D 945 -29.93 50.77 2.72
CA ASP D 945 -28.99 50.92 3.83
C ASP D 945 -27.85 49.91 3.75
N TRP D 946 -28.07 48.77 3.08
CA TRP D 946 -27.03 47.76 3.03
C TRP D 946 -25.85 48.18 2.18
N ALA D 947 -26.09 49.00 1.15
CA ALA D 947 -25.04 49.49 0.28
C ALA D 947 -24.40 50.77 0.80
N SER D 948 -24.74 51.19 2.03
CA SER D 948 -24.17 52.42 2.58
C SER D 948 -22.64 52.33 2.65
N LYS D 949 -22.13 51.21 3.14
CA LYS D 949 -20.68 51.02 3.23
C LYS D 949 -20.03 50.73 1.88
N LEU D 950 -20.82 50.50 0.84
CA LEU D 950 -20.28 50.07 -0.44
C LEU D 950 -19.59 51.22 -1.18
N PRO D 951 -18.71 50.89 -2.12
CA PRO D 951 -18.12 51.92 -2.99
C PRO D 951 -19.04 52.23 -4.17
N GLU D 952 -18.78 53.37 -4.79
CA GLU D 952 -19.63 53.84 -5.88
C GLU D 952 -19.35 53.06 -7.17
N GLU D 953 -20.40 52.95 -7.99
CA GLU D 953 -20.31 52.41 -9.34
C GLU D 953 -20.12 50.90 -9.36
N LEU D 954 -19.87 50.30 -8.19
CA LEU D 954 -20.04 48.85 -8.08
C LEU D 954 -21.52 48.51 -8.12
N TYR D 955 -22.35 49.52 -7.88
CA TYR D 955 -23.80 49.40 -7.97
C TYR D 955 -24.22 48.65 -9.23
N SER D 956 -23.60 48.99 -10.36
CA SER D 956 -23.94 48.41 -11.65
C SER D 956 -22.74 47.66 -12.21
N ALA D 957 -22.99 46.46 -12.75
CA ALA D 957 -21.99 45.66 -13.41
C ALA D 957 -22.68 44.82 -14.47
N PRO D 958 -22.01 44.53 -15.59
CA PRO D 958 -22.64 43.72 -16.64
C PRO D 958 -22.52 42.23 -16.38
N ALA D 959 -23.04 41.43 -17.30
CA ALA D 959 -22.98 39.98 -17.15
C ALA D 959 -21.56 39.46 -17.35
N ASP D 960 -21.22 38.41 -16.61
CA ASP D 960 -19.95 37.69 -16.71
C ASP D 960 -18.78 38.45 -16.10
N SER D 961 -19.03 39.49 -15.31
CA SER D 961 -17.94 40.25 -14.71
C SER D 961 -17.22 39.42 -13.65
N THR D 962 -15.93 39.70 -13.48
CA THR D 962 -15.15 39.05 -12.43
C THR D 962 -15.21 39.87 -11.16
N VAL D 963 -15.04 39.19 -10.02
CA VAL D 963 -15.16 39.81 -8.72
C VAL D 963 -14.01 39.35 -7.83
N ALA D 964 -13.59 40.23 -6.92
CA ALA D 964 -12.49 39.94 -6.00
C ALA D 964 -12.89 40.35 -4.60
N THR D 965 -12.85 39.39 -3.67
CA THR D 965 -13.14 39.63 -2.26
C THR D 965 -11.93 39.23 -1.45
N PRO D 966 -10.98 40.15 -1.22
CA PRO D 966 -9.81 39.82 -0.41
C PRO D 966 -10.22 39.18 0.92
N VAL D 967 -9.33 38.34 1.44
CA VAL D 967 -9.75 37.35 2.44
C VAL D 967 -10.42 38.03 3.63
N PHE D 968 -9.68 38.84 4.38
CA PHE D 968 -10.16 39.32 5.66
C PHE D 968 -10.89 40.65 5.57
N ASP D 969 -11.06 41.19 4.37
CA ASP D 969 -12.07 42.23 4.13
C ASP D 969 -12.54 42.07 2.69
N GLY D 970 -13.61 41.31 2.51
CA GLY D 970 -14.23 41.14 1.21
C GLY D 970 -15.65 41.62 1.22
N ALA D 971 -16.49 41.08 0.34
CA ALA D 971 -17.89 41.39 0.39
C ALA D 971 -18.48 40.94 1.72
N GLN D 972 -19.29 41.80 2.33
CA GLN D 972 -19.92 41.45 3.59
C GLN D 972 -21.31 40.85 3.34
N GLU D 973 -21.86 40.27 4.42
CA GLU D 973 -23.05 39.44 4.28
C GLU D 973 -24.24 40.22 3.74
N GLY D 974 -24.57 41.35 4.38
CA GLY D 974 -25.75 42.10 3.97
C GLY D 974 -25.73 42.47 2.50
N GLU D 975 -24.57 42.91 2.00
CA GLU D 975 -24.48 43.31 0.60
C GLU D 975 -24.81 42.15 -0.34
N LEU D 976 -24.40 40.94 0.02
CA LEU D 976 -24.66 39.78 -0.83
C LEU D 976 -26.16 39.60 -1.05
N ALA D 977 -26.96 39.75 0.01
CA ALA D 977 -28.41 39.60 -0.12
C ALA D 977 -28.97 40.60 -1.11
N GLY D 978 -28.57 41.87 -1.00
CA GLY D 978 -29.07 42.88 -1.92
C GLY D 978 -28.71 42.58 -3.35
N LEU D 979 -27.51 42.06 -3.59
CA LEU D 979 -27.11 41.74 -4.95
C LEU D 979 -28.00 40.66 -5.56
N LEU D 980 -28.52 39.74 -4.76
CA LEU D 980 -29.44 38.74 -5.31
C LEU D 980 -30.79 39.33 -5.65
N GLY D 981 -31.14 40.47 -5.07
CA GLY D 981 -32.37 41.13 -5.47
C GLY D 981 -32.29 41.72 -6.86
N SER D 982 -31.13 42.24 -7.23
CA SER D 982 -30.89 42.82 -8.56
C SER D 982 -30.07 41.81 -9.37
N THR D 983 -30.75 41.03 -10.19
CA THR D 983 -30.18 39.84 -10.82
C THR D 983 -30.65 39.67 -12.26
N LEU D 984 -30.34 40.63 -13.16
CA LEU D 984 -31.04 40.87 -14.43
C LEU D 984 -31.47 39.61 -15.16
N PRO D 985 -32.45 39.72 -16.04
CA PRO D 985 -33.04 38.54 -16.69
C PRO D 985 -32.05 37.88 -17.65
N ASN D 986 -32.45 36.69 -18.11
CA ASN D 986 -31.85 35.94 -19.19
C ASN D 986 -32.67 36.19 -20.45
N ARG D 987 -32.16 35.71 -21.61
CA ARG D 987 -32.28 36.48 -22.85
C ARG D 987 -33.64 37.14 -22.94
N ASP D 988 -34.71 36.35 -22.86
CA ASP D 988 -36.05 36.89 -22.79
C ASP D 988 -36.40 37.18 -21.33
N GLY D 989 -36.75 38.43 -21.04
CA GLY D 989 -36.85 38.89 -19.66
C GLY D 989 -37.56 37.92 -18.74
N GLU D 990 -36.82 37.36 -17.79
CA GLU D 990 -37.33 36.41 -16.82
C GLU D 990 -36.22 36.15 -15.81
N VAL D 991 -36.61 35.75 -14.61
CA VAL D 991 -35.71 35.60 -13.48
C VAL D 991 -35.49 34.11 -13.22
N MET D 992 -34.23 33.71 -13.07
CA MET D 992 -33.89 32.31 -12.86
C MET D 992 -33.52 31.98 -11.42
N VAL D 993 -33.06 32.96 -10.64
CA VAL D 993 -32.64 32.73 -9.26
C VAL D 993 -33.25 33.81 -8.38
N ASP D 994 -33.93 33.38 -7.31
CA ASP D 994 -34.57 34.28 -6.36
C ASP D 994 -33.53 34.93 -5.46
N ALA D 995 -34.01 35.74 -4.51
CA ALA D 995 -33.11 36.36 -3.54
C ALA D 995 -32.57 35.36 -2.54
N ASP D 996 -32.97 34.09 -2.61
CA ASP D 996 -32.44 33.03 -1.78
C ASP D 996 -31.39 32.20 -2.49
N GLY D 997 -31.04 32.55 -3.72
CA GLY D 997 -30.11 31.74 -4.50
C GLY D 997 -30.65 30.37 -4.88
N LYS D 998 -31.97 30.24 -4.97
CA LYS D 998 -32.62 28.97 -5.30
C LYS D 998 -33.44 29.12 -6.57
N SER D 999 -33.78 27.97 -7.16
CA SER D 999 -34.58 27.95 -8.38
C SER D 999 -35.27 26.61 -8.48
N THR D 1000 -36.36 26.58 -9.25
CA THR D 1000 -37.13 25.36 -9.47
C THR D 1000 -36.50 24.60 -10.62
N LEU D 1001 -35.82 23.50 -10.31
CA LEU D 1001 -35.15 22.69 -11.32
C LEU D 1001 -36.07 21.59 -11.82
N PHE D 1002 -35.96 21.28 -13.11
CA PHE D 1002 -36.76 20.26 -13.76
C PHE D 1002 -35.93 18.99 -13.91
N ASP D 1003 -36.39 17.90 -13.30
CA ASP D 1003 -35.69 16.63 -13.42
C ASP D 1003 -35.67 16.19 -14.88
N GLY D 1004 -34.49 16.21 -15.50
CA GLY D 1004 -34.36 15.94 -16.91
C GLY D 1004 -34.63 14.52 -17.33
N ARG D 1005 -34.92 13.62 -16.40
CA ARG D 1005 -35.22 12.23 -16.73
C ARG D 1005 -36.69 11.87 -16.61
N SER D 1006 -37.41 12.49 -15.68
CA SER D 1006 -38.86 12.29 -15.57
C SER D 1006 -39.65 13.42 -16.21
N GLY D 1007 -39.11 14.64 -16.22
CA GLY D 1007 -39.77 15.80 -16.77
C GLY D 1007 -40.43 16.68 -15.73
N GLU D 1008 -40.86 16.11 -14.61
CA GLU D 1008 -41.52 16.86 -13.57
C GLU D 1008 -40.51 17.72 -12.81
N PRO D 1009 -40.91 18.91 -12.39
CA PRO D 1009 -40.01 19.76 -11.61
C PRO D 1009 -39.73 19.17 -10.25
N PHE D 1010 -38.58 19.52 -9.69
CA PHE D 1010 -38.25 19.08 -8.35
C PHE D 1010 -39.10 19.87 -7.36
N PRO D 1011 -39.87 19.21 -6.49
CA PRO D 1011 -40.93 19.92 -5.73
C PRO D 1011 -40.50 21.16 -4.97
N TYR D 1012 -39.22 21.26 -4.60
CA TYR D 1012 -38.72 22.35 -3.79
C TYR D 1012 -37.71 23.20 -4.57
N PRO D 1013 -37.59 24.49 -4.22
CA PRO D 1013 -36.54 25.32 -4.81
C PRO D 1013 -35.16 24.85 -4.36
N VAL D 1014 -34.25 24.73 -5.30
CA VAL D 1014 -32.91 24.19 -5.06
C VAL D 1014 -31.89 25.29 -5.24
N THR D 1015 -30.84 25.27 -4.43
CA THR D 1015 -29.79 26.28 -4.52
C THR D 1015 -28.94 26.01 -5.75
N VAL D 1016 -28.85 27.01 -6.64
CA VAL D 1016 -28.02 26.92 -7.83
C VAL D 1016 -27.06 28.10 -7.86
N GLY D 1017 -25.94 27.92 -8.54
CA GLY D 1017 -24.95 28.97 -8.63
C GLY D 1017 -23.75 28.51 -9.42
N TYR D 1018 -22.72 29.34 -9.40
CA TYR D 1018 -21.47 29.06 -10.10
C TYR D 1018 -20.35 28.97 -9.07
N MET D 1019 -19.65 27.84 -9.07
CA MET D 1019 -18.54 27.59 -8.15
C MET D 1019 -17.27 27.30 -8.94
N TYR D 1020 -16.13 27.65 -8.35
CA TYR D 1020 -14.83 27.45 -8.96
C TYR D 1020 -14.22 26.17 -8.39
N ILE D 1021 -14.11 25.14 -9.23
CA ILE D 1021 -13.61 23.84 -8.79
C ILE D 1021 -12.39 23.48 -9.64
N LEU D 1022 -11.60 22.55 -9.11
CA LEU D 1022 -10.31 22.18 -9.69
C LEU D 1022 -10.26 20.68 -9.96
N LYS D 1023 -9.58 20.31 -11.04
CA LYS D 1023 -9.26 18.92 -11.31
C LYS D 1023 -7.96 18.58 -10.58
N LEU D 1024 -8.00 17.58 -9.71
CA LEU D 1024 -6.89 17.29 -8.82
C LEU D 1024 -5.84 16.41 -9.50
N HIS D 1025 -4.70 16.29 -8.83
CA HIS D 1025 -3.49 15.77 -9.47
C HIS D 1025 -3.65 14.31 -9.88
N HIS D 1026 -4.05 13.45 -8.95
CA HIS D 1026 -4.08 12.01 -9.19
C HIS D 1026 -5.38 11.61 -9.88
N LEU D 1027 -5.27 10.83 -10.95
CA LEU D 1027 -6.39 10.47 -11.80
C LEU D 1027 -6.58 8.96 -11.79
N VAL D 1028 -7.78 8.53 -12.23
CA VAL D 1028 -8.12 7.11 -12.24
C VAL D 1028 -7.13 6.33 -13.09
N ASP D 1029 -6.84 6.85 -14.29
CA ASP D 1029 -5.97 6.14 -15.21
C ASP D 1029 -4.66 5.72 -14.56
N ASP D 1030 -4.10 6.60 -13.71
CA ASP D 1030 -2.84 6.29 -13.05
C ASP D 1030 -3.03 5.34 -11.86
N LYS D 1031 -4.22 5.34 -11.25
CA LYS D 1031 -4.41 4.64 -9.98
C LYS D 1031 -4.96 3.23 -10.13
N ILE D 1032 -5.52 2.88 -11.28
CA ILE D 1032 -6.10 1.55 -11.46
C ILE D 1032 -5.00 0.56 -11.76
N HIS D 1033 -4.99 -0.57 -11.04
CA HIS D 1033 -4.01 -1.62 -11.23
C HIS D 1033 -4.70 -2.97 -11.18
N ALA D 1034 -4.17 -3.91 -11.97
CA ALA D 1034 -4.69 -5.27 -11.99
C ALA D 1034 -3.59 -6.21 -12.43
N ARG D 1035 -3.64 -7.45 -11.94
CA ARG D 1035 -2.60 -8.42 -12.21
C ARG D 1035 -3.15 -9.83 -12.04
N SER D 1036 -2.86 -10.69 -13.01
CA SER D 1036 -3.08 -12.14 -12.89
C SER D 1036 -1.78 -12.89 -12.71
N THR D 1037 -0.78 -12.59 -13.53
CA THR D 1037 0.56 -13.15 -13.38
C THR D 1037 1.56 -12.15 -13.96
N GLY D 1038 2.73 -12.07 -13.32
CA GLY D 1038 3.73 -11.13 -13.75
C GLY D 1038 5.11 -11.44 -13.18
N PRO D 1039 5.95 -10.41 -13.10
CA PRO D 1039 7.31 -10.63 -12.59
C PRO D 1039 7.31 -11.05 -11.13
N TYR D 1040 8.36 -11.79 -10.76
CA TYR D 1040 8.54 -12.28 -9.41
C TYR D 1040 9.91 -11.84 -8.88
N SER D 1041 9.94 -11.35 -7.65
CA SER D 1041 11.18 -10.91 -7.04
C SER D 1041 12.21 -12.04 -7.04
N MET D 1042 13.48 -11.65 -6.90
CA MET D 1042 14.57 -12.62 -6.98
C MET D 1042 14.84 -13.27 -5.62
N ILE D 1043 15.17 -12.47 -4.61
CA ILE D 1043 15.48 -13.02 -3.29
C ILE D 1043 14.28 -13.76 -2.73
N THR D 1044 13.13 -13.08 -2.68
CA THR D 1044 11.88 -13.68 -2.27
C THR D 1044 10.95 -13.77 -3.48
N GLN D 1045 10.38 -14.95 -3.70
CA GLN D 1045 9.57 -15.19 -4.89
C GLN D 1045 8.26 -14.42 -4.90
N GLN D 1046 8.01 -13.57 -3.91
CA GLN D 1046 6.76 -12.83 -3.88
C GLN D 1046 6.66 -11.93 -5.11
N PRO D 1047 5.46 -11.74 -5.66
CA PRO D 1047 5.32 -10.98 -6.90
C PRO D 1047 5.70 -9.53 -6.71
N LEU D 1048 6.22 -8.92 -7.78
CA LEU D 1048 6.59 -7.52 -7.76
C LEU D 1048 6.32 -6.93 -9.13
N GLY D 1049 5.95 -5.65 -9.15
CA GLY D 1049 5.70 -4.96 -10.40
C GLY D 1049 6.75 -3.93 -10.73
N GLY D 1050 7.60 -4.22 -11.72
CA GLY D 1050 8.63 -3.28 -12.14
C GLY D 1050 8.24 -2.52 -13.39
N LYS D 1051 8.94 -2.77 -14.50
CA LYS D 1051 8.47 -2.25 -15.77
C LYS D 1051 7.18 -2.94 -16.19
N ALA D 1052 6.32 -2.20 -16.89
CA ALA D 1052 5.03 -2.72 -17.37
C ALA D 1052 4.19 -3.21 -16.19
N GLN D 1053 3.64 -2.21 -15.48
CA GLN D 1053 3.50 -2.17 -14.03
C GLN D 1053 3.23 -3.55 -13.43
N PHE D 1054 2.08 -4.16 -13.75
CA PHE D 1054 1.72 -5.50 -13.31
C PHE D 1054 2.02 -5.74 -11.84
N GLY D 1055 2.03 -4.69 -11.02
CA GLY D 1055 2.32 -4.87 -9.62
C GLY D 1055 1.23 -5.64 -8.90
N GLY D 1056 1.64 -6.36 -7.86
CA GLY D 1056 0.73 -7.20 -7.08
C GLY D 1056 0.31 -6.50 -5.80
N GLN D 1057 -0.98 -6.60 -5.47
CA GLN D 1057 -1.46 -6.11 -4.20
C GLN D 1057 -0.91 -6.95 -3.06
N ARG D 1058 -0.67 -6.29 -1.94
CA ARG D 1058 0.04 -6.88 -0.82
C ARG D 1058 -0.95 -7.18 0.31
N PHE D 1059 -0.98 -8.44 0.74
CA PHE D 1059 -1.94 -8.93 1.74
C PHE D 1059 -1.26 -8.95 3.10
N GLY D 1060 -1.48 -7.88 3.88
CA GLY D 1060 -0.79 -7.72 5.14
C GLY D 1060 -1.30 -8.62 6.26
N GLU D 1061 -0.74 -8.41 7.45
CA GLU D 1061 -1.15 -9.21 8.61
C GLU D 1061 -2.56 -8.85 9.06
N MET D 1062 -2.88 -7.55 9.09
CA MET D 1062 -4.23 -7.15 9.46
C MET D 1062 -5.27 -7.83 8.57
N GLU D 1063 -4.99 -7.89 7.26
CA GLU D 1063 -5.88 -8.63 6.36
C GLU D 1063 -5.92 -10.10 6.74
N CYS D 1064 -4.78 -10.66 7.14
CA CYS D 1064 -4.76 -12.06 7.59
C CYS D 1064 -5.58 -12.23 8.85
N TRP D 1065 -5.55 -11.25 9.76
CA TRP D 1065 -6.38 -11.30 10.95
C TRP D 1065 -7.85 -11.45 10.57
N ALA D 1066 -8.32 -10.60 9.65
CA ALA D 1066 -9.71 -10.69 9.23
C ALA D 1066 -10.01 -12.05 8.59
N MET D 1067 -9.12 -12.51 7.72
CA MET D 1067 -9.33 -13.81 7.09
C MET D 1067 -9.44 -14.92 8.12
N GLN D 1068 -8.60 -14.86 9.16
CA GLN D 1068 -8.70 -15.83 10.25
C GLN D 1068 -10.03 -15.66 10.99
N ALA D 1069 -10.44 -14.41 11.25
CA ALA D 1069 -11.67 -14.16 12.00
C ALA D 1069 -12.87 -14.81 11.31
N TYR D 1070 -12.91 -14.75 9.97
CA TYR D 1070 -14.00 -15.39 9.24
C TYR D 1070 -13.96 -16.91 9.36
N GLY D 1071 -12.79 -17.49 9.62
CA GLY D 1071 -12.63 -18.92 9.61
C GLY D 1071 -12.31 -19.52 8.26
N ALA D 1072 -12.08 -18.69 7.25
CA ALA D 1072 -11.77 -19.16 5.90
C ALA D 1072 -10.32 -19.62 5.86
N ALA D 1073 -10.10 -20.88 6.22
CA ALA D 1073 -8.74 -21.41 6.27
C ALA D 1073 -8.13 -21.54 4.87
N TYR D 1074 -8.94 -21.97 3.90
CA TYR D 1074 -8.41 -22.22 2.57
C TYR D 1074 -8.07 -20.92 1.84
N THR D 1075 -8.99 -19.96 1.86
CA THR D 1075 -8.73 -18.66 1.23
C THR D 1075 -7.43 -18.06 1.75
N LEU D 1076 -7.18 -18.18 3.06
CA LEU D 1076 -5.96 -17.64 3.64
C LEU D 1076 -4.74 -18.40 3.13
N GLN D 1077 -4.76 -19.73 3.21
CA GLN D 1077 -3.65 -20.53 2.70
C GLN D 1077 -3.38 -20.24 1.23
N GLU D 1078 -4.44 -20.14 0.43
CA GLU D 1078 -4.27 -19.87 -0.99
C GLU D 1078 -3.53 -18.56 -1.21
N LEU D 1079 -3.91 -17.51 -0.48
CA LEU D 1079 -3.28 -16.20 -0.68
C LEU D 1079 -1.81 -16.23 -0.31
N LEU D 1080 -1.44 -16.96 0.74
CA LEU D 1080 -0.08 -16.92 1.24
C LEU D 1080 0.84 -17.97 0.60
N THR D 1081 0.30 -18.96 -0.12
CA THR D 1081 1.16 -19.98 -0.69
C THR D 1081 1.15 -19.99 -2.22
N ILE D 1082 0.01 -20.21 -2.86
CA ILE D 1082 0.01 -20.43 -4.30
C ILE D 1082 -0.15 -19.14 -5.08
N LYS D 1083 -0.60 -18.06 -4.44
CA LYS D 1083 -0.67 -16.77 -5.12
C LYS D 1083 0.60 -15.94 -4.92
N SER D 1084 1.42 -16.25 -3.91
CA SER D 1084 2.62 -15.46 -3.64
C SER D 1084 3.92 -16.23 -3.75
N ASP D 1085 4.13 -17.28 -2.95
CA ASP D 1085 5.48 -17.76 -2.68
C ASP D 1085 5.79 -19.15 -3.21
N ASP D 1086 4.79 -19.96 -3.55
CA ASP D 1086 5.03 -21.33 -4.00
C ASP D 1086 5.63 -21.29 -5.40
N THR D 1087 6.95 -21.51 -5.50
CA THR D 1087 7.61 -21.49 -6.80
C THR D 1087 7.05 -22.56 -7.73
N VAL D 1088 6.56 -23.67 -7.18
CA VAL D 1088 6.04 -24.76 -7.98
C VAL D 1088 4.52 -24.66 -8.05
N GLY D 1089 3.90 -24.17 -6.98
CA GLY D 1089 2.46 -24.13 -6.93
C GLY D 1089 1.85 -23.14 -7.91
N ARG D 1090 2.39 -21.91 -7.93
CA ARG D 1090 1.81 -20.87 -8.77
C ARG D 1090 1.73 -21.30 -10.23
N VAL D 1091 2.77 -21.98 -10.72
CA VAL D 1091 2.73 -22.45 -12.11
C VAL D 1091 1.74 -23.59 -12.27
N LYS D 1092 1.61 -24.44 -11.25
CA LYS D 1092 0.69 -25.57 -11.34
C LYS D 1092 -0.76 -25.11 -11.38
N VAL D 1093 -1.10 -24.09 -10.60
CA VAL D 1093 -2.47 -23.59 -10.61
C VAL D 1093 -2.79 -22.92 -11.94
N TYR D 1094 -1.81 -22.23 -12.53
CA TYR D 1094 -2.02 -21.64 -13.85
C TYR D 1094 -2.27 -22.73 -14.88
N GLU D 1095 -1.48 -23.81 -14.84
CA GLU D 1095 -1.72 -24.94 -15.72
C GLU D 1095 -3.09 -25.56 -15.45
N ALA D 1096 -3.50 -25.62 -14.19
CA ALA D 1096 -4.78 -26.22 -13.85
C ALA D 1096 -5.94 -25.38 -14.39
N ILE D 1097 -5.86 -24.06 -14.25
CA ILE D 1097 -6.94 -23.19 -14.72
C ILE D 1097 -7.15 -23.37 -16.21
N VAL D 1098 -6.06 -23.41 -16.98
CA VAL D 1098 -6.17 -23.47 -18.43
C VAL D 1098 -6.75 -24.81 -18.87
N LYS D 1099 -6.32 -25.90 -18.22
CA LYS D 1099 -6.90 -27.21 -18.53
C LYS D 1099 -8.32 -27.34 -18.02
N GLY D 1100 -8.75 -26.47 -17.11
CA GLY D 1100 -10.04 -26.61 -16.47
C GLY D 1100 -10.09 -27.63 -15.34
N GLU D 1101 -8.96 -28.26 -15.02
CA GLU D 1101 -8.91 -29.23 -13.94
C GLU D 1101 -8.90 -28.53 -12.59
N ASN D 1102 -9.20 -29.31 -11.54
CA ASN D 1102 -9.25 -28.77 -10.20
C ASN D 1102 -7.94 -28.06 -9.84
N ILE D 1103 -8.03 -27.13 -8.91
CA ILE D 1103 -6.82 -26.42 -8.47
C ILE D 1103 -5.96 -27.37 -7.64
N PRO D 1104 -4.65 -27.38 -7.85
CA PRO D 1104 -3.79 -28.33 -7.11
C PRO D 1104 -3.68 -27.99 -5.63
N GLU D 1105 -2.93 -28.82 -4.90
CA GLU D 1105 -2.70 -28.67 -3.47
C GLU D 1105 -1.47 -27.81 -3.22
N PRO D 1106 -1.57 -26.80 -2.35
CA PRO D 1106 -0.43 -25.90 -2.14
C PRO D 1106 0.78 -26.63 -1.56
N GLY D 1107 1.93 -26.00 -1.70
CA GLY D 1107 3.18 -26.56 -1.20
C GLY D 1107 3.73 -25.83 -0.01
N ILE D 1108 5.00 -25.45 -0.07
CA ILE D 1108 5.69 -24.78 1.04
C ILE D 1108 6.05 -23.37 0.58
N PRO D 1109 5.63 -22.33 1.29
CA PRO D 1109 6.00 -20.97 0.89
C PRO D 1109 7.51 -20.79 0.91
N GLU D 1110 8.05 -20.29 -0.20
CA GLU D 1110 9.49 -20.06 -0.28
C GLU D 1110 9.97 -19.20 0.89
N SER D 1111 9.12 -18.32 1.41
CA SER D 1111 9.48 -17.52 2.58
C SER D 1111 9.87 -18.42 3.75
N PHE D 1112 9.06 -19.45 4.02
CA PHE D 1112 9.36 -20.33 5.14
C PHE D 1112 10.64 -21.13 4.88
N LYS D 1113 10.80 -21.66 3.67
CA LYS D 1113 12.02 -22.40 3.35
C LYS D 1113 13.26 -21.55 3.63
N VAL D 1114 13.27 -20.32 3.12
CA VAL D 1114 14.38 -19.40 3.38
C VAL D 1114 14.55 -19.19 4.88
N LEU D 1115 13.45 -19.24 5.63
CA LEU D 1115 13.53 -19.01 7.08
C LEU D 1115 14.45 -20.03 7.74
N LEU D 1116 14.31 -21.30 7.37
CA LEU D 1116 15.16 -22.34 7.96
C LEU D 1116 16.63 -22.07 7.68
N LYS D 1117 16.97 -21.77 6.42
CA LYS D 1117 18.35 -21.45 6.09
C LYS D 1117 18.86 -20.29 6.92
N GLU D 1118 18.03 -19.27 7.14
CA GLU D 1118 18.44 -18.14 7.96
C GLU D 1118 18.74 -18.58 9.39
N LEU D 1119 17.92 -19.47 9.93
CA LEU D 1119 18.21 -20.02 11.26
C LEU D 1119 19.48 -20.85 11.25
N GLN D 1120 19.67 -21.66 10.19
CA GLN D 1120 20.88 -22.47 10.10
C GLN D 1120 22.13 -21.60 9.96
N SER D 1121 22.06 -20.58 9.11
CA SER D 1121 23.17 -19.64 8.99
C SER D 1121 23.54 -19.03 10.34
N LEU D 1122 22.63 -19.07 11.31
CA LEU D 1122 22.84 -18.53 12.64
C LEU D 1122 23.32 -19.57 13.64
N CYS D 1123 23.65 -20.78 13.17
CA CYS D 1123 24.09 -21.87 14.03
C CYS D 1123 22.95 -22.39 14.91
N LEU D 1124 21.77 -22.52 14.32
CA LEU D 1124 20.62 -23.14 14.97
C LEU D 1124 20.19 -24.34 14.13
N ASN D 1125 20.22 -25.53 14.73
CA ASN D 1125 19.95 -26.78 14.02
C ASN D 1125 18.44 -27.04 14.04
N VAL D 1126 17.74 -26.46 13.07
CA VAL D 1126 16.30 -26.68 12.96
C VAL D 1126 16.05 -28.03 12.30
N GLU D 1127 15.16 -28.82 12.87
CA GLU D 1127 14.83 -30.14 12.36
C GLU D 1127 13.32 -30.24 12.18
N VAL D 1128 12.89 -30.70 10.99
CA VAL D 1128 11.48 -30.72 10.66
C VAL D 1128 10.73 -31.74 11.50
N LEU D 1129 11.35 -32.89 11.78
CA LEU D 1129 10.81 -33.85 12.72
C LEU D 1129 9.41 -34.33 12.31
N SER D 1130 9.37 -35.02 11.17
CA SER D 1130 8.13 -35.67 10.76
C SER D 1130 7.77 -36.78 11.74
N SER D 1131 6.48 -37.16 11.75
CA SER D 1131 6.01 -38.16 12.69
C SER D 1131 6.62 -39.54 12.41
N ASP D 1132 6.93 -39.82 11.14
CA ASP D 1132 7.40 -41.15 10.73
C ASP D 1132 8.87 -41.18 10.32
N GLY D 1133 9.30 -40.30 9.43
CA GLY D 1133 10.69 -40.30 8.99
C GLY D 1133 11.61 -39.46 9.83
N ALA D 1134 11.06 -38.53 10.59
CA ALA D 1134 11.76 -37.88 11.68
C ALA D 1134 12.79 -36.88 11.21
N ALA D 1135 13.05 -36.82 9.90
CA ALA D 1135 14.06 -35.89 9.42
C ALA D 1135 13.91 -35.69 7.91
N ILE D 1136 13.65 -34.45 7.51
CA ILE D 1136 13.29 -34.17 6.13
C ILE D 1136 14.12 -32.99 5.63
N GLU D 1137 14.59 -33.10 4.39
CA GLU D 1137 15.21 -31.98 3.70
C GLU D 1137 14.24 -31.46 2.65
N MET D 1138 14.04 -30.13 2.65
CA MET D 1138 13.05 -29.53 1.78
C MET D 1138 13.30 -29.88 0.32
N ARG D 1139 14.54 -29.72 -0.12
CA ARG D 1139 14.91 -30.04 -1.50
C ARG D 1139 14.06 -29.27 -2.50
N ASP E 3 8.72 -32.03 0.68
CA ASP E 3 7.56 -31.56 -0.07
C ASP E 3 6.33 -32.39 0.25
N VAL E 4 6.20 -32.79 1.52
CA VAL E 4 5.07 -33.60 1.93
C VAL E 4 3.87 -32.78 2.40
N ASN E 5 4.08 -31.51 2.73
CA ASN E 5 3.12 -30.47 3.09
C ASN E 5 2.42 -30.73 4.42
N PHE E 6 2.66 -31.86 5.09
CA PHE E 6 2.05 -32.13 6.38
C PHE E 6 3.08 -32.80 7.29
N PHE E 7 3.61 -32.04 8.23
CA PHE E 7 4.53 -32.56 9.23
C PHE E 7 3.84 -32.60 10.59
N ASP E 8 4.58 -32.99 11.63
CA ASP E 8 4.04 -32.99 12.97
C ASP E 8 4.71 -31.98 13.88
N GLU E 9 6.03 -32.04 14.03
CA GLU E 9 6.76 -31.22 15.00
C GLU E 9 7.73 -30.28 14.29
N LEU E 10 8.45 -29.51 15.09
CA LEU E 10 9.53 -28.67 14.56
C LEU E 10 10.50 -28.41 15.72
N ARG E 11 11.62 -29.13 15.71
CA ARG E 11 12.57 -29.11 16.82
C ARG E 11 13.79 -28.29 16.46
N ILE E 12 14.29 -27.54 17.45
CA ILE E 12 15.50 -26.73 17.29
C ILE E 12 16.49 -27.12 18.36
N GLY E 13 17.77 -26.90 18.08
CA GLY E 13 18.82 -27.22 19.03
C GLY E 13 20.13 -26.59 18.60
N LEU E 14 21.03 -26.48 19.57
CA LEU E 14 22.35 -25.91 19.30
C LEU E 14 23.05 -26.67 18.18
N ALA E 15 23.53 -25.94 17.18
CA ALA E 15 24.22 -26.54 16.05
C ALA E 15 25.69 -26.75 16.43
N THR E 16 26.10 -28.01 16.53
CA THR E 16 27.47 -28.32 16.85
C THR E 16 28.38 -28.08 15.64
N ALA E 17 29.69 -28.11 15.89
CA ALA E 17 30.65 -27.94 14.80
C ALA E 17 30.50 -29.03 13.76
N ASP E 18 30.12 -30.25 14.18
CA ASP E 18 29.92 -31.33 13.22
C ASP E 18 28.66 -31.11 12.39
N ASP E 19 27.55 -30.72 13.03
CA ASP E 19 26.34 -30.39 12.29
C ASP E 19 26.64 -29.39 11.18
N ILE E 20 27.44 -28.37 11.49
CA ILE E 20 27.77 -27.35 10.50
C ILE E 20 28.60 -27.96 9.37
N ARG E 21 29.60 -28.77 9.73
CA ARG E 21 30.40 -29.44 8.70
C ARG E 21 29.55 -30.39 7.87
N ASN E 22 28.55 -31.04 8.48
CA ASN E 22 27.69 -31.94 7.73
C ASN E 22 26.80 -31.18 6.76
N TRP E 23 26.26 -30.04 7.20
CA TRP E 23 25.47 -29.21 6.31
C TRP E 23 26.28 -28.78 5.09
N SER E 24 27.51 -28.31 5.33
CA SER E 24 28.28 -27.64 4.30
C SER E 24 28.55 -28.57 3.11
N TYR E 25 28.57 -27.97 1.92
CA TYR E 25 28.94 -28.67 0.69
C TYR E 25 30.38 -28.41 0.29
N GLY E 26 31.16 -27.79 1.16
CA GLY E 26 32.55 -27.47 0.89
C GLY E 26 32.92 -26.20 1.63
N GLU E 27 34.18 -26.13 2.05
CA GLU E 27 34.66 -24.96 2.79
C GLU E 27 35.04 -23.85 1.83
N VAL E 28 34.49 -22.67 2.08
CA VAL E 28 34.87 -21.47 1.33
C VAL E 28 36.19 -20.96 1.88
N LYS E 29 37.20 -20.86 1.03
CA LYS E 29 38.55 -20.53 1.45
C LYS E 29 38.98 -19.10 1.14
N LYS E 30 38.37 -18.45 0.15
CA LYS E 30 38.82 -17.14 -0.27
C LYS E 30 37.71 -16.11 -0.14
N PRO E 31 38.05 -14.87 0.22
CA PRO E 31 37.06 -13.79 0.29
C PRO E 31 36.79 -13.11 -1.05
N GLU E 32 36.57 -13.93 -2.09
CA GLU E 32 36.39 -13.43 -3.45
C GLU E 32 34.97 -13.71 -3.92
N THR E 33 34.31 -12.68 -4.43
CA THR E 33 32.94 -12.83 -4.93
C THR E 33 32.92 -13.32 -6.39
N ILE E 34 33.44 -12.51 -7.31
CA ILE E 34 33.37 -12.81 -8.73
C ILE E 34 34.50 -12.07 -9.44
N ASN E 35 34.93 -12.63 -10.57
CA ASN E 35 35.99 -12.00 -11.37
C ASN E 35 35.54 -10.64 -11.88
N TYR E 36 36.46 -9.69 -11.88
CA TYR E 36 36.13 -8.34 -12.33
C TYR E 36 35.98 -8.25 -13.84
N ARG E 37 36.55 -9.19 -14.59
CA ARG E 37 36.44 -9.20 -16.05
C ARG E 37 35.30 -10.08 -16.54
N THR E 38 35.37 -11.39 -16.25
CA THR E 38 34.35 -12.30 -16.75
C THR E 38 33.07 -12.24 -15.92
N LEU E 39 33.14 -11.70 -14.71
CA LEU E 39 31.99 -11.64 -13.80
C LEU E 39 31.48 -13.02 -13.43
N LYS E 40 32.29 -14.05 -13.65
CA LYS E 40 31.94 -15.41 -13.24
C LYS E 40 32.39 -15.65 -11.80
N PRO E 41 31.78 -16.61 -11.12
CA PRO E 41 32.16 -16.88 -9.73
C PRO E 41 33.59 -17.38 -9.62
N GLU E 42 34.29 -16.90 -8.60
CA GLU E 42 35.67 -17.30 -8.36
C GLU E 42 35.72 -18.60 -7.56
N LYS E 43 36.60 -19.50 -7.98
CA LYS E 43 36.71 -20.81 -7.32
C LYS E 43 37.19 -20.65 -5.89
N ASP E 44 36.62 -21.44 -4.98
CA ASP E 44 37.01 -21.50 -3.58
C ASP E 44 36.56 -20.29 -2.78
N GLY E 45 35.99 -19.28 -3.43
CA GLY E 45 35.45 -18.12 -2.75
C GLY E 45 33.96 -18.21 -2.56
N LEU E 46 33.37 -17.11 -2.10
CA LEU E 46 31.93 -17.02 -2.08
C LEU E 46 31.38 -17.12 -3.50
N PHE E 47 30.19 -17.69 -3.63
CA PHE E 47 29.54 -17.96 -4.91
C PHE E 47 30.19 -19.09 -5.69
N CYS E 48 31.25 -19.70 -5.16
CA CYS E 48 31.94 -20.78 -5.88
C CYS E 48 30.95 -21.83 -6.35
N GLU E 49 30.93 -22.06 -7.67
CA GLU E 49 29.99 -23.03 -8.23
C GLU E 49 30.33 -24.45 -7.80
N LYS E 50 31.60 -24.72 -7.47
CA LYS E 50 31.97 -26.02 -6.92
C LYS E 50 31.19 -26.32 -5.65
N ILE E 51 31.13 -25.34 -4.75
CA ILE E 51 30.51 -25.56 -3.44
C ILE E 51 28.99 -25.46 -3.53
N PHE E 52 28.49 -24.29 -3.92
CA PHE E 52 27.08 -23.96 -3.76
C PHE E 52 26.20 -24.44 -4.91
N GLY E 53 26.69 -24.40 -6.14
CA GLY E 53 25.94 -24.94 -7.24
C GLY E 53 26.14 -24.23 -8.56
N PRO E 54 25.59 -24.78 -9.63
CA PRO E 54 25.75 -24.18 -10.95
C PRO E 54 24.93 -22.92 -11.11
N THR E 55 25.39 -22.05 -12.01
CA THR E 55 24.64 -20.85 -12.36
C THR E 55 23.56 -21.14 -13.40
N ARG E 56 23.77 -22.16 -14.24
CA ARG E 56 22.83 -22.52 -15.28
C ARG E 56 22.47 -23.99 -15.16
N ASP E 57 21.21 -24.31 -15.47
CA ASP E 57 20.69 -25.65 -15.23
C ASP E 57 21.40 -26.67 -16.10
N TRP E 58 21.99 -27.68 -15.46
CA TRP E 58 22.64 -28.79 -16.15
C TRP E 58 23.79 -28.29 -17.02
N GLU E 59 24.65 -27.46 -16.42
CA GLU E 59 25.84 -26.96 -17.10
C GLU E 59 26.97 -26.81 -16.09
N CYS E 60 28.10 -27.43 -16.37
CA CYS E 60 29.26 -27.26 -15.51
C CYS E 60 29.93 -25.93 -15.77
N TYR E 61 30.91 -25.58 -14.92
CA TYR E 61 31.58 -24.29 -15.05
C TYR E 61 32.35 -24.19 -16.37
N CYS E 62 33.19 -25.18 -16.66
CA CYS E 62 33.95 -25.17 -17.90
C CYS E 62 33.09 -25.50 -19.11
N GLY E 63 32.07 -26.34 -18.94
CA GLY E 63 31.16 -26.65 -20.01
C GLY E 63 31.34 -27.99 -20.67
N LYS E 64 32.25 -28.83 -20.17
CA LYS E 64 32.44 -30.16 -20.77
C LYS E 64 31.13 -30.95 -20.77
N TYR E 65 30.30 -30.77 -19.75
CA TYR E 65 29.00 -31.43 -19.63
C TYR E 65 27.94 -30.33 -19.59
N LYS E 66 27.47 -29.92 -20.76
CA LYS E 66 26.52 -28.82 -20.87
C LYS E 66 25.14 -29.25 -21.33
N ARG E 67 24.95 -30.53 -21.65
CA ARG E 67 23.64 -31.00 -22.11
C ARG E 67 22.72 -31.24 -20.93
N VAL E 68 21.45 -31.56 -21.25
CA VAL E 68 20.47 -31.85 -20.22
C VAL E 68 20.68 -33.22 -19.58
N ARG E 69 21.59 -34.01 -20.12
CA ARG E 69 21.93 -35.31 -19.57
C ARG E 69 23.00 -35.14 -18.48
N PHE E 70 23.60 -36.25 -18.05
CA PHE E 70 24.61 -36.22 -16.98
C PHE E 70 24.06 -35.57 -15.72
N LYS E 71 22.80 -35.86 -15.40
CA LYS E 71 22.21 -35.32 -14.18
C LYS E 71 22.92 -35.88 -12.96
N GLY E 72 23.25 -35.00 -12.03
CA GLY E 72 23.92 -35.43 -10.81
C GLY E 72 25.28 -36.07 -11.03
N ILE E 73 26.07 -35.51 -11.94
CA ILE E 73 27.43 -35.97 -12.18
C ILE E 73 28.36 -34.76 -12.03
N ILE E 74 29.47 -34.96 -11.32
CA ILE E 74 30.43 -33.89 -11.08
C ILE E 74 31.44 -33.87 -12.20
N CYS E 75 31.73 -32.67 -12.72
CA CYS E 75 32.70 -32.52 -13.79
C CYS E 75 34.11 -32.64 -13.25
N GLU E 76 34.89 -33.54 -13.83
CA GLU E 76 36.25 -33.81 -13.36
C GLU E 76 37.23 -32.70 -13.70
N ARG E 77 36.79 -31.62 -14.34
CA ARG E 77 37.66 -30.49 -14.65
C ARG E 77 37.37 -29.25 -13.82
N CYS E 78 36.11 -28.98 -13.50
CA CYS E 78 35.74 -27.81 -12.71
C CYS E 78 35.06 -28.16 -11.39
N GLY E 79 34.76 -29.42 -11.13
CA GLY E 79 34.19 -29.81 -9.86
C GLY E 79 32.77 -29.36 -9.62
N VAL E 80 32.03 -29.05 -10.68
CA VAL E 80 30.66 -28.57 -10.56
C VAL E 80 29.70 -29.73 -10.85
N GLU E 81 28.78 -29.97 -9.93
CA GLU E 81 27.75 -30.99 -10.15
C GLU E 81 26.76 -30.51 -11.20
N VAL E 82 26.31 -31.44 -12.04
CA VAL E 82 25.38 -31.13 -13.12
C VAL E 82 23.97 -31.33 -12.56
N THR E 83 23.34 -30.23 -12.17
CA THR E 83 21.98 -30.26 -11.65
C THR E 83 21.36 -28.88 -11.79
N ARG E 84 20.07 -28.79 -11.51
CA ARG E 84 19.36 -27.53 -11.67
C ARG E 84 20.01 -26.43 -10.84
N ALA E 85 19.91 -25.20 -11.34
CA ALA E 85 20.49 -24.06 -10.64
C ALA E 85 19.72 -23.70 -9.38
N LYS E 86 18.58 -24.34 -9.11
CA LYS E 86 17.84 -24.06 -7.89
C LYS E 86 18.65 -24.41 -6.66
N VAL E 87 19.48 -25.45 -6.74
CA VAL E 87 20.32 -25.84 -5.61
C VAL E 87 21.20 -24.69 -5.15
N ARG E 88 21.49 -23.75 -6.05
CA ARG E 88 22.25 -22.56 -5.68
C ARG E 88 21.58 -21.74 -4.58
N ARG E 89 20.34 -22.08 -4.22
CA ARG E 89 19.62 -21.41 -3.15
C ARG E 89 19.41 -22.30 -1.93
N GLU E 90 19.75 -23.58 -2.02
CA GLU E 90 19.55 -24.53 -0.93
C GLU E 90 20.83 -24.97 -0.25
N ARG E 91 21.98 -24.87 -0.92
CA ARG E 91 23.23 -25.43 -0.42
C ARG E 91 24.02 -24.38 0.36
N MET E 92 24.64 -24.82 1.45
CA MET E 92 25.42 -23.96 2.32
C MET E 92 26.90 -24.31 2.23
N GLY E 93 27.73 -23.37 2.68
CA GLY E 93 29.15 -23.62 2.83
C GLY E 93 29.55 -23.49 4.30
N HIS E 94 30.85 -23.42 4.58
CA HIS E 94 31.29 -23.26 5.96
C HIS E 94 32.70 -22.69 5.95
N ILE E 95 33.16 -22.31 7.14
CA ILE E 95 34.48 -21.71 7.33
C ILE E 95 35.11 -22.37 8.55
N GLU E 96 36.19 -23.11 8.35
CA GLU E 96 36.92 -23.71 9.45
C GLU E 96 37.76 -22.65 10.14
N LEU E 97 37.46 -22.37 11.41
CA LEU E 97 38.13 -21.33 12.15
C LEU E 97 39.45 -21.84 12.71
N ALA E 98 40.52 -21.08 12.50
CA ALA E 98 41.81 -21.41 13.09
C ALA E 98 41.80 -21.31 14.61
N ALA E 99 40.77 -20.70 15.19
CA ALA E 99 40.63 -20.57 16.64
C ALA E 99 39.16 -20.57 16.97
N PRO E 100 38.78 -21.08 18.14
CA PRO E 100 37.35 -21.08 18.52
C PRO E 100 36.82 -19.67 18.68
N VAL E 101 35.50 -19.56 18.65
CA VAL E 101 34.81 -18.27 18.77
C VAL E 101 33.52 -18.49 19.53
N THR E 102 33.11 -17.46 20.27
CA THR E 102 31.88 -17.51 21.05
C THR E 102 30.69 -17.05 20.19
N HIS E 103 29.57 -17.74 20.36
CA HIS E 103 28.32 -17.32 19.72
C HIS E 103 27.74 -16.16 20.51
N ILE E 104 27.74 -14.96 19.91
CA ILE E 104 27.34 -13.77 20.64
C ILE E 104 25.95 -13.90 21.23
N TRP E 105 25.12 -14.80 20.72
CA TRP E 105 23.76 -14.92 21.22
C TRP E 105 23.75 -15.44 22.66
N TYR E 106 24.54 -16.47 22.95
CA TYR E 106 24.55 -17.05 24.29
C TYR E 106 25.45 -16.29 25.26
N PHE E 107 26.43 -15.55 24.75
CA PHE E 107 27.36 -14.84 25.63
C PHE E 107 26.80 -13.48 26.05
N LYS E 108 26.33 -12.69 25.08
CA LYS E 108 25.91 -11.32 25.34
C LYS E 108 24.40 -11.17 25.60
N GLY E 109 23.58 -12.07 25.05
CA GLY E 109 22.15 -11.98 25.24
C GLY E 109 21.74 -12.02 26.70
N VAL E 110 20.96 -11.05 27.14
CA VAL E 110 20.60 -10.96 28.55
C VAL E 110 19.42 -11.90 28.82
N PRO E 111 19.49 -12.71 29.88
CA PRO E 111 20.67 -12.80 30.74
C PRO E 111 21.73 -13.72 30.13
N SER E 112 23.00 -13.44 30.40
CA SER E 112 24.09 -14.21 29.82
C SER E 112 23.88 -15.71 30.06
N ARG E 113 23.79 -16.47 28.98
CA ARG E 113 23.65 -17.92 29.11
C ARG E 113 24.95 -18.55 29.60
N LEU E 114 26.08 -18.14 29.03
CA LEU E 114 27.37 -18.65 29.49
C LEU E 114 27.66 -18.18 30.91
N GLY E 115 27.44 -16.89 31.18
CA GLY E 115 27.69 -16.38 32.52
C GLY E 115 26.96 -17.18 33.59
N TYR E 116 25.67 -17.43 33.38
CA TYR E 116 24.91 -18.25 34.32
C TYR E 116 25.28 -19.73 34.23
N LEU E 117 25.88 -20.16 33.11
CA LEU E 117 26.23 -21.57 32.97
C LEU E 117 27.52 -21.91 33.71
N LEU E 118 28.48 -20.99 33.74
CA LEU E 118 29.72 -21.18 34.47
C LEU E 118 29.82 -20.33 35.72
N ASP E 119 28.81 -19.50 35.99
CA ASP E 119 28.79 -18.63 37.17
C ASP E 119 29.91 -17.59 37.10
N LEU E 120 29.98 -16.89 35.97
CA LEU E 120 30.89 -15.77 35.78
C LEU E 120 30.09 -14.53 35.44
N ALA E 121 30.31 -13.46 36.20
CA ALA E 121 29.63 -12.20 35.95
C ALA E 121 29.81 -11.81 34.48
N PRO E 122 28.82 -11.17 33.86
CA PRO E 122 28.97 -10.82 32.44
C PRO E 122 30.17 -9.94 32.17
N LYS E 123 30.45 -8.97 33.05
CA LYS E 123 31.61 -8.12 32.86
C LYS E 123 32.91 -8.93 32.88
N ASP E 124 33.01 -9.89 33.80
CA ASP E 124 34.18 -10.75 33.82
C ASP E 124 34.28 -11.61 32.57
N LEU E 125 33.15 -12.17 32.13
CA LEU E 125 33.17 -13.01 30.93
C LEU E 125 33.58 -12.21 29.71
N GLU E 126 33.12 -10.96 29.60
CA GLU E 126 33.51 -10.11 28.47
C GLU E 126 35.02 -9.95 28.40
N LYS E 127 35.67 -9.75 29.55
CA LYS E 127 37.12 -9.58 29.57
C LYS E 127 37.86 -10.84 29.13
N ILE E 128 37.23 -12.00 29.21
CA ILE E 128 37.91 -13.25 28.86
C ILE E 128 37.92 -13.46 27.35
N ILE E 129 36.73 -13.46 26.74
CA ILE E 129 36.64 -13.81 25.32
C ILE E 129 37.34 -12.79 24.45
N TYR E 130 37.36 -11.52 24.86
CA TYR E 130 37.95 -10.45 24.08
C TYR E 130 39.40 -10.16 24.48
N PHE E 131 40.01 -11.06 25.24
CA PHE E 131 41.45 -10.98 25.54
C PHE E 131 41.78 -9.77 26.42
N ALA E 132 40.95 -9.52 27.42
CA ALA E 132 41.23 -8.47 28.39
C ALA E 132 41.82 -9.00 29.69
N ALA E 133 41.77 -10.32 29.91
CA ALA E 133 42.31 -10.91 31.13
C ALA E 133 42.43 -12.41 30.94
N TYR E 134 43.41 -13.00 31.61
CA TYR E 134 43.61 -14.44 31.59
C TYR E 134 42.54 -15.14 32.45
N VAL E 135 42.53 -16.46 32.36
CA VAL E 135 41.67 -17.29 33.21
C VAL E 135 42.39 -18.60 33.46
N ILE E 136 42.25 -19.12 34.68
CA ILE E 136 42.96 -20.32 35.10
C ILE E 136 42.17 -21.54 34.62
N THR E 137 42.75 -22.31 33.70
CA THR E 137 42.08 -23.50 33.19
C THR E 137 42.30 -24.70 34.10
N SER E 138 43.55 -24.96 34.47
CA SER E 138 43.88 -26.15 35.25
C SER E 138 44.90 -25.82 36.33
N VAL E 139 44.78 -26.49 37.47
CA VAL E 139 45.72 -26.36 38.57
C VAL E 139 45.94 -27.73 39.18
N ASP E 140 47.21 -28.12 39.33
CA ASP E 140 47.60 -29.42 39.85
C ASP E 140 47.83 -29.28 41.36
N ASP E 141 46.90 -29.82 42.16
CA ASP E 141 46.97 -29.64 43.60
C ASP E 141 48.14 -30.40 44.23
N GLU E 142 48.29 -31.69 43.87
CA GLU E 142 49.20 -32.55 44.61
C GLU E 142 50.64 -32.04 44.55
N MET E 143 51.11 -31.68 43.35
CA MET E 143 52.49 -31.21 43.23
C MET E 143 52.68 -29.92 44.01
N ARG E 144 51.70 -29.02 43.98
CA ARG E 144 51.79 -27.78 44.75
C ARG E 144 51.88 -28.07 46.25
N HIS E 145 51.01 -28.95 46.75
CA HIS E 145 50.98 -29.23 48.19
C HIS E 145 52.29 -29.84 48.67
N ASN E 146 52.89 -30.72 47.85
CA ASN E 146 54.12 -31.39 48.28
C ASN E 146 55.28 -30.40 48.36
N GLU E 147 55.37 -29.47 47.41
CA GLU E 147 56.44 -28.48 47.37
C GLU E 147 56.06 -27.17 48.04
N LEU E 148 54.92 -27.15 48.75
CA LEU E 148 54.46 -25.91 49.37
C LEU E 148 55.49 -25.37 50.35
N SER E 149 56.15 -26.26 51.11
CA SER E 149 57.13 -25.82 52.10
C SER E 149 58.28 -25.07 51.43
N THR E 150 58.92 -25.69 50.44
CA THR E 150 60.06 -25.05 49.77
C THR E 150 59.68 -23.68 49.22
N LEU E 151 58.56 -23.61 48.49
CA LEU E 151 58.14 -22.34 47.91
C LEU E 151 57.95 -21.28 48.99
N GLU E 152 57.27 -21.64 50.08
CA GLU E 152 57.11 -20.71 51.20
C GLU E 152 58.47 -20.25 51.71
N ALA E 153 59.38 -21.20 51.95
CA ALA E 153 60.71 -20.83 52.40
C ALA E 153 61.41 -19.91 51.41
N GLU E 154 61.45 -20.31 50.14
CA GLU E 154 62.09 -19.47 49.12
C GLU E 154 61.43 -18.11 49.04
N MET E 155 60.09 -18.07 49.05
CA MET E 155 59.39 -16.80 48.96
C MET E 155 59.74 -15.89 50.14
N ALA E 156 59.78 -16.46 51.35
CA ALA E 156 60.15 -15.66 52.51
C ALA E 156 61.54 -15.06 52.35
N VAL E 157 62.50 -15.87 51.88
CA VAL E 157 63.85 -15.36 51.65
C VAL E 157 63.80 -14.15 50.72
N GLU E 158 63.02 -14.25 49.65
CA GLU E 158 62.92 -13.14 48.70
C GLU E 158 62.33 -11.91 49.37
N LYS E 159 61.19 -12.06 50.05
CA LYS E 159 60.57 -10.92 50.72
C LYS E 159 61.53 -10.31 51.74
N LYS E 160 62.31 -11.15 52.42
CA LYS E 160 63.28 -10.63 53.38
C LYS E 160 64.40 -9.87 52.69
N ALA E 161 64.95 -10.45 51.61
CA ALA E 161 66.00 -9.76 50.86
C ALA E 161 65.57 -8.35 50.48
N VAL E 162 64.29 -8.17 50.15
CA VAL E 162 63.78 -6.83 49.88
C VAL E 162 63.78 -5.98 51.14
N GLU E 163 63.36 -6.57 52.27
CA GLU E 163 63.32 -5.82 53.52
C GLU E 163 64.73 -5.44 53.97
N ASP E 164 65.67 -6.39 53.89
CA ASP E 164 67.05 -6.08 54.23
C ASP E 164 67.58 -4.93 53.37
N GLN E 165 67.21 -4.92 52.08
CA GLN E 165 67.64 -3.84 51.19
C GLN E 165 66.98 -2.52 51.57
N ARG E 166 65.66 -2.53 51.74
CA ARG E 166 64.93 -1.30 52.06
C ARG E 166 65.54 -0.59 53.26
N ASP E 167 65.62 -1.30 54.40
CA ASP E 167 66.15 -0.69 55.60
C ASP E 167 67.61 -0.27 55.44
N ALA E 168 68.38 -1.02 54.65
CA ALA E 168 69.76 -0.65 54.40
C ALA E 168 69.86 0.62 53.56
N ASP E 169 68.91 0.84 52.65
CA ASP E 169 68.97 2.02 51.80
C ASP E 169 68.57 3.28 52.56
N LEU E 170 67.52 3.20 53.38
CA LEU E 170 67.02 4.39 54.05
C LEU E 170 68.09 5.00 54.96
N GLU E 171 68.82 4.17 55.70
CA GLU E 171 69.82 4.70 56.61
C GLU E 171 70.95 5.40 55.85
N ALA E 172 71.29 4.91 54.66
CA ALA E 172 72.32 5.57 53.87
C ALA E 172 71.93 7.00 53.54
N ARG E 173 70.71 7.20 53.04
CA ARG E 173 70.23 8.54 52.74
C ARG E 173 70.16 9.39 54.00
N ALA E 174 69.59 8.83 55.08
CA ALA E 174 69.53 9.56 56.34
C ALA E 174 70.93 9.86 56.87
N GLN E 175 71.85 8.90 56.72
CA GLN E 175 73.24 9.14 57.11
C GLN E 175 73.82 10.31 56.34
N LYS E 176 73.61 10.34 55.02
CA LYS E 176 74.08 11.46 54.22
C LYS E 176 73.44 12.76 54.66
N LEU E 177 72.10 12.78 54.75
CA LEU E 177 71.40 13.99 55.18
C LEU E 177 71.87 14.43 56.56
N GLU E 178 71.99 13.48 57.49
CA GLU E 178 72.50 13.81 58.82
C GLU E 178 73.86 14.49 58.71
N ALA E 179 74.74 13.96 57.87
CA ALA E 179 76.05 14.59 57.66
C ALA E 179 75.95 15.77 56.69
N ASP E 180 75.05 15.69 55.71
CA ASP E 180 74.93 16.77 54.73
C ASP E 180 74.25 17.98 55.34
N LEU E 181 73.05 17.80 55.91
CA LEU E 181 72.35 18.93 56.51
C LEU E 181 73.17 19.57 57.62
N ALA E 182 73.86 18.75 58.42
CA ALA E 182 74.73 19.31 59.47
C ALA E 182 75.90 20.07 58.87
N GLU E 183 76.53 19.51 57.83
CA GLU E 183 77.62 20.23 57.16
C GLU E 183 77.11 21.56 56.60
N LEU E 184 75.94 21.56 55.97
CA LEU E 184 75.35 22.81 55.51
C LEU E 184 74.97 23.70 56.68
N GLU E 185 74.52 23.12 57.79
CA GLU E 185 74.25 23.92 58.99
C GLU E 185 75.52 24.55 59.53
N ALA E 186 76.64 23.83 59.46
CA ALA E 186 77.91 24.40 59.90
C ALA E 186 78.21 25.68 59.15
N GLU E 187 78.09 25.66 57.83
CA GLU E 187 78.24 26.87 57.04
C GLU E 187 77.05 27.79 57.28
N GLY E 188 77.32 29.09 57.29
CA GLY E 188 76.26 30.07 57.48
C GLY E 188 75.13 29.90 56.50
N ALA E 189 73.93 29.64 57.02
CA ALA E 189 72.76 29.41 56.16
C ALA E 189 71.50 29.78 56.93
N LYS E 190 70.46 30.08 56.18
CA LYS E 190 69.18 30.47 56.77
C LYS E 190 68.42 29.25 57.28
N SER E 191 67.51 29.49 58.23
CA SER E 191 66.73 28.41 58.79
C SER E 191 65.82 27.78 57.74
N ASP E 192 65.25 28.59 56.85
CA ASP E 192 64.40 28.06 55.80
C ASP E 192 65.18 27.17 54.84
N VAL E 193 66.46 27.47 54.63
CA VAL E 193 67.28 26.64 53.75
C VAL E 193 67.37 25.22 54.30
N ARG E 194 67.69 25.10 55.59
CA ARG E 194 67.75 23.78 56.21
C ARG E 194 66.42 23.06 56.11
N ARG E 195 65.31 23.76 56.39
CA ARG E 195 64.00 23.14 56.32
C ARG E 195 63.72 22.60 54.92
N LYS E 196 64.12 23.34 53.89
CA LYS E 196 63.88 22.89 52.52
C LYS E 196 64.64 21.61 52.22
N VAL E 197 65.90 21.53 52.64
CA VAL E 197 66.69 20.31 52.41
C VAL E 197 66.09 19.15 53.18
N ARG E 198 65.76 19.37 54.46
CA ARG E 198 65.16 18.32 55.26
C ARG E 198 63.83 17.86 54.68
N ASP E 199 62.98 18.81 54.26
CA ASP E 199 61.73 18.45 53.63
C ASP E 199 61.98 17.60 52.39
N SER E 200 62.97 17.98 51.57
CA SER E 200 63.34 17.16 50.43
C SER E 200 63.85 15.79 50.87
N GLY E 201 64.75 15.78 51.86
CA GLY E 201 65.26 14.51 52.37
C GLY E 201 64.16 13.63 52.94
N GLU E 202 63.23 14.22 53.69
CA GLU E 202 62.12 13.45 54.24
C GLU E 202 61.28 12.84 53.12
N ARG E 203 61.02 13.60 52.07
CA ARG E 203 60.30 13.07 50.91
C ARG E 203 61.13 12.02 50.19
N GLU E 204 62.42 12.30 49.97
CA GLU E 204 63.29 11.33 49.34
C GLU E 204 63.25 9.98 50.06
N MET E 205 63.28 10.01 51.39
CA MET E 205 63.14 8.78 52.16
C MET E 205 61.75 8.18 51.98
N ARG E 206 60.71 9.00 52.15
CA ARG E 206 59.34 8.52 51.98
C ARG E 206 59.16 7.85 50.63
N GLN E 207 59.62 8.49 49.56
CA GLN E 207 59.52 7.88 48.23
C GLN E 207 60.25 6.55 48.18
N LEU E 208 61.39 6.45 48.87
CA LEU E 208 62.20 5.24 48.77
C LEU E 208 61.59 4.08 49.56
N ARG E 209 61.10 4.35 50.77
CA ARG E 209 60.44 3.28 51.53
C ARG E 209 59.17 2.82 50.83
N ASP E 210 58.33 3.76 50.39
CA ASP E 210 57.11 3.37 49.67
C ASP E 210 57.44 2.56 48.42
N ARG E 211 58.55 2.88 47.76
CA ARG E 211 58.95 2.07 46.60
C ARG E 211 59.22 0.63 47.00
N ALA E 212 59.95 0.43 48.10
CA ALA E 212 60.17 -0.93 48.58
C ALA E 212 58.87 -1.57 49.07
N GLN E 213 58.04 -0.79 49.77
CA GLN E 213 56.74 -1.31 50.20
C GLN E 213 55.93 -1.83 49.02
N ARG E 214 55.99 -1.11 47.89
CA ARG E 214 55.26 -1.55 46.70
C ARG E 214 55.60 -2.99 46.35
N GLU E 215 56.89 -3.31 46.25
CA GLU E 215 57.28 -4.67 45.85
C GLU E 215 56.86 -5.69 46.90
N LEU E 216 56.94 -5.33 48.18
CA LEU E 216 56.47 -6.24 49.22
C LEU E 216 55.02 -6.63 48.99
N ASP E 217 54.16 -5.64 48.72
CA ASP E 217 52.77 -5.94 48.44
C ASP E 217 52.62 -6.76 47.17
N ARG E 218 53.45 -6.46 46.16
CA ARG E 218 53.42 -7.26 44.93
C ARG E 218 53.73 -8.72 45.22
N LEU E 219 54.89 -8.97 45.82
CA LEU E 219 55.27 -10.35 46.17
C LEU E 219 54.18 -11.03 46.99
N ASP E 220 53.67 -10.35 48.02
CA ASP E 220 52.60 -10.91 48.82
C ASP E 220 51.42 -11.33 47.95
N GLU E 221 51.03 -10.47 47.01
CA GLU E 221 49.93 -10.82 46.12
C GLU E 221 50.27 -12.05 45.29
N ILE E 222 51.53 -12.19 44.88
CA ILE E 222 51.96 -13.36 44.13
C ILE E 222 51.76 -14.62 44.96
N TRP E 223 52.21 -14.59 46.21
CA TRP E 223 52.10 -15.77 47.07
C TRP E 223 50.64 -16.09 47.39
N ASN E 224 49.85 -15.07 47.71
CA ASN E 224 48.44 -15.29 48.01
C ASN E 224 47.70 -15.86 46.81
N THR E 225 47.87 -15.23 45.64
CA THR E 225 47.17 -15.69 44.45
C THR E 225 47.55 -17.12 44.08
N PHE E 226 48.80 -17.51 44.34
CA PHE E 226 49.22 -18.87 44.06
C PHE E 226 48.60 -19.86 45.03
N THR E 227 48.66 -19.55 46.33
CA THR E 227 48.13 -20.47 47.33
C THR E 227 46.64 -20.70 47.14
N LYS E 228 45.88 -19.64 46.88
CA LYS E 228 44.44 -19.75 46.66
C LYS E 228 44.07 -19.94 45.19
N LEU E 229 45.05 -20.25 44.34
CA LEU E 229 44.78 -20.51 42.93
C LEU E 229 43.71 -21.58 42.79
N ALA E 230 42.77 -21.37 41.87
CA ALA E 230 41.70 -22.32 41.62
C ALA E 230 41.22 -22.16 40.19
N PRO E 231 40.73 -23.23 39.56
CA PRO E 231 40.19 -23.11 38.21
C PRO E 231 39.02 -22.13 38.18
N LYS E 232 38.90 -21.43 37.05
CA LYS E 232 37.92 -20.37 36.80
C LYS E 232 38.34 -19.03 37.43
N GLN E 233 39.50 -18.95 38.07
CA GLN E 233 39.97 -17.66 38.55
C GLN E 233 40.45 -16.80 37.39
N LEU E 234 40.33 -15.48 37.56
CA LEU E 234 40.59 -14.52 36.50
C LEU E 234 41.64 -13.53 36.96
N ILE E 235 42.63 -13.28 36.11
CA ILE E 235 43.76 -12.40 36.41
C ILE E 235 43.81 -11.30 35.36
N VAL E 236 43.72 -10.05 35.80
CA VAL E 236 43.72 -8.91 34.88
C VAL E 236 45.02 -8.12 34.93
N ASP E 237 45.96 -8.48 35.81
CA ASP E 237 47.18 -7.68 35.96
C ASP E 237 48.11 -7.86 34.77
N GLU E 238 48.27 -9.10 34.31
CA GLU E 238 49.07 -9.47 33.15
C GLU E 238 50.56 -9.38 33.43
N VAL E 239 50.94 -8.77 34.55
CA VAL E 239 52.29 -8.85 35.06
C VAL E 239 52.36 -9.79 36.25
N LEU E 240 51.34 -9.73 37.11
CA LEU E 240 51.11 -10.79 38.07
C LEU E 240 51.05 -12.15 37.38
N TYR E 241 50.24 -12.27 36.33
CA TYR E 241 50.16 -13.54 35.62
C TYR E 241 51.52 -13.94 35.06
N ARG E 242 52.22 -13.00 34.42
CA ARG E 242 53.56 -13.30 33.92
C ARG E 242 54.43 -13.87 35.04
N GLU E 243 54.32 -13.28 36.23
CA GLU E 243 55.07 -13.79 37.38
C GLU E 243 54.73 -15.26 37.65
N LEU E 244 53.43 -15.58 37.64
CA LEU E 244 53.01 -16.94 37.94
C LEU E 244 53.55 -17.95 36.94
N GLN E 245 53.79 -17.51 35.69
CA GLN E 245 54.32 -18.42 34.69
C GLN E 245 55.81 -18.65 34.86
N ASP E 246 56.57 -17.58 35.17
CA ASP E 246 58.01 -17.71 35.29
C ASP E 246 58.40 -18.60 36.46
N ARG E 247 57.69 -18.46 37.59
CA ARG E 247 57.88 -19.31 38.75
C ARG E 247 56.56 -20.02 39.06
N TYR E 248 56.65 -21.31 39.34
CA TYR E 248 55.49 -22.18 39.54
C TYR E 248 54.73 -22.44 38.24
N GLY E 249 55.39 -22.28 37.09
CA GLY E 249 54.71 -22.41 35.81
C GLY E 249 54.17 -23.79 35.53
N GLU E 250 54.70 -24.81 36.18
CA GLU E 250 54.30 -26.19 35.92
C GLU E 250 53.09 -26.64 36.74
N TYR E 251 52.64 -25.82 37.69
CA TYR E 251 51.52 -26.24 38.54
C TYR E 251 50.17 -25.93 37.90
N PHE E 252 50.08 -24.81 37.21
CA PHE E 252 48.80 -24.32 36.70
C PHE E 252 48.89 -24.07 35.19
N THR E 253 47.73 -23.79 34.61
CA THR E 253 47.63 -23.41 33.21
C THR E 253 46.55 -22.35 33.07
N GLY E 254 46.79 -21.38 32.19
CA GLY E 254 45.83 -20.32 31.96
C GLY E 254 45.84 -19.90 30.50
N ALA E 255 44.71 -19.36 30.06
CA ALA E 255 44.54 -18.95 28.68
C ALA E 255 43.57 -17.78 28.61
N MET E 256 43.25 -17.38 27.38
CA MET E 256 42.30 -16.32 27.11
C MET E 256 41.38 -16.76 25.98
N GLY E 257 40.38 -15.94 25.71
CA GLY E 257 39.56 -16.16 24.54
C GLY E 257 38.74 -17.45 24.59
N ALA E 258 38.11 -17.73 23.44
CA ALA E 258 37.13 -18.80 23.35
C ALA E 258 37.72 -20.16 23.73
N GLU E 259 39.02 -20.37 23.47
CA GLU E 259 39.59 -21.69 23.74
C GLU E 259 39.59 -22.00 25.23
N SER E 260 39.85 -21.01 26.06
CA SER E 260 39.78 -21.22 27.50
C SER E 260 38.34 -21.54 27.92
N ILE E 261 37.38 -20.79 27.40
CA ILE E 261 35.97 -21.10 27.64
C ILE E 261 35.66 -22.52 27.20
N LYS E 262 36.23 -22.93 26.06
CA LYS E 262 36.00 -24.29 25.57
C LYS E 262 36.60 -25.32 26.52
N LYS E 263 37.76 -25.02 27.10
CA LYS E 263 38.39 -25.95 28.03
C LYS E 263 37.57 -26.11 29.30
N LEU E 264 37.03 -25.00 29.82
CA LEU E 264 36.23 -25.09 31.05
C LEU E 264 35.00 -25.96 30.84
N ILE E 265 34.37 -25.86 29.67
CA ILE E 265 33.23 -26.72 29.36
C ILE E 265 33.66 -28.17 29.28
N GLU E 266 34.84 -28.43 28.70
CA GLU E 266 35.36 -29.79 28.65
C GLU E 266 35.48 -30.38 30.05
N ASN E 267 36.20 -29.70 30.94
CA ASN E 267 36.34 -30.13 32.33
C ASN E 267 35.22 -29.52 33.17
N PHE E 268 34.01 -30.01 32.91
CA PHE E 268 32.81 -29.53 33.57
C PHE E 268 31.83 -30.69 33.67
N ASP E 269 31.32 -30.93 34.87
CA ASP E 269 30.35 -32.00 35.11
C ASP E 269 28.99 -31.37 35.40
N ILE E 270 28.10 -31.44 34.41
CA ILE E 270 26.73 -30.95 34.62
C ILE E 270 26.10 -31.71 35.79
N ASP E 271 26.10 -33.04 35.72
CA ASP E 271 25.49 -33.84 36.77
C ASP E 271 26.10 -33.52 38.14
N ALA E 272 27.43 -33.56 38.23
CA ALA E 272 28.08 -33.19 39.48
C ALA E 272 27.65 -31.81 39.95
N GLU E 273 27.78 -30.81 39.07
CA GLU E 273 27.27 -29.48 39.38
C GLU E 273 25.76 -29.51 39.59
N ALA E 274 25.03 -30.21 38.72
CA ALA E 274 23.58 -30.20 38.77
C ALA E 274 23.05 -30.65 40.13
N GLU E 275 23.77 -31.55 40.82
CA GLU E 275 23.30 -32.01 42.11
C GLU E 275 23.68 -31.05 43.24
N SER E 276 24.83 -30.37 43.11
CA SER E 276 25.25 -29.43 44.14
C SER E 276 24.26 -28.26 44.25
N LEU E 277 23.97 -27.62 43.12
CA LEU E 277 23.09 -26.46 43.12
C LEU E 277 21.68 -26.84 43.57
N ARG E 278 21.23 -28.06 43.27
CA ARG E 278 19.96 -28.52 43.79
C ARG E 278 19.96 -28.54 45.31
N GLU E 279 21.08 -28.95 45.91
CA GLU E 279 21.22 -28.90 47.36
C GLU E 279 21.37 -27.46 47.87
N VAL E 280 21.98 -26.59 47.07
CA VAL E 280 22.29 -25.24 47.52
C VAL E 280 21.04 -24.39 47.73
N ILE E 281 19.91 -24.77 47.12
CA ILE E 281 18.74 -23.91 47.17
C ILE E 281 18.17 -23.81 48.58
N ARG E 282 18.38 -24.83 49.41
CA ARG E 282 17.67 -24.89 50.69
C ARG E 282 18.35 -24.08 51.78
N SER E 283 19.67 -23.92 51.74
CA SER E 283 20.39 -23.36 52.88
C SER E 283 20.09 -21.88 53.06
N GLY E 284 20.49 -21.05 52.11
CA GLY E 284 20.29 -19.62 52.24
C GLY E 284 19.22 -19.05 51.33
N LYS E 285 18.05 -18.74 51.89
CA LYS E 285 17.01 -18.06 51.15
C LYS E 285 17.35 -16.58 51.00
N GLY E 286 17.39 -16.11 49.77
CA GLY E 286 17.74 -14.73 49.50
C GLY E 286 18.45 -14.62 48.16
N GLN E 287 19.37 -13.67 48.10
CA GLN E 287 20.10 -13.42 46.86
C GLN E 287 20.93 -14.63 46.44
N LYS E 288 21.56 -15.30 47.40
CA LYS E 288 22.38 -16.47 47.08
C LYS E 288 21.54 -17.54 46.39
N LYS E 289 20.40 -17.91 47.00
CA LYS E 289 19.53 -18.91 46.40
C LYS E 289 18.87 -18.39 45.13
N LEU E 290 18.52 -17.11 45.11
CA LEU E 290 17.91 -16.53 43.92
C LEU E 290 18.85 -16.63 42.72
N ARG E 291 20.08 -16.14 42.87
CA ARG E 291 21.07 -16.31 41.82
C ARG E 291 21.27 -17.77 41.48
N ALA E 292 21.21 -18.64 42.48
CA ALA E 292 21.29 -20.08 42.23
C ALA E 292 20.06 -20.58 41.49
N LEU E 293 18.87 -20.11 41.89
CA LEU E 293 17.64 -20.51 41.20
C LEU E 293 17.71 -20.15 39.72
N LYS E 294 18.01 -18.89 39.42
CA LYS E 294 18.14 -18.48 38.02
C LYS E 294 19.21 -19.28 37.30
N ARG E 295 20.34 -19.52 37.97
CA ARG E 295 21.46 -20.21 37.33
C ARG E 295 21.14 -21.69 37.08
N LEU E 296 20.31 -22.30 37.93
CA LEU E 296 20.03 -23.73 37.77
C LEU E 296 19.19 -23.99 36.52
N LYS E 297 18.27 -23.08 36.19
CA LYS E 297 17.41 -23.29 35.03
C LYS E 297 18.21 -23.62 33.78
N VAL E 298 19.31 -22.89 33.55
CA VAL E 298 20.14 -23.17 32.38
C VAL E 298 20.91 -24.46 32.58
N VAL E 299 21.42 -24.70 33.78
CA VAL E 299 22.16 -25.93 34.05
C VAL E 299 21.26 -27.14 33.86
N ALA E 300 20.03 -27.07 34.37
CA ALA E 300 19.10 -28.19 34.22
C ALA E 300 18.75 -28.42 32.76
N ALA E 301 18.57 -27.34 31.99
CA ALA E 301 18.24 -27.48 30.57
C ALA E 301 19.29 -28.31 29.85
N PHE E 302 20.57 -28.08 30.14
CA PHE E 302 21.62 -28.87 29.53
C PHE E 302 21.63 -30.31 30.04
N GLN E 303 21.25 -30.52 31.30
CA GLN E 303 21.24 -31.87 31.85
C GLN E 303 20.15 -32.71 31.22
N GLN E 304 18.92 -32.18 31.17
CA GLN E 304 17.80 -32.95 30.63
C GLN E 304 18.01 -33.27 29.15
N SER E 305 18.45 -32.29 28.37
CA SER E 305 18.65 -32.49 26.95
C SER E 305 20.01 -33.15 26.68
N GLY E 306 20.16 -33.67 25.47
CA GLY E 306 21.41 -34.23 25.02
C GLY E 306 22.34 -33.25 24.36
N ASN E 307 21.97 -31.98 24.31
CA ASN E 307 22.82 -30.98 23.67
C ASN E 307 24.08 -30.74 24.50
N SER E 308 25.22 -30.79 23.85
CA SER E 308 26.49 -30.52 24.52
C SER E 308 26.70 -29.01 24.62
N PRO E 309 26.97 -28.48 25.81
CA PRO E 309 27.24 -27.03 25.92
C PRO E 309 28.42 -26.57 25.07
N MET E 310 29.14 -27.48 24.43
CA MET E 310 30.22 -27.08 23.54
C MET E 310 29.71 -26.29 22.34
N GLY E 311 28.43 -26.44 21.99
CA GLY E 311 27.88 -25.72 20.85
C GLY E 311 28.00 -24.22 20.96
N MET E 312 28.07 -23.69 22.20
CA MET E 312 28.15 -22.24 22.38
C MET E 312 29.44 -21.66 21.82
N VAL E 313 30.49 -22.46 21.67
CA VAL E 313 31.74 -22.03 21.06
C VAL E 313 31.88 -22.73 19.72
N LEU E 314 31.98 -21.95 18.65
CA LEU E 314 32.04 -22.49 17.30
C LEU E 314 33.48 -22.77 16.90
N ASP E 315 33.69 -23.93 16.26
CA ASP E 315 34.93 -24.21 15.55
C ASP E 315 34.79 -23.98 14.06
N ALA E 316 33.57 -24.09 13.53
CA ALA E 316 33.26 -23.79 12.14
C ALA E 316 32.05 -22.87 12.10
N VAL E 317 31.94 -22.11 11.00
CA VAL E 317 30.88 -21.14 10.81
C VAL E 317 30.13 -21.49 9.53
N PRO E 318 28.81 -21.57 9.53
CA PRO E 318 28.08 -21.87 8.30
C PRO E 318 27.96 -20.65 7.40
N VAL E 319 28.02 -20.90 6.09
CA VAL E 319 27.90 -19.86 5.08
C VAL E 319 26.57 -20.06 4.36
N ILE E 320 25.73 -19.03 4.37
CA ILE E 320 24.40 -19.09 3.79
C ILE E 320 24.51 -19.25 2.27
N PRO E 321 23.53 -19.85 1.61
CA PRO E 321 23.59 -20.01 0.15
C PRO E 321 23.73 -18.66 -0.53
N PRO E 322 24.26 -18.63 -1.75
CA PRO E 322 24.51 -17.33 -2.40
C PRO E 322 23.25 -16.61 -2.82
N GLU E 323 22.24 -17.32 -3.32
CA GLU E 323 21.06 -16.66 -3.86
C GLU E 323 20.30 -15.88 -2.80
N LEU E 324 20.45 -16.24 -1.52
CA LEU E 324 19.83 -15.47 -0.45
C LEU E 324 20.67 -14.27 -0.03
N ARG E 325 21.93 -14.22 -0.45
CA ARG E 325 22.82 -13.07 -0.31
C ARG E 325 23.31 -12.71 -1.70
N PRO E 326 22.40 -12.49 -2.65
CA PRO E 326 22.80 -12.51 -4.06
C PRO E 326 23.64 -11.31 -4.45
N MET E 327 24.53 -11.56 -5.41
CA MET E 327 25.30 -10.52 -6.10
C MET E 327 24.72 -10.38 -7.50
N VAL E 328 24.16 -9.20 -7.78
CA VAL E 328 23.37 -9.00 -9.00
C VAL E 328 23.90 -7.78 -9.74
N GLN E 329 23.82 -7.85 -11.08
CA GLN E 329 24.19 -6.75 -11.96
C GLN E 329 22.96 -5.88 -12.18
N LEU E 330 22.96 -4.69 -11.58
CA LEU E 330 21.80 -3.82 -11.67
C LEU E 330 21.56 -3.38 -13.10
N ASP E 331 20.29 -3.09 -13.42
CA ASP E 331 19.96 -2.48 -14.70
C ASP E 331 20.56 -1.08 -14.76
N GLY E 332 21.31 -0.81 -15.82
CA GLY E 332 22.04 0.44 -15.94
C GLY E 332 23.54 0.34 -15.78
N GLY E 333 24.07 -0.87 -15.61
CA GLY E 333 25.50 -1.11 -15.54
C GLY E 333 26.06 -1.29 -14.14
N ARG E 334 25.39 -0.76 -13.12
CA ARG E 334 25.93 -0.82 -11.77
C ARG E 334 25.72 -2.21 -11.17
N PHE E 335 26.29 -2.41 -9.98
CA PHE E 335 26.22 -3.68 -9.28
C PHE E 335 25.70 -3.46 -7.87
N ALA E 336 25.00 -4.47 -7.35
CA ALA E 336 24.47 -4.44 -6.00
C ALA E 336 24.61 -5.83 -5.40
N THR E 337 24.84 -5.88 -4.09
CA THR E 337 25.03 -7.14 -3.39
C THR E 337 24.70 -6.97 -1.92
N SER E 338 24.37 -8.09 -1.28
CA SER E 338 24.00 -8.08 0.12
C SER E 338 25.19 -7.69 1.00
N ASP E 339 24.87 -7.24 2.22
CA ASP E 339 25.91 -6.90 3.17
C ASP E 339 26.57 -8.15 3.75
N LEU E 340 25.86 -9.27 3.79
CA LEU E 340 26.43 -10.51 4.29
C LEU E 340 27.77 -10.82 3.63
N ASN E 341 27.88 -10.56 2.33
CA ASN E 341 29.12 -10.88 1.63
C ASN E 341 30.29 -10.07 2.19
N ASP E 342 30.05 -8.81 2.55
CA ASP E 342 31.11 -8.04 3.20
C ASP E 342 31.33 -8.45 4.65
N LEU E 343 30.28 -8.93 5.32
CA LEU E 343 30.46 -9.45 6.68
C LEU E 343 31.18 -10.78 6.67
N TYR E 344 30.80 -11.69 5.76
CA TYR E 344 31.55 -12.92 5.60
C TYR E 344 32.99 -12.62 5.19
N ARG E 345 33.19 -11.61 4.34
CA ARG E 345 34.53 -11.27 3.90
C ARG E 345 35.43 -10.90 5.07
N ARG E 346 34.92 -10.10 6.01
CA ARG E 346 35.69 -9.76 7.20
C ARG E 346 36.13 -11.02 7.93
N VAL E 347 35.20 -11.96 8.13
CA VAL E 347 35.51 -13.18 8.88
C VAL E 347 36.63 -13.95 8.20
N ILE E 348 36.43 -14.32 6.93
CA ILE E 348 37.40 -15.15 6.24
C ILE E 348 38.74 -14.43 6.10
N ASN E 349 38.69 -13.12 5.83
CA ASN E 349 39.94 -12.36 5.71
C ASN E 349 40.78 -12.48 6.98
N ARG E 350 40.18 -12.19 8.13
CA ARG E 350 40.92 -12.25 9.39
C ARG E 350 41.30 -13.68 9.74
N ASN E 351 40.42 -14.64 9.44
CA ASN E 351 40.74 -16.04 9.75
C ASN E 351 41.98 -16.50 8.98
N ASN E 352 42.05 -16.17 7.69
CA ASN E 352 43.22 -16.57 6.90
C ASN E 352 44.49 -15.89 7.42
N ARG E 353 44.42 -14.58 7.69
CA ARG E 353 45.59 -13.89 8.21
C ARG E 353 46.09 -14.53 9.50
N LEU E 354 45.17 -15.02 10.33
CA LEU E 354 45.57 -15.71 11.55
C LEU E 354 46.40 -16.95 11.24
N LYS E 355 45.87 -17.82 10.38
CA LYS E 355 46.64 -18.97 9.91
C LYS E 355 48.05 -18.53 9.52
N ARG E 356 48.15 -17.45 8.76
CA ARG E 356 49.45 -16.89 8.39
C ARG E 356 50.28 -16.58 9.63
N LEU E 357 49.71 -15.78 10.54
CA LEU E 357 50.44 -15.40 11.75
C LEU E 357 50.87 -16.63 12.55
N ILE E 358 49.96 -17.59 12.74
CA ILE E 358 50.30 -18.80 13.48
C ILE E 358 51.47 -19.51 12.82
N ASP E 359 51.38 -19.73 11.50
CA ASP E 359 52.43 -20.47 10.81
C ASP E 359 53.77 -19.75 10.90
N LEU E 360 53.78 -18.43 10.71
CA LEU E 360 55.02 -17.69 10.84
C LEU E 360 55.59 -17.78 12.25
N GLY E 361 54.72 -17.80 13.25
CA GLY E 361 55.15 -17.78 14.63
C GLY E 361 55.30 -16.32 15.00
N ALA E 362 54.51 -15.83 15.95
CA ALA E 362 54.46 -14.40 16.18
C ALA E 362 54.23 -14.13 17.65
N PRO E 363 54.72 -13.01 18.17
CA PRO E 363 54.40 -12.64 19.55
C PRO E 363 52.90 -12.69 19.79
N GLU E 364 52.53 -13.22 20.96
CA GLU E 364 51.11 -13.42 21.27
C GLU E 364 50.30 -12.15 21.05
N ILE E 365 50.89 -10.98 21.30
CA ILE E 365 50.17 -9.72 21.12
C ILE E 365 49.60 -9.64 19.71
N ILE E 366 50.44 -9.87 18.71
CA ILE E 366 49.99 -9.84 17.32
C ILE E 366 48.95 -10.92 17.08
N VAL E 367 49.22 -12.14 17.55
CA VAL E 367 48.29 -13.25 17.34
C VAL E 367 46.98 -12.98 18.06
N ASN E 368 47.05 -12.77 19.38
CA ASN E 368 45.84 -12.52 20.15
C ASN E 368 45.04 -11.36 19.57
N ASN E 369 45.73 -10.31 19.11
CA ASN E 369 45.04 -9.21 18.46
C ASN E 369 44.23 -9.70 17.26
N GLU E 370 44.76 -10.69 16.54
CA GLU E 370 44.03 -11.24 15.41
C GLU E 370 42.82 -12.03 15.86
N LYS E 371 42.98 -12.87 16.89
CA LYS E 371 41.86 -13.67 17.39
C LYS E 371 40.72 -12.79 17.86
N ARG E 372 41.04 -11.74 18.63
CA ARG E 372 40.02 -10.79 19.04
C ARG E 372 39.30 -10.21 17.83
N MET E 373 40.06 -9.78 16.81
CA MET E 373 39.45 -9.29 15.59
C MET E 373 38.53 -10.34 14.97
N LEU E 374 39.02 -11.58 14.87
CA LEU E 374 38.18 -12.66 14.35
C LEU E 374 36.92 -12.82 15.19
N GLN E 375 37.07 -12.90 16.51
CA GLN E 375 35.92 -13.02 17.39
C GLN E 375 34.90 -11.94 17.11
N GLU E 376 35.35 -10.70 16.88
CA GLU E 376 34.43 -9.60 16.64
C GLU E 376 33.76 -9.70 15.28
N SER E 377 34.47 -10.21 14.27
CA SER E 377 33.88 -10.31 12.94
C SER E 377 32.74 -11.31 12.90
N VAL E 378 32.82 -12.40 13.68
CA VAL E 378 31.72 -13.35 13.74
C VAL E 378 30.53 -12.76 14.46
N ASP E 379 30.79 -11.96 15.49
CA ASP E 379 29.69 -11.26 16.18
C ASP E 379 28.96 -10.34 15.22
N ALA E 380 29.73 -9.56 14.43
CA ALA E 380 29.11 -8.70 13.43
C ALA E 380 28.32 -9.52 12.42
N LEU E 381 28.86 -10.66 12.00
CA LEU E 381 28.15 -11.51 11.07
C LEU E 381 26.79 -11.94 11.63
N PHE E 382 26.76 -12.39 12.88
CA PHE E 382 25.51 -12.85 13.47
C PHE E 382 24.63 -11.68 13.87
N ASP E 383 25.09 -10.86 14.82
CA ASP E 383 24.30 -9.74 15.35
C ASP E 383 25.19 -8.51 15.34
N ASN E 384 25.15 -7.76 14.23
CA ASN E 384 25.96 -6.56 14.12
C ASN E 384 25.44 -5.47 15.05
N GLY E 385 26.35 -4.74 15.68
CA GLY E 385 25.99 -3.68 16.59
C GLY E 385 25.54 -4.13 17.96
N ARG E 386 25.23 -5.42 18.15
CA ARG E 386 24.83 -5.90 19.47
C ARG E 386 25.90 -5.61 20.51
N ARG E 387 27.16 -5.56 20.11
CA ARG E 387 28.25 -5.14 20.98
C ARG E 387 29.08 -4.08 20.27
N GLY E 388 29.26 -2.94 20.91
CA GLY E 388 30.08 -1.89 20.37
C GLY E 388 29.52 -1.28 19.09
N ARG E 389 30.34 -0.39 18.53
CA ARG E 389 29.99 0.26 17.27
C ARG E 389 29.69 -0.77 16.19
N PRO E 390 28.52 -0.72 15.57
CA PRO E 390 28.23 -1.66 14.47
C PRO E 390 29.14 -1.41 13.28
N VAL E 391 29.35 -2.46 12.49
CA VAL E 391 30.12 -2.33 11.26
C VAL E 391 29.33 -1.50 10.26
N THR E 392 29.99 -0.52 9.67
CA THR E 392 29.35 0.42 8.75
C THR E 392 30.05 0.37 7.39
N GLY E 393 29.25 0.53 6.33
CA GLY E 393 29.79 0.66 5.00
C GLY E 393 29.92 2.11 4.60
N PRO E 394 29.74 2.40 3.31
CA PRO E 394 29.74 3.80 2.87
C PRO E 394 28.50 4.53 3.37
N GLY E 395 28.66 5.82 3.63
CA GLY E 395 27.58 6.59 4.19
C GLY E 395 27.33 6.36 5.66
N ASN E 396 28.20 5.60 6.33
CA ASN E 396 28.12 5.41 7.77
C ASN E 396 26.82 4.72 8.18
N ARG E 397 26.38 3.76 7.35
CA ARG E 397 25.16 3.02 7.62
C ARG E 397 25.50 1.61 8.10
N PRO E 398 24.91 1.15 9.20
CA PRO E 398 25.24 -0.18 9.71
C PRO E 398 24.86 -1.28 8.73
N LEU E 399 25.73 -2.27 8.62
CA LEU E 399 25.49 -3.40 7.72
C LEU E 399 24.41 -4.32 8.28
N LYS E 400 23.66 -4.95 7.38
CA LYS E 400 22.58 -5.84 7.75
C LYS E 400 23.15 -7.20 8.12
N SER E 401 23.07 -7.55 9.40
CA SER E 401 23.55 -8.84 9.88
C SER E 401 22.49 -9.91 9.66
N LEU E 402 22.83 -11.15 9.99
CA LEU E 402 21.86 -12.23 9.89
C LEU E 402 20.73 -12.03 10.89
N SER E 403 21.07 -11.71 12.14
CA SER E 403 20.06 -11.40 13.14
C SER E 403 19.07 -10.37 12.61
N ASP E 404 19.60 -9.29 12.03
CA ASP E 404 18.73 -8.25 11.48
C ASP E 404 17.81 -8.81 10.41
N LEU E 405 18.35 -9.63 9.50
CA LEU E 405 17.53 -10.11 8.39
C LEU E 405 16.58 -11.22 8.84
N LEU E 406 16.93 -11.98 9.87
CA LEU E 406 15.99 -12.96 10.41
C LEU E 406 14.85 -12.26 11.15
N LYS E 407 15.19 -11.52 12.20
CA LYS E 407 14.20 -10.64 12.81
C LYS E 407 13.44 -9.88 11.74
N GLY E 408 14.18 -9.18 10.89
CA GLY E 408 13.71 -7.96 10.27
C GLY E 408 14.19 -6.72 10.98
N LYS E 409 15.32 -6.81 11.71
CA LYS E 409 15.84 -5.69 12.49
C LYS E 409 15.97 -4.42 11.63
N GLN E 410 16.28 -4.55 10.35
CA GLN E 410 16.26 -3.38 9.44
C GLN E 410 14.91 -3.21 8.76
N GLY E 411 13.82 -3.09 9.51
CA GLY E 411 12.51 -2.94 8.91
C GLY E 411 12.14 -4.04 7.92
N ARG E 412 12.32 -5.28 8.33
CA ARG E 412 11.99 -6.46 7.51
C ARG E 412 10.93 -7.33 8.17
N PHE E 413 11.02 -7.54 9.48
CA PHE E 413 10.00 -8.25 10.23
C PHE E 413 8.63 -7.62 10.02
N ARG E 414 8.48 -6.35 10.41
CA ARG E 414 7.22 -5.65 10.23
C ARG E 414 6.67 -5.91 8.83
N GLN E 415 7.53 -5.79 7.81
CA GLN E 415 7.08 -6.03 6.44
C GLN E 415 6.59 -7.47 6.24
N ASN E 416 7.28 -8.44 6.85
CA ASN E 416 6.84 -9.83 6.73
C ASN E 416 5.42 -10.01 7.28
N LEU E 417 5.14 -9.42 8.43
CA LEU E 417 3.78 -9.31 8.94
C LEU E 417 3.14 -7.99 8.55
N LEU E 418 3.87 -7.13 7.84
CA LEU E 418 3.19 -6.11 7.06
C LEU E 418 2.45 -6.76 5.89
N GLY E 419 2.82 -7.98 5.53
CA GLY E 419 2.15 -8.76 4.50
C GLY E 419 3.11 -9.27 3.44
N LYS E 420 2.60 -10.19 2.62
CA LYS E 420 3.26 -10.60 1.38
C LYS E 420 2.30 -10.43 0.21
N ARG E 421 2.84 -10.05 -0.95
CA ARG E 421 1.99 -9.73 -2.09
C ARG E 421 1.39 -11.01 -2.69
N VAL E 422 0.33 -10.83 -3.48
CA VAL E 422 -0.45 -11.95 -4.00
C VAL E 422 -0.82 -11.67 -5.45
N ASP E 423 -0.86 -12.73 -6.26
CA ASP E 423 -1.32 -12.64 -7.63
C ASP E 423 -2.83 -12.47 -7.69
N TYR E 424 -3.36 -12.41 -8.90
CA TYR E 424 -4.80 -12.31 -9.14
C TYR E 424 -5.44 -11.27 -8.24
N SER E 425 -4.88 -10.07 -8.27
CA SER E 425 -5.32 -8.98 -7.41
C SER E 425 -5.27 -7.68 -8.18
N GLY E 426 -5.85 -6.64 -7.58
CA GLY E 426 -5.86 -5.32 -8.19
C GLY E 426 -6.57 -4.34 -7.28
N ARG E 427 -6.52 -3.07 -7.67
CA ARG E 427 -7.17 -2.02 -6.90
C ARG E 427 -7.49 -0.86 -7.82
N SER E 428 -8.25 0.08 -7.29
CA SER E 428 -8.62 1.31 -7.99
C SER E 428 -9.44 2.16 -7.03
N VAL E 429 -9.67 3.41 -7.43
CA VAL E 429 -10.49 4.30 -6.61
C VAL E 429 -11.94 3.87 -6.69
N ILE E 430 -12.69 4.14 -5.62
CA ILE E 430 -14.07 3.68 -5.47
C ILE E 430 -15.02 4.84 -5.69
N VAL E 431 -16.15 4.57 -6.33
CA VAL E 431 -17.22 5.53 -6.50
C VAL E 431 -18.53 4.88 -6.06
N VAL E 432 -19.52 5.73 -5.73
CA VAL E 432 -20.75 5.24 -5.12
C VAL E 432 -21.52 4.38 -6.12
N GLY E 433 -22.25 3.40 -5.59
CA GLY E 433 -22.92 2.39 -6.37
C GLY E 433 -24.41 2.28 -6.08
N PRO E 434 -25.10 3.42 -5.98
CA PRO E 434 -26.48 3.40 -5.43
C PRO E 434 -27.42 2.43 -6.12
N GLN E 435 -27.16 2.02 -7.37
CA GLN E 435 -28.06 1.13 -8.09
C GLN E 435 -27.72 -0.34 -7.91
N LEU E 436 -26.73 -0.67 -7.08
CA LEU E 436 -26.31 -2.04 -6.91
C LEU E 436 -27.17 -2.77 -5.89
N LYS E 437 -27.32 -4.07 -6.09
CA LYS E 437 -27.83 -4.92 -5.03
C LYS E 437 -26.75 -5.10 -3.96
N LEU E 438 -27.19 -5.41 -2.74
CA LEU E 438 -26.26 -5.51 -1.63
C LEU E 438 -25.14 -6.51 -1.90
N HIS E 439 -25.45 -7.59 -2.63
CA HIS E 439 -24.49 -8.65 -2.89
C HIS E 439 -23.68 -8.42 -4.16
N GLN E 440 -23.56 -7.18 -4.62
CA GLN E 440 -22.94 -6.89 -5.90
C GLN E 440 -21.87 -5.81 -5.75
N CYS E 441 -21.09 -5.64 -6.81
CA CYS E 441 -20.05 -4.62 -6.85
C CYS E 441 -19.73 -4.32 -8.30
N GLY E 442 -19.41 -3.04 -8.57
CA GLY E 442 -19.03 -2.63 -9.90
C GLY E 442 -17.55 -2.87 -10.13
N LEU E 443 -17.23 -3.62 -11.18
CA LEU E 443 -15.86 -4.00 -11.49
C LEU E 443 -15.47 -3.42 -12.84
N PRO E 444 -14.46 -2.55 -12.92
CA PRO E 444 -14.02 -2.05 -14.23
C PRO E 444 -13.67 -3.20 -15.15
N LYS E 445 -14.22 -3.16 -16.37
CA LYS E 445 -14.05 -4.26 -17.32
C LYS E 445 -12.57 -4.59 -17.50
N LEU E 446 -11.73 -3.58 -17.70
CA LEU E 446 -10.30 -3.83 -17.87
C LEU E 446 -9.74 -4.61 -16.68
N MET E 447 -10.01 -4.16 -15.46
CA MET E 447 -9.53 -4.86 -14.29
C MET E 447 -10.03 -6.30 -14.27
N ALA E 448 -11.34 -6.49 -14.45
CA ALA E 448 -11.88 -7.84 -14.51
C ALA E 448 -11.26 -8.65 -15.64
N LEU E 449 -10.85 -7.98 -16.72
CA LEU E 449 -10.23 -8.68 -17.84
C LEU E 449 -8.87 -9.25 -17.43
N GLU E 450 -7.95 -8.39 -16.98
CA GLU E 450 -6.64 -8.85 -16.56
C GLU E 450 -6.75 -9.79 -15.35
N LEU E 451 -7.76 -9.59 -14.51
CA LEU E 451 -7.92 -10.43 -13.32
C LEU E 451 -8.29 -11.86 -13.71
N PHE E 452 -9.26 -12.02 -14.60
CA PHE E 452 -9.72 -13.32 -15.07
C PHE E 452 -8.97 -13.79 -16.32
N LYS E 453 -7.87 -13.14 -16.67
CA LYS E 453 -7.14 -13.40 -17.91
C LYS E 453 -7.05 -14.88 -18.21
N PRO E 454 -6.51 -15.69 -17.29
CA PRO E 454 -6.42 -17.14 -17.57
C PRO E 454 -7.78 -17.78 -17.86
N PHE E 455 -8.83 -17.37 -17.15
CA PHE E 455 -10.14 -17.97 -17.33
C PHE E 455 -10.69 -17.69 -18.73
N VAL E 456 -10.79 -16.41 -19.09
CA VAL E 456 -11.33 -16.05 -20.40
C VAL E 456 -10.46 -16.62 -21.53
N MET E 457 -9.21 -16.97 -21.24
CA MET E 457 -8.37 -17.58 -22.27
C MET E 457 -8.86 -18.98 -22.61
N LYS E 458 -9.21 -19.77 -21.59
CA LYS E 458 -9.69 -21.13 -21.85
C LYS E 458 -11.02 -21.10 -22.61
N ARG E 459 -11.99 -20.32 -22.12
CA ARG E 459 -13.27 -20.22 -22.80
C ARG E 459 -13.10 -19.65 -24.21
N LEU E 460 -12.12 -18.78 -24.41
CA LEU E 460 -11.89 -18.20 -25.73
C LEU E 460 -11.36 -19.25 -26.70
N VAL E 461 -10.66 -20.25 -26.21
CA VAL E 461 -10.14 -21.32 -27.07
C VAL E 461 -11.16 -22.44 -27.24
N ASP E 462 -11.89 -22.79 -26.18
CA ASP E 462 -12.89 -23.85 -26.28
C ASP E 462 -13.92 -23.52 -27.36
N LEU E 463 -14.59 -22.38 -27.23
CA LEU E 463 -15.38 -21.84 -28.32
C LEU E 463 -14.39 -21.34 -29.37
N ASN E 464 -14.33 -22.03 -30.52
CA ASN E 464 -13.13 -21.91 -31.34
C ASN E 464 -13.07 -20.56 -32.05
N HIS E 465 -12.91 -19.49 -31.26
CA HIS E 465 -12.55 -18.19 -31.81
C HIS E 465 -11.07 -18.14 -32.16
N ALA E 466 -10.23 -18.73 -31.31
CA ALA E 466 -8.81 -18.93 -31.57
C ALA E 466 -8.47 -20.37 -31.24
N GLN E 467 -7.60 -20.98 -32.06
CA GLN E 467 -7.35 -22.41 -31.97
C GLN E 467 -6.33 -22.78 -30.90
N ASN E 468 -5.21 -22.05 -30.81
CA ASN E 468 -4.18 -22.36 -29.84
C ASN E 468 -4.17 -21.31 -28.73
N ILE E 469 -3.52 -21.66 -27.62
CA ILE E 469 -3.52 -20.80 -26.44
C ILE E 469 -2.77 -19.50 -26.74
N LYS E 470 -1.69 -19.58 -27.53
CA LYS E 470 -0.93 -18.38 -27.85
C LYS E 470 -1.79 -17.33 -28.52
N SER E 471 -2.69 -17.76 -29.42
CA SER E 471 -3.61 -16.83 -30.06
C SER E 471 -4.58 -16.23 -29.06
N ALA E 472 -4.98 -17.00 -28.04
CA ALA E 472 -5.91 -16.47 -27.04
C ALA E 472 -5.24 -15.39 -26.20
N LYS E 473 -3.97 -15.58 -25.83
CA LYS E 473 -3.28 -14.59 -25.02
C LYS E 473 -3.19 -13.24 -25.74
N ARG E 474 -2.74 -13.27 -27.00
CA ARG E 474 -2.66 -12.03 -27.76
C ARG E 474 -4.04 -11.46 -28.04
N MET E 475 -5.06 -12.32 -28.09
CA MET E 475 -6.42 -11.85 -28.33
C MET E 475 -6.94 -11.03 -27.14
N VAL E 476 -6.62 -11.45 -25.92
CA VAL E 476 -7.01 -10.70 -24.75
C VAL E 476 -6.09 -9.50 -24.55
N GLU E 477 -4.79 -9.67 -24.80
CA GLU E 477 -3.85 -8.57 -24.60
C GLU E 477 -4.22 -7.36 -25.44
N ARG E 478 -4.60 -7.59 -26.70
CA ARG E 478 -5.00 -6.50 -27.58
C ARG E 478 -6.45 -6.09 -27.39
N GLN E 479 -7.17 -6.72 -26.45
CA GLN E 479 -8.53 -6.32 -26.11
C GLN E 479 -9.45 -6.40 -27.32
N ARG E 480 -9.34 -7.49 -28.08
CA ARG E 480 -10.20 -7.71 -29.24
C ARG E 480 -11.65 -7.59 -28.82
N PRO E 481 -12.53 -7.08 -29.68
CA PRO E 481 -13.93 -6.87 -29.29
C PRO E 481 -14.69 -8.15 -28.99
N GLN E 482 -14.22 -9.30 -29.47
CA GLN E 482 -14.96 -10.54 -29.28
C GLN E 482 -14.91 -11.04 -27.84
N VAL E 483 -13.92 -10.62 -27.06
CA VAL E 483 -13.70 -11.18 -25.73
C VAL E 483 -14.66 -10.66 -24.68
N TRP E 484 -15.42 -9.60 -24.97
CA TRP E 484 -16.29 -9.03 -23.95
C TRP E 484 -17.50 -9.92 -23.70
N ASP E 485 -17.92 -10.70 -24.69
CA ASP E 485 -19.02 -11.65 -24.48
C ASP E 485 -18.57 -12.84 -23.65
N VAL E 486 -17.32 -13.28 -23.81
CA VAL E 486 -16.82 -14.40 -23.02
C VAL E 486 -16.54 -14.00 -21.59
N LEU E 487 -16.42 -12.69 -21.31
CA LEU E 487 -16.09 -12.23 -19.96
C LEU E 487 -17.30 -12.35 -19.03
N GLU E 488 -18.47 -11.92 -19.49
CA GLU E 488 -19.67 -12.07 -18.68
C GLU E 488 -19.98 -13.52 -18.37
N GLU E 489 -19.50 -14.44 -19.22
CA GLU E 489 -19.80 -15.85 -19.01
C GLU E 489 -18.90 -16.47 -17.95
N VAL E 490 -17.62 -16.07 -17.92
CA VAL E 490 -16.72 -16.57 -16.88
C VAL E 490 -16.97 -15.84 -15.56
N ILE E 491 -17.42 -14.58 -15.61
CA ILE E 491 -17.62 -13.80 -14.40
C ILE E 491 -18.87 -14.26 -13.65
N ALA E 492 -19.86 -14.78 -14.37
CA ALA E 492 -21.16 -15.07 -13.78
C ALA E 492 -21.03 -15.94 -12.53
N GLU E 493 -21.65 -15.49 -11.45
CA GLU E 493 -21.68 -16.22 -10.18
C GLU E 493 -20.29 -16.64 -9.72
N HIS E 494 -19.28 -15.82 -10.05
CA HIS E 494 -17.93 -16.03 -9.58
C HIS E 494 -17.56 -14.89 -8.64
N PRO E 495 -17.53 -15.11 -7.33
CA PRO E 495 -17.39 -14.00 -6.39
C PRO E 495 -15.97 -13.46 -6.33
N VAL E 496 -15.87 -12.24 -5.81
CA VAL E 496 -14.59 -11.58 -5.57
C VAL E 496 -14.59 -11.03 -4.14
N LEU E 497 -13.38 -10.76 -3.65
CA LEU E 497 -13.19 -10.25 -2.29
C LEU E 497 -12.71 -8.82 -2.36
N LEU E 498 -13.45 -7.91 -1.75
CA LEU E 498 -13.05 -6.52 -1.63
C LEU E 498 -12.52 -6.24 -0.22
N ASN E 499 -11.52 -5.37 -0.15
CA ASN E 499 -10.89 -5.04 1.12
C ASN E 499 -10.27 -3.66 1.02
N ARG E 500 -10.42 -2.88 2.08
CA ARG E 500 -9.86 -1.54 2.15
C ARG E 500 -8.98 -1.43 3.39
N ALA E 501 -7.75 -0.97 3.20
CA ALA E 501 -6.87 -0.74 4.33
C ALA E 501 -7.16 0.62 4.97
N PRO E 502 -7.07 0.72 6.30
CA PRO E 502 -6.69 -0.37 7.20
C PRO E 502 -7.83 -1.35 7.48
N THR E 503 -7.49 -2.62 7.66
CA THR E 503 -8.47 -3.65 7.98
C THR E 503 -8.56 -3.78 9.50
N LEU E 504 -9.67 -3.30 10.07
CA LEU E 504 -9.83 -3.30 11.53
C LEU E 504 -10.54 -4.55 12.03
N HIS E 505 -11.76 -4.77 11.57
CA HIS E 505 -12.53 -5.95 11.91
C HIS E 505 -12.70 -6.84 10.69
N ARG E 506 -13.21 -8.05 10.92
CA ARG E 506 -13.36 -9.01 9.82
C ARG E 506 -14.30 -8.49 8.75
N LEU E 507 -15.20 -7.56 9.08
CA LEU E 507 -16.07 -6.96 8.07
C LEU E 507 -15.33 -6.04 7.13
N GLY E 508 -14.05 -5.76 7.39
CA GLY E 508 -13.23 -5.01 6.45
C GLY E 508 -12.91 -5.74 5.17
N ILE E 509 -13.34 -7.00 5.04
CA ILE E 509 -13.20 -7.78 3.82
C ILE E 509 -14.50 -8.55 3.61
N GLN E 510 -15.08 -8.41 2.43
CA GLN E 510 -16.35 -9.04 2.12
C GLN E 510 -16.34 -9.52 0.68
N ALA E 511 -17.30 -10.39 0.36
CA ALA E 511 -17.46 -10.93 -0.98
C ALA E 511 -18.58 -10.20 -1.72
N PHE E 512 -18.46 -10.14 -3.04
CA PHE E 512 -19.44 -9.45 -3.86
C PHE E 512 -19.58 -10.17 -5.19
N GLU E 513 -20.73 -9.96 -5.83
CA GLU E 513 -20.98 -10.48 -7.17
C GLU E 513 -20.46 -9.47 -8.18
N PRO E 514 -19.40 -9.78 -8.93
CA PRO E 514 -18.80 -8.76 -9.82
C PRO E 514 -19.69 -8.49 -11.02
N GLN E 515 -19.91 -7.21 -11.32
CA GLN E 515 -20.63 -6.77 -12.49
C GLN E 515 -19.72 -5.86 -13.32
N LEU E 516 -19.60 -6.17 -14.61
CA LEU E 516 -18.77 -5.35 -15.49
C LEU E 516 -19.36 -3.96 -15.64
N VAL E 517 -18.51 -2.95 -15.51
CA VAL E 517 -18.95 -1.56 -15.48
C VAL E 517 -17.98 -0.72 -16.31
N GLU E 518 -18.52 0.34 -16.91
CA GLU E 518 -17.69 1.28 -17.66
C GLU E 518 -16.96 2.21 -16.70
N GLY E 519 -15.77 2.62 -17.09
CA GLY E 519 -14.92 3.46 -16.27
C GLY E 519 -13.83 2.66 -15.58
N LYS E 520 -12.95 3.40 -14.91
CA LYS E 520 -11.80 2.81 -14.23
C LYS E 520 -11.94 2.83 -12.71
N ALA E 521 -13.14 3.09 -12.20
CA ALA E 521 -13.38 3.13 -10.77
C ALA E 521 -14.25 1.96 -10.35
N ILE E 522 -14.09 1.54 -9.09
CA ILE E 522 -14.89 0.47 -8.52
C ILE E 522 -16.17 1.06 -7.93
N GLN E 523 -17.30 0.43 -8.23
CA GLN E 523 -18.59 0.86 -7.71
C GLN E 523 -18.94 0.03 -6.49
N LEU E 524 -19.00 0.68 -5.33
CA LEU E 524 -19.23 0.03 -4.05
C LEU E 524 -20.64 0.31 -3.58
N HIS E 525 -21.32 -0.72 -3.08
CA HIS E 525 -22.67 -0.53 -2.57
C HIS E 525 -22.65 0.47 -1.42
N PRO E 526 -23.63 1.37 -1.34
CA PRO E 526 -23.54 2.46 -0.35
C PRO E 526 -23.72 2.01 1.09
N LEU E 527 -24.33 0.84 1.33
CA LEU E 527 -24.57 0.42 2.70
C LEU E 527 -23.32 -0.13 3.37
N VAL E 528 -22.38 -0.67 2.60
CA VAL E 528 -21.17 -1.26 3.17
C VAL E 528 -20.12 -0.23 3.54
N CYS E 529 -20.39 1.07 3.29
CA CYS E 529 -19.41 2.10 3.65
C CYS E 529 -19.13 2.09 5.15
N GLU E 530 -20.14 1.78 5.96
CA GLU E 530 -19.94 1.74 7.41
C GLU E 530 -18.87 0.73 7.79
N ALA E 531 -18.96 -0.48 7.26
CA ALA E 531 -18.02 -1.54 7.63
C ALA E 531 -16.61 -1.19 7.17
N PHE E 532 -16.46 -0.78 5.91
CA PHE E 532 -15.15 -0.44 5.38
C PHE E 532 -14.65 0.93 5.84
N ASN E 533 -15.47 1.69 6.57
CA ASN E 533 -15.12 3.06 6.92
C ASN E 533 -14.65 3.82 5.69
N ALA E 534 -15.32 3.58 4.57
CA ALA E 534 -14.86 4.04 3.26
C ALA E 534 -15.50 5.38 2.93
N ASP E 535 -14.70 6.44 2.99
CA ASP E 535 -15.11 7.72 2.47
C ASP E 535 -14.90 7.76 0.96
N PHE E 536 -15.76 8.50 0.27
CA PHE E 536 -15.63 8.67 -1.17
C PHE E 536 -14.82 9.91 -1.54
N ASP E 537 -13.90 10.33 -0.67
CA ASP E 537 -12.98 11.41 -0.95
C ASP E 537 -11.81 10.96 -1.83
N GLY E 538 -11.87 9.76 -2.38
CA GLY E 538 -10.81 9.26 -3.24
C GLY E 538 -10.18 7.98 -2.74
N ASP E 539 -10.83 7.30 -1.79
CA ASP E 539 -10.31 6.06 -1.26
C ASP E 539 -10.16 5.01 -2.37
N GLN E 540 -9.19 4.13 -2.18
CA GLN E 540 -8.96 3.01 -3.08
C GLN E 540 -9.29 1.70 -2.35
N MET E 541 -9.71 0.69 -3.12
CA MET E 541 -10.04 -0.61 -2.57
C MET E 541 -9.38 -1.71 -3.39
N ALA E 542 -8.90 -2.73 -2.71
CA ALA E 542 -8.24 -3.86 -3.35
C ALA E 542 -9.26 -4.95 -3.67
N VAL E 543 -8.97 -5.71 -4.73
CA VAL E 543 -9.83 -6.79 -5.18
C VAL E 543 -8.98 -8.04 -5.34
N HIS E 544 -9.43 -9.14 -4.73
CA HIS E 544 -8.75 -10.42 -4.83
C HIS E 544 -9.71 -11.45 -5.43
N LEU E 545 -9.15 -12.43 -6.13
CA LEU E 545 -9.94 -13.40 -6.87
C LEU E 545 -9.80 -14.78 -6.25
N PRO E 546 -10.81 -15.28 -5.53
CA PRO E 546 -10.73 -16.65 -5.01
C PRO E 546 -10.74 -17.65 -6.16
N LEU E 547 -9.80 -18.59 -6.12
CA LEU E 547 -9.58 -19.52 -7.23
C LEU E 547 -10.19 -20.90 -6.99
N SER E 548 -9.79 -21.58 -5.92
CA SER E 548 -10.18 -22.96 -5.74
C SER E 548 -11.65 -23.07 -5.33
N ALA E 549 -12.17 -24.29 -5.35
CA ALA E 549 -13.56 -24.52 -4.98
C ALA E 549 -13.79 -24.14 -3.51
N GLU E 550 -12.91 -24.58 -2.62
CA GLU E 550 -13.05 -24.24 -1.21
C GLU E 550 -13.01 -22.74 -1.00
N ALA E 551 -12.16 -22.04 -1.76
CA ALA E 551 -12.06 -20.59 -1.61
C ALA E 551 -13.33 -19.91 -2.08
N GLN E 552 -13.83 -20.30 -3.26
CA GLN E 552 -15.08 -19.73 -3.76
C GLN E 552 -16.22 -19.97 -2.77
N ALA E 553 -16.33 -21.20 -2.25
CA ALA E 553 -17.37 -21.50 -1.29
C ALA E 553 -17.24 -20.63 -0.04
N GLU E 554 -16.02 -20.40 0.43
CA GLU E 554 -15.82 -19.55 1.59
C GLU E 554 -16.31 -18.12 1.32
N ALA E 555 -16.12 -17.65 0.09
CA ALA E 555 -16.61 -16.32 -0.26
C ALA E 555 -18.13 -16.28 -0.36
N ARG E 556 -18.72 -17.33 -0.94
CA ARG E 556 -20.17 -17.35 -1.11
C ARG E 556 -20.89 -17.51 0.22
N ILE E 557 -20.37 -18.35 1.11
CA ILE E 557 -21.04 -18.68 2.35
C ILE E 557 -20.54 -17.84 3.52
N LEU E 558 -19.23 -17.77 3.70
CA LEU E 558 -18.68 -17.16 4.91
C LEU E 558 -18.56 -15.64 4.80
N MET E 559 -18.05 -15.14 3.67
CA MET E 559 -17.69 -13.74 3.54
C MET E 559 -18.64 -12.94 2.66
N LEU E 560 -19.76 -13.54 2.25
CA LEU E 560 -20.68 -12.82 1.37
C LEU E 560 -21.19 -11.56 2.06
N SER E 561 -21.45 -10.52 1.24
CA SER E 561 -21.83 -9.23 1.78
C SER E 561 -23.16 -9.31 2.52
N SER E 562 -24.19 -9.90 1.88
CA SER E 562 -25.53 -9.88 2.44
C SER E 562 -25.70 -10.83 3.62
N ASN E 563 -24.72 -11.70 3.90
CA ASN E 563 -24.78 -12.54 5.08
C ASN E 563 -24.17 -11.88 6.31
N ASN E 564 -23.31 -10.88 6.12
CA ASN E 564 -22.69 -10.14 7.21
C ASN E 564 -23.37 -8.77 7.30
N ILE E 565 -24.31 -8.64 8.24
CA ILE E 565 -25.05 -7.41 8.46
C ILE E 565 -24.80 -6.83 9.85
N LEU E 566 -24.74 -7.70 10.85
CA LEU E 566 -24.62 -7.27 12.24
C LEU E 566 -23.15 -7.14 12.64
N SER E 567 -22.84 -6.08 13.37
CA SER E 567 -21.49 -5.91 13.90
C SER E 567 -21.11 -7.11 14.75
N PRO E 568 -19.96 -7.73 14.50
CA PRO E 568 -19.55 -8.88 15.33
C PRO E 568 -19.01 -8.45 16.68
N ALA E 569 -19.21 -7.19 17.05
CA ALA E 569 -18.82 -6.68 18.35
C ALA E 569 -20.01 -6.38 19.25
N SER E 570 -20.98 -5.60 18.76
CA SER E 570 -22.15 -5.22 19.55
C SER E 570 -23.40 -5.99 19.16
N GLY E 571 -23.39 -6.71 18.04
CA GLY E 571 -24.60 -7.29 17.50
C GLY E 571 -25.52 -6.30 16.83
N LYS E 572 -25.23 -5.00 16.92
CA LYS E 572 -26.04 -4.00 16.26
C LYS E 572 -25.93 -4.13 14.75
N PRO E 573 -26.95 -3.70 14.01
CA PRO E 573 -26.86 -3.75 12.55
C PRO E 573 -25.97 -2.64 12.01
N LEU E 574 -25.16 -2.99 11.01
CA LEU E 574 -24.24 -2.05 10.37
C LEU E 574 -24.75 -1.56 9.02
N ALA E 575 -25.31 -2.45 8.21
CA ALA E 575 -25.85 -2.08 6.90
C ALA E 575 -27.12 -1.27 6.99
N MET E 576 -27.49 -0.88 8.21
CA MET E 576 -28.63 -0.01 8.42
C MET E 576 -28.42 1.31 7.68
N PRO E 577 -29.49 1.89 7.10
CA PRO E 577 -29.35 3.13 6.31
C PRO E 577 -28.66 4.25 7.08
N ARG E 578 -28.09 5.22 6.37
CA ARG E 578 -27.37 6.27 7.06
C ARG E 578 -27.17 7.48 6.17
N LEU E 579 -27.35 8.66 6.76
CA LEU E 579 -26.94 9.97 6.27
C LEU E 579 -27.76 10.51 5.10
N ASP E 580 -28.32 9.63 4.27
CA ASP E 580 -29.03 10.12 3.10
C ASP E 580 -30.44 9.56 3.13
N MET E 581 -30.48 8.24 3.27
CA MET E 581 -31.73 7.50 3.38
C MET E 581 -32.41 7.77 4.71
N VAL E 582 -31.64 8.13 5.74
CA VAL E 582 -32.23 8.52 7.01
C VAL E 582 -33.08 9.76 6.84
N THR E 583 -32.47 10.83 6.33
CA THR E 583 -33.23 12.05 6.09
C THR E 583 -34.38 11.80 5.12
N GLY E 584 -34.14 11.03 4.07
CA GLY E 584 -35.20 10.73 3.11
C GLY E 584 -36.37 10.01 3.76
N LEU E 585 -36.08 8.97 4.54
CA LEU E 585 -37.14 8.23 5.21
C LEU E 585 -37.80 9.09 6.30
N TYR E 586 -37.02 9.89 7.01
CA TYR E 586 -37.59 10.83 7.97
C TYR E 586 -38.64 11.70 7.32
N TYR E 587 -38.30 12.30 6.17
CA TYR E 587 -39.24 13.18 5.47
C TYR E 587 -40.46 12.41 4.99
N LEU E 588 -40.25 11.22 4.42
CA LEU E 588 -41.36 10.47 3.84
C LEU E 588 -42.45 10.22 4.87
N THR E 589 -42.07 9.85 6.10
CA THR E 589 -43.02 9.44 7.12
C THR E 589 -43.50 10.57 8.01
N THR E 590 -42.91 11.76 7.90
CA THR E 590 -43.29 12.85 8.78
C THR E 590 -44.75 13.25 8.53
N LEU E 591 -45.36 13.83 9.56
CA LEU E 591 -46.77 14.21 9.54
C LEU E 591 -46.87 15.73 9.59
N VAL E 592 -47.51 16.31 8.58
CA VAL E 592 -47.66 17.76 8.46
C VAL E 592 -49.13 18.11 8.67
N GLU E 593 -49.39 19.01 9.61
CA GLU E 593 -50.75 19.49 9.84
C GLU E 593 -51.22 20.34 8.66
N GLY E 594 -52.54 20.29 8.41
CA GLY E 594 -53.13 21.09 7.37
C GLY E 594 -52.53 20.89 5.99
N ALA E 595 -52.03 19.69 5.70
CA ALA E 595 -51.49 19.41 4.38
C ALA E 595 -52.62 19.27 3.36
N THR E 596 -52.25 19.38 2.09
CA THR E 596 -53.24 19.25 1.02
C THR E 596 -53.84 17.86 1.03
N GLY E 597 -55.16 17.79 1.06
CA GLY E 597 -55.86 16.53 1.18
C GLY E 597 -56.07 16.05 2.59
N GLU E 598 -55.75 16.87 3.59
CA GLU E 598 -55.85 16.44 4.99
C GLU E 598 -57.23 15.88 5.29
N TYR E 599 -57.25 14.81 6.08
CA TYR E 599 -58.51 14.16 6.44
C TYR E 599 -59.39 15.12 7.24
N GLN E 600 -60.67 15.16 6.88
CA GLN E 600 -61.66 15.96 7.59
C GLN E 600 -62.92 15.12 7.76
N ALA E 601 -63.32 14.88 9.01
CA ALA E 601 -64.53 14.12 9.30
C ALA E 601 -65.72 15.04 9.05
N ALA E 602 -66.09 15.17 7.79
CA ALA E 602 -67.17 16.06 7.40
C ALA E 602 -68.44 15.71 8.15
N THR E 603 -69.28 16.73 8.37
CA THR E 603 -70.45 16.58 9.22
C THR E 603 -71.65 17.31 8.65
N LYS E 604 -72.75 16.56 8.47
CA LYS E 604 -74.10 17.08 8.34
C LYS E 604 -74.37 17.75 6.99
N ASP E 605 -73.35 17.92 6.18
CA ASP E 605 -73.54 18.47 4.85
C ASP E 605 -72.95 17.57 3.78
N ALA E 606 -71.82 16.95 4.05
CA ALA E 606 -71.19 15.96 3.18
C ALA E 606 -70.53 14.91 4.06
N PRO E 607 -70.08 13.80 3.49
CA PRO E 607 -69.36 12.79 4.27
C PRO E 607 -67.88 13.14 4.38
N GLU E 608 -67.20 12.38 5.24
CA GLU E 608 -65.77 12.58 5.44
C GLU E 608 -65.03 12.58 4.10
N GLN E 609 -64.06 13.48 3.98
CA GLN E 609 -63.30 13.61 2.74
C GLN E 609 -61.87 13.07 2.84
N GLY E 610 -61.42 12.69 4.04
CA GLY E 610 -60.04 12.27 4.20
C GLY E 610 -59.76 10.82 3.85
N VAL E 611 -60.80 9.99 3.79
CA VAL E 611 -60.61 8.56 3.57
C VAL E 611 -60.34 8.30 2.09
N TYR E 612 -59.82 7.10 1.81
CA TYR E 612 -59.52 6.69 0.44
C TYR E 612 -59.80 5.22 0.27
N SER E 613 -60.17 4.85 -0.96
CA SER E 613 -60.55 3.46 -1.25
C SER E 613 -59.41 2.50 -0.97
N SER E 614 -58.27 2.73 -1.59
CA SER E 614 -57.12 1.83 -1.47
C SER E 614 -55.86 2.66 -1.48
N PRO E 615 -54.70 2.04 -1.24
CA PRO E 615 -53.44 2.80 -1.30
C PRO E 615 -53.14 3.34 -2.69
N ALA E 616 -53.55 2.63 -3.75
CA ALA E 616 -53.28 3.11 -5.09
C ALA E 616 -54.02 4.42 -5.38
N GLU E 617 -55.25 4.56 -4.88
CA GLU E 617 -56.01 5.77 -5.11
C GLU E 617 -55.27 6.99 -4.57
N ALA E 618 -54.73 6.89 -3.35
CA ALA E 618 -54.02 8.01 -2.78
C ALA E 618 -52.89 8.48 -3.69
N ILE E 619 -52.22 7.54 -4.36
CA ILE E 619 -51.16 7.91 -5.30
C ILE E 619 -51.72 8.82 -6.39
N MET E 620 -52.88 8.46 -6.94
CA MET E 620 -53.48 9.28 -7.98
C MET E 620 -53.91 10.63 -7.44
N ALA E 621 -54.22 10.71 -6.14
CA ALA E 621 -54.51 11.99 -5.50
C ALA E 621 -53.25 12.74 -5.12
N MET E 622 -52.11 12.05 -5.02
CA MET E 622 -50.82 12.67 -4.76
C MET E 622 -50.18 13.21 -6.03
N ASP E 623 -50.30 12.48 -7.14
CA ASP E 623 -49.80 13.00 -8.41
C ASP E 623 -50.56 14.26 -8.79
N ARG E 624 -51.89 14.20 -8.82
CA ARG E 624 -52.68 15.41 -8.83
C ARG E 624 -52.48 16.15 -7.51
N GLY E 625 -52.87 17.42 -7.49
CA GLY E 625 -52.59 18.25 -6.33
C GLY E 625 -53.43 17.97 -5.12
N ALA E 626 -54.11 16.81 -5.10
CA ALA E 626 -55.09 16.53 -4.05
C ALA E 626 -54.44 16.15 -2.73
N LEU E 627 -53.47 15.24 -2.77
CA LEU E 627 -52.96 14.60 -1.56
C LEU E 627 -51.48 14.92 -1.38
N SER E 628 -51.13 15.39 -0.18
CA SER E 628 -49.73 15.51 0.20
C SER E 628 -49.28 14.25 0.93
N VAL E 629 -48.13 13.72 0.53
CA VAL E 629 -47.67 12.46 1.09
C VAL E 629 -47.55 12.54 2.60
N ARG E 630 -47.28 13.73 3.14
CA ARG E 630 -47.12 13.92 4.57
C ARG E 630 -48.42 14.36 5.26
N ALA E 631 -49.56 14.07 4.64
CA ALA E 631 -50.85 14.47 5.18
C ALA E 631 -51.37 13.42 6.17
N LYS E 632 -52.34 13.83 6.99
CA LYS E 632 -52.88 12.99 8.05
C LYS E 632 -54.09 12.18 7.60
N ILE E 633 -54.17 11.83 6.32
CA ILE E 633 -55.33 11.15 5.76
C ILE E 633 -55.45 9.74 6.34
N LYS E 634 -56.60 9.11 6.12
CA LYS E 634 -56.88 7.75 6.58
C LYS E 634 -57.42 6.93 5.42
N VAL E 635 -56.94 5.68 5.30
CA VAL E 635 -57.31 4.80 4.20
C VAL E 635 -57.44 3.38 4.74
N ARG E 636 -57.91 2.48 3.88
CA ARG E 636 -58.11 1.08 4.20
C ARG E 636 -57.12 0.24 3.39
N LEU E 637 -56.25 -0.49 4.09
CA LEU E 637 -55.22 -1.31 3.46
C LEU E 637 -55.64 -2.78 3.50
N THR E 638 -55.35 -3.50 2.41
CA THR E 638 -55.72 -4.90 2.31
C THR E 638 -54.53 -5.84 2.22
N GLU E 639 -53.30 -5.32 2.22
CA GLU E 639 -52.12 -6.17 2.08
C GLU E 639 -51.09 -6.01 3.18
N LEU E 640 -51.17 -4.96 3.99
CA LEU E 640 -50.24 -4.74 5.10
C LEU E 640 -50.83 -5.30 6.39
N ARG E 641 -49.94 -5.66 7.31
CA ARG E 641 -50.52 -6.22 8.52
C ARG E 641 -50.72 -5.13 9.57
N PRO E 642 -51.85 -5.14 10.26
CA PRO E 642 -52.16 -4.08 11.23
C PRO E 642 -51.30 -4.22 12.48
N PRO E 643 -51.28 -3.19 13.33
CA PRO E 643 -50.48 -3.26 14.56
C PRO E 643 -50.96 -4.39 15.46
N THR E 644 -50.15 -4.68 16.48
CA THR E 644 -50.47 -5.75 17.40
C THR E 644 -51.71 -5.43 18.23
N ASP E 645 -51.73 -4.25 18.87
CA ASP E 645 -52.85 -3.90 19.72
C ASP E 645 -54.15 -3.87 18.93
N LEU E 646 -54.15 -3.23 17.76
CA LEU E 646 -55.34 -3.15 16.93
C LEU E 646 -55.65 -4.44 16.20
N GLU E 647 -54.68 -5.37 16.12
CA GLU E 647 -54.93 -6.60 15.39
C GLU E 647 -55.85 -7.54 16.16
N ALA E 648 -55.84 -7.48 17.49
CA ALA E 648 -56.69 -8.36 18.27
C ALA E 648 -58.16 -7.95 18.17
N GLN E 649 -58.43 -6.65 18.29
CA GLN E 649 -59.82 -6.19 18.24
C GLN E 649 -60.46 -6.54 16.90
N LEU E 650 -59.71 -6.45 15.81
CA LEU E 650 -60.29 -6.64 14.48
C LEU E 650 -60.58 -8.11 14.20
N PHE E 651 -59.59 -9.00 14.33
CA PHE E 651 -59.84 -10.40 14.02
C PHE E 651 -59.67 -11.31 15.22
N GLU E 652 -58.46 -11.39 15.79
CA GLU E 652 -58.11 -12.27 16.89
C GLU E 652 -58.20 -13.75 16.50
N ASN E 653 -58.71 -14.05 15.30
CA ASN E 653 -58.84 -15.43 14.83
C ASN E 653 -58.30 -15.65 13.43
N GLY E 654 -58.50 -14.69 12.53
CA GLY E 654 -57.98 -14.75 11.18
C GLY E 654 -57.04 -13.59 10.92
N TRP E 655 -56.57 -13.52 9.67
CA TRP E 655 -55.64 -12.46 9.32
C TRP E 655 -56.06 -11.73 8.06
N LYS E 656 -55.17 -10.87 7.56
CA LYS E 656 -55.50 -9.96 6.47
C LYS E 656 -54.57 -10.12 5.28
N PRO E 657 -54.27 -11.34 4.82
CA PRO E 657 -53.62 -11.47 3.51
C PRO E 657 -54.54 -11.02 2.39
N GLY E 658 -55.84 -11.27 2.54
CA GLY E 658 -56.85 -10.75 1.64
C GLY E 658 -57.85 -9.89 2.38
N ASP E 659 -57.74 -9.85 3.70
CA ASP E 659 -58.63 -9.03 4.52
C ASP E 659 -58.23 -7.56 4.48
N ALA E 660 -59.18 -6.71 4.84
CA ALA E 660 -59.00 -5.27 4.80
C ALA E 660 -59.16 -4.68 6.20
N TRP E 661 -58.74 -3.43 6.34
CA TRP E 661 -58.82 -2.72 7.61
C TRP E 661 -58.39 -1.28 7.35
N THR E 662 -58.86 -0.38 8.21
CA THR E 662 -58.65 1.05 8.05
C THR E 662 -57.85 1.59 9.23
N ALA E 663 -56.92 2.50 8.92
CA ALA E 663 -56.27 3.30 9.96
C ALA E 663 -55.81 4.61 9.33
N GLU E 664 -55.53 5.58 10.20
CA GLU E 664 -55.18 6.94 9.78
C GLU E 664 -53.67 7.13 9.90
N THR E 665 -53.01 7.24 8.76
CA THR E 665 -51.58 7.44 8.71
C THR E 665 -51.24 8.24 7.45
N THR E 666 -50.01 8.75 7.40
CA THR E 666 -49.55 9.44 6.21
C THR E 666 -49.40 8.44 5.07
N LEU E 667 -49.72 8.89 3.85
CA LEU E 667 -49.50 8.04 2.68
C LEU E 667 -48.08 7.52 2.65
N GLY E 668 -47.12 8.34 3.09
CA GLY E 668 -45.74 7.88 3.15
C GLY E 668 -45.54 6.73 4.10
N ARG E 669 -46.04 6.87 5.33
CA ARG E 669 -45.96 5.77 6.29
C ARG E 669 -46.54 4.49 5.72
N VAL E 670 -47.50 4.61 4.80
CA VAL E 670 -48.01 3.44 4.09
C VAL E 670 -46.94 2.89 3.15
N MET E 671 -46.45 3.73 2.24
CA MET E 671 -45.42 3.29 1.30
C MET E 671 -44.19 2.77 2.02
N PHE E 672 -43.88 3.32 3.20
CA PHE E 672 -42.75 2.82 3.97
C PHE E 672 -42.98 1.37 4.39
N ASN E 673 -44.12 1.10 5.05
CA ASN E 673 -44.42 -0.25 5.50
C ASN E 673 -44.45 -1.25 4.36
N GLU E 674 -44.69 -0.80 3.13
CA GLU E 674 -44.64 -1.70 1.99
C GLU E 674 -43.25 -2.25 1.78
N LEU E 675 -42.22 -1.47 2.12
CA LEU E 675 -40.84 -1.91 1.96
C LEU E 675 -40.51 -3.06 2.91
N LEU E 676 -41.06 -3.02 4.12
CA LEU E 676 -40.84 -4.08 5.09
C LEU E 676 -41.46 -5.37 4.58
N PRO E 677 -41.25 -6.47 5.29
CA PRO E 677 -41.90 -7.74 4.90
C PRO E 677 -43.40 -7.66 5.10
N LYS E 678 -44.12 -8.48 4.33
CA LYS E 678 -45.58 -8.54 4.46
C LYS E 678 -45.98 -8.99 5.86
N SER E 679 -45.21 -9.89 6.46
CA SER E 679 -45.57 -10.44 7.76
C SER E 679 -45.35 -9.47 8.91
N TYR E 680 -44.54 -8.43 8.72
CA TYR E 680 -44.25 -7.54 9.83
C TYR E 680 -45.42 -6.61 10.09
N PRO E 681 -45.74 -6.34 11.36
CA PRO E 681 -46.88 -5.48 11.68
C PRO E 681 -46.63 -4.03 11.29
N PHE E 682 -47.72 -3.33 10.98
CA PHE E 682 -47.64 -1.91 10.67
C PHE E 682 -46.94 -1.16 11.79
N VAL E 683 -46.22 -0.10 11.42
CA VAL E 683 -45.42 0.69 12.36
C VAL E 683 -46.06 2.05 12.64
N ASN E 684 -46.25 2.86 11.60
CA ASN E 684 -46.89 4.17 11.74
C ASN E 684 -46.15 5.06 12.72
N GLU E 685 -44.92 5.44 12.34
CA GLU E 685 -44.17 6.41 13.12
C GLU E 685 -43.34 7.27 12.18
N GLN E 686 -42.99 8.45 12.66
CA GLN E 686 -41.96 9.25 11.98
C GLN E 686 -40.64 8.51 12.06
N MET E 687 -40.12 8.11 10.89
CA MET E 687 -39.00 7.18 10.85
C MET E 687 -37.72 7.87 11.30
N HIS E 688 -37.68 8.19 12.59
CA HIS E 688 -36.52 8.76 13.26
C HIS E 688 -35.32 7.87 13.04
N LYS E 689 -34.11 8.43 13.20
CA LYS E 689 -32.91 7.62 13.08
C LYS E 689 -32.94 6.45 14.07
N LYS E 690 -33.26 6.74 15.34
CA LYS E 690 -33.25 5.70 16.35
C LYS E 690 -34.25 4.60 16.04
N VAL E 691 -35.39 4.95 15.44
CA VAL E 691 -36.42 3.95 15.16
C VAL E 691 -35.92 2.91 14.18
N GLN E 692 -35.32 3.37 13.07
CA GLN E 692 -34.85 2.43 12.05
C GLN E 692 -33.93 1.36 12.64
N ALA E 693 -33.11 1.73 13.62
CA ALA E 693 -32.31 0.74 14.32
C ALA E 693 -33.19 -0.30 14.99
N ARG E 694 -34.19 0.17 15.77
CA ARG E 694 -35.14 -0.74 16.40
C ARG E 694 -35.76 -1.70 15.38
N ILE E 695 -36.36 -1.13 14.33
CA ILE E 695 -37.10 -1.95 13.36
C ILE E 695 -36.16 -2.93 12.67
N ILE E 696 -34.96 -2.47 12.28
CA ILE E 696 -34.03 -3.36 11.62
C ILE E 696 -33.55 -4.44 12.57
N ASN E 697 -33.29 -4.08 13.83
CA ASN E 697 -32.94 -5.10 14.83
C ASN E 697 -34.02 -6.17 14.90
N ASP E 698 -35.27 -5.76 15.07
CA ASP E 698 -36.37 -6.71 15.19
C ASP E 698 -36.39 -7.67 14.00
N LEU E 699 -36.19 -7.16 12.79
CA LEU E 699 -36.26 -8.01 11.60
C LEU E 699 -35.20 -9.09 11.63
N ALA E 700 -33.97 -8.75 12.05
CA ALA E 700 -32.91 -9.75 12.11
C ALA E 700 -33.26 -10.91 13.03
N GLU E 701 -34.01 -10.63 14.11
CA GLU E 701 -34.38 -11.69 15.04
C GLU E 701 -35.51 -12.55 14.49
N ARG E 702 -36.47 -11.95 13.80
CA ARG E 702 -37.68 -12.66 13.38
C ARG E 702 -37.60 -13.23 11.98
N PHE E 703 -36.66 -12.78 11.15
CA PHE E 703 -36.61 -13.17 9.75
C PHE E 703 -35.22 -13.64 9.37
N PRO E 704 -35.12 -14.45 8.31
CA PRO E 704 -33.80 -14.89 7.82
C PRO E 704 -32.99 -13.70 7.30
N MET E 705 -31.74 -14.00 6.95
CA MET E 705 -30.83 -12.96 6.47
C MET E 705 -31.30 -12.38 5.15
N ILE E 706 -31.61 -13.25 4.17
CA ILE E 706 -32.00 -12.78 2.84
C ILE E 706 -33.13 -11.75 2.96
N VAL E 707 -34.05 -11.97 3.89
CA VAL E 707 -35.15 -11.02 4.08
C VAL E 707 -34.59 -9.65 4.49
N VAL E 708 -33.80 -9.61 5.56
CA VAL E 708 -33.24 -8.35 6.02
C VAL E 708 -32.41 -7.70 4.92
N ALA E 709 -31.61 -8.51 4.21
CA ALA E 709 -30.83 -7.97 3.11
C ALA E 709 -31.71 -7.26 2.10
N GLN E 710 -32.77 -7.93 1.63
CA GLN E 710 -33.67 -7.32 0.66
C GLN E 710 -34.44 -6.16 1.28
N THR E 711 -34.78 -6.25 2.57
CA THR E 711 -35.51 -5.17 3.21
C THR E 711 -34.65 -3.91 3.33
N VAL E 712 -33.37 -4.07 3.68
CA VAL E 712 -32.49 -2.92 3.75
C VAL E 712 -32.23 -2.36 2.35
N ASP E 713 -32.20 -3.23 1.34
CA ASP E 713 -32.05 -2.76 -0.04
C ASP E 713 -33.23 -1.86 -0.43
N LYS E 714 -34.44 -2.22 -0.01
CA LYS E 714 -35.60 -1.41 -0.34
C LYS E 714 -35.60 -0.09 0.42
N LEU E 715 -35.09 -0.08 1.65
CA LEU E 715 -34.98 1.17 2.40
C LEU E 715 -33.96 2.11 1.76
N LYS E 716 -32.94 1.55 1.10
CA LYS E 716 -31.95 2.38 0.42
C LYS E 716 -32.58 3.14 -0.75
N ASP E 717 -33.26 2.43 -1.64
CA ASP E 717 -33.90 3.07 -2.79
C ASP E 717 -34.85 4.19 -2.32
N ALA E 718 -35.82 3.82 -1.48
CA ALA E 718 -36.77 4.81 -0.97
C ALA E 718 -36.04 5.94 -0.25
N GLY E 719 -35.10 5.59 0.63
CA GLY E 719 -34.35 6.61 1.35
C GLY E 719 -33.70 7.62 0.42
N PHE E 720 -33.09 7.14 -0.66
CA PHE E 720 -32.43 8.03 -1.61
C PHE E 720 -33.46 8.84 -2.39
N TYR E 721 -34.44 8.17 -2.99
CA TYR E 721 -35.43 8.85 -3.81
C TYR E 721 -36.02 10.05 -3.08
N TRP E 722 -36.50 9.83 -1.85
CA TRP E 722 -37.10 10.92 -1.09
C TRP E 722 -36.07 11.86 -0.48
N ALA E 723 -34.81 11.44 -0.40
CA ALA E 723 -33.76 12.38 -0.03
C ALA E 723 -33.58 13.47 -1.09
N THR E 724 -33.94 13.18 -2.34
CA THR E 724 -33.85 14.15 -3.41
C THR E 724 -35.07 15.07 -3.43
N ARG E 725 -36.26 14.47 -3.33
CA ARG E 725 -37.49 15.25 -3.20
C ARG E 725 -37.62 15.87 -1.81
N SER E 726 -36.67 15.61 -0.91
CA SER E 726 -36.73 16.17 0.43
C SER E 726 -36.76 17.70 0.42
N GLY E 727 -36.13 18.32 -0.59
CA GLY E 727 -36.05 19.76 -0.62
C GLY E 727 -35.05 20.34 0.37
N VAL E 728 -33.99 19.60 0.66
CA VAL E 728 -32.97 20.03 1.63
C VAL E 728 -31.78 20.57 0.84
N THR E 729 -31.54 21.87 0.97
CA THR E 729 -30.38 22.53 0.40
C THR E 729 -29.94 23.65 1.33
N VAL E 730 -28.65 23.94 1.32
CA VAL E 730 -28.12 25.03 2.12
C VAL E 730 -28.10 26.29 1.28
N SER E 731 -28.17 27.43 1.95
CA SER E 731 -28.19 28.72 1.27
C SER E 731 -27.91 29.82 2.29
N MET E 732 -28.08 31.07 1.86
CA MET E 732 -27.82 32.20 2.74
C MET E 732 -28.67 32.14 4.00
N ALA E 733 -29.95 31.81 3.86
CA ALA E 733 -30.89 31.92 4.97
C ALA E 733 -30.58 30.89 6.06
N ASP E 734 -30.42 29.63 5.67
CA ASP E 734 -30.31 28.56 6.65
C ASP E 734 -29.01 28.67 7.44
N VAL E 735 -27.89 28.88 6.75
CA VAL E 735 -26.60 28.97 7.42
C VAL E 735 -26.45 30.26 8.21
N LEU E 736 -27.31 31.25 7.97
CA LEU E 736 -27.17 32.53 8.65
C LEU E 736 -27.21 32.36 10.16
N VAL E 737 -26.21 32.95 10.84
CA VAL E 737 -26.22 32.99 12.30
C VAL E 737 -26.98 34.22 12.78
N PRO E 738 -27.85 34.10 13.77
CA PRO E 738 -28.76 35.21 14.10
C PRO E 738 -27.99 36.47 14.45
N PRO E 739 -28.27 37.59 13.79
CA PRO E 739 -27.63 38.85 14.22
C PRO E 739 -27.97 39.22 15.66
N GLN E 740 -29.17 38.90 16.13
CA GLN E 740 -29.53 39.26 17.50
C GLN E 740 -28.66 38.57 18.53
N LYS E 741 -28.20 37.35 18.23
CA LYS E 741 -27.37 36.62 19.19
C LYS E 741 -26.07 37.38 19.47
N GLN E 742 -25.44 37.94 18.44
CA GLN E 742 -24.21 38.69 18.64
C GLN E 742 -24.45 39.93 19.49
N GLU E 743 -25.57 40.62 19.28
CA GLU E 743 -25.85 41.83 20.03
C GLU E 743 -26.22 41.52 21.48
N ILE E 744 -26.96 40.43 21.71
CA ILE E 744 -27.35 40.08 23.06
C ILE E 744 -26.13 39.72 23.92
N LEU E 745 -25.09 39.16 23.30
CA LEU E 745 -23.88 38.83 24.05
C LEU E 745 -23.11 40.06 24.50
N GLU E 746 -23.34 41.22 23.86
CA GLU E 746 -22.65 42.43 24.27
C GLU E 746 -23.01 42.80 25.71
N ARG E 747 -24.31 42.85 26.02
CA ARG E 747 -24.72 42.98 27.41
C ARG E 747 -24.26 41.79 28.23
N HIS E 748 -24.20 40.62 27.61
CA HIS E 748 -23.72 39.43 28.28
C HIS E 748 -22.24 39.56 28.63
N GLU E 749 -21.44 40.09 27.72
CA GLU E 749 -20.00 40.24 27.97
C GLU E 749 -19.69 41.45 28.83
N ALA E 750 -20.53 42.50 28.75
CA ALA E 750 -20.33 43.66 29.59
C ALA E 750 -20.72 43.39 31.04
N GLU E 751 -21.75 42.57 31.25
CA GLU E 751 -22.14 42.22 32.62
C GLU E 751 -21.13 41.27 33.25
N ALA E 752 -20.62 40.31 32.48
CA ALA E 752 -19.55 39.45 32.99
C ALA E 752 -18.28 40.25 33.26
N ASP E 753 -18.04 41.31 32.49
CA ASP E 753 -16.89 42.17 32.75
C ASP E 753 -17.21 43.23 33.80
N ALA E 754 -18.46 43.72 33.83
CA ALA E 754 -18.84 44.66 34.87
C ALA E 754 -18.74 44.01 36.26
N ILE E 755 -19.09 42.73 36.35
CA ILE E 755 -18.91 42.02 37.61
C ILE E 755 -17.43 41.84 37.95
N GLU E 756 -16.56 41.80 36.93
CA GLU E 756 -15.13 41.72 37.20
C GLU E 756 -14.59 43.04 37.71
N ARG E 757 -15.17 44.17 37.29
CA ARG E 757 -14.75 45.46 37.83
C ARG E 757 -15.19 45.63 39.28
N LYS E 758 -16.30 44.99 39.67
CA LYS E 758 -16.73 45.02 41.06
C LYS E 758 -15.92 44.06 41.91
N TYR E 759 -15.41 42.97 41.32
CA TYR E 759 -14.56 42.05 42.08
C TYR E 759 -13.30 42.75 42.58
N GLN E 760 -12.67 43.58 41.74
CA GLN E 760 -11.48 44.29 42.17
C GLN E 760 -11.81 45.35 43.22
N ARG E 761 -12.99 45.98 43.13
CA ARG E 761 -13.33 47.03 44.06
C ARG E 761 -13.43 46.53 45.49
N GLY E 762 -13.83 45.28 45.68
CA GLY E 762 -14.06 44.72 47.00
C GLY E 762 -15.49 44.28 47.26
N ALA E 763 -16.41 44.43 46.32
CA ALA E 763 -17.77 43.96 46.47
C ALA E 763 -17.98 42.57 45.88
N LEU E 764 -16.89 41.83 45.65
CA LEU E 764 -16.99 40.57 44.90
C LEU E 764 -17.58 39.47 45.77
N ASN E 765 -17.13 39.35 47.01
CA ASN E 765 -17.53 38.30 47.95
C ASN E 765 -16.90 36.96 47.63
N HIS E 766 -16.00 36.96 46.64
CA HIS E 766 -14.95 35.96 46.47
C HIS E 766 -15.42 34.56 46.03
N THR E 767 -16.69 34.20 46.19
CA THR E 767 -17.03 32.95 45.49
C THR E 767 -18.31 33.11 44.68
N GLU E 768 -19.26 33.84 45.26
CA GLU E 768 -20.51 34.13 44.57
C GLU E 768 -20.27 34.92 43.28
N ARG E 769 -19.30 35.84 43.31
CA ARG E 769 -18.87 36.54 42.11
C ARG E 769 -18.44 35.56 41.02
N ASN E 770 -17.53 34.64 41.35
CA ASN E 770 -17.15 33.63 40.37
C ASN E 770 -18.35 32.78 39.98
N GLU E 771 -19.16 32.38 40.96
CA GLU E 771 -20.38 31.64 40.65
C GLU E 771 -21.37 32.51 39.87
N SER E 772 -21.45 33.80 40.20
CA SER E 772 -22.38 34.68 39.50
C SER E 772 -22.02 34.81 38.03
N LEU E 773 -20.73 34.89 37.72
CA LEU E 773 -20.30 34.98 36.33
C LEU E 773 -20.83 33.81 35.51
N VAL E 774 -20.79 32.60 36.08
CA VAL E 774 -21.40 31.45 35.43
C VAL E 774 -22.88 31.70 35.16
N LYS E 775 -23.57 32.39 36.08
CA LYS E 775 -24.96 32.77 35.85
C LYS E 775 -25.05 33.74 34.68
N ILE E 776 -24.15 34.71 34.60
CA ILE E 776 -24.06 35.53 33.40
C ILE E 776 -23.76 34.64 32.19
N TRP E 777 -22.65 33.92 32.23
CA TRP E 777 -22.32 33.03 31.11
C TRP E 777 -23.46 32.06 30.84
N GLN E 778 -24.07 31.50 31.88
CA GLN E 778 -25.23 30.65 31.66
C GLN E 778 -26.39 31.42 31.03
N ASP E 779 -26.46 32.73 31.28
CA ASP E 779 -27.56 33.52 30.72
C ASP E 779 -27.47 33.56 29.20
N ALA E 780 -26.25 33.66 28.64
CA ALA E 780 -26.12 33.64 27.19
C ALA E 780 -26.53 32.29 26.62
N THR E 781 -26.07 31.20 27.25
CA THR E 781 -26.49 29.87 26.82
C THR E 781 -28.02 29.76 26.81
N GLU E 782 -28.67 30.29 27.85
CA GLU E 782 -30.13 30.30 27.85
C GLU E 782 -30.67 31.20 26.74
N GLU E 783 -30.01 32.34 26.49
CA GLU E 783 -30.48 33.26 25.46
C GLU E 783 -30.44 32.62 24.07
N VAL E 784 -29.37 31.88 23.77
CA VAL E 784 -29.26 31.25 22.46
C VAL E 784 -30.35 30.19 22.30
N GLY E 785 -30.68 29.49 23.39
CA GLY E 785 -31.81 28.57 23.34
C GLY E 785 -33.14 29.28 23.22
N LYS E 786 -33.26 30.46 23.84
CA LYS E 786 -34.49 31.24 23.71
C LYS E 786 -34.77 31.60 22.25
N ALA E 787 -33.71 31.79 21.46
CA ALA E 787 -33.86 32.10 20.06
C ALA E 787 -33.88 30.86 19.17
N LEU E 788 -33.06 29.87 19.49
CA LEU E 788 -32.60 28.86 18.54
C LEU E 788 -33.76 28.29 17.71
N GLU E 789 -34.75 27.63 18.35
CA GLU E 789 -35.82 27.03 17.56
C GLU E 789 -36.81 28.08 17.07
N GLU E 790 -37.08 29.11 17.87
CA GLU E 790 -37.91 30.21 17.43
C GLU E 790 -37.21 31.06 16.36
N PHE E 791 -35.88 31.11 16.37
CA PHE E 791 -35.17 31.96 15.42
C PHE E 791 -35.17 31.36 14.02
N TYR E 792 -35.00 30.04 13.92
CA TYR E 792 -34.96 29.37 12.62
C TYR E 792 -36.23 28.55 12.44
N PRO E 793 -36.99 28.76 11.36
CA PRO E 793 -38.28 28.07 11.20
C PRO E 793 -38.16 26.57 11.42
N ALA E 794 -39.20 25.99 12.04
CA ALA E 794 -39.16 24.56 12.36
C ALA E 794 -38.79 23.73 11.15
N ASP E 795 -39.21 24.14 9.96
CA ASP E 795 -38.91 23.42 8.72
C ASP E 795 -37.61 23.93 8.10
N ASN E 796 -36.53 23.83 8.87
CA ASN E 796 -35.21 24.24 8.42
C ASN E 796 -34.40 23.02 8.02
N PRO E 797 -33.82 23.01 6.80
CA PRO E 797 -33.10 21.81 6.35
C PRO E 797 -31.93 21.42 7.24
N ILE E 798 -31.23 22.40 7.83
CA ILE E 798 -30.16 22.06 8.76
C ILE E 798 -30.71 21.37 9.99
N ILE E 799 -31.85 21.84 10.50
CA ILE E 799 -32.48 21.19 11.64
C ILE E 799 -32.99 19.80 11.25
N THR E 800 -33.60 19.69 10.07
CA THR E 800 -34.11 18.40 9.62
C THR E 800 -33.01 17.34 9.59
N ILE E 801 -31.83 17.70 9.09
CA ILE E 801 -30.71 16.77 9.11
C ILE E 801 -30.35 16.40 10.54
N VAL E 802 -30.45 17.36 11.46
CA VAL E 802 -30.14 17.09 12.86
C VAL E 802 -31.26 16.27 13.49
N LYS E 803 -32.52 16.64 13.24
CA LYS E 803 -33.64 15.91 13.82
C LYS E 803 -33.71 14.49 13.27
N SER E 804 -33.36 14.28 11.99
CA SER E 804 -33.40 12.94 11.43
C SER E 804 -32.35 12.04 12.05
N GLY E 805 -31.20 12.59 12.41
CA GLY E 805 -30.13 11.82 13.02
C GLY E 805 -29.03 11.38 12.07
N ALA E 806 -29.05 11.83 10.82
CA ALA E 806 -28.03 11.40 9.86
C ALA E 806 -26.64 11.79 10.34
N THR E 807 -26.48 13.01 10.84
CA THR E 807 -25.18 13.48 11.30
C THR E 807 -25.19 13.77 12.80
N THR E 866 -4.11 6.23 15.16
CA THR E 866 -4.14 5.25 14.09
C THR E 866 -3.33 4.00 14.44
N ALA E 867 -2.03 4.04 14.18
CA ALA E 867 -1.19 2.86 14.38
C ALA E 867 -0.91 2.60 15.86
N ASP E 868 -1.00 3.61 16.72
CA ASP E 868 -0.77 3.38 18.14
C ASP E 868 -1.78 2.41 18.72
N SER E 869 -3.05 2.53 18.32
CA SER E 869 -4.06 1.57 18.75
C SER E 869 -3.87 0.23 18.05
N GLY E 870 -3.59 0.26 16.74
CA GLY E 870 -3.27 -0.97 16.03
C GLY E 870 -2.05 -1.68 16.58
N TYR E 871 -1.17 -0.95 17.29
CA TYR E 871 -0.07 -1.59 17.98
C TYR E 871 -0.59 -2.45 19.14
N LEU E 872 -1.58 -1.95 19.88
CA LEU E 872 -2.17 -2.73 20.96
C LEU E 872 -2.92 -3.95 20.40
N THR E 873 -3.72 -3.73 19.36
CA THR E 873 -4.49 -4.82 18.76
C THR E 873 -3.59 -5.99 18.39
N ARG E 874 -2.34 -5.73 18.03
CA ARG E 874 -1.43 -6.81 17.64
C ARG E 874 -1.12 -7.71 18.83
N ARG E 875 -0.89 -7.14 20.00
CA ARG E 875 -0.68 -7.95 21.19
C ARG E 875 -1.97 -8.68 21.57
N LEU E 876 -3.11 -8.00 21.47
CA LEU E 876 -4.40 -8.65 21.71
C LEU E 876 -4.56 -9.89 20.85
N VAL E 877 -4.32 -9.76 19.55
CA VAL E 877 -4.48 -10.89 18.63
C VAL E 877 -3.54 -12.02 19.00
N ASP E 878 -2.27 -11.68 19.28
CA ASP E 878 -1.27 -12.72 19.53
C ASP E 878 -1.52 -13.48 20.82
N VAL E 879 -2.33 -12.94 21.73
CA VAL E 879 -2.61 -13.60 23.00
C VAL E 879 -3.91 -14.41 22.97
N SER E 880 -4.77 -14.20 21.98
CA SER E 880 -6.07 -14.84 21.93
C SER E 880 -6.33 -15.60 20.64
N GLN E 881 -5.38 -15.62 19.70
CA GLN E 881 -5.65 -16.18 18.38
C GLN E 881 -6.00 -17.67 18.44
N ASP E 882 -5.43 -18.40 19.40
CA ASP E 882 -5.67 -19.83 19.50
C ASP E 882 -6.97 -20.17 20.24
N VAL E 883 -7.78 -19.18 20.59
CA VAL E 883 -9.02 -19.40 21.31
C VAL E 883 -10.13 -19.64 20.29
N ILE E 884 -10.55 -20.89 20.15
CA ILE E 884 -11.63 -21.25 19.24
C ILE E 884 -12.58 -22.18 19.98
N VAL E 885 -13.87 -22.12 19.60
CA VAL E 885 -14.84 -23.08 20.11
C VAL E 885 -14.42 -24.47 19.67
N ARG E 886 -14.29 -25.38 20.63
CA ARG E 886 -13.86 -26.73 20.34
C ARG E 886 -14.89 -27.80 20.67
N GLU E 887 -15.99 -27.45 21.35
CA GLU E 887 -17.05 -28.41 21.59
C GLU E 887 -18.33 -27.65 21.90
N HIS E 888 -19.46 -28.32 21.67
CA HIS E 888 -20.76 -27.67 21.83
C HIS E 888 -21.07 -27.38 23.29
N ASP E 889 -20.63 -28.24 24.21
CA ASP E 889 -20.97 -28.05 25.62
C ASP E 889 -19.92 -28.74 26.48
N CYS E 890 -19.47 -28.05 27.52
CA CYS E 890 -18.61 -28.64 28.53
C CYS E 890 -19.36 -29.17 29.73
N GLU E 891 -20.65 -28.84 29.86
CA GLU E 891 -21.58 -29.34 30.87
C GLU E 891 -21.32 -28.78 32.26
N THR E 892 -20.52 -27.72 32.40
CA THR E 892 -20.25 -27.16 33.71
C THR E 892 -21.46 -26.40 34.24
N GLU E 893 -21.64 -26.44 35.56
CA GLU E 893 -22.69 -25.68 36.22
C GLU E 893 -22.23 -24.31 36.68
N ARG E 894 -20.93 -24.04 36.66
CA ARG E 894 -20.40 -22.76 37.12
C ARG E 894 -20.87 -21.63 36.21
N GLY E 895 -20.90 -20.43 36.78
CA GLY E 895 -21.33 -19.26 36.03
C GLY E 895 -20.99 -17.99 36.79
N ILE E 896 -21.55 -16.89 36.30
CA ILE E 896 -21.34 -15.57 36.91
C ILE E 896 -22.66 -14.81 36.92
N ASN E 897 -22.78 -13.89 37.88
CA ASN E 897 -24.02 -13.16 38.10
C ASN E 897 -24.07 -11.89 37.28
N VAL E 898 -25.23 -11.63 36.68
CA VAL E 898 -25.50 -10.40 35.94
C VAL E 898 -26.56 -9.60 36.69
N THR E 899 -26.37 -8.27 36.74
CA THR E 899 -27.28 -7.45 37.53
C THR E 899 -28.66 -7.34 36.87
N LEU E 900 -28.71 -7.31 35.54
CA LEU E 900 -29.98 -7.41 34.79
C LEU E 900 -30.95 -6.31 35.23
N ALA E 901 -30.55 -5.07 34.94
CA ALA E 901 -31.44 -3.91 35.02
C ALA E 901 -32.16 -3.85 36.38
N GLU E 902 -31.35 -3.72 37.43
CA GLU E 902 -31.84 -3.64 38.80
C GLU E 902 -32.08 -2.17 39.17
N ARG E 903 -32.32 -1.91 40.45
CA ARG E 903 -32.56 -0.57 40.96
C ARG E 903 -33.89 0.00 40.49
N GLY E 904 -34.85 -0.88 40.22
CA GLY E 904 -36.17 -0.46 39.80
C GLY E 904 -37.11 -0.29 40.96
N PRO E 905 -38.20 0.46 40.75
CA PRO E 905 -39.17 0.75 41.80
C PRO E 905 -39.86 -0.51 42.32
N ILE E 910 -36.38 1.73 34.70
CA ILE E 910 -35.42 1.33 35.72
C ILE E 910 -34.46 0.28 35.18
N ARG E 911 -34.55 0.01 33.88
CA ARG E 911 -33.66 -0.94 33.23
C ARG E 911 -32.24 -0.40 33.22
N ASP E 912 -31.29 -1.23 33.67
CA ASP E 912 -29.89 -0.86 33.62
C ASP E 912 -29.49 -0.48 32.20
N ALA E 913 -28.66 0.55 32.09
CA ALA E 913 -28.26 1.03 30.77
C ALA E 913 -27.25 0.10 30.10
N HIS E 914 -26.56 -0.75 30.87
CA HIS E 914 -25.54 -1.63 30.33
C HIS E 914 -25.98 -3.09 30.27
N VAL E 915 -27.29 -3.33 30.21
CA VAL E 915 -27.76 -4.71 30.08
C VAL E 915 -27.48 -5.26 28.69
N GLU E 916 -27.48 -4.38 27.68
CA GLU E 916 -27.32 -4.84 26.31
C GLU E 916 -25.93 -5.43 26.05
N THR E 917 -24.93 -5.07 26.85
CA THR E 917 -23.58 -5.56 26.69
C THR E 917 -23.15 -6.51 27.79
N SER E 918 -24.04 -6.88 28.70
CA SER E 918 -23.71 -7.83 29.75
C SER E 918 -24.67 -9.00 29.82
N ALA E 919 -25.96 -8.79 29.59
CA ALA E 919 -26.95 -9.86 29.68
C ALA E 919 -27.42 -10.33 28.32
N PHE E 920 -27.40 -9.47 27.31
CA PHE E 920 -27.87 -9.84 25.99
C PHE E 920 -26.94 -10.86 25.34
N ALA E 921 -27.55 -11.87 24.72
CA ALA E 921 -26.81 -12.89 23.97
C ALA E 921 -26.01 -13.82 24.89
N ARG E 922 -26.57 -14.14 26.05
CA ARG E 922 -25.95 -15.06 27.00
C ARG E 922 -26.79 -16.34 27.09
N THR E 923 -26.36 -17.24 27.97
CA THR E 923 -27.11 -18.45 28.26
C THR E 923 -27.12 -18.68 29.75
N LEU E 924 -28.27 -19.13 30.27
CA LEU E 924 -28.45 -19.26 31.72
C LEU E 924 -27.73 -20.47 32.25
N ALA E 925 -26.95 -20.29 33.32
CA ALA E 925 -26.30 -21.40 33.98
C ALA E 925 -27.29 -22.17 34.85
N THR E 926 -28.19 -21.46 35.52
CA THR E 926 -29.26 -22.08 36.29
C THR E 926 -30.58 -21.44 35.90
N ASP E 927 -31.66 -22.22 36.01
CA ASP E 927 -33.00 -21.75 35.68
C ASP E 927 -33.28 -20.45 36.43
N ALA E 928 -34.17 -19.63 35.84
CA ALA E 928 -34.56 -18.36 36.41
C ALA E 928 -36.05 -18.41 36.75
N VAL E 929 -36.36 -18.52 38.04
CA VAL E 929 -37.73 -18.59 38.51
C VAL E 929 -38.02 -17.42 39.45
N ASP E 930 -39.22 -16.85 39.32
CA ASP E 930 -39.66 -15.76 40.17
C ASP E 930 -40.58 -16.32 41.25
N ALA E 931 -40.16 -16.20 42.51
CA ALA E 931 -40.93 -16.69 43.64
C ALA E 931 -41.72 -15.54 44.25
N ASN E 932 -43.00 -15.79 44.52
CA ASN E 932 -43.60 -17.09 44.27
C ASN E 932 -44.25 -17.13 42.89
N GLY E 933 -43.88 -18.14 42.10
CA GLY E 933 -44.44 -18.27 40.77
C GLY E 933 -43.65 -19.28 39.97
N ASN E 934 -44.12 -19.49 38.74
CA ASN E 934 -43.47 -20.43 37.84
C ASN E 934 -42.10 -19.92 37.41
N VAL E 935 -41.25 -20.85 37.00
CA VAL E 935 -39.93 -20.48 36.49
C VAL E 935 -40.09 -19.63 35.25
N ILE E 936 -39.40 -18.49 35.21
CA ILE E 936 -39.58 -17.54 34.12
C ILE E 936 -38.93 -18.05 32.83
N ILE E 937 -37.68 -18.51 32.93
CA ILE E 937 -36.95 -19.02 31.78
C ILE E 937 -36.07 -20.17 32.23
N GLU E 938 -35.94 -21.18 31.37
CA GLU E 938 -35.18 -22.38 31.69
C GLU E 938 -33.69 -22.16 31.45
N ARG E 939 -32.87 -22.88 32.23
CA ARG E 939 -31.43 -22.77 32.07
C ARG E 939 -31.03 -23.15 30.65
N GLY E 940 -29.95 -22.54 30.17
CA GLY E 940 -29.48 -22.79 28.83
C GLY E 940 -30.29 -22.12 27.74
N HIS E 941 -31.12 -21.15 28.08
CA HIS E 941 -31.87 -20.42 27.07
C HIS E 941 -31.00 -19.30 26.48
N ASP E 942 -31.41 -18.82 25.30
CA ASP E 942 -30.56 -17.89 24.56
C ASP E 942 -30.56 -16.49 25.16
N LEU E 943 -31.53 -16.15 25.99
CA LEU E 943 -31.61 -14.83 26.62
C LEU E 943 -31.64 -13.72 25.57
N GLY E 944 -32.55 -13.86 24.61
CA GLY E 944 -32.76 -12.80 23.64
C GLY E 944 -33.40 -11.59 24.26
N ASP E 945 -33.46 -10.51 23.47
CA ASP E 945 -34.12 -9.30 23.94
C ASP E 945 -35.56 -9.56 24.35
N PRO E 946 -36.37 -10.27 23.56
CA PRO E 946 -37.74 -10.59 24.02
C PRO E 946 -37.76 -11.30 25.37
N ALA E 947 -36.70 -12.02 25.72
CA ALA E 947 -36.68 -12.72 27.00
C ALA E 947 -36.51 -11.76 28.16
N ILE E 948 -35.75 -10.68 27.97
CA ILE E 948 -35.52 -9.72 29.06
C ILE E 948 -36.83 -9.13 29.51
N ASP E 949 -37.63 -8.63 28.57
CA ASP E 949 -38.94 -8.06 28.93
C ASP E 949 -39.79 -9.09 29.66
N ALA E 950 -39.82 -10.32 29.15
CA ALA E 950 -40.52 -11.40 29.86
C ALA E 950 -39.95 -11.59 31.26
N LEU E 951 -38.63 -11.50 31.38
CA LEU E 951 -38.00 -11.59 32.71
C LEU E 951 -38.33 -10.36 33.56
N LEU E 952 -38.46 -9.19 32.93
CA LEU E 952 -38.68 -7.97 33.70
C LEU E 952 -39.98 -8.03 34.50
N ALA E 953 -41.01 -8.69 33.98
CA ALA E 953 -42.29 -8.75 34.69
C ALA E 953 -42.12 -9.45 36.03
N ALA E 954 -41.27 -10.48 36.09
CA ALA E 954 -41.11 -11.24 37.33
C ALA E 954 -40.49 -10.42 38.45
N GLY E 955 -39.86 -9.30 38.13
CA GLY E 955 -39.19 -8.52 39.17
C GLY E 955 -37.83 -9.05 39.55
N ILE E 956 -37.16 -9.75 38.66
CA ILE E 956 -35.85 -10.33 38.93
C ILE E 956 -34.78 -9.24 38.88
N THR E 957 -33.74 -9.40 39.70
CA THR E 957 -32.68 -8.41 39.80
C THR E 957 -31.28 -9.00 39.63
N THR E 958 -31.16 -10.29 39.33
CA THR E 958 -29.86 -10.92 39.08
C THR E 958 -30.10 -12.18 38.26
N VAL E 959 -29.08 -12.58 37.52
CA VAL E 959 -29.15 -13.77 36.68
C VAL E 959 -27.77 -14.43 36.64
N LYS E 960 -27.75 -15.75 36.68
CA LYS E 960 -26.53 -16.51 36.47
C LYS E 960 -26.44 -16.91 35.00
N VAL E 961 -25.34 -16.54 34.36
CA VAL E 961 -25.15 -16.80 32.93
C VAL E 961 -23.78 -17.44 32.73
N ARG E 962 -23.73 -18.42 31.83
CA ARG E 962 -22.45 -19.04 31.48
C ARG E 962 -21.51 -17.99 30.89
N SER E 963 -20.21 -18.29 30.97
CA SER E 963 -19.19 -17.40 30.46
C SER E 963 -17.94 -18.19 30.14
N VAL E 964 -17.12 -17.64 29.24
CA VAL E 964 -15.83 -18.24 28.91
C VAL E 964 -14.86 -18.18 30.08
N LEU E 965 -15.15 -17.38 31.11
CA LEU E 965 -14.31 -17.36 32.29
C LEU E 965 -14.49 -18.62 33.13
N THR E 966 -15.72 -19.14 33.20
CA THR E 966 -16.04 -20.31 33.99
C THR E 966 -16.02 -21.60 33.18
N CYS E 967 -15.83 -21.52 31.86
CA CYS E 967 -15.89 -22.70 31.03
C CYS E 967 -14.76 -23.67 31.39
N THR E 968 -15.08 -24.96 31.38
CA THR E 968 -14.14 -26.01 31.77
C THR E 968 -13.58 -26.79 30.59
N SER E 969 -13.76 -26.29 29.37
CA SER E 969 -13.31 -27.03 28.19
C SER E 969 -11.80 -27.28 28.26
N ALA E 970 -11.41 -28.53 27.99
CA ALA E 970 -9.99 -28.87 27.95
C ALA E 970 -9.26 -27.99 26.95
N THR E 971 -9.73 -27.96 25.71
CA THR E 971 -9.15 -27.14 24.66
C THR E 971 -10.14 -26.05 24.26
N GLY E 972 -9.65 -24.82 24.15
CA GLY E 972 -10.49 -23.70 23.77
C GLY E 972 -11.67 -23.53 24.71
N VAL E 973 -12.79 -23.07 24.14
CA VAL E 973 -14.03 -22.88 24.89
C VAL E 973 -15.14 -23.64 24.17
N CYS E 974 -16.30 -23.69 24.80
CA CYS E 974 -17.47 -24.37 24.26
C CYS E 974 -18.50 -23.36 23.78
N ALA E 975 -19.38 -23.82 22.90
CA ALA E 975 -20.39 -22.94 22.32
C ALA E 975 -21.36 -22.43 23.38
N MET E 976 -21.92 -23.35 24.18
CA MET E 976 -22.93 -22.96 25.15
C MET E 976 -22.39 -21.91 26.12
N CYS E 977 -21.13 -22.05 26.54
CA CYS E 977 -20.55 -21.05 27.43
C CYS E 977 -20.34 -19.73 26.71
N TYR E 978 -19.88 -19.77 25.45
CA TYR E 978 -19.70 -18.54 24.71
C TYR E 978 -21.03 -17.86 24.43
N GLY E 979 -21.96 -18.58 23.82
CA GLY E 979 -23.28 -18.05 23.60
C GLY E 979 -23.61 -17.74 22.15
N ARG E 980 -24.31 -16.63 21.92
CA ARG E 980 -24.77 -16.28 20.60
C ARG E 980 -23.68 -15.56 19.82
N SER E 981 -23.48 -15.95 18.57
CA SER E 981 -22.57 -15.25 17.68
C SER E 981 -23.16 -13.89 17.30
N MET E 982 -22.41 -12.82 17.57
CA MET E 982 -22.93 -11.48 17.31
C MET E 982 -23.31 -11.30 15.85
N ALA E 983 -22.54 -11.91 14.94
CA ALA E 983 -22.80 -11.73 13.51
C ALA E 983 -24.03 -12.52 13.06
N THR E 984 -24.14 -13.78 13.48
CA THR E 984 -25.19 -14.66 13.02
C THR E 984 -26.50 -14.50 13.78
N GLY E 985 -26.45 -14.03 15.03
CA GLY E 985 -27.64 -13.97 15.86
C GLY E 985 -28.10 -15.30 16.41
N LYS E 986 -27.42 -16.39 16.06
CA LYS E 986 -27.72 -17.73 16.55
C LYS E 986 -26.55 -18.22 17.39
N LEU E 987 -26.67 -19.45 17.89
CA LEU E 987 -25.60 -20.03 18.69
C LEU E 987 -24.29 -20.01 17.91
N VAL E 988 -23.19 -19.72 18.62
CA VAL E 988 -21.88 -19.70 17.97
C VAL E 988 -21.58 -21.09 17.42
N ASP E 989 -20.91 -21.13 16.28
CA ASP E 989 -20.61 -22.38 15.60
C ASP E 989 -19.24 -22.90 16.02
N ILE E 990 -19.13 -24.22 16.17
CA ILE E 990 -17.86 -24.82 16.54
C ILE E 990 -16.81 -24.50 15.48
N GLY E 991 -15.62 -24.10 15.92
CA GLY E 991 -14.55 -23.71 15.04
C GLY E 991 -14.37 -22.20 14.89
N GLU E 992 -15.37 -21.41 15.27
CA GLU E 992 -15.24 -19.96 15.24
C GLU E 992 -14.04 -19.54 16.10
N ALA E 993 -13.15 -18.77 15.49
CA ALA E 993 -11.99 -18.23 16.20
C ALA E 993 -12.43 -16.96 16.94
N VAL E 994 -13.12 -17.18 18.06
CA VAL E 994 -13.66 -16.06 18.84
C VAL E 994 -12.55 -15.22 19.44
N GLY E 995 -11.34 -15.76 19.56
CA GLY E 995 -10.25 -14.97 20.11
C GLY E 995 -9.86 -13.81 19.20
N ILE E 996 -9.59 -14.10 17.92
CA ILE E 996 -9.22 -13.05 16.99
C ILE E 996 -10.34 -12.02 16.86
N VAL E 997 -11.57 -12.50 16.71
CA VAL E 997 -12.72 -11.60 16.61
C VAL E 997 -12.81 -10.72 17.85
N ALA E 998 -12.48 -11.28 19.02
CA ALA E 998 -12.50 -10.50 20.24
C ALA E 998 -11.43 -9.40 20.20
N ALA E 999 -10.21 -9.76 19.82
CA ALA E 999 -9.14 -8.77 19.77
C ALA E 999 -9.49 -7.64 18.82
N GLN E 1000 -10.06 -7.96 17.65
CA GLN E 1000 -10.47 -6.92 16.71
C GLN E 1000 -11.59 -6.07 17.31
N SER E 1001 -12.64 -6.72 17.82
CA SER E 1001 -13.75 -5.98 18.40
C SER E 1001 -13.28 -4.98 19.45
N ILE E 1002 -12.19 -5.29 20.14
CA ILE E 1002 -11.62 -4.39 21.14
C ILE E 1002 -10.65 -3.39 20.50
N GLY E 1003 -9.92 -3.82 19.48
CA GLY E 1003 -8.87 -2.97 18.93
C GLY E 1003 -9.40 -1.85 18.06
N GLU E 1004 -10.49 -2.10 17.32
CA GLU E 1004 -11.00 -1.15 16.33
C GLU E 1004 -11.23 0.20 16.98
N PRO E 1005 -12.03 0.26 18.05
CA PRO E 1005 -12.25 1.55 18.72
C PRO E 1005 -11.03 2.09 19.44
N GLY E 1006 -9.98 1.27 19.64
CA GLY E 1006 -8.76 1.78 20.25
C GLY E 1006 -8.28 3.06 19.58
N THR E 1007 -8.27 3.06 18.24
CA THR E 1007 -7.96 4.29 17.52
C THR E 1007 -9.02 5.35 17.76
N GLN E 1008 -10.26 4.94 17.99
CA GLN E 1008 -11.35 5.87 18.26
C GLN E 1008 -11.31 6.33 19.71
N GLY E 1027 -7.90 7.79 31.13
CA GLY E 1027 -9.24 7.54 30.65
C GLY E 1027 -9.31 7.29 29.15
N GLY E 1028 -8.33 6.56 28.64
CA GLY E 1028 -8.26 6.25 27.23
C GLY E 1028 -7.37 5.05 26.97
N LEU E 1029 -6.79 5.01 25.78
CA LEU E 1029 -5.92 3.90 25.41
C LEU E 1029 -4.84 3.61 26.47
N PRO E 1030 -4.21 4.60 27.10
CA PRO E 1030 -3.22 4.28 28.14
C PRO E 1030 -3.82 3.50 29.30
N ARG E 1031 -5.02 3.86 29.74
CA ARG E 1031 -5.68 3.12 30.81
C ARG E 1031 -6.04 1.70 30.37
N VAL E 1032 -6.55 1.56 29.14
CA VAL E 1032 -6.87 0.23 28.62
C VAL E 1032 -5.62 -0.63 28.55
N GLN E 1033 -4.55 -0.08 27.96
CA GLN E 1033 -3.29 -0.82 27.90
C GLN E 1033 -2.73 -1.08 29.29
N GLU E 1034 -3.01 -0.18 30.25
CA GLU E 1034 -2.58 -0.41 31.62
C GLU E 1034 -3.28 -1.63 32.23
N LEU E 1035 -4.53 -1.86 31.84
CA LEU E 1035 -5.29 -2.98 32.40
C LEU E 1035 -4.88 -4.30 31.75
N PHE E 1036 -4.93 -4.38 30.42
CA PHE E 1036 -4.65 -5.64 29.75
C PHE E 1036 -3.22 -6.11 29.98
N GLU E 1037 -2.30 -5.18 30.25
CA GLU E 1037 -0.92 -5.56 30.54
C GLU E 1037 -0.72 -5.86 32.02
N ALA E 1038 -1.76 -5.71 32.85
CA ALA E 1038 -1.72 -6.14 34.25
C ALA E 1038 -0.70 -5.37 35.07
N ARG E 1039 -0.41 -4.13 34.69
CA ARG E 1039 0.56 -3.33 35.41
C ARG E 1039 -0.06 -2.68 36.65
N VAL E 1040 0.76 -2.43 37.65
CA VAL E 1040 0.26 -1.80 38.87
C VAL E 1040 -0.35 -0.45 38.51
N PRO E 1041 -1.50 -0.08 39.09
CA PRO E 1041 -2.19 1.13 38.64
C PRO E 1041 -1.29 2.36 38.71
N ARG E 1042 -1.52 3.29 37.77
CA ARG E 1042 -0.78 4.54 37.74
C ARG E 1042 -0.80 5.22 39.11
N ASN E 1043 -1.99 5.47 39.63
CA ASN E 1043 -2.17 5.92 41.01
C ASN E 1043 -2.86 4.80 41.78
N LYS E 1044 -2.16 4.23 42.74
CA LYS E 1044 -2.68 3.04 43.43
C LYS E 1044 -3.82 3.42 44.36
N ALA E 1045 -4.81 2.54 44.45
CA ALA E 1045 -5.97 2.71 45.32
C ALA E 1045 -6.11 1.45 46.18
N PRO E 1046 -6.21 1.59 47.50
CA PRO E 1046 -6.28 0.41 48.37
C PRO E 1046 -7.67 -0.21 48.41
N ILE E 1047 -7.68 -1.52 48.59
CA ILE E 1047 -8.92 -2.27 48.73
C ILE E 1047 -9.02 -2.80 50.16
N ALA E 1048 -10.24 -3.12 50.57
CA ALA E 1048 -10.48 -3.61 51.92
C ALA E 1048 -9.94 -5.03 52.07
N ASP E 1049 -9.16 -5.26 53.12
CA ASP E 1049 -8.57 -6.57 53.39
C ASP E 1049 -9.49 -7.48 54.19
N VAL E 1050 -10.47 -6.92 54.91
CA VAL E 1050 -11.37 -7.70 55.74
C VAL E 1050 -12.60 -6.85 56.01
N ALA E 1051 -13.70 -7.50 56.37
CA ALA E 1051 -14.97 -6.83 56.57
C ALA E 1051 -15.08 -6.29 58.00
N GLY E 1052 -15.84 -5.22 58.15
CA GLY E 1052 -16.03 -4.59 59.44
C GLY E 1052 -16.28 -3.11 59.27
N ARG E 1053 -16.29 -2.41 60.39
CA ARG E 1053 -16.45 -0.96 60.39
C ARG E 1053 -15.10 -0.28 60.14
N VAL E 1054 -15.17 1.00 59.79
CA VAL E 1054 -14.00 1.76 59.37
C VAL E 1054 -13.86 3.01 60.22
N ARG E 1055 -12.63 3.28 60.67
CA ARG E 1055 -12.30 4.49 61.39
C ARG E 1055 -11.46 5.39 60.49
N LEU E 1056 -11.89 6.63 60.30
CA LEU E 1056 -11.24 7.56 59.40
C LEU E 1056 -10.52 8.64 60.20
N GLU E 1057 -9.27 8.91 59.83
CA GLU E 1057 -8.45 9.94 60.46
C GLU E 1057 -7.75 10.75 59.39
N GLU E 1058 -7.47 12.02 59.71
CA GLU E 1058 -6.84 12.94 58.77
C GLU E 1058 -5.56 13.49 59.40
N SER E 1059 -4.42 13.03 58.90
CA SER E 1059 -3.14 13.59 59.28
C SER E 1059 -2.90 14.86 58.45
N ASP E 1060 -1.69 15.40 58.51
CA ASP E 1060 -1.33 16.56 57.70
C ASP E 1060 -0.96 16.08 56.30
N LYS E 1061 -1.78 16.44 55.31
CA LYS E 1061 -1.60 16.07 53.91
C LYS E 1061 -1.75 14.57 53.68
N PHE E 1062 -2.17 13.81 54.69
CA PHE E 1062 -2.28 12.36 54.59
C PHE E 1062 -3.66 11.93 55.08
N PHE E 1063 -3.93 10.64 54.91
CA PHE E 1063 -5.15 10.00 55.39
C PHE E 1063 -4.81 8.65 55.98
N LYS E 1064 -5.46 8.31 57.09
CA LYS E 1064 -5.33 7.00 57.72
C LYS E 1064 -6.71 6.35 57.78
N ILE E 1065 -6.77 5.09 57.38
CA ILE E 1065 -8.03 4.34 57.33
C ILE E 1065 -7.81 3.01 58.05
N THR E 1066 -8.49 2.83 59.17
CA THR E 1066 -8.41 1.62 59.97
C THR E 1066 -9.73 0.87 59.86
N ILE E 1067 -9.66 -0.42 59.55
CA ILE E 1067 -10.83 -1.28 59.45
C ILE E 1067 -10.90 -2.11 60.73
N VAL E 1068 -12.00 -1.95 61.47
CA VAL E 1068 -12.23 -2.71 62.70
C VAL E 1068 -12.97 -3.99 62.32
N PRO E 1069 -12.29 -5.13 62.23
CA PRO E 1069 -12.94 -6.34 61.75
C PRO E 1069 -14.09 -6.77 62.65
N ASP E 1070 -15.05 -7.47 62.06
CA ASP E 1070 -16.14 -8.07 62.81
C ASP E 1070 -15.75 -9.40 63.44
N ASP E 1071 -14.45 -9.74 63.45
CA ASP E 1071 -14.03 -11.02 64.01
C ASP E 1071 -14.32 -11.10 65.50
N GLY E 1072 -13.84 -10.14 66.29
CA GLY E 1072 -13.02 -9.06 65.80
C GLY E 1072 -11.56 -9.23 66.18
N GLY E 1073 -10.70 -9.36 65.17
CA GLY E 1073 -9.29 -9.62 65.41
C GLY E 1073 -8.38 -8.44 65.13
N GLU E 1074 -7.18 -8.72 64.63
CA GLU E 1074 -6.20 -7.69 64.38
C GLU E 1074 -6.77 -6.62 63.46
N GLU E 1075 -6.83 -5.37 63.96
CA GLU E 1075 -7.29 -4.27 63.13
C GLU E 1075 -6.40 -4.13 61.90
N VAL E 1076 -7.02 -3.81 60.77
CA VAL E 1076 -6.32 -3.58 59.51
C VAL E 1076 -6.23 -2.09 59.27
N VAL E 1077 -5.00 -1.57 59.20
CA VAL E 1077 -4.75 -0.14 59.05
C VAL E 1077 -4.10 0.10 57.69
N TYR E 1078 -4.60 1.10 56.97
CA TYR E 1078 -4.04 1.52 55.69
C TYR E 1078 -3.33 2.85 55.90
N ASP E 1079 -1.99 2.82 55.87
CA ASP E 1079 -1.18 3.80 56.58
C ASP E 1079 -1.31 5.24 56.11
N LYS E 1080 -0.87 5.52 54.88
CA LYS E 1080 -0.70 6.90 54.43
C LYS E 1080 -1.29 7.04 53.03
N LEU E 1081 -2.23 7.96 52.88
CA LEU E 1081 -3.03 8.03 51.67
C LEU E 1081 -3.20 9.49 51.28
N SER E 1082 -2.61 9.87 50.14
CA SER E 1082 -2.62 11.25 49.70
C SER E 1082 -4.04 11.79 49.61
N LYS E 1083 -4.27 12.93 50.26
CA LYS E 1083 -5.58 13.57 50.16
C LYS E 1083 -5.94 13.94 48.73
N ARG E 1084 -4.97 13.94 47.81
CA ARG E 1084 -5.21 14.26 46.41
C ARG E 1084 -6.04 13.20 45.69
N GLN E 1085 -6.20 12.02 46.28
CA GLN E 1085 -6.81 10.86 45.64
C GLN E 1085 -8.10 10.46 46.36
N ARG E 1086 -9.05 11.39 46.44
CA ARG E 1086 -10.07 11.35 47.49
C ARG E 1086 -10.84 10.04 47.54
N LEU E 1087 -11.55 9.87 48.66
CA LEU E 1087 -12.29 8.68 49.07
C LEU E 1087 -13.25 8.26 47.96
N ARG E 1088 -13.68 7.01 48.05
CA ARG E 1088 -14.65 6.44 47.12
C ARG E 1088 -16.06 6.83 47.56
N VAL E 1089 -17.06 6.32 46.84
CA VAL E 1089 -18.45 6.68 47.07
C VAL E 1089 -19.29 5.42 47.15
N ILE E 1090 -20.33 5.46 47.98
CA ILE E 1090 -21.25 4.35 48.12
C ILE E 1090 -22.31 4.40 47.03
N GLY E 1098 -23.61 7.27 48.56
CA GLY E 1098 -22.96 8.53 48.88
C GLY E 1098 -21.52 8.37 49.29
N VAL E 1099 -20.81 9.50 49.41
CA VAL E 1099 -19.41 9.46 49.80
C VAL E 1099 -19.26 8.77 51.15
N LEU E 1100 -18.24 7.91 51.25
CA LEU E 1100 -18.03 7.15 52.47
C LEU E 1100 -17.70 8.07 53.64
N SER E 1101 -18.17 7.68 54.83
CA SER E 1101 -17.94 8.42 56.05
C SER E 1101 -17.44 7.46 57.13
N ASP E 1102 -17.13 8.01 58.30
CA ASP E 1102 -16.59 7.21 59.39
C ASP E 1102 -17.68 6.32 59.98
N GLY E 1103 -17.37 5.03 60.11
CA GLY E 1103 -18.25 4.08 60.74
C GLY E 1103 -19.12 3.25 59.83
N ASP E 1104 -18.92 3.34 58.52
CA ASP E 1104 -19.73 2.57 57.58
C ASP E 1104 -19.22 1.13 57.50
N HIS E 1105 -20.13 0.21 57.17
CA HIS E 1105 -19.75 -1.17 56.96
C HIS E 1105 -19.07 -1.34 55.61
N VAL E 1106 -18.11 -2.26 55.57
CA VAL E 1106 -17.29 -2.47 54.38
C VAL E 1106 -17.08 -3.96 54.19
N GLU E 1107 -17.12 -4.41 52.94
CA GLU E 1107 -16.99 -5.82 52.59
C GLU E 1107 -15.54 -6.15 52.22
N VAL E 1108 -15.31 -7.43 51.92
CA VAL E 1108 -13.96 -7.96 51.80
C VAL E 1108 -13.23 -7.48 50.55
N GLY E 1109 -13.89 -6.73 49.67
CA GLY E 1109 -13.25 -6.33 48.43
C GLY E 1109 -13.53 -4.91 47.98
N ASP E 1110 -14.24 -4.14 48.80
CA ASP E 1110 -14.60 -2.78 48.43
C ASP E 1110 -13.35 -1.93 48.22
N GLN E 1111 -13.42 -1.05 47.21
CA GLN E 1111 -12.37 -0.07 46.98
C GLN E 1111 -12.58 1.10 47.92
N LEU E 1112 -11.55 1.43 48.70
CA LEU E 1112 -11.69 2.42 49.76
C LEU E 1112 -11.62 3.84 49.22
N MET E 1113 -10.89 4.06 48.12
CA MET E 1113 -10.76 5.38 47.53
C MET E 1113 -10.93 5.27 46.02
N GLU E 1114 -11.53 6.30 45.43
CA GLU E 1114 -11.65 6.36 43.98
C GLU E 1114 -10.28 6.27 43.33
N GLY E 1115 -10.13 5.32 42.42
CA GLY E 1115 -8.86 5.11 41.76
C GLY E 1115 -8.79 3.71 41.17
N ALA E 1116 -7.58 3.37 40.73
CA ALA E 1116 -7.31 2.08 40.10
C ALA E 1116 -6.71 1.14 41.13
N ALA E 1117 -7.45 0.09 41.47
CA ALA E 1117 -6.97 -0.90 42.43
C ALA E 1117 -5.97 -1.83 41.77
N ASP E 1118 -4.96 -2.22 42.52
CA ASP E 1118 -3.93 -3.10 41.99
C ASP E 1118 -4.52 -4.46 41.65
N PRO E 1119 -4.57 -4.87 40.36
CA PRO E 1119 -5.16 -6.17 40.05
C PRO E 1119 -4.50 -7.33 40.79
N HIS E 1120 -3.18 -7.28 40.97
CA HIS E 1120 -2.51 -8.33 41.74
C HIS E 1120 -2.97 -8.32 43.19
N GLU E 1121 -3.41 -7.17 43.69
CA GLU E 1121 -3.90 -7.09 45.06
C GLU E 1121 -5.22 -7.84 45.20
N VAL E 1122 -6.20 -7.51 44.36
CA VAL E 1122 -7.51 -8.15 44.44
C VAL E 1122 -7.40 -9.65 44.12
N LEU E 1123 -6.40 -10.04 43.33
CA LEU E 1123 -6.21 -11.46 43.04
C LEU E 1123 -5.93 -12.24 44.32
N ARG E 1124 -4.92 -11.80 45.09
CA ARG E 1124 -4.59 -12.49 46.33
C ARG E 1124 -5.72 -12.39 47.35
N VAL E 1125 -6.57 -11.36 47.22
CA VAL E 1125 -7.63 -11.13 48.20
C VAL E 1125 -8.89 -11.90 47.83
N GLN E 1126 -9.41 -11.66 46.63
CA GLN E 1126 -10.73 -12.17 46.25
C GLN E 1126 -10.68 -13.41 45.37
N GLY E 1127 -9.51 -13.77 44.85
CA GLY E 1127 -9.40 -14.98 44.05
C GLY E 1127 -9.56 -14.73 42.57
N PRO E 1128 -9.24 -15.74 41.76
CA PRO E 1128 -9.24 -15.53 40.30
C PRO E 1128 -10.58 -15.08 39.73
N ARG E 1129 -11.69 -15.69 40.17
CA ARG E 1129 -12.97 -15.36 39.56
C ARG E 1129 -13.31 -13.88 39.68
N GLU E 1130 -12.82 -13.22 40.74
CA GLU E 1130 -13.17 -11.82 40.95
C GLU E 1130 -12.27 -10.89 40.15
N VAL E 1131 -10.98 -11.22 40.03
CA VAL E 1131 -10.08 -10.39 39.24
C VAL E 1131 -10.60 -10.23 37.83
N GLN E 1132 -11.12 -11.30 37.25
CA GLN E 1132 -11.70 -11.22 35.90
C GLN E 1132 -12.91 -10.30 35.88
N ILE E 1133 -13.79 -10.41 36.87
CA ILE E 1133 -14.95 -9.53 36.95
C ILE E 1133 -14.50 -8.08 37.07
N HIS E 1134 -13.46 -7.83 37.87
CA HIS E 1134 -12.96 -6.47 38.05
C HIS E 1134 -12.39 -5.91 36.76
N LEU E 1135 -11.44 -6.62 36.16
CA LEU E 1135 -10.79 -6.14 34.94
C LEU E 1135 -11.83 -5.81 33.86
N VAL E 1136 -12.77 -6.73 33.64
CA VAL E 1136 -13.81 -6.49 32.65
C VAL E 1136 -14.60 -5.23 32.99
N LYS E 1137 -14.89 -5.03 34.27
CA LYS E 1137 -15.61 -3.83 34.68
C LYS E 1137 -14.82 -2.58 34.37
N GLU E 1138 -13.50 -2.62 34.57
CA GLU E 1138 -12.66 -1.45 34.30
C GLU E 1138 -12.55 -1.19 32.81
N VAL E 1139 -12.23 -2.23 32.02
CA VAL E 1139 -12.09 -2.05 30.58
C VAL E 1139 -13.39 -1.56 29.97
N GLN E 1140 -14.50 -2.24 30.28
CA GLN E 1140 -15.78 -1.85 29.70
C GLN E 1140 -16.20 -0.46 30.13
N GLU E 1141 -15.71 0.00 31.29
CA GLU E 1141 -16.05 1.36 31.73
C GLU E 1141 -15.35 2.40 30.86
N VAL E 1142 -14.10 2.13 30.48
CA VAL E 1142 -13.39 3.06 29.60
C VAL E 1142 -14.13 3.17 28.27
N TYR E 1143 -14.40 2.04 27.62
CA TYR E 1143 -15.10 2.07 26.34
C TYR E 1143 -16.50 2.64 26.48
N ARG E 1144 -17.19 2.34 27.58
CA ARG E 1144 -18.49 2.94 27.83
C ARG E 1144 -18.39 4.46 27.94
N ALA E 1145 -17.25 4.96 28.43
CA ALA E 1145 -17.07 6.40 28.57
C ALA E 1145 -17.06 7.09 27.22
N GLN E 1146 -16.61 6.40 26.17
CA GLN E 1146 -16.54 6.96 24.83
C GLN E 1146 -17.75 6.57 23.97
N GLY E 1147 -18.73 5.88 24.55
CA GLY E 1147 -19.92 5.50 23.81
C GLY E 1147 -19.72 4.33 22.87
N VAL E 1148 -18.82 3.41 23.19
CA VAL E 1148 -18.55 2.24 22.37
C VAL E 1148 -19.23 1.04 22.97
N SER E 1149 -19.99 0.30 22.15
CA SER E 1149 -20.73 -0.88 22.59
C SER E 1149 -19.91 -2.11 22.25
N ILE E 1150 -19.26 -2.69 23.25
CA ILE E 1150 -18.55 -3.96 23.12
C ILE E 1150 -19.17 -4.93 24.11
N HIS E 1151 -19.63 -6.08 23.61
CA HIS E 1151 -20.19 -7.09 24.48
C HIS E 1151 -19.11 -7.64 25.42
N ASP E 1152 -19.49 -7.89 26.67
CA ASP E 1152 -18.52 -8.32 27.66
C ASP E 1152 -17.76 -9.56 27.22
N LYS E 1153 -18.41 -10.47 26.49
CA LYS E 1153 -17.77 -11.73 26.15
C LYS E 1153 -16.48 -11.52 25.37
N HIS E 1154 -16.40 -10.45 24.57
CA HIS E 1154 -15.15 -10.15 23.87
C HIS E 1154 -14.04 -9.87 24.87
N ILE E 1155 -14.26 -8.91 25.77
CA ILE E 1155 -13.26 -8.60 26.80
C ILE E 1155 -12.95 -9.84 27.62
N GLU E 1156 -13.97 -10.63 27.95
CA GLU E 1156 -13.75 -11.82 28.76
C GLU E 1156 -12.80 -12.80 28.07
N VAL E 1157 -12.94 -12.95 26.76
CA VAL E 1157 -12.04 -13.85 26.02
C VAL E 1157 -10.58 -13.44 26.27
N ILE E 1158 -10.31 -12.14 26.29
CA ILE E 1158 -8.95 -11.67 26.51
C ILE E 1158 -8.53 -11.90 27.96
N VAL E 1159 -9.44 -11.66 28.91
CA VAL E 1159 -9.10 -11.79 30.32
C VAL E 1159 -8.84 -13.25 30.68
N ARG E 1160 -9.64 -14.16 30.12
CA ARG E 1160 -9.46 -15.58 30.41
C ARG E 1160 -8.02 -16.02 30.22
N GLN E 1161 -7.33 -15.45 29.22
CA GLN E 1161 -5.96 -15.83 28.91
C GLN E 1161 -4.93 -15.28 29.89
N MET E 1162 -5.34 -14.43 30.84
CA MET E 1162 -4.40 -13.88 31.80
C MET E 1162 -4.24 -14.73 33.04
N LEU E 1163 -5.26 -15.53 33.39
CA LEU E 1163 -5.24 -16.34 34.60
C LEU E 1163 -5.03 -17.82 34.31
N ARG E 1164 -4.56 -18.17 33.12
CA ARG E 1164 -4.45 -19.56 32.72
C ARG E 1164 -3.32 -20.30 33.44
N ARG E 1165 -2.34 -19.59 34.00
CA ARG E 1165 -1.16 -20.20 34.57
C ARG E 1165 -1.05 -19.89 36.05
N VAL E 1166 -0.54 -20.87 36.81
CA VAL E 1166 -0.33 -20.74 38.25
C VAL E 1166 1.16 -20.93 38.53
N THR E 1167 1.71 -20.06 39.40
CA THR E 1167 3.12 -20.14 39.74
C THR E 1167 3.39 -21.34 40.64
N ILE E 1168 4.41 -22.13 40.34
CA ILE E 1168 4.85 -23.15 41.28
C ILE E 1168 6.27 -22.90 41.78
N ILE E 1169 7.27 -23.00 40.90
CA ILE E 1169 8.65 -22.57 41.16
C ILE E 1169 9.29 -23.34 42.31
N ASP E 1170 8.52 -24.19 42.97
CA ASP E 1170 8.98 -24.82 44.21
C ASP E 1170 7.84 -25.54 44.93
N PHE E 1176 8.21 -28.61 44.86
CA PHE E 1176 7.37 -29.73 44.43
C PHE E 1176 7.42 -29.87 42.91
N LEU E 1177 8.00 -28.87 42.25
CA LEU E 1177 8.17 -28.90 40.80
C LEU E 1177 9.32 -27.97 40.44
N PRO E 1178 9.91 -28.14 39.26
CA PRO E 1178 11.10 -27.34 38.91
C PRO E 1178 10.82 -25.85 38.75
N GLY E 1179 9.81 -25.50 37.95
CA GLY E 1179 9.60 -24.12 37.58
C GLY E 1179 8.15 -23.71 37.73
N SER E 1180 7.94 -22.40 37.75
CA SER E 1180 6.62 -21.81 37.96
C SER E 1180 5.91 -21.59 36.63
N LEU E 1181 4.65 -21.14 36.71
CA LEU E 1181 3.92 -20.68 35.54
C LEU E 1181 3.51 -21.84 34.63
N THR E 1182 3.15 -22.98 35.23
CA THR E 1182 2.58 -24.08 34.47
C THR E 1182 1.08 -23.89 34.32
N GLU E 1183 0.53 -24.46 33.26
CA GLU E 1183 -0.88 -24.27 32.96
C GLU E 1183 -1.76 -24.86 34.05
N ARG E 1184 -2.89 -24.19 34.31
CA ARG E 1184 -3.84 -24.69 35.30
C ARG E 1184 -4.29 -26.11 34.94
N ALA E 1185 -4.61 -26.34 33.67
CA ALA E 1185 -4.94 -27.69 33.24
C ALA E 1185 -3.71 -28.60 33.29
N GLU E 1186 -2.54 -28.04 32.99
CA GLU E 1186 -1.31 -28.84 33.05
C GLU E 1186 -1.10 -29.42 34.43
N PHE E 1187 -1.37 -28.65 35.48
CA PHE E 1187 -1.22 -29.12 36.85
C PHE E 1187 -2.37 -30.05 37.23
N ALA E 1202 3.24 -29.92 46.26
CA ALA E 1202 2.86 -29.58 44.90
C ALA E 1202 1.76 -28.54 44.92
N ALA E 1203 2.05 -27.38 45.50
CA ALA E 1203 1.10 -26.28 45.64
C ALA E 1203 1.50 -25.12 44.74
N GLY E 1204 0.55 -24.65 43.92
CA GLY E 1204 0.73 -23.46 43.11
C GLY E 1204 -0.30 -22.39 43.40
N ARG E 1205 0.05 -21.15 43.09
CA ARG E 1205 -0.88 -20.07 43.35
C ARG E 1205 -1.39 -19.45 42.05
N PRO E 1206 -2.63 -18.96 42.03
CA PRO E 1206 -3.15 -18.30 40.84
C PRO E 1206 -2.34 -17.06 40.51
N VAL E 1207 -2.09 -16.85 39.22
CA VAL E 1207 -1.21 -15.80 38.74
C VAL E 1207 -1.98 -14.86 37.81
N LEU E 1208 -1.64 -13.58 37.88
CA LEU E 1208 -2.11 -12.58 36.94
C LEU E 1208 -0.91 -12.03 36.18
N MET E 1209 -0.99 -12.02 34.85
CA MET E 1209 0.13 -11.56 34.04
C MET E 1209 -0.40 -10.91 32.78
N GLY E 1210 0.37 -9.95 32.27
CA GLY E 1210 -0.07 -9.20 31.12
C GLY E 1210 -0.12 -10.03 29.85
N ILE E 1211 -0.86 -9.51 28.86
CA ILE E 1211 -1.01 -10.21 27.59
C ILE E 1211 0.35 -10.42 26.94
N THR E 1212 1.19 -9.40 26.94
CA THR E 1212 2.52 -9.54 26.35
C THR E 1212 3.31 -10.66 27.02
N LYS E 1213 3.28 -10.70 28.36
CA LYS E 1213 3.94 -11.78 29.07
C LYS E 1213 3.24 -13.11 28.85
N ALA E 1214 1.90 -13.10 28.84
CA ALA E 1214 1.15 -14.32 28.64
C ALA E 1214 1.38 -14.91 27.25
N SER E 1215 1.37 -14.05 26.22
CA SER E 1215 1.55 -14.54 24.86
C SER E 1215 2.95 -15.07 24.64
N LEU E 1216 3.97 -14.39 25.18
CA LEU E 1216 5.33 -14.89 25.08
C LEU E 1216 5.51 -16.22 25.77
N ALA E 1217 4.59 -16.60 26.66
CA ALA E 1217 4.68 -17.86 27.40
C ALA E 1217 4.00 -19.02 26.70
N THR E 1218 3.45 -18.81 25.50
CA THR E 1218 2.77 -19.88 24.79
C THR E 1218 3.75 -21.03 24.53
N ASP E 1219 3.18 -22.23 24.30
CA ASP E 1219 3.98 -23.42 24.11
C ASP E 1219 4.72 -23.41 22.78
N SER E 1220 4.25 -22.66 21.79
CA SER E 1220 4.89 -22.61 20.49
C SER E 1220 6.03 -21.61 20.50
N TRP E 1221 7.22 -22.03 20.07
CA TRP E 1221 8.39 -21.17 20.12
C TRP E 1221 8.54 -20.30 18.88
N LEU E 1222 8.03 -20.73 17.72
CA LEU E 1222 8.06 -19.86 16.56
C LEU E 1222 6.91 -18.86 16.54
N SER E 1223 5.86 -19.12 17.31
CA SER E 1223 4.84 -18.10 17.51
C SER E 1223 5.35 -16.99 18.42
N ALA E 1224 6.07 -17.35 19.48
CA ALA E 1224 6.66 -16.35 20.35
C ALA E 1224 7.81 -15.60 19.68
N ALA E 1225 8.44 -16.21 18.67
CA ALA E 1225 9.53 -15.53 17.97
C ALA E 1225 8.99 -14.48 17.01
N SER E 1226 8.00 -14.85 16.19
CA SER E 1226 7.38 -13.90 15.28
C SER E 1226 6.68 -12.76 16.02
N PHE E 1227 6.51 -12.87 17.33
CA PHE E 1227 5.78 -11.87 18.10
C PHE E 1227 6.71 -10.80 18.69
N GLN E 1228 7.67 -11.21 19.51
CA GLN E 1228 8.51 -10.24 20.20
C GLN E 1228 9.69 -10.96 20.84
N GLU E 1229 10.74 -10.20 21.11
CA GLU E 1229 11.96 -10.72 21.72
C GLU E 1229 12.48 -11.94 20.95
N THR E 1230 12.71 -11.72 19.65
CA THR E 1230 13.10 -12.82 18.76
C THR E 1230 14.39 -13.48 19.25
N THR E 1231 15.47 -12.70 19.34
CA THR E 1231 16.75 -13.26 19.77
C THR E 1231 16.61 -14.04 21.06
N ARG E 1232 15.83 -13.52 22.02
CA ARG E 1232 15.69 -14.18 23.31
C ARG E 1232 15.03 -15.55 23.16
N VAL E 1233 13.91 -15.61 22.46
CA VAL E 1233 13.13 -16.86 22.40
C VAL E 1233 13.96 -17.98 21.78
N LEU E 1234 14.67 -17.69 20.68
CA LEU E 1234 15.45 -18.72 20.02
C LEU E 1234 16.51 -19.29 20.96
N THR E 1235 17.26 -18.41 21.64
CA THR E 1235 18.32 -18.86 22.53
C THR E 1235 17.79 -19.81 23.59
N ASP E 1236 16.72 -19.41 24.29
CA ASP E 1236 16.14 -20.29 25.30
C ASP E 1236 15.49 -21.51 24.69
N ALA E 1237 14.96 -21.39 23.46
CA ALA E 1237 14.35 -22.54 22.82
C ALA E 1237 15.41 -23.53 22.32
N ALA E 1238 16.52 -23.00 21.79
CA ALA E 1238 17.59 -23.88 21.32
C ALA E 1238 18.21 -24.66 22.47
N ILE E 1239 18.45 -24.00 23.60
CA ILE E 1239 19.01 -24.68 24.77
C ILE E 1239 18.06 -25.77 25.25
N ASN E 1240 16.82 -25.38 25.60
CA ASN E 1240 15.83 -26.35 26.04
C ASN E 1240 15.52 -27.39 24.97
N CYS E 1241 15.87 -27.12 23.71
CA CYS E 1241 15.68 -28.09 22.62
C CYS E 1241 14.20 -28.37 22.40
N ARG E 1242 13.36 -27.34 22.54
CA ARG E 1242 11.93 -27.50 22.46
C ARG E 1242 11.49 -27.97 21.08
N SER E 1243 10.32 -28.57 21.03
CA SER E 1243 9.70 -29.04 19.80
C SER E 1243 8.29 -28.48 19.70
N ASP E 1244 7.97 -27.86 18.57
CA ASP E 1244 6.67 -27.23 18.37
C ASP E 1244 5.72 -28.19 17.70
N LYS E 1245 4.55 -28.39 18.30
CA LYS E 1245 3.54 -29.30 17.76
C LYS E 1245 2.78 -28.71 16.57
N LEU E 1246 3.02 -27.44 16.22
CA LEU E 1246 2.32 -26.80 15.12
C LEU E 1246 0.81 -26.83 15.33
N ASN E 1247 0.39 -26.62 16.57
CA ASN E 1247 -1.03 -26.68 16.93
C ASN E 1247 -1.73 -25.34 16.69
N GLY E 1248 -1.13 -24.25 17.15
CA GLY E 1248 -1.72 -22.95 16.95
C GLY E 1248 -1.85 -22.59 15.47
N LEU E 1249 -2.65 -21.56 15.21
CA LEU E 1249 -2.89 -21.17 13.83
C LEU E 1249 -1.80 -20.27 13.28
N LYS E 1250 -1.14 -19.47 14.12
CA LYS E 1250 -0.02 -18.66 13.66
C LYS E 1250 1.03 -19.50 12.97
N GLU E 1251 1.46 -20.59 13.64
CA GLU E 1251 2.49 -21.46 13.06
C GLU E 1251 2.10 -21.93 11.67
N ASN E 1252 0.91 -22.52 11.56
CA ASN E 1252 0.48 -23.07 10.27
C ASN E 1252 0.44 -22.01 9.18
N VAL E 1253 0.13 -20.76 9.54
CA VAL E 1253 0.15 -19.69 8.56
C VAL E 1253 1.54 -19.51 7.99
N ILE E 1254 2.56 -19.62 8.84
CA ILE E 1254 3.94 -19.40 8.40
C ILE E 1254 4.36 -20.49 7.42
N ILE E 1255 4.17 -21.76 7.80
CA ILE E 1255 4.60 -22.87 6.95
C ILE E 1255 3.62 -23.18 5.84
N GLY E 1256 2.45 -22.55 5.84
CA GLY E 1256 1.48 -22.78 4.79
C GLY E 1256 0.52 -23.93 5.02
N LYS E 1257 0.20 -24.22 6.28
CA LYS E 1257 -0.74 -25.28 6.62
C LYS E 1257 -2.11 -24.68 6.91
N LEU E 1258 -3.11 -25.56 6.91
CA LEU E 1258 -4.48 -25.12 7.17
C LEU E 1258 -4.65 -24.77 8.64
N ILE E 1259 -5.07 -23.54 8.92
CA ILE E 1259 -5.21 -23.11 10.31
C ILE E 1259 -6.26 -23.98 11.00
N PRO E 1260 -6.06 -24.35 12.27
CA PRO E 1260 -7.01 -25.22 12.98
C PRO E 1260 -8.24 -24.48 13.49
N ALA E 1261 -8.85 -23.67 12.62
CA ALA E 1261 -10.06 -22.94 12.97
C ALA E 1261 -10.91 -22.80 11.72
N GLY E 1262 -12.22 -22.68 11.93
CA GLY E 1262 -13.11 -22.57 10.79
C GLY E 1262 -13.07 -23.84 9.96
N THR E 1263 -12.92 -23.66 8.65
CA THR E 1263 -12.91 -24.77 7.70
C THR E 1263 -11.68 -25.66 7.83
N GLY E 1264 -10.82 -25.43 8.83
CA GLY E 1264 -9.62 -26.23 8.97
C GLY E 1264 -9.65 -27.28 10.06
N ILE E 1265 -10.71 -27.26 10.89
CA ILE E 1265 -10.80 -28.22 11.98
C ILE E 1265 -10.88 -29.65 11.42
N SER E 1266 -10.52 -30.62 12.27
CA SER E 1266 -10.59 -32.02 11.87
C SER E 1266 -11.99 -32.41 11.46
N ARG E 1267 -12.99 -32.06 12.27
CA ARG E 1267 -14.36 -32.48 11.99
C ARG E 1267 -14.86 -31.96 10.65
N TYR E 1268 -14.38 -30.80 10.21
CA TYR E 1268 -14.92 -30.16 9.03
C TYR E 1268 -14.15 -30.42 7.74
N ARG E 1269 -12.88 -30.82 7.83
CA ARG E 1269 -12.07 -31.04 6.64
C ARG E 1269 -11.99 -32.52 6.26
N ASN E 1270 -12.85 -33.36 6.84
CA ASN E 1270 -12.92 -34.77 6.49
C ASN E 1270 -14.31 -35.19 6.02
N ILE E 1271 -15.17 -34.23 5.71
CA ILE E 1271 -16.51 -34.56 5.24
C ILE E 1271 -16.41 -35.34 3.93
N GLN E 1272 -17.13 -36.46 3.86
CA GLN E 1272 -17.21 -37.27 2.65
C GLN E 1272 -18.51 -36.96 1.94
N VAL E 1273 -18.42 -36.50 0.70
CA VAL E 1273 -19.57 -36.06 -0.08
C VAL E 1273 -19.87 -37.13 -1.12
N GLN E 1274 -20.90 -37.93 -0.87
CA GLN E 1274 -21.37 -38.92 -1.82
C GLN E 1274 -22.85 -38.73 -2.05
N PRO E 1275 -23.32 -38.92 -3.29
CA PRO E 1275 -24.76 -38.79 -3.56
C PRO E 1275 -25.52 -39.99 -3.04
N THR E 1276 -26.69 -39.73 -2.46
CA THR E 1276 -27.53 -40.80 -1.97
C THR E 1276 -27.90 -41.73 -3.11
N GLU E 1277 -27.95 -43.04 -2.81
CA GLU E 1277 -28.35 -44.00 -3.83
C GLU E 1277 -29.72 -43.65 -4.41
N GLU E 1278 -30.60 -43.08 -3.60
CA GLU E 1278 -31.93 -42.73 -4.07
C GLU E 1278 -31.89 -41.64 -5.13
N ALA E 1279 -30.94 -40.70 -5.03
CA ALA E 1279 -30.90 -39.57 -5.95
C ALA E 1279 -30.27 -39.94 -7.30
N ARG E 1280 -29.30 -40.85 -7.30
CA ARG E 1280 -28.63 -41.19 -8.55
C ARG E 1280 -29.59 -41.78 -9.56
N ALA E 1281 -30.56 -42.59 -9.09
CA ALA E 1281 -31.52 -43.21 -10.00
C ALA E 1281 -32.19 -42.18 -10.89
N ALA E 1282 -32.50 -41.01 -10.34
CA ALA E 1282 -33.14 -39.94 -11.11
C ALA E 1282 -32.18 -39.40 -12.17
N ALA F 25 -42.09 -16.06 2.10
CA ALA F 25 -41.99 -15.17 0.96
C ALA F 25 -40.81 -14.21 1.14
N TYR F 26 -39.77 -14.46 0.36
CA TYR F 26 -38.45 -13.86 0.56
C TYR F 26 -37.81 -13.45 -0.76
N ASP F 27 -38.45 -12.60 -1.57
CA ASP F 27 -38.57 -12.82 -3.02
C ASP F 27 -37.34 -13.45 -3.68
N THR F 28 -37.59 -13.92 -4.90
CA THR F 28 -36.61 -14.71 -5.64
C THR F 28 -35.21 -14.14 -5.44
N PRO F 29 -34.25 -14.97 -5.02
CA PRO F 29 -32.86 -14.52 -4.93
C PRO F 29 -32.19 -14.45 -6.30
N LEU F 30 -31.21 -13.56 -6.41
CA LEU F 30 -30.55 -13.26 -7.67
C LEU F 30 -29.11 -13.79 -7.65
N GLY F 31 -28.81 -14.67 -8.59
CA GLY F 31 -27.45 -15.13 -8.79
C GLY F 31 -26.80 -15.78 -7.57
N ILE F 32 -25.85 -15.08 -6.96
CA ILE F 32 -25.04 -15.67 -5.90
C ILE F 32 -25.89 -15.99 -4.68
N THR F 33 -26.82 -15.09 -4.31
CA THR F 33 -27.56 -15.25 -3.06
C THR F 33 -28.36 -16.54 -3.05
N ASN F 34 -28.83 -16.99 -4.20
CA ASN F 34 -29.60 -18.23 -4.24
C ASN F 34 -28.68 -19.44 -4.29
N PRO F 35 -28.95 -20.48 -3.49
CA PRO F 35 -30.05 -20.50 -2.52
C PRO F 35 -29.69 -19.81 -1.21
N PRO F 36 -30.70 -19.41 -0.43
CA PRO F 36 -30.42 -18.79 0.87
C PRO F 36 -29.60 -19.72 1.78
N ILE F 37 -28.74 -19.11 2.59
CA ILE F 37 -27.87 -19.89 3.46
C ILE F 37 -28.67 -20.60 4.54
N ASP F 38 -29.73 -19.96 5.04
CA ASP F 38 -30.54 -20.55 6.10
C ASP F 38 -31.09 -21.91 5.67
N GLU F 39 -31.66 -21.96 4.46
CA GLU F 39 -32.18 -23.23 3.96
C GLU F 39 -31.06 -24.22 3.68
N LEU F 40 -29.85 -23.72 3.42
CA LEU F 40 -28.69 -24.59 3.28
C LEU F 40 -28.17 -25.07 4.63
N LEU F 41 -28.18 -24.18 5.63
CA LEU F 41 -27.65 -24.54 6.94
C LEU F 41 -28.45 -25.66 7.61
N SER F 42 -29.69 -25.89 7.15
CA SER F 42 -30.47 -27.01 7.69
C SER F 42 -29.92 -28.35 7.23
N ARG F 43 -29.14 -28.37 6.16
CA ARG F 43 -28.61 -29.61 5.59
C ARG F 43 -27.29 -30.04 6.21
N ALA F 44 -26.70 -29.22 7.08
CA ALA F 44 -25.43 -29.55 7.71
C ALA F 44 -25.41 -28.98 9.12
N SER F 45 -24.30 -29.21 9.82
CA SER F 45 -24.19 -28.77 11.20
C SER F 45 -23.91 -27.28 11.31
N SER F 46 -22.91 -26.79 10.58
CA SER F 46 -22.48 -25.40 10.70
C SER F 46 -22.22 -24.83 9.32
N LYS F 47 -21.95 -23.53 9.29
CA LYS F 47 -21.60 -22.86 8.04
C LYS F 47 -20.27 -23.38 7.49
N TYR F 48 -19.37 -23.85 8.37
CA TYR F 48 -18.10 -24.38 7.89
C TYR F 48 -18.26 -25.75 7.25
N ALA F 49 -19.16 -26.57 7.80
CA ALA F 49 -19.46 -27.85 7.18
C ALA F 49 -20.07 -27.65 5.80
N LEU F 50 -20.98 -26.68 5.67
CA LEU F 50 -21.56 -26.39 4.36
C LEU F 50 -20.48 -26.06 3.34
N VAL F 51 -19.42 -25.38 3.77
CA VAL F 51 -18.34 -25.02 2.86
C VAL F 51 -17.68 -26.29 2.30
N ILE F 52 -17.12 -27.11 3.18
CA ILE F 52 -16.50 -28.36 2.75
C ILE F 52 -17.52 -29.23 2.04
N TYR F 53 -18.76 -29.24 2.53
CA TYR F 53 -19.84 -30.01 1.90
C TYR F 53 -19.91 -29.73 0.41
N ALA F 54 -20.15 -28.47 0.04
CA ALA F 54 -20.32 -28.12 -1.36
C ALA F 54 -18.99 -28.12 -2.11
N ALA F 55 -17.88 -27.83 -1.42
CA ALA F 55 -16.59 -27.76 -2.08
C ALA F 55 -16.18 -29.11 -2.66
N LYS F 56 -16.16 -30.15 -1.82
CA LYS F 56 -15.74 -31.47 -2.29
C LYS F 56 -16.66 -31.98 -3.38
N ARG F 57 -17.96 -31.68 -3.30
CA ARG F 57 -18.86 -32.07 -4.37
C ARG F 57 -18.54 -31.31 -5.66
N ALA F 58 -18.07 -30.07 -5.55
CA ALA F 58 -17.70 -29.31 -6.73
C ALA F 58 -16.52 -29.96 -7.45
N ARG F 59 -15.48 -30.33 -6.69
CA ARG F 59 -14.38 -31.08 -7.30
C ARG F 59 -14.87 -32.39 -7.90
N GLN F 60 -15.89 -33.00 -7.29
CA GLN F 60 -16.44 -34.24 -7.82
C GLN F 60 -17.08 -34.00 -9.18
N ILE F 61 -17.86 -32.93 -9.30
CA ILE F 61 -18.60 -32.68 -10.55
C ILE F 61 -17.62 -32.35 -11.68
N ASN F 62 -16.60 -31.54 -11.40
CA ASN F 62 -15.68 -31.14 -12.46
C ASN F 62 -14.84 -32.31 -12.94
N ASP F 63 -14.49 -33.24 -12.05
CA ASP F 63 -13.80 -34.45 -12.47
C ASP F 63 -14.65 -35.27 -13.42
N TYR F 64 -15.96 -35.37 -13.15
CA TYR F 64 -16.87 -36.09 -14.02
C TYR F 64 -16.87 -35.50 -15.43
N TYR F 65 -16.73 -34.18 -15.54
CA TYR F 65 -16.68 -33.55 -16.85
C TYR F 65 -15.39 -33.85 -17.60
N ASN F 66 -14.39 -34.44 -16.95
CA ASN F 66 -13.21 -34.92 -17.66
C ASN F 66 -13.05 -36.42 -17.58
N GLN F 67 -12.97 -36.98 -16.37
CA GLN F 67 -12.67 -38.39 -16.16
C GLN F 67 -12.39 -38.64 -14.68
N LEU F 73 -12.94 -45.65 -9.99
CA LEU F 73 -12.94 -44.24 -9.61
C LEU F 73 -13.87 -43.42 -10.52
N GLU F 74 -15.05 -43.95 -10.79
CA GLU F 74 -16.01 -43.26 -11.63
C GLU F 74 -16.55 -42.02 -10.92
N TYR F 75 -16.96 -41.03 -11.72
CA TYR F 75 -17.46 -39.77 -11.23
C TYR F 75 -18.96 -39.66 -11.49
N VAL F 76 -19.66 -39.01 -10.56
CA VAL F 76 -21.11 -38.93 -10.57
C VAL F 76 -21.55 -37.49 -10.79
N GLY F 77 -22.86 -37.27 -10.91
CA GLY F 77 -23.41 -35.94 -11.07
C GLY F 77 -23.35 -35.47 -12.51
N PRO F 78 -24.01 -34.34 -12.79
CA PRO F 78 -24.82 -33.58 -11.84
C PRO F 78 -26.19 -34.21 -11.60
N LEU F 79 -26.54 -34.39 -10.33
CA LEU F 79 -27.82 -35.01 -9.98
C LEU F 79 -29.00 -34.13 -10.36
N VAL F 80 -28.84 -32.81 -10.27
CA VAL F 80 -29.87 -31.86 -10.67
C VAL F 80 -29.59 -31.42 -12.10
N GLU F 81 -30.66 -31.22 -12.87
CA GLU F 81 -30.49 -30.82 -14.27
C GLU F 81 -29.74 -29.49 -14.32
N PRO F 82 -28.58 -29.44 -14.96
CA PRO F 82 -27.74 -28.24 -14.87
C PRO F 82 -28.34 -27.06 -15.63
N GLY F 83 -27.76 -25.90 -15.37
CA GLY F 83 -28.15 -24.69 -16.07
C GLY F 83 -27.43 -24.55 -17.41
N LEU F 84 -27.67 -23.41 -18.06
CA LEU F 84 -27.08 -23.15 -19.36
C LEU F 84 -25.57 -23.28 -19.31
N GLN F 85 -24.93 -22.59 -18.36
CA GLN F 85 -23.48 -22.63 -18.19
C GLN F 85 -23.11 -22.71 -16.72
N GLU F 86 -24.00 -23.25 -15.90
CA GLU F 86 -23.84 -23.20 -14.45
C GLU F 86 -22.48 -23.73 -14.02
N LYS F 87 -21.86 -23.03 -13.07
CA LYS F 87 -20.61 -23.48 -12.51
C LYS F 87 -20.83 -24.67 -11.59
N PRO F 88 -19.89 -25.61 -11.55
CA PRO F 88 -20.08 -26.80 -10.69
C PRO F 88 -20.30 -26.47 -9.23
N LEU F 89 -19.73 -25.38 -8.73
CA LEU F 89 -19.95 -25.01 -7.33
C LEU F 89 -21.38 -24.56 -7.10
N SER F 90 -21.96 -23.83 -8.06
CA SER F 90 -23.36 -23.44 -7.96
C SER F 90 -24.29 -24.63 -8.16
N ILE F 91 -23.83 -25.69 -8.81
CA ILE F 91 -24.64 -26.89 -8.93
C ILE F 91 -24.68 -27.64 -7.61
N ALA F 92 -23.52 -27.77 -6.95
CA ALA F 92 -23.47 -28.49 -5.68
C ALA F 92 -24.31 -27.80 -4.62
N LEU F 93 -24.46 -26.48 -4.70
CA LEU F 93 -25.29 -25.77 -3.73
C LEU F 93 -26.77 -26.08 -3.95
N ARG F 94 -27.21 -26.14 -5.21
CA ARG F 94 -28.58 -26.55 -5.49
C ARG F 94 -28.82 -28.00 -5.08
N GLU F 95 -27.83 -28.87 -5.30
CA GLU F 95 -27.95 -30.26 -4.88
C GLU F 95 -28.15 -30.35 -3.37
N ILE F 96 -27.34 -29.63 -2.61
CA ILE F 96 -27.46 -29.67 -1.15
C ILE F 96 -28.82 -29.14 -0.71
N HIS F 97 -29.32 -28.10 -1.41
CA HIS F 97 -30.61 -27.54 -1.03
C HIS F 97 -31.74 -28.54 -1.23
N GLY F 98 -31.59 -29.46 -2.18
CA GLY F 98 -32.58 -30.48 -2.44
C GLY F 98 -32.39 -31.77 -1.67
N ASP F 99 -31.44 -31.83 -0.74
CA ASP F 99 -31.17 -33.02 0.06
C ASP F 99 -30.70 -34.19 -0.81
N LEU F 100 -30.23 -33.92 -2.02
CA LEU F 100 -29.89 -34.98 -2.96
C LEU F 100 -28.65 -35.76 -2.57
N LEU F 101 -27.91 -35.34 -1.54
CA LEU F 101 -26.75 -36.08 -1.08
C LEU F 101 -26.66 -36.00 0.43
N GLU F 102 -25.92 -36.95 1.01
CA GLU F 102 -25.69 -37.00 2.45
C GLU F 102 -24.20 -37.03 2.72
N HIS F 103 -23.79 -36.38 3.80
CA HIS F 103 -22.39 -36.28 4.18
C HIS F 103 -22.21 -36.75 5.61
N THR F 104 -20.98 -37.14 5.94
CA THR F 104 -20.62 -37.60 7.28
C THR F 104 -19.37 -36.85 7.74
N GLU F 105 -19.46 -36.25 8.92
CA GLU F 105 -18.37 -35.45 9.45
C GLU F 105 -17.37 -36.34 10.19
N GLY F 106 -16.08 -36.00 10.04
CA GLY F 106 -15.03 -36.76 10.68
C GLY F 106 -14.83 -36.44 12.14
N ALA G 163 35.46 -0.36 26.51
CA ALA G 163 34.98 -1.58 25.87
C ALA G 163 35.41 -1.63 24.41
N ASP G 164 35.94 -0.52 23.91
CA ASP G 164 36.42 -0.48 22.54
C ASP G 164 37.59 -1.45 22.36
N SER G 165 37.70 -2.01 21.15
CA SER G 165 38.69 -3.04 20.88
C SER G 165 40.07 -2.46 20.67
N VAL G 166 40.16 -1.31 20.00
CA VAL G 166 41.47 -0.76 19.63
C VAL G 166 42.15 -0.11 20.83
N ARG G 167 41.40 0.63 21.65
CA ARG G 167 41.98 1.25 22.84
C ARG G 167 42.62 0.23 23.77
N ALA G 168 42.33 -1.06 23.59
CA ALA G 168 43.00 -2.09 24.37
C ALA G 168 44.35 -2.46 23.76
N TYR G 169 44.40 -2.66 22.44
CA TYR G 169 45.66 -2.97 21.79
C TYR G 169 46.69 -1.89 22.03
N LEU G 170 46.30 -0.62 21.91
CA LEU G 170 47.20 0.47 22.22
C LEU G 170 47.69 0.40 23.67
N LYS G 171 46.83 -0.04 24.59
CA LYS G 171 47.22 -0.09 25.99
C LYS G 171 48.31 -1.13 26.24
N GLN G 172 48.42 -2.14 25.38
CA GLN G 172 49.37 -3.23 25.60
C GLN G 172 50.70 -3.00 24.88
N ILE G 173 50.66 -2.48 23.65
CA ILE G 173 51.90 -2.29 22.91
C ILE G 173 52.77 -1.22 23.57
N GLY G 174 52.15 -0.19 24.15
CA GLY G 174 52.92 0.82 24.86
C GLY G 174 53.68 0.29 26.05
N LYS G 175 53.33 -0.92 26.52
CA LYS G 175 54.02 -1.49 27.66
C LYS G 175 55.51 -1.69 27.37
N VAL G 176 55.86 -2.02 26.14
CA VAL G 176 57.25 -2.29 25.79
C VAL G 176 58.00 -0.97 25.62
N ALA G 177 59.30 -1.01 25.92
CA ALA G 177 60.15 0.17 25.84
C ALA G 177 60.86 0.20 24.49
N LEU G 178 60.86 1.37 23.85
CA LEU G 178 61.52 1.52 22.57
C LEU G 178 63.01 1.23 22.71
N LEU G 179 63.63 0.82 21.61
CA LEU G 179 65.04 0.46 21.58
C LEU G 179 65.88 1.61 21.06
N ASN G 180 67.01 1.85 21.71
CA ASN G 180 67.94 2.87 21.22
C ASN G 180 68.73 2.31 20.04
N ALA G 181 69.58 3.16 19.46
CA ALA G 181 70.34 2.74 18.28
C ALA G 181 71.23 1.54 18.58
N GLU G 182 71.88 1.53 19.75
CA GLU G 182 72.80 0.45 20.07
C GLU G 182 72.08 -0.88 20.25
N GLU G 183 70.88 -0.84 20.86
CA GLU G 183 70.16 -2.08 21.13
C GLU G 183 69.73 -2.76 19.83
N GLU G 184 69.17 -2.00 18.89
CA GLU G 184 68.76 -2.57 17.61
C GLU G 184 69.86 -3.44 17.02
N VAL G 185 71.10 -2.96 17.05
CA VAL G 185 72.21 -3.74 16.49
C VAL G 185 72.43 -5.00 17.29
N GLU G 186 72.40 -4.90 18.63
CA GLU G 186 72.63 -6.06 19.47
C GLU G 186 71.60 -7.15 19.21
N LEU G 187 70.31 -6.79 19.29
CA LEU G 187 69.26 -7.77 19.01
C LEU G 187 69.40 -8.33 17.61
N ALA G 188 69.68 -7.48 16.62
CA ALA G 188 69.85 -7.96 15.25
C ALA G 188 70.95 -9.01 15.17
N LYS G 189 72.05 -8.81 15.90
CA LYS G 189 73.12 -9.79 15.90
C LYS G 189 72.63 -11.14 16.39
N ARG G 190 71.92 -11.15 17.52
CA ARG G 190 71.47 -12.42 18.10
C ARG G 190 70.56 -13.17 17.15
N ILE G 191 69.77 -12.46 16.35
CA ILE G 191 68.83 -13.12 15.45
C ILE G 191 69.57 -13.83 14.32
N GLU G 192 70.57 -13.16 13.73
CA GLU G 192 71.34 -13.79 12.66
C GLU G 192 72.17 -14.95 13.19
N ALA G 193 72.83 -14.75 14.33
CA ALA G 193 73.61 -15.83 14.93
C ALA G 193 72.74 -17.06 15.19
N GLY G 194 71.58 -16.86 15.80
CA GLY G 194 70.69 -17.98 16.05
C GLY G 194 70.22 -18.66 14.78
N LEU G 195 69.93 -17.87 13.75
CA LEU G 195 69.43 -18.45 12.51
C LEU G 195 70.46 -19.38 11.88
N TYR G 196 71.71 -18.93 11.78
CA TYR G 196 72.76 -19.76 11.21
C TYR G 196 73.06 -20.96 12.10
N ALA G 197 73.21 -20.73 13.41
CA ALA G 197 73.46 -21.83 14.32
C ALA G 197 72.42 -22.92 14.17
N THR G 198 71.15 -22.53 14.03
CA THR G 198 70.10 -23.53 13.82
C THR G 198 70.28 -24.26 12.49
N GLN G 199 70.67 -23.54 11.45
CA GLN G 199 70.89 -24.17 10.15
C GLN G 199 72.15 -25.03 10.16
N LYS G 200 73.18 -24.59 10.88
CA LYS G 200 74.41 -25.36 10.95
C LYS G 200 74.16 -26.76 11.50
N LEU G 201 73.37 -26.85 12.58
CA LEU G 201 73.07 -28.16 13.16
C LEU G 201 72.31 -29.04 12.18
N ALA G 202 71.27 -28.50 11.55
CA ALA G 202 70.48 -29.31 10.63
C ALA G 202 71.29 -29.74 9.42
N GLU G 203 72.30 -28.95 9.03
CA GLU G 203 73.12 -29.31 7.88
C GLU G 203 74.05 -30.48 8.18
N LEU G 204 74.48 -30.61 9.43
CA LEU G 204 75.44 -31.66 9.78
C LEU G 204 74.83 -33.04 9.59
N ALA G 205 73.59 -33.24 10.06
CA ALA G 205 72.94 -34.52 9.89
C ALA G 205 72.98 -34.98 8.44
N GLU G 206 72.72 -34.06 7.51
CA GLU G 206 72.86 -34.38 6.09
C GLU G 206 74.31 -34.72 5.75
N LYS G 207 75.25 -33.94 6.28
CA LYS G 207 76.68 -34.16 6.03
C LYS G 207 77.26 -35.30 6.84
N GLY G 208 76.47 -35.94 7.70
CA GLY G 208 76.98 -37.01 8.53
C GLY G 208 78.18 -36.58 9.36
N GLU G 209 78.04 -35.45 10.06
CA GLU G 209 79.13 -34.90 10.86
C GLU G 209 78.64 -34.65 12.27
N LYS G 210 79.61 -34.48 13.18
CA LYS G 210 79.34 -34.27 14.58
C LYS G 210 80.20 -33.11 15.09
N LEU G 211 79.82 -32.59 16.25
CA LEU G 211 80.48 -31.44 16.86
C LEU G 211 80.79 -31.74 18.31
N PRO G 212 81.62 -30.90 18.95
CA PRO G 212 81.85 -31.04 20.38
C PRO G 212 80.54 -31.01 21.16
N VAL G 213 80.29 -32.06 21.94
CA VAL G 213 79.03 -32.14 22.69
C VAL G 213 78.75 -30.83 23.41
N GLN G 214 79.78 -30.24 24.03
CA GLN G 214 79.57 -29.00 24.77
C GLN G 214 79.26 -27.85 23.83
N GLN G 215 80.00 -27.73 22.72
CA GLN G 215 79.70 -26.70 21.74
C GLN G 215 78.32 -26.90 21.12
N ARG G 216 77.90 -28.15 20.95
CA ARG G 216 76.60 -28.41 20.35
C ARG G 216 75.45 -27.92 21.24
N ARG G 217 75.61 -28.06 22.56
CA ARG G 217 74.60 -27.54 23.47
C ARG G 217 74.63 -26.02 23.52
N ASP G 218 75.79 -25.42 23.30
CA ASP G 218 75.89 -23.96 23.25
C ASP G 218 75.08 -23.41 22.07
N MET G 219 75.36 -23.91 20.86
CA MET G 219 74.62 -23.47 19.69
C MET G 219 73.12 -23.68 19.87
N GLN G 220 72.74 -24.78 20.52
CA GLN G 220 71.32 -25.04 20.77
C GLN G 220 70.70 -23.90 21.58
N TRP G 221 71.44 -23.36 22.54
CA TRP G 221 70.92 -22.23 23.30
C TRP G 221 70.92 -20.94 22.48
N ILE G 222 71.86 -20.81 21.54
CA ILE G 222 71.89 -19.64 20.67
C ILE G 222 70.54 -19.47 19.99
N CYS G 223 69.99 -20.57 19.45
CA CYS G 223 68.69 -20.51 18.80
C CYS G 223 67.62 -19.94 19.74
N ARG G 224 67.48 -20.54 20.93
CA ARG G 224 66.51 -20.03 21.89
C ARG G 224 66.69 -18.54 22.12
N ASP G 225 67.93 -18.07 22.18
CA ASP G 225 68.18 -16.66 22.43
C ASP G 225 67.84 -15.80 21.23
N GLY G 226 68.00 -16.33 20.02
CA GLY G 226 67.71 -15.54 18.83
C GLY G 226 66.26 -15.13 18.73
N ASP G 227 65.35 -16.05 19.04
CA ASP G 227 63.93 -15.76 18.90
C ASP G 227 63.48 -14.71 19.93
N ARG G 228 63.97 -14.81 21.17
CA ARG G 228 63.65 -13.81 22.17
C ARG G 228 63.98 -12.41 21.67
N ALA G 229 65.15 -12.26 21.01
CA ALA G 229 65.46 -10.99 20.38
C ALA G 229 64.51 -10.71 19.22
N LYS G 230 64.14 -11.75 18.46
CA LYS G 230 63.23 -11.56 17.34
C LYS G 230 61.87 -11.04 17.81
N ASN G 231 61.31 -11.64 18.86
CA ASN G 231 60.04 -11.16 19.39
C ASN G 231 60.19 -9.83 20.10
N HIS G 232 61.27 -9.65 20.87
CA HIS G 232 61.51 -8.38 21.52
C HIS G 232 61.67 -7.26 20.51
N LEU G 233 62.33 -7.55 19.38
CA LEU G 233 62.50 -6.54 18.35
C LEU G 233 61.17 -6.13 17.75
N LEU G 234 60.28 -7.10 17.52
CA LEU G 234 58.95 -6.78 17.01
C LEU G 234 58.16 -5.96 18.02
N GLU G 235 58.05 -6.47 19.26
CA GLU G 235 57.22 -5.83 20.27
C GLU G 235 57.63 -4.38 20.54
N ALA G 236 58.89 -4.03 20.27
CA ALA G 236 59.35 -2.67 20.53
C ALA G 236 58.87 -1.69 19.46
N ASN G 237 58.70 -2.15 18.22
CA ASN G 237 58.39 -1.28 17.09
C ASN G 237 56.92 -1.27 16.72
N LEU G 238 56.05 -1.84 17.56
CA LEU G 238 54.63 -1.88 17.22
C LEU G 238 54.06 -0.48 17.07
N ARG G 239 54.51 0.47 17.89
CA ARG G 239 54.06 1.85 17.76
C ARG G 239 54.28 2.37 16.35
N LEU G 240 55.39 1.98 15.72
CA LEU G 240 55.69 2.45 14.37
C LEU G 240 54.63 1.99 13.38
N VAL G 241 54.16 0.75 13.52
CA VAL G 241 53.13 0.23 12.62
C VAL G 241 51.85 1.05 12.76
N VAL G 242 51.42 1.30 14.02
CA VAL G 242 50.22 2.09 14.24
C VAL G 242 50.40 3.51 13.71
N SER G 243 51.56 4.10 13.93
CA SER G 243 51.80 5.47 13.47
C SER G 243 51.54 5.59 11.97
N LEU G 244 52.03 4.64 11.18
CA LEU G 244 51.80 4.67 9.74
C LEU G 244 50.37 4.23 9.40
N ALA G 245 49.77 3.37 10.21
CA ALA G 245 48.43 2.88 9.90
C ALA G 245 47.38 3.96 10.06
N LYS G 246 47.63 4.95 10.92
CA LYS G 246 46.64 6.02 11.14
C LYS G 246 46.23 6.68 9.83
N ARG G 247 47.19 6.91 8.94
CA ARG G 247 46.98 7.78 7.79
C ARG G 247 46.10 7.15 6.71
N TYR G 248 45.85 5.84 6.77
CA TYR G 248 45.14 5.14 5.71
C TYR G 248 43.73 4.72 6.10
N THR G 249 43.18 5.27 7.18
CA THR G 249 41.84 4.91 7.60
C THR G 249 40.79 5.53 6.67
N GLY G 250 39.58 4.99 6.74
CA GLY G 250 38.48 5.47 5.94
C GLY G 250 38.53 5.12 4.47
N ARG G 251 39.62 4.53 3.99
CA ARG G 251 39.76 4.16 2.58
C ARG G 251 39.14 2.80 2.27
N GLY G 252 38.29 2.27 3.16
CA GLY G 252 37.65 1.00 2.94
C GLY G 252 38.21 -0.16 3.73
N MET G 253 39.17 0.08 4.61
CA MET G 253 39.74 -0.95 5.47
C MET G 253 39.68 -0.50 6.91
N ALA G 254 39.19 -1.38 7.78
CA ALA G 254 39.13 -1.08 9.21
C ALA G 254 40.54 -0.81 9.74
N PHE G 255 40.59 -0.04 10.84
CA PHE G 255 41.88 0.33 11.41
C PHE G 255 42.67 -0.90 11.82
N LEU G 256 42.04 -1.81 12.58
CA LEU G 256 42.74 -3.00 13.07
C LEU G 256 43.33 -3.80 11.92
N ASP G 257 42.57 -3.98 10.84
CA ASP G 257 43.08 -4.72 9.68
C ASP G 257 44.34 -4.05 9.13
N LEU G 258 44.30 -2.73 8.96
CA LEU G 258 45.49 -2.00 8.52
C LEU G 258 46.65 -2.23 9.47
N ILE G 259 46.37 -2.27 10.78
CA ILE G 259 47.42 -2.44 11.77
C ILE G 259 48.06 -3.81 11.65
N GLN G 260 47.25 -4.86 11.60
CA GLN G 260 47.78 -6.22 11.49
C GLN G 260 48.59 -6.38 10.22
N GLU G 261 48.03 -5.97 9.08
CA GLU G 261 48.79 -6.01 7.83
C GLU G 261 50.10 -5.24 7.99
N GLY G 262 50.06 -4.08 8.63
CA GLY G 262 51.29 -3.37 8.93
C GLY G 262 52.24 -4.19 9.78
N ASN G 263 51.70 -4.91 10.77
CA ASN G 263 52.53 -5.78 11.58
C ASN G 263 53.17 -6.88 10.75
N LEU G 264 52.50 -7.33 9.69
CA LEU G 264 53.11 -8.30 8.79
C LEU G 264 54.30 -7.71 8.07
N GLY G 265 54.16 -6.47 7.58
CA GLY G 265 55.30 -5.80 6.99
C GLY G 265 56.44 -5.62 7.98
N LEU G 266 56.10 -5.17 9.20
CA LEU G 266 57.11 -5.05 10.25
C LEU G 266 57.88 -6.36 10.42
N ILE G 267 57.18 -7.49 10.38
CA ILE G 267 57.84 -8.79 10.53
C ILE G 267 58.91 -8.97 9.45
N ARG G 268 58.57 -8.65 8.20
CA ARG G 268 59.55 -8.81 7.13
C ARG G 268 60.67 -7.79 7.26
N ALA G 269 60.37 -6.59 7.73
CA ALA G 269 61.42 -5.62 7.99
C ALA G 269 62.48 -6.19 8.92
N VAL G 270 62.05 -6.93 9.94
CA VAL G 270 63.00 -7.53 10.87
C VAL G 270 63.79 -8.64 10.17
N GLU G 271 63.13 -9.45 9.34
CA GLU G 271 63.81 -10.56 8.69
C GLU G 271 64.85 -10.07 7.69
N LYS G 272 64.65 -8.91 7.09
CA LYS G 272 65.54 -8.39 6.05
C LYS G 272 66.41 -7.24 6.52
N PHE G 273 66.20 -6.74 7.74
CA PHE G 273 67.03 -5.66 8.28
C PHE G 273 68.49 -6.06 8.25
N ASP G 274 69.36 -5.07 8.01
CA ASP G 274 70.80 -5.28 7.97
C ASP G 274 71.44 -4.28 8.92
N TYR G 275 71.92 -4.77 10.07
CA TYR G 275 72.47 -3.88 11.09
C TYR G 275 73.83 -3.31 10.70
N THR G 276 74.51 -3.94 9.74
CA THR G 276 75.85 -3.48 9.35
C THR G 276 75.81 -2.16 8.59
N LYS G 277 74.67 -1.80 8.00
CA LYS G 277 74.58 -0.58 7.22
C LYS G 277 74.48 0.68 8.09
N GLY G 278 74.22 0.53 9.38
CA GLY G 278 74.27 1.66 10.30
C GLY G 278 73.11 2.64 10.19
N TYR G 279 71.99 2.24 9.60
CA TYR G 279 70.82 3.09 9.51
C TYR G 279 69.85 2.73 10.63
N LYS G 280 69.23 3.75 11.23
CA LYS G 280 68.23 3.52 12.26
C LYS G 280 67.16 2.57 11.73
N PHE G 281 66.58 1.78 12.63
CA PHE G 281 65.65 0.74 12.20
C PHE G 281 64.41 1.33 11.55
N SER G 282 63.84 2.38 12.16
CA SER G 282 62.62 2.96 11.60
C SER G 282 62.82 3.45 10.17
N THR G 283 64.07 3.69 9.75
CA THR G 283 64.33 4.11 8.38
C THR G 283 63.92 3.02 7.39
N TYR G 284 64.39 1.78 7.63
CA TYR G 284 64.12 0.68 6.73
C TYR G 284 62.80 -0.03 7.00
N ALA G 285 62.23 0.14 8.19
CA ALA G 285 60.97 -0.52 8.51
C ALA G 285 59.78 0.20 7.88
N THR G 286 59.87 1.52 7.72
CA THR G 286 58.74 2.27 7.18
C THR G 286 58.39 1.81 5.78
N TRP G 287 59.39 1.50 4.96
CA TRP G 287 59.13 1.01 3.61
C TRP G 287 58.24 -0.23 3.64
N TRP G 288 58.70 -1.28 4.33
CA TRP G 288 57.94 -2.53 4.36
C TRP G 288 56.57 -2.32 5.01
N ILE G 289 56.50 -1.54 6.09
CA ILE G 289 55.22 -1.31 6.74
C ILE G 289 54.26 -0.59 5.79
N ARG G 290 54.73 0.49 5.17
CA ARG G 290 53.89 1.20 4.21
C ARG G 290 53.43 0.28 3.09
N GLN G 291 54.37 -0.40 2.44
CA GLN G 291 54.02 -1.28 1.32
C GLN G 291 53.04 -2.36 1.75
N ALA G 292 53.23 -2.90 2.95
CA ALA G 292 52.35 -3.95 3.43
C ALA G 292 50.90 -3.47 3.51
N ILE G 293 50.69 -2.26 4.04
CA ILE G 293 49.34 -1.75 4.21
C ILE G 293 48.70 -1.49 2.85
N THR G 294 49.39 -0.78 1.97
CA THR G 294 48.82 -0.46 0.66
C THR G 294 48.52 -1.73 -0.12
N ARG G 295 49.51 -2.61 -0.26
CA ARG G 295 49.30 -3.86 -0.98
C ARG G 295 48.08 -4.61 -0.43
N ALA G 296 47.89 -4.56 0.89
CA ALA G 296 46.74 -5.23 1.49
C ALA G 296 45.44 -4.62 1.01
N MET G 297 45.37 -3.29 0.97
CA MET G 297 44.15 -2.62 0.55
C MET G 297 43.75 -3.04 -0.87
N ALA G 298 44.70 -3.00 -1.80
CA ALA G 298 44.40 -3.41 -3.17
C ALA G 298 43.88 -4.84 -3.23
N ASP G 299 44.33 -5.70 -2.31
CA ASP G 299 43.90 -7.10 -2.32
C ASP G 299 42.58 -7.33 -1.61
N GLN G 300 42.20 -6.45 -0.66
CA GLN G 300 41.09 -6.78 0.23
C GLN G 300 39.99 -5.72 0.26
N ALA G 301 40.36 -4.45 0.07
CA ALA G 301 39.42 -3.36 0.34
C ALA G 301 38.16 -3.45 -0.51
N ARG G 302 38.25 -4.03 -1.71
CA ARG G 302 37.14 -4.05 -2.65
C ARG G 302 36.36 -5.35 -2.57
N THR G 303 35.03 -5.24 -2.60
CA THR G 303 34.19 -6.44 -2.58
C THR G 303 34.49 -7.34 -3.76
N ILE G 304 34.74 -6.75 -4.93
CA ILE G 304 35.15 -7.48 -6.12
C ILE G 304 36.65 -7.23 -6.27
N ARG G 305 37.47 -8.20 -5.85
CA ARG G 305 38.90 -8.00 -5.83
C ARG G 305 39.41 -7.61 -7.22
N ILE G 306 40.29 -6.61 -7.26
CA ILE G 306 40.91 -6.13 -8.49
C ILE G 306 42.40 -6.34 -8.34
N PRO G 307 43.07 -7.03 -9.29
CA PRO G 307 44.51 -7.27 -9.17
C PRO G 307 45.30 -5.99 -8.91
N VAL G 308 46.48 -6.13 -8.30
CA VAL G 308 47.25 -4.97 -7.88
C VAL G 308 47.58 -4.08 -9.06
N HIS G 309 48.03 -4.67 -10.17
CA HIS G 309 48.41 -3.86 -11.33
C HIS G 309 47.24 -3.02 -11.83
N MET G 310 46.02 -3.56 -11.76
CA MET G 310 44.85 -2.78 -12.17
C MET G 310 44.52 -1.70 -11.13
N VAL G 311 44.61 -2.04 -9.84
CA VAL G 311 44.43 -1.03 -8.81
C VAL G 311 45.46 0.08 -8.98
N GLU G 312 46.68 -0.29 -9.39
CA GLU G 312 47.74 0.69 -9.61
C GLU G 312 47.36 1.66 -10.72
N VAL G 313 46.89 1.15 -11.85
CA VAL G 313 46.57 2.00 -12.99
C VAL G 313 45.32 2.82 -12.71
N ILE G 314 44.34 2.24 -12.02
CA ILE G 314 43.13 2.99 -11.68
C ILE G 314 43.51 4.22 -10.85
N ASN G 315 44.38 4.05 -9.87
CA ASN G 315 44.79 5.19 -9.05
C ASN G 315 45.57 6.22 -9.88
N LYS G 316 46.41 5.75 -10.80
CA LYS G 316 47.11 6.67 -11.68
C LYS G 316 46.12 7.45 -12.54
N LEU G 317 45.15 6.75 -13.14
CA LEU G 317 44.10 7.44 -13.87
C LEU G 317 43.39 8.45 -12.99
N GLY G 318 43.31 8.18 -11.68
CA GLY G 318 42.70 9.14 -10.77
C GLY G 318 43.54 10.39 -10.62
N ARG G 319 44.84 10.23 -10.39
CA ARG G 319 45.72 11.39 -10.27
C ARG G 319 45.80 12.16 -11.58
N ILE G 320 46.00 11.45 -12.70
CA ILE G 320 46.00 12.11 -14.00
C ILE G 320 44.72 12.90 -14.19
N GLN G 321 43.59 12.33 -13.76
CA GLN G 321 42.33 13.04 -13.84
C GLN G 321 42.27 14.22 -12.87
N ARG G 322 42.91 14.08 -11.71
CA ARG G 322 42.90 15.18 -10.74
C ARG G 322 43.82 16.31 -11.17
N GLU G 323 45.06 15.97 -11.57
CA GLU G 323 45.98 17.00 -12.04
C GLU G 323 45.46 17.65 -13.31
N LEU G 324 44.85 16.87 -14.21
CA LEU G 324 44.23 17.43 -15.38
C LEU G 324 42.99 18.24 -15.03
N LEU G 325 42.27 17.85 -13.97
CA LEU G 325 41.12 18.62 -13.53
C LEU G 325 41.54 20.03 -13.11
N GLN G 326 42.66 20.14 -12.38
CA GLN G 326 43.12 21.44 -11.90
C GLN G 326 43.77 22.27 -12.99
N ASP G 327 44.22 21.65 -14.08
CA ASP G 327 44.88 22.39 -15.15
C ASP G 327 43.88 23.00 -16.12
N LEU G 328 42.81 22.27 -16.45
CA LEU G 328 41.89 22.67 -17.49
C LEU G 328 40.65 23.38 -16.96
N GLY G 329 40.48 23.49 -15.65
CA GLY G 329 39.29 24.10 -15.11
C GLY G 329 38.02 23.31 -15.43
N ARG G 330 38.18 22.13 -16.01
CA ARG G 330 37.07 21.25 -16.34
C ARG G 330 37.58 19.82 -16.28
N GLU G 331 36.66 18.87 -16.15
CA GLU G 331 37.06 17.47 -16.15
C GLU G 331 37.43 17.06 -17.57
N PRO G 332 38.65 16.59 -17.81
CA PRO G 332 39.05 16.23 -19.18
C PRO G 332 38.29 15.00 -19.68
N THR G 333 38.15 14.94 -20.99
CA THR G 333 37.46 13.84 -21.65
C THR G 333 38.40 12.64 -21.76
N PRO G 334 37.90 11.50 -22.25
CA PRO G 334 38.77 10.32 -22.36
C PRO G 334 40.01 10.56 -23.23
N GLU G 335 39.90 11.41 -24.26
CA GLU G 335 41.03 11.62 -25.16
C GLU G 335 42.21 12.26 -24.42
N GLU G 336 41.96 13.39 -23.74
CA GLU G 336 43.01 14.01 -22.96
C GLU G 336 43.55 13.05 -21.90
N LEU G 337 42.66 12.47 -21.10
CA LEU G 337 43.07 11.47 -20.13
C LEU G 337 43.85 10.35 -20.79
N ALA G 338 43.43 9.93 -21.97
CA ALA G 338 44.17 8.90 -22.71
C ALA G 338 45.52 9.43 -23.18
N LYS G 339 45.54 10.64 -23.75
CA LYS G 339 46.79 11.22 -24.21
C LYS G 339 47.77 11.40 -23.07
N GLU G 340 47.32 12.04 -21.98
CA GLU G 340 48.20 12.25 -20.85
C GLU G 340 48.71 10.93 -20.26
N MET G 341 47.93 9.86 -20.41
CA MET G 341 48.29 8.57 -19.85
C MET G 341 48.89 7.61 -20.88
N ASP G 342 48.87 7.97 -22.16
CA ASP G 342 49.46 7.15 -23.22
C ASP G 342 48.77 5.80 -23.33
N ILE G 343 47.45 5.83 -23.47
CA ILE G 343 46.63 4.64 -23.69
C ILE G 343 45.43 5.05 -24.53
N THR G 344 44.73 4.05 -25.07
CA THR G 344 43.59 4.33 -25.93
C THR G 344 42.40 4.79 -25.09
N PRO G 345 41.59 5.72 -25.62
CA PRO G 345 40.39 6.14 -24.86
C PRO G 345 39.48 4.98 -24.53
N GLU G 346 39.28 4.04 -25.46
CA GLU G 346 38.49 2.85 -25.17
C GLU G 346 39.06 2.08 -23.99
N LYS G 347 40.38 2.17 -23.77
CA LYS G 347 40.98 1.52 -22.61
C LYS G 347 40.60 2.25 -21.32
N VAL G 348 40.68 3.58 -21.33
CA VAL G 348 40.31 4.35 -20.14
C VAL G 348 38.83 4.15 -19.82
N LEU G 349 38.01 3.90 -20.83
CA LEU G 349 36.62 3.56 -20.58
C LEU G 349 36.50 2.20 -19.90
N GLU G 350 37.21 1.21 -20.43
CA GLU G 350 37.22 -0.11 -19.79
C GLU G 350 37.76 -0.03 -18.36
N ILE G 351 38.70 0.89 -18.11
CA ILE G 351 39.22 1.07 -16.76
C ILE G 351 38.18 1.69 -15.85
N GLN G 352 37.44 2.69 -16.35
CA GLN G 352 36.46 3.37 -15.53
C GLN G 352 35.27 2.46 -15.20
N GLN G 353 35.00 1.46 -16.03
CA GLN G 353 34.00 0.46 -15.65
C GLN G 353 34.52 -0.43 -14.53
N TYR G 354 35.80 -0.83 -14.60
CA TYR G 354 36.37 -1.68 -13.58
C TYR G 354 36.33 -1.01 -12.21
N ALA G 355 36.55 0.31 -12.17
CA ALA G 355 36.68 1.02 -10.90
C ALA G 355 35.35 1.20 -10.18
N ARG G 356 34.23 0.83 -10.80
CA ARG G 356 32.94 0.99 -10.13
C ARG G 356 32.84 0.06 -8.92
N GLU G 357 32.27 0.57 -7.84
CA GLU G 357 32.05 -0.25 -6.66
C GLU G 357 30.56 -0.51 -6.47
N PRO G 358 30.19 -1.69 -5.99
CA PRO G 358 28.78 -2.08 -5.95
C PRO G 358 28.00 -1.32 -4.89
N ILE G 359 26.68 -1.40 -5.00
CA ILE G 359 25.77 -0.77 -4.07
C ILE G 359 25.20 -1.84 -3.15
N SER G 360 24.52 -1.40 -2.09
CA SER G 360 23.97 -2.31 -1.10
C SER G 360 22.51 -2.61 -1.42
N LEU G 361 22.19 -3.90 -1.59
CA LEU G 361 20.79 -4.29 -1.72
C LEU G 361 20.02 -4.02 -0.45
N ASP G 362 20.64 -4.28 0.71
CA ASP G 362 20.00 -4.02 1.99
C ASP G 362 19.68 -2.55 2.20
N GLN G 363 20.23 -1.66 1.38
CA GLN G 363 19.90 -0.25 1.48
C GLN G 363 18.43 -0.03 1.17
N THR G 364 17.81 0.87 1.93
CA THR G 364 16.38 1.15 1.76
C THR G 364 16.22 2.34 0.83
N ILE G 365 15.50 2.12 -0.28
CA ILE G 365 15.20 3.17 -1.25
C ILE G 365 13.71 3.47 -1.28
N GLY G 366 13.00 3.15 -0.20
CA GLY G 366 11.56 3.36 -0.17
C GLY G 366 11.18 4.82 -0.33
N ASP G 367 11.86 5.71 0.38
CA ASP G 367 11.54 7.13 0.33
C ASP G 367 10.05 7.33 0.60
N GLU G 368 9.67 7.13 1.87
CA GLU G 368 8.26 6.94 2.21
C GLU G 368 7.73 5.57 1.80
N GLY G 369 8.08 4.54 2.59
CA GLY G 369 7.58 3.19 2.37
C GLY G 369 8.46 2.06 2.87
N ASP G 370 9.75 2.34 3.10
CA ASP G 370 10.63 1.42 3.82
C ASP G 370 10.65 0.03 3.18
N SER G 371 10.86 0.01 1.88
CA SER G 371 11.06 -1.22 1.13
C SER G 371 12.47 -1.23 0.57
N GLN G 372 13.27 -2.20 0.99
CA GLN G 372 14.67 -2.23 0.61
C GLN G 372 14.82 -2.47 -0.89
N LEU G 373 16.01 -2.16 -1.40
CA LEU G 373 16.29 -2.35 -2.82
C LEU G 373 16.21 -3.83 -3.19
N GLY G 374 16.60 -4.71 -2.28
CA GLY G 374 16.74 -6.12 -2.62
C GLY G 374 15.50 -6.71 -3.27
N ASP G 375 14.33 -6.48 -2.67
CA ASP G 375 13.10 -7.11 -3.12
C ASP G 375 12.55 -6.49 -4.40
N PHE G 376 13.33 -5.67 -5.11
CA PHE G 376 12.89 -5.06 -6.35
C PHE G 376 13.52 -5.68 -7.60
N ILE G 377 14.32 -6.74 -7.44
CA ILE G 377 15.01 -7.36 -8.56
C ILE G 377 14.16 -8.49 -9.11
N GLU G 378 13.94 -8.48 -10.42
CA GLU G 378 13.14 -9.48 -11.11
C GLU G 378 14.02 -10.67 -11.46
N ASP G 379 13.77 -11.82 -10.84
CA ASP G 379 14.46 -13.04 -11.23
C ASP G 379 14.06 -13.39 -12.66
N SER G 380 15.01 -13.29 -13.59
CA SER G 380 14.71 -13.51 -14.99
C SER G 380 14.66 -14.98 -15.37
N GLU G 381 15.33 -15.84 -14.60
CA GLU G 381 15.35 -17.27 -14.89
C GLU G 381 14.08 -17.98 -14.44
N ALA G 382 13.35 -17.41 -13.49
CA ALA G 382 12.14 -18.04 -12.99
C ALA G 382 11.22 -18.45 -14.14
N VAL G 383 10.57 -19.60 -13.98
CA VAL G 383 9.78 -20.19 -15.06
C VAL G 383 8.61 -19.27 -15.41
N VAL G 384 8.40 -19.07 -16.70
CA VAL G 384 7.22 -18.36 -17.18
C VAL G 384 6.05 -19.34 -17.18
N ALA G 385 4.97 -18.98 -16.47
CA ALA G 385 3.88 -19.93 -16.26
C ALA G 385 3.26 -20.39 -17.57
N VAL G 386 3.00 -19.45 -18.47
CA VAL G 386 2.31 -19.78 -19.72
C VAL G 386 3.17 -20.67 -20.61
N ASP G 387 4.49 -20.43 -20.60
CA ASP G 387 5.36 -21.11 -21.56
C ASP G 387 5.53 -22.58 -21.20
N ALA G 388 5.83 -22.88 -19.93
CA ALA G 388 6.00 -24.27 -19.51
C ALA G 388 4.78 -25.12 -19.88
N VAL G 389 3.62 -24.49 -20.00
CA VAL G 389 2.42 -25.21 -20.43
C VAL G 389 2.38 -25.30 -21.96
N SER G 390 2.52 -24.17 -22.64
CA SER G 390 2.57 -24.18 -24.10
C SER G 390 3.74 -25.01 -24.61
N PHE G 391 4.81 -25.11 -23.82
CA PHE G 391 5.92 -25.99 -24.18
C PHE G 391 5.50 -27.45 -24.07
N THR G 392 4.77 -27.80 -23.01
CA THR G 392 4.24 -29.16 -22.91
C THR G 392 3.20 -29.44 -23.99
N LEU G 393 2.52 -28.40 -24.47
CA LEU G 393 1.58 -28.56 -25.57
C LEU G 393 2.29 -28.65 -26.92
N LEU G 394 3.45 -28.00 -27.04
CA LEU G 394 4.25 -28.15 -28.25
C LEU G 394 4.83 -29.56 -28.35
N GLN G 395 5.37 -30.08 -27.24
CA GLN G 395 5.82 -31.47 -27.22
C GLN G 395 4.71 -32.40 -27.70
N ASP G 396 3.51 -32.24 -27.14
CA ASP G 396 2.38 -33.07 -27.56
C ASP G 396 2.08 -32.88 -29.04
N GLN G 397 2.08 -31.62 -29.50
CA GLN G 397 1.81 -31.38 -30.92
C GLN G 397 2.88 -31.99 -31.81
N LEU G 398 4.14 -31.93 -31.39
CA LEU G 398 5.21 -32.54 -32.16
C LEU G 398 5.08 -34.06 -32.18
N GLN G 399 4.88 -34.67 -30.99
CA GLN G 399 4.73 -36.12 -30.92
C GLN G 399 3.69 -36.61 -31.90
N SER G 400 2.51 -35.98 -31.92
CA SER G 400 1.47 -36.38 -32.87
C SER G 400 1.92 -36.17 -34.31
N VAL G 401 2.61 -35.06 -34.57
CA VAL G 401 3.09 -34.80 -35.94
C VAL G 401 4.06 -35.87 -36.40
N LEU G 402 4.85 -36.42 -35.47
CA LEU G 402 5.79 -37.48 -35.83
C LEU G 402 5.08 -38.79 -36.15
N GLU G 403 3.93 -39.04 -35.52
CA GLU G 403 3.20 -40.28 -35.77
C GLU G 403 2.85 -40.46 -37.24
N THR G 404 2.87 -39.39 -38.03
CA THR G 404 2.63 -39.50 -39.46
C THR G 404 3.84 -40.03 -40.21
N LEU G 405 5.04 -39.72 -39.73
CA LEU G 405 6.26 -40.16 -40.39
C LEU G 405 6.44 -41.67 -40.26
N SER G 406 7.43 -42.19 -40.99
CA SER G 406 7.82 -43.58 -40.86
C SER G 406 8.55 -43.81 -39.54
N GLU G 407 8.53 -45.06 -39.07
CA GLU G 407 9.19 -45.39 -37.81
C GLU G 407 10.68 -45.05 -37.87
N ARG G 408 11.38 -45.62 -38.85
CA ARG G 408 12.78 -45.23 -39.07
C ARG G 408 12.90 -43.73 -39.23
N GLU G 409 11.94 -43.11 -39.92
CA GLU G 409 12.01 -41.68 -40.18
C GLU G 409 11.95 -40.89 -38.87
N ALA G 410 10.96 -41.17 -38.02
CA ALA G 410 10.84 -40.45 -36.77
C ALA G 410 12.08 -40.64 -35.90
N GLY G 411 12.61 -41.86 -35.87
CA GLY G 411 13.79 -42.12 -35.07
C GLY G 411 14.98 -41.24 -35.45
N VAL G 412 15.17 -41.02 -36.75
CA VAL G 412 16.29 -40.20 -37.20
C VAL G 412 16.11 -38.75 -36.74
N VAL G 413 14.95 -38.16 -37.04
CA VAL G 413 14.71 -36.76 -36.67
C VAL G 413 14.88 -36.58 -35.17
N ARG G 414 14.35 -37.51 -34.37
CA ARG G 414 14.53 -37.43 -32.92
C ARG G 414 16.01 -37.39 -32.56
N LEU G 415 16.77 -38.38 -33.02
CA LEU G 415 18.17 -38.48 -32.64
C LEU G 415 18.97 -37.29 -33.16
N ARG G 416 18.64 -36.80 -34.36
CA ARG G 416 19.38 -35.67 -34.92
C ARG G 416 19.24 -34.43 -34.03
N PHE G 417 18.06 -34.22 -33.46
CA PHE G 417 17.82 -33.10 -32.55
C PHE G 417 17.84 -33.52 -31.08
N GLY G 418 17.77 -34.82 -30.80
CA GLY G 418 17.88 -35.29 -29.42
C GLY G 418 16.65 -35.07 -28.57
N LEU G 419 15.45 -35.10 -29.17
CA LEU G 419 14.23 -34.94 -28.38
C LEU G 419 14.12 -36.02 -27.32
N THR G 420 14.45 -37.27 -27.69
CA THR G 420 14.22 -38.40 -26.79
C THR G 420 15.33 -38.53 -25.73
N ASP G 421 16.58 -38.28 -26.11
CA ASP G 421 17.71 -38.43 -25.19
C ASP G 421 18.41 -37.10 -24.90
N GLY G 422 17.86 -35.98 -25.34
CA GLY G 422 18.39 -34.67 -24.99
C GLY G 422 19.78 -34.39 -25.53
N GLN G 423 20.32 -35.28 -26.35
CA GLN G 423 21.65 -35.12 -26.91
C GLN G 423 21.59 -35.17 -28.43
N PRO G 424 21.98 -34.12 -29.14
CA PRO G 424 22.08 -34.20 -30.60
C PRO G 424 23.16 -35.19 -31.00
N ARG G 425 23.05 -35.69 -32.23
CA ARG G 425 23.95 -36.71 -32.74
C ARG G 425 24.47 -36.33 -34.12
N THR G 426 25.75 -36.59 -34.35
CA THR G 426 26.32 -36.43 -35.67
C THR G 426 25.72 -37.47 -36.62
N LEU G 427 25.81 -37.18 -37.91
CA LEU G 427 25.29 -38.11 -38.90
C LEU G 427 25.93 -39.49 -38.77
N ASP G 428 27.26 -39.51 -38.56
CA ASP G 428 27.93 -40.79 -38.33
C ASP G 428 27.30 -41.54 -37.18
N GLU G 429 27.10 -40.87 -36.04
CA GLU G 429 26.54 -41.54 -34.87
C GLU G 429 25.17 -42.12 -35.17
N ILE G 430 24.31 -41.34 -35.86
CA ILE G 430 22.97 -41.83 -36.17
C ILE G 430 23.06 -43.04 -37.09
N GLY G 431 23.93 -42.99 -38.09
CA GLY G 431 24.07 -44.12 -39.00
C GLY G 431 24.59 -45.37 -38.33
N GLN G 432 25.38 -45.21 -37.27
CA GLN G 432 25.93 -46.38 -36.59
C GLN G 432 24.86 -47.14 -35.82
N VAL G 433 23.85 -46.43 -35.29
CA VAL G 433 22.77 -47.12 -34.59
C VAL G 433 21.86 -47.83 -35.56
N TYR G 434 21.68 -47.29 -36.76
CA TYR G 434 20.86 -47.93 -37.78
C TYR G 434 21.67 -48.78 -38.75
N GLY G 435 22.99 -48.84 -38.59
CA GLY G 435 23.81 -49.68 -39.43
C GLY G 435 23.86 -49.27 -40.89
N VAL G 436 23.89 -47.96 -41.15
CA VAL G 436 23.94 -47.44 -42.50
C VAL G 436 25.04 -46.39 -42.58
N THR G 437 25.37 -45.99 -43.81
CA THR G 437 26.37 -44.96 -44.01
C THR G 437 25.88 -43.63 -43.45
N ARG G 438 26.84 -42.73 -43.18
CA ARG G 438 26.48 -41.43 -42.66
C ARG G 438 25.83 -40.54 -43.73
N GLU G 439 26.16 -40.77 -45.00
CA GLU G 439 25.55 -39.99 -46.07
C GLU G 439 24.05 -40.27 -46.17
N ARG G 440 23.68 -41.55 -46.19
CA ARG G 440 22.27 -41.91 -46.27
C ARG G 440 21.46 -41.20 -45.19
N ILE G 441 22.01 -41.14 -43.97
CA ILE G 441 21.32 -40.44 -42.88
C ILE G 441 21.02 -39.00 -43.28
N ARG G 442 21.98 -38.34 -43.93
CA ARG G 442 21.73 -36.99 -44.42
C ARG G 442 20.60 -36.99 -45.45
N GLN G 443 20.60 -37.96 -46.36
CA GLN G 443 19.57 -38.02 -47.38
C GLN G 443 18.19 -38.21 -46.78
N ILE G 444 18.10 -38.99 -45.70
CA ILE G 444 16.80 -39.22 -45.06
C ILE G 444 16.24 -37.92 -44.51
N GLU G 445 17.06 -37.19 -43.74
CA GLU G 445 16.59 -35.96 -43.13
C GLU G 445 15.97 -35.01 -44.15
N SER G 446 16.62 -34.84 -45.30
CA SER G 446 16.13 -33.89 -46.29
C SER G 446 14.70 -34.22 -46.72
N LYS G 447 14.45 -35.47 -47.09
CA LYS G 447 13.12 -35.85 -47.58
C LYS G 447 12.06 -35.60 -46.51
N THR G 448 12.42 -35.81 -45.25
CA THR G 448 11.49 -35.70 -44.13
C THR G 448 11.32 -34.26 -43.65
N MET G 449 12.31 -33.40 -43.91
CA MET G 449 12.12 -31.98 -43.65
C MET G 449 11.15 -31.38 -44.68
N SER G 450 11.23 -31.83 -45.93
CA SER G 450 10.27 -31.38 -46.93
C SER G 450 8.89 -31.99 -46.70
N LYS G 451 8.84 -33.21 -46.13
CA LYS G 451 7.55 -33.77 -45.75
C LYS G 451 6.96 -33.00 -44.58
N LEU G 452 7.79 -32.66 -43.59
CA LEU G 452 7.32 -31.83 -42.48
C LEU G 452 7.02 -30.40 -42.93
N ARG G 453 7.64 -29.94 -44.03
CA ARG G 453 7.27 -28.67 -44.63
C ARG G 453 5.96 -28.74 -45.39
N HIS G 454 5.45 -29.94 -45.66
CA HIS G 454 4.12 -30.09 -46.23
C HIS G 454 3.11 -29.33 -45.37
N PRO G 455 2.19 -28.56 -45.97
CA PRO G 455 1.35 -27.67 -45.14
C PRO G 455 0.56 -28.38 -44.06
N SER G 456 0.13 -29.62 -44.31
CA SER G 456 -0.73 -30.31 -43.36
C SER G 456 -0.10 -30.37 -41.97
N ARG G 457 1.19 -30.69 -41.90
CA ARG G 457 1.87 -30.88 -40.63
C ARG G 457 2.40 -29.57 -40.03
N SER G 458 2.50 -28.51 -40.82
CA SER G 458 3.19 -27.28 -40.44
C SER G 458 2.25 -26.18 -39.94
N GLN G 459 1.15 -25.93 -40.62
CA GLN G 459 0.24 -24.83 -40.27
C GLN G 459 0.00 -24.77 -38.76
N VAL G 460 -0.20 -25.93 -38.14
CA VAL G 460 -0.37 -25.99 -36.70
C VAL G 460 0.87 -25.45 -35.98
N LEU G 461 2.06 -25.76 -36.50
CA LEU G 461 3.28 -25.44 -35.78
C LEU G 461 3.70 -23.99 -35.94
N ARG G 462 3.30 -23.34 -37.04
CA ARG G 462 3.71 -21.96 -37.26
C ARG G 462 3.31 -21.06 -36.10
N ASP G 463 2.08 -21.24 -35.60
CA ASP G 463 1.61 -20.45 -34.47
C ASP G 463 2.50 -20.64 -33.25
N TYR G 464 2.89 -21.89 -32.98
CA TYR G 464 3.78 -22.20 -31.86
C TYR G 464 5.12 -21.46 -32.01
N ILE I 251 57.54 -48.08 -23.25
CA ILE I 251 56.44 -47.47 -23.98
C ILE I 251 56.68 -45.97 -24.12
N ASP I 252 57.34 -45.39 -23.13
CA ASP I 252 57.66 -43.97 -23.15
C ASP I 252 58.96 -43.65 -23.89
N ASP I 253 59.70 -44.67 -24.33
CA ASP I 253 60.91 -44.41 -25.11
C ASP I 253 60.61 -43.99 -26.54
N LEU I 254 59.34 -44.07 -26.96
CA LEU I 254 58.99 -43.70 -28.32
C LEU I 254 58.93 -42.20 -28.55
N ASP I 255 58.74 -41.42 -27.49
CA ASP I 255 58.62 -39.96 -27.61
C ASP I 255 57.54 -39.58 -28.62
N LEU I 256 56.51 -40.42 -28.74
CA LEU I 256 55.43 -40.16 -29.69
C LEU I 256 54.85 -38.78 -29.46
N THR I 257 54.44 -38.14 -30.56
CA THR I 257 53.80 -36.83 -30.46
C THR I 257 52.69 -36.86 -29.41
N VAL I 258 52.61 -35.80 -28.61
CA VAL I 258 51.69 -35.78 -27.48
C VAL I 258 50.29 -36.23 -27.86
N ARG I 259 49.90 -36.00 -29.13
CA ARG I 259 48.62 -36.50 -29.59
C ARG I 259 48.58 -38.02 -29.64
N SER I 260 49.71 -38.65 -29.96
CA SER I 260 49.76 -40.10 -30.08
C SER I 260 49.90 -40.78 -28.72
N TYR I 261 50.67 -40.19 -27.81
CA TYR I 261 50.85 -40.80 -26.49
C TYR I 261 49.58 -40.74 -25.66
N ASN I 262 48.78 -39.68 -25.81
CA ASN I 262 47.55 -39.55 -25.05
C ASN I 262 46.48 -40.51 -25.57
N CYS I 263 46.44 -40.73 -26.89
CA CYS I 263 45.45 -41.64 -27.45
C CYS I 263 45.79 -43.10 -27.15
N LEU I 264 47.08 -43.43 -27.14
CA LEU I 264 47.48 -44.79 -26.78
C LEU I 264 47.31 -45.03 -25.28
N LYS I 265 47.58 -44.01 -24.47
CA LYS I 265 47.44 -44.17 -23.02
C LYS I 265 45.98 -44.29 -22.62
N ARG I 266 45.07 -43.61 -23.33
CA ARG I 266 43.64 -43.79 -23.10
C ARG I 266 43.12 -45.07 -23.71
N GLU I 267 43.73 -45.53 -24.82
CA GLU I 267 43.26 -46.73 -25.48
C GLU I 267 43.62 -47.98 -24.70
N GLY I 268 44.71 -47.95 -23.93
CA GLY I 268 45.06 -49.06 -23.07
C GLY I 268 46.25 -49.87 -23.53
N VAL I 269 47.22 -49.23 -24.17
CA VAL I 269 48.46 -49.91 -24.54
C VAL I 269 49.58 -49.41 -23.63
N HIS I 270 49.78 -50.12 -22.51
CA HIS I 270 50.81 -49.69 -21.55
C HIS I 270 52.19 -50.15 -21.97
N THR I 271 52.30 -51.38 -22.49
CA THR I 271 53.55 -51.91 -23.00
C THR I 271 53.50 -51.99 -24.51
N VAL I 272 54.67 -51.86 -25.14
CA VAL I 272 54.74 -51.96 -26.59
C VAL I 272 54.35 -53.36 -27.05
N GLY I 273 54.43 -54.35 -26.17
CA GLY I 273 53.94 -55.67 -26.51
C GLY I 273 52.46 -55.68 -26.85
N GLU I 274 51.68 -54.82 -26.20
CA GLU I 274 50.28 -54.65 -26.55
C GLU I 274 50.08 -53.76 -27.76
N LEU I 275 51.10 -52.97 -28.12
CA LEU I 275 51.03 -52.13 -29.32
C LEU I 275 51.19 -52.95 -30.59
N VAL I 276 52.20 -53.83 -30.63
CA VAL I 276 52.44 -54.61 -31.83
C VAL I 276 51.33 -55.61 -32.08
N ALA I 277 50.62 -56.02 -31.02
CA ALA I 277 49.54 -56.98 -31.20
C ALA I 277 48.31 -56.34 -31.81
N ARG I 278 48.06 -55.06 -31.54
CA ARG I 278 46.91 -54.37 -32.10
C ARG I 278 47.04 -54.22 -33.62
N THR I 279 45.92 -54.32 -34.31
CA THR I 279 45.90 -54.19 -35.76
C THR I 279 45.74 -52.73 -36.18
N GLU I 280 46.16 -52.45 -37.42
CA GLU I 280 46.15 -51.08 -37.90
C GLU I 280 44.74 -50.51 -37.94
N SER I 281 43.76 -51.31 -38.39
CA SER I 281 42.38 -50.86 -38.37
C SER I 281 41.85 -50.70 -36.95
N ASP I 282 42.49 -51.36 -35.97
CA ASP I 282 42.08 -51.23 -34.58
C ASP I 282 42.62 -49.97 -33.92
N LEU I 283 43.73 -49.43 -34.43
CA LEU I 283 44.28 -48.19 -33.90
C LEU I 283 43.67 -46.94 -34.53
N LEU I 284 43.14 -47.05 -35.74
CA LEU I 284 42.55 -45.91 -36.42
C LEU I 284 41.09 -45.69 -36.07
N ASP I 285 40.46 -46.64 -35.37
CA ASP I 285 39.10 -46.43 -34.88
C ASP I 285 39.06 -45.71 -33.55
N ILE I 286 40.14 -45.74 -32.77
CA ILE I 286 40.15 -45.06 -31.49
C ILE I 286 39.97 -43.56 -31.72
N ARG I 287 39.35 -42.89 -30.75
CA ARG I 287 38.92 -41.51 -30.94
C ARG I 287 40.11 -40.58 -31.13
N ASN I 288 39.94 -39.61 -32.02
CA ASN I 288 40.94 -38.57 -32.27
C ASN I 288 42.29 -39.16 -32.68
N PHE I 289 42.25 -40.29 -33.40
CA PHE I 289 43.45 -40.97 -33.87
C PHE I 289 43.34 -41.14 -35.38
N GLY I 290 44.20 -40.44 -36.12
CA GLY I 290 44.09 -40.43 -37.57
C GLY I 290 45.26 -41.02 -38.33
N GLN I 291 45.43 -40.58 -39.58
CA GLN I 291 46.50 -41.11 -40.42
C GLN I 291 47.87 -40.54 -40.04
N LYS I 292 47.94 -39.24 -39.76
CA LYS I 292 49.22 -38.64 -39.39
C LYS I 292 49.79 -39.31 -38.15
N SER I 293 48.94 -39.82 -37.26
CA SER I 293 49.43 -40.52 -36.08
C SER I 293 50.07 -41.86 -36.46
N ILE I 294 49.43 -42.62 -37.35
CA ILE I 294 50.00 -43.88 -37.80
C ILE I 294 51.24 -43.64 -38.65
N ASP I 295 51.29 -42.51 -39.37
CA ASP I 295 52.47 -42.21 -40.17
C ASP I 295 53.67 -41.89 -39.32
N GLU I 296 53.46 -41.37 -38.10
CA GLU I 296 54.56 -41.06 -37.21
C GLU I 296 55.02 -42.28 -36.41
N VAL I 297 54.07 -43.10 -35.96
CA VAL I 297 54.43 -44.30 -35.21
C VAL I 297 55.07 -45.33 -36.14
N LYS I 298 54.67 -45.36 -37.41
CA LYS I 298 55.25 -46.30 -38.35
C LYS I 298 56.65 -45.88 -38.78
N ILE I 299 56.86 -44.59 -38.99
CA ILE I 299 58.19 -44.10 -39.34
C ILE I 299 59.17 -44.22 -38.19
N LYS I 300 58.68 -44.31 -36.96
CA LYS I 300 59.55 -44.50 -35.79
C LYS I 300 59.81 -45.96 -35.50
N LEU I 301 58.77 -46.80 -35.57
CA LEU I 301 58.98 -48.24 -35.42
C LEU I 301 59.93 -48.77 -36.49
N HIS I 302 59.91 -48.18 -37.68
CA HIS I 302 60.82 -48.61 -38.73
C HIS I 302 62.25 -48.18 -38.44
N GLN I 303 62.44 -47.08 -37.74
CA GLN I 303 63.77 -46.59 -37.40
C GLN I 303 64.38 -47.43 -36.28
O1 SO4 K . -19.55 -31.24 21.58
O2 SO4 K . -19.15 -30.65 19.30
O3 SO4 K . -17.58 -32.01 20.46
S SO4 L . -18.99 -31.70 20.30
O4 SO4 L . -19.71 -32.90 19.88
S SO4 M . 57.34 0.53 40.16
O1 SO4 M . 56.47 1.22 41.10
O2 SO4 M . 57.49 1.34 38.95
O3 SO4 M . 58.66 0.34 40.78
O4 SO4 M . 56.76 -0.75 39.81
S SO4 N . 1.83 -0.74 -2.43
O1 SO4 N . 1.26 -0.21 -1.20
O2 SO4 N . 1.79 0.28 -3.47
O3 SO4 N . 3.22 -1.13 -2.18
O4 SO4 N . 1.07 -1.91 -2.86
S SO4 O . -7.14 -22.30 25.02
O1 SO4 O . -7.87 -21.71 26.13
O2 SO4 O . -7.20 -21.39 23.86
O3 SO4 O . -5.75 -22.50 25.41
O4 SO4 O . -7.72 -23.58 24.65
S SO4 P . 4.39 -5.03 18.61
O1 SO4 P . 3.75 -4.77 19.91
O2 SO4 P . 4.16 -3.89 17.73
O3 SO4 P . 5.82 -5.23 18.80
O4 SO4 P . 3.80 -6.22 18.02
S SO4 Q . 15.42 -9.10 20.60
O1 SO4 Q . 14.80 -8.63 21.84
O2 SO4 Q . 15.31 -8.08 19.58
O3 SO4 Q . 16.83 -9.38 20.87
O4 SO4 Q . 14.78 -10.33 20.17
S SO4 R . -21.00 -20.09 41.16
O1 SO4 R . -21.62 -19.59 42.38
O2 SO4 R . -21.06 -19.07 40.11
O3 SO4 R . -19.60 -20.42 41.44
O4 SO4 R . -21.71 -21.28 40.72
ZN ZN S . -18.24 -24.04 28.89
ZN ZN T . 33.54 -28.61 -16.08
S SO4 U . 77.44 -36.92 19.77
O1 SO4 U . 76.67 -36.52 20.93
O2 SO4 U . 77.56 -35.79 18.84
O3 SO4 U . 78.78 -37.33 20.19
O4 SO4 U . 76.78 -38.03 19.09
S SO4 V . 65.46 -10.34 25.35
O1 SO4 V . 64.84 -9.79 26.56
O2 SO4 V . 65.45 -9.33 24.30
O3 SO4 V . 66.82 -10.74 25.65
O4 SO4 V . 64.70 -11.52 24.91
S SO4 W . 37.53 1.96 11.44
O1 SO4 W . 37.09 2.46 12.74
O2 SO4 W . 37.40 3.03 10.44
O3 SO4 W . 38.91 1.53 11.51
O4 SO4 W . 36.68 0.83 11.04
S SO4 X . 54.92 1.96 -0.08
O1 SO4 X . 54.55 3.05 0.82
O2 SO4 X . 55.56 2.51 -1.28
O3 SO4 X . 55.85 1.06 0.59
O4 SO4 X . 53.71 1.23 -0.47
#